data_2LUS
#
_entry.id   2LUS
#
_entity_poly.entity_id   1
_entity_poly.type   'polypeptide(L)'
_entity_poly.pdbx_seq_one_letter_code
;MEFIQGIKLVKKNRCEVNANEALKDKDIIGFYFSAHWCPPCRGFTPILADMYSELVDDSAPFEIIFVSSDRSEDDMFQYM
MESHGDWLAIPYRSGPASNVTAKYGITGIPALVIVKKDGTLISMNGRGEVQSLGPRAFQNWAR
;
_entity_poly.pdbx_strand_id   A
#
# COMPACT_ATOMS: atom_id res chain seq x y z
N MET A 1 -10.87 -3.54 19.50
CA MET A 1 -10.82 -4.81 18.71
C MET A 1 -11.46 -4.57 17.34
N GLU A 2 -10.85 -3.68 16.56
CA GLU A 2 -11.35 -3.37 15.23
C GLU A 2 -10.21 -3.16 14.26
N PHE A 3 -10.11 -4.04 13.26
CA PHE A 3 -9.05 -3.94 12.27
C PHE A 3 -9.44 -4.67 10.98
N ILE A 4 -8.62 -4.54 9.95
CA ILE A 4 -8.89 -5.18 8.68
C ILE A 4 -8.82 -6.70 8.83
N GLN A 5 -7.79 -7.18 9.52
CA GLN A 5 -7.61 -8.61 9.72
C GLN A 5 -8.96 -9.31 9.85
N GLY A 6 -9.20 -10.29 8.98
CA GLY A 6 -10.46 -11.02 8.99
C GLY A 6 -11.16 -10.94 7.65
N ILE A 7 -10.68 -10.06 6.78
CA ILE A 7 -11.26 -9.89 5.47
C ILE A 7 -10.44 -10.62 4.42
N LYS A 8 -10.95 -10.63 3.18
CA LYS A 8 -10.24 -11.30 2.09
C LYS A 8 -9.74 -10.27 1.07
N LEU A 9 -8.48 -10.40 0.68
CA LEU A 9 -7.89 -9.48 -0.28
C LEU A 9 -7.86 -10.10 -1.67
N VAL A 10 -7.58 -9.29 -2.68
CA VAL A 10 -7.52 -9.79 -4.05
C VAL A 10 -6.11 -9.67 -4.61
N LYS A 11 -5.56 -10.79 -5.07
CA LYS A 11 -4.21 -10.80 -5.64
C LYS A 11 -4.23 -10.30 -7.07
N LYS A 12 -3.23 -9.51 -7.43
CA LYS A 12 -3.14 -8.96 -8.78
C LYS A 12 -3.48 -10.03 -9.81
N ASN A 13 -3.31 -11.29 -9.44
CA ASN A 13 -3.62 -12.39 -10.35
C ASN A 13 -5.12 -12.65 -10.37
N ARG A 14 -5.90 -11.64 -10.04
CA ARG A 14 -7.35 -11.78 -10.01
C ARG A 14 -7.77 -12.89 -9.06
N CYS A 15 -6.92 -13.15 -8.07
CA CYS A 15 -7.20 -14.19 -7.09
C CYS A 15 -7.65 -13.58 -5.78
N GLU A 16 -8.11 -14.43 -4.86
CA GLU A 16 -8.58 -13.95 -3.55
C GLU A 16 -7.87 -14.71 -2.43
N VAL A 17 -7.58 -14.00 -1.35
CA VAL A 17 -6.90 -14.60 -0.20
C VAL A 17 -7.31 -13.90 1.09
N ASN A 18 -6.87 -14.44 2.22
CA ASN A 18 -7.19 -13.85 3.51
C ASN A 18 -6.11 -12.84 3.92
N ALA A 19 -6.41 -11.56 3.73
CA ALA A 19 -5.47 -10.50 4.08
C ALA A 19 -4.73 -10.83 5.37
N ASN A 20 -5.34 -11.66 6.20
CA ASN A 20 -4.72 -12.04 7.47
C ASN A 20 -3.30 -12.54 7.24
N GLU A 21 -3.17 -13.58 6.41
CA GLU A 21 -1.86 -14.14 6.12
C GLU A 21 -1.31 -13.57 4.81
N ALA A 22 -2.22 -13.14 3.94
CA ALA A 22 -1.81 -12.57 2.65
C ALA A 22 -1.05 -11.27 2.86
N LEU A 23 -1.42 -10.51 3.88
CA LEU A 23 -0.76 -9.25 4.16
C LEU A 23 0.66 -9.47 4.67
N LYS A 24 1.02 -10.74 4.85
CA LYS A 24 2.36 -11.08 5.33
C LYS A 24 2.91 -9.96 6.20
N ASP A 25 3.80 -9.15 5.62
CA ASP A 25 4.39 -8.04 6.36
C ASP A 25 5.05 -8.53 7.63
N LYS A 26 4.25 -8.97 8.59
CA LYS A 26 4.78 -9.46 9.85
C LYS A 26 5.92 -8.56 10.32
N ASP A 27 6.04 -7.39 9.69
CA ASP A 27 7.08 -6.44 10.04
C ASP A 27 6.58 -5.01 9.91
N ILE A 28 6.42 -4.55 8.67
CA ILE A 28 5.96 -3.19 8.43
C ILE A 28 4.91 -3.16 7.32
N ILE A 29 4.06 -2.14 7.32
CA ILE A 29 3.02 -2.00 6.31
C ILE A 29 2.90 -0.55 5.85
N GLY A 30 2.61 -0.36 4.58
CA GLY A 30 2.47 0.99 4.03
C GLY A 30 1.20 1.13 3.21
N PHE A 31 0.32 2.03 3.63
CA PHE A 31 -0.94 2.26 2.93
C PHE A 31 -0.77 3.35 1.87
N TYR A 32 -1.06 3.00 0.62
CA TYR A 32 -0.93 3.97 -0.47
C TYR A 32 -2.29 4.43 -0.96
N PHE A 33 -2.48 5.75 -1.04
CA PHE A 33 -3.75 6.31 -1.49
C PHE A 33 -3.52 7.21 -2.71
N SER A 34 -4.09 6.82 -3.84
CA SER A 34 -3.95 7.61 -5.06
C SER A 34 -4.43 6.80 -6.27
N ALA A 35 -5.74 6.74 -6.46
CA ALA A 35 -6.30 6.01 -7.59
C ALA A 35 -5.90 6.68 -8.90
N HIS A 36 -4.68 7.21 -8.95
CA HIS A 36 -4.20 7.88 -10.14
C HIS A 36 -4.18 6.94 -11.33
N TRP A 37 -5.04 5.92 -11.30
CA TRP A 37 -5.10 4.97 -12.39
C TRP A 37 -6.00 5.49 -13.51
N CYS A 38 -7.12 6.10 -13.13
CA CYS A 38 -8.04 6.66 -14.11
C CYS A 38 -7.54 8.01 -14.61
N PRO A 39 -7.17 8.88 -13.71
CA PRO A 39 -6.66 10.23 -14.04
C PRO A 39 -5.14 10.24 -14.23
N PRO A 40 -4.62 11.29 -14.80
CA PRO A 40 -3.16 11.43 -15.05
C PRO A 40 -2.38 11.66 -13.76
N CYS A 41 -1.09 11.32 -13.78
CA CYS A 41 -0.24 11.50 -12.61
C CYS A 41 0.95 10.55 -12.66
N ARG A 42 1.52 10.39 -13.85
CA ARG A 42 2.66 9.50 -14.03
C ARG A 42 3.95 10.19 -13.61
N GLY A 43 4.91 9.40 -13.13
CA GLY A 43 6.20 9.95 -12.70
C GLY A 43 6.49 9.58 -11.25
N PHE A 44 5.45 9.53 -10.43
CA PHE A 44 5.62 9.18 -9.02
C PHE A 44 5.59 7.67 -8.83
N THR A 45 4.75 7.01 -9.63
CA THR A 45 4.63 5.56 -9.54
C THR A 45 5.98 4.87 -9.74
N PRO A 46 6.62 5.09 -10.86
CA PRO A 46 7.94 4.47 -11.15
C PRO A 46 8.94 4.71 -10.04
N ILE A 47 8.60 5.60 -9.10
CA ILE A 47 9.49 5.88 -7.99
C ILE A 47 9.27 4.87 -6.87
N LEU A 48 8.01 4.71 -6.48
CA LEU A 48 7.67 3.77 -5.43
C LEU A 48 7.90 2.34 -5.93
N ALA A 49 7.72 2.13 -7.23
CA ALA A 49 7.93 0.81 -7.81
C ALA A 49 9.41 0.44 -7.77
N ASP A 50 10.26 1.44 -7.84
CA ASP A 50 11.70 1.20 -7.78
C ASP A 50 12.12 0.98 -6.34
N MET A 51 11.37 1.60 -5.43
CA MET A 51 11.65 1.48 -4.01
C MET A 51 11.19 0.12 -3.50
N TYR A 52 9.92 -0.20 -3.75
CA TYR A 52 9.40 -1.49 -3.30
C TYR A 52 10.05 -2.62 -4.09
N SER A 53 10.51 -2.29 -5.30
CA SER A 53 11.16 -3.28 -6.13
C SER A 53 12.50 -3.68 -5.52
N GLU A 54 13.24 -2.68 -5.04
CA GLU A 54 14.53 -2.96 -4.41
C GLU A 54 14.30 -3.68 -3.09
N LEU A 55 13.49 -3.08 -2.23
CA LEU A 55 13.17 -3.67 -0.95
C LEU A 55 12.58 -5.06 -1.15
N VAL A 56 11.75 -5.21 -2.18
CA VAL A 56 11.14 -6.50 -2.48
C VAL A 56 12.22 -7.53 -2.76
N ASP A 57 13.19 -7.13 -3.57
CA ASP A 57 14.30 -8.02 -3.89
C ASP A 57 14.95 -8.45 -2.59
N ASP A 58 14.90 -7.57 -1.61
CA ASP A 58 15.47 -7.85 -0.30
C ASP A 58 14.41 -8.42 0.63
N SER A 59 13.36 -8.97 0.04
CA SER A 59 12.28 -9.54 0.81
C SER A 59 11.48 -8.42 1.47
N ALA A 60 11.58 -7.24 0.87
CA ALA A 60 10.88 -6.05 1.35
C ALA A 60 10.19 -6.33 2.69
N PRO A 61 10.86 -6.03 3.77
CA PRO A 61 10.31 -6.23 5.15
C PRO A 61 9.02 -5.43 5.39
N PHE A 62 8.17 -5.33 4.37
CA PHE A 62 6.93 -4.60 4.51
C PHE A 62 6.02 -4.78 3.30
N GLU A 63 4.71 -4.64 3.51
CA GLU A 63 3.74 -4.81 2.43
C GLU A 63 3.02 -3.50 2.13
N ILE A 64 2.64 -3.32 0.87
CA ILE A 64 1.93 -2.11 0.44
C ILE A 64 0.44 -2.40 0.29
N ILE A 65 -0.38 -1.60 0.97
CA ILE A 65 -1.83 -1.76 0.88
C ILE A 65 -2.35 -0.99 -0.31
N PHE A 66 -3.25 -1.61 -1.07
CA PHE A 66 -3.81 -0.95 -2.25
C PHE A 66 -5.15 -0.29 -1.93
N VAL A 67 -5.15 1.04 -1.95
CA VAL A 67 -6.37 1.79 -1.68
C VAL A 67 -6.61 2.82 -2.77
N SER A 68 -7.51 3.76 -2.53
CA SER A 68 -7.80 4.79 -3.52
C SER A 68 -8.82 4.28 -4.54
N SER A 69 -9.62 5.19 -5.09
CA SER A 69 -10.64 4.82 -6.07
C SER A 69 -10.07 3.91 -7.14
N ASP A 70 -9.72 2.69 -6.75
CA ASP A 70 -9.18 1.71 -7.69
C ASP A 70 -10.30 0.81 -8.19
N ARG A 71 -11.53 1.19 -7.89
CA ARG A 71 -12.71 0.42 -8.28
C ARG A 71 -12.47 -0.32 -9.60
N SER A 72 -11.39 0.02 -10.30
CA SER A 72 -11.09 -0.64 -11.55
C SER A 72 -10.33 -1.93 -11.28
N GLU A 73 -10.98 -3.06 -11.55
CA GLU A 73 -10.34 -4.34 -11.32
C GLU A 73 -9.18 -4.54 -12.28
N ASP A 74 -9.29 -3.91 -13.44
CA ASP A 74 -8.23 -4.01 -14.44
C ASP A 74 -7.11 -3.04 -14.11
N ASP A 75 -7.48 -1.79 -13.83
CA ASP A 75 -6.47 -0.79 -13.49
C ASP A 75 -5.90 -1.09 -12.12
N MET A 76 -6.62 -1.90 -11.35
CA MET A 76 -6.16 -2.28 -10.02
C MET A 76 -5.06 -3.32 -10.12
N PHE A 77 -5.34 -4.41 -10.84
CA PHE A 77 -4.35 -5.47 -10.99
C PHE A 77 -3.22 -5.01 -11.92
N GLN A 78 -3.56 -4.17 -12.89
CA GLN A 78 -2.58 -3.67 -13.84
C GLN A 78 -1.54 -2.82 -13.12
N TYR A 79 -2.00 -1.84 -12.36
CA TYR A 79 -1.11 -0.96 -11.63
C TYR A 79 -0.27 -1.77 -10.63
N MET A 80 -0.92 -2.73 -9.99
CA MET A 80 -0.24 -3.57 -9.02
C MET A 80 0.84 -4.40 -9.70
N MET A 81 0.51 -4.96 -10.86
CA MET A 81 1.46 -5.79 -11.60
C MET A 81 2.42 -4.91 -12.41
N GLU A 82 2.04 -3.66 -12.63
CA GLU A 82 2.88 -2.75 -13.39
C GLU A 82 4.20 -2.49 -12.67
N SER A 83 4.25 -2.86 -11.39
CA SER A 83 5.45 -2.68 -10.58
C SER A 83 5.13 -1.93 -9.29
N HIS A 84 3.85 -1.63 -9.08
CA HIS A 84 3.43 -0.91 -7.88
C HIS A 84 2.99 -1.89 -6.80
N GLY A 85 3.61 -1.77 -5.62
CA GLY A 85 3.28 -2.65 -4.51
C GLY A 85 3.40 -4.11 -4.90
N ASP A 86 4.10 -4.89 -4.06
CA ASP A 86 4.28 -6.31 -4.35
C ASP A 86 3.60 -7.18 -3.29
N TRP A 87 2.27 -7.06 -3.19
CA TRP A 87 1.54 -7.86 -2.20
C TRP A 87 0.08 -8.02 -2.59
N LEU A 88 -0.81 -7.38 -1.85
CA LEU A 88 -2.24 -7.50 -2.11
C LEU A 88 -2.93 -6.14 -2.22
N ALA A 89 -4.22 -6.22 -2.54
CA ALA A 89 -5.05 -5.02 -2.70
C ALA A 89 -6.42 -5.26 -2.07
N ILE A 90 -6.80 -4.40 -1.13
CA ILE A 90 -8.09 -4.55 -0.47
C ILE A 90 -9.22 -4.19 -1.43
N PRO A 91 -10.03 -5.15 -1.79
CA PRO A 91 -11.17 -4.90 -2.69
C PRO A 91 -11.98 -3.69 -2.25
N TYR A 92 -11.91 -2.60 -3.01
CA TYR A 92 -12.63 -1.38 -2.67
C TYR A 92 -13.91 -1.73 -1.91
N ARG A 93 -14.42 -2.92 -2.14
CA ARG A 93 -15.63 -3.37 -1.47
C ARG A 93 -15.30 -3.95 -0.10
N SER A 94 -14.15 -3.55 0.42
CA SER A 94 -13.69 -4.03 1.71
C SER A 94 -13.83 -2.94 2.78
N GLY A 95 -15.07 -2.52 3.03
CA GLY A 95 -15.34 -1.48 4.02
C GLY A 95 -14.09 -1.14 4.84
N PRO A 96 -13.58 -2.08 5.58
CA PRO A 96 -12.36 -1.88 6.42
C PRO A 96 -11.32 -0.99 5.73
N ALA A 97 -11.34 -0.96 4.40
CA ALA A 97 -10.41 -0.15 3.65
C ALA A 97 -10.81 1.32 3.73
N SER A 98 -12.11 1.58 3.70
CA SER A 98 -12.61 2.94 3.80
C SER A 98 -12.41 3.44 5.22
N ASN A 99 -13.08 2.80 6.16
CA ASN A 99 -12.96 3.17 7.56
C ASN A 99 -11.48 3.38 7.90
N VAL A 100 -10.64 2.59 7.24
CA VAL A 100 -9.19 2.69 7.45
C VAL A 100 -8.71 4.08 7.08
N THR A 101 -9.01 4.49 5.85
CA THR A 101 -8.62 5.80 5.36
C THR A 101 -9.26 6.90 6.19
N ALA A 102 -10.55 6.72 6.43
CA ALA A 102 -11.31 7.68 7.21
C ALA A 102 -10.94 7.60 8.68
N LYS A 103 -10.38 6.47 9.07
CA LYS A 103 -9.96 6.27 10.46
C LYS A 103 -8.60 6.91 10.70
N TYR A 104 -7.72 6.81 9.71
CA TYR A 104 -6.39 7.38 9.83
C TYR A 104 -6.44 8.89 9.64
N GLY A 105 -7.58 9.40 9.19
CA GLY A 105 -7.75 10.83 8.97
C GLY A 105 -6.99 11.28 7.72
N ILE A 106 -6.90 10.39 6.74
CA ILE A 106 -6.20 10.69 5.50
C ILE A 106 -7.01 11.69 4.67
N THR A 107 -7.46 11.26 3.50
CA THR A 107 -8.26 12.14 2.64
C THR A 107 -7.37 13.20 2.01
N GLY A 108 -6.10 13.22 2.39
CA GLY A 108 -5.16 14.19 1.85
C GLY A 108 -4.53 13.68 0.56
N ILE A 109 -5.15 12.65 -0.02
CA ILE A 109 -4.66 12.06 -1.26
C ILE A 109 -4.30 13.15 -2.26
N PRO A 110 -3.25 12.96 -3.02
CA PRO A 110 -2.39 11.73 -2.93
C PRO A 110 -1.50 11.76 -1.70
N ALA A 111 -1.38 10.61 -1.03
CA ALA A 111 -0.54 10.53 0.16
C ALA A 111 -0.19 9.07 0.47
N LEU A 112 0.89 8.88 1.24
CA LEU A 112 1.33 7.54 1.60
C LEU A 112 1.47 7.43 3.12
N VAL A 113 0.80 6.44 3.70
CA VAL A 113 0.86 6.24 5.14
C VAL A 113 1.68 4.99 5.48
N ILE A 114 2.53 5.13 6.49
CA ILE A 114 3.38 4.00 6.91
C ILE A 114 3.14 3.64 8.36
N VAL A 115 2.81 2.38 8.60
CA VAL A 115 2.55 1.89 9.95
C VAL A 115 3.23 0.54 10.15
N LYS A 116 3.58 0.23 11.40
CA LYS A 116 4.23 -1.03 11.72
C LYS A 116 3.21 -2.16 11.70
N LYS A 117 3.65 -3.34 11.25
CA LYS A 117 2.76 -4.50 11.20
C LYS A 117 1.97 -4.63 12.49
N ASP A 118 2.67 -4.49 13.62
CA ASP A 118 2.02 -4.60 14.92
C ASP A 118 0.94 -3.53 15.08
N GLY A 119 0.96 -2.55 14.19
CA GLY A 119 -0.02 -1.46 14.24
C GLY A 119 0.59 -0.21 14.84
N THR A 120 1.92 -0.16 14.89
CA THR A 120 2.61 0.99 15.45
C THR A 120 2.78 2.07 14.39
N LEU A 121 2.69 3.32 14.82
CA LEU A 121 2.84 4.44 13.90
C LEU A 121 4.31 4.83 13.78
N ILE A 122 4.71 5.19 12.56
CA ILE A 122 6.09 5.57 12.31
C ILE A 122 6.14 6.87 11.51
N SER A 123 5.64 6.81 10.29
CA SER A 123 5.61 7.98 9.42
C SER A 123 4.41 7.92 8.49
N MET A 124 3.53 8.91 8.60
CA MET A 124 2.34 8.94 7.77
C MET A 124 2.67 9.46 6.37
N ASN A 125 2.35 10.74 6.13
CA ASN A 125 2.63 11.34 4.83
C ASN A 125 4.12 11.34 4.55
N GLY A 126 4.76 10.19 4.75
CA GLY A 126 6.19 10.07 4.51
C GLY A 126 6.48 9.99 3.02
N ARG A 127 5.49 10.34 2.22
CA ARG A 127 5.65 10.29 0.77
C ARG A 127 7.00 10.86 0.36
N GLY A 128 7.08 12.17 0.18
CA GLY A 128 8.32 12.80 -0.22
C GLY A 128 9.49 12.24 0.57
N GLU A 129 9.23 11.83 1.81
CA GLU A 129 10.28 11.27 2.65
C GLU A 129 10.86 10.03 2.00
N VAL A 130 10.00 9.12 1.58
CA VAL A 130 10.47 7.90 0.93
C VAL A 130 11.07 8.24 -0.43
N GLN A 131 10.32 9.00 -1.21
CA GLN A 131 10.78 9.42 -2.53
C GLN A 131 12.09 10.20 -2.41
N SER A 132 12.28 10.86 -1.27
CA SER A 132 13.50 11.63 -1.05
C SER A 132 14.64 10.70 -0.66
N LEU A 133 14.39 9.83 0.31
CA LEU A 133 15.41 8.90 0.77
C LEU A 133 15.40 7.63 -0.08
N GLY A 134 14.41 7.51 -0.95
CA GLY A 134 14.31 6.33 -1.81
C GLY A 134 14.31 5.06 -0.97
N PRO A 135 14.87 4.00 -1.48
CA PRO A 135 14.93 2.70 -0.77
C PRO A 135 15.70 2.80 0.56
N ARG A 136 16.41 3.91 0.74
CA ARG A 136 17.17 4.13 1.96
C ARG A 136 16.26 4.68 3.04
N ALA A 137 15.05 5.04 2.65
CA ALA A 137 14.07 5.57 3.58
C ALA A 137 13.63 4.49 4.55
N PHE A 138 13.79 3.23 4.14
CA PHE A 138 13.41 2.11 4.98
C PHE A 138 13.73 2.41 6.44
N GLN A 139 14.68 3.32 6.65
CA GLN A 139 15.07 3.70 7.99
C GLN A 139 14.01 4.58 8.62
N ASN A 140 13.56 5.57 7.86
CA ASN A 140 12.53 6.48 8.34
C ASN A 140 11.18 5.77 8.38
N TRP A 141 10.92 4.99 7.34
CA TRP A 141 9.67 4.23 7.26
C TRP A 141 9.67 3.11 8.29
N ALA A 142 10.87 2.71 8.74
CA ALA A 142 11.00 1.65 9.72
C ALA A 142 11.76 2.14 10.95
N ARG A 143 12.02 3.43 10.97
CA ARG A 143 12.74 4.04 12.09
C ARG A 143 12.28 3.45 13.41
N MET A 1 -15.75 -4.35 12.44
CA MET A 1 -14.65 -4.33 11.42
C MET A 1 -13.34 -3.98 12.11
N GLU A 2 -13.33 -4.05 13.43
CA GLU A 2 -12.12 -3.74 14.20
C GLU A 2 -10.91 -4.45 13.60
N PHE A 3 -9.92 -3.66 13.19
CA PHE A 3 -8.70 -4.21 12.61
C PHE A 3 -9.03 -4.96 11.31
N ILE A 4 -8.42 -4.53 10.22
CA ILE A 4 -8.65 -5.16 8.93
C ILE A 4 -8.40 -6.66 9.02
N GLN A 5 -7.26 -7.03 9.57
CA GLN A 5 -6.91 -8.44 9.71
C GLN A 5 -8.16 -9.29 9.96
N GLY A 6 -8.38 -10.26 9.07
CA GLY A 6 -9.55 -11.13 9.19
C GLY A 6 -10.50 -10.95 8.01
N ILE A 7 -10.19 -9.98 7.16
CA ILE A 7 -11.02 -9.71 6.00
C ILE A 7 -10.44 -10.37 4.76
N LYS A 8 -11.19 -10.31 3.66
CA LYS A 8 -10.74 -10.91 2.41
C LYS A 8 -9.86 -9.93 1.63
N LEU A 9 -9.21 -10.41 0.58
CA LEU A 9 -8.36 -9.56 -0.23
C LEU A 9 -8.18 -10.16 -1.62
N VAL A 10 -7.80 -9.33 -2.58
CA VAL A 10 -7.61 -9.81 -3.95
C VAL A 10 -6.18 -9.60 -4.41
N LYS A 11 -5.61 -10.64 -5.04
CA LYS A 11 -4.24 -10.56 -5.53
C LYS A 11 -4.24 -10.22 -7.02
N LYS A 12 -3.24 -9.44 -7.45
CA LYS A 12 -3.14 -9.04 -8.84
C LYS A 12 -3.46 -10.21 -9.76
N ASN A 13 -3.20 -11.42 -9.28
CA ASN A 13 -3.47 -12.61 -10.08
C ASN A 13 -4.97 -12.86 -10.13
N ARG A 14 -5.74 -11.82 -9.91
CA ARG A 14 -7.20 -11.93 -9.94
C ARG A 14 -7.66 -13.01 -8.98
N CYS A 15 -6.88 -13.24 -7.92
CA CYS A 15 -7.23 -14.27 -6.95
C CYS A 15 -7.69 -13.65 -5.64
N GLU A 16 -8.20 -14.48 -4.74
CA GLU A 16 -8.68 -14.01 -3.45
C GLU A 16 -7.96 -14.73 -2.31
N VAL A 17 -7.65 -14.00 -1.25
CA VAL A 17 -6.96 -14.58 -0.10
C VAL A 17 -7.38 -13.89 1.19
N ASN A 18 -6.93 -14.43 2.32
CA ASN A 18 -7.25 -13.86 3.62
C ASN A 18 -6.19 -12.83 4.03
N ALA A 19 -6.55 -11.56 3.94
CA ALA A 19 -5.63 -10.49 4.30
C ALA A 19 -4.85 -10.83 5.56
N ASN A 20 -5.41 -11.72 6.39
CA ASN A 20 -4.75 -12.11 7.63
C ASN A 20 -3.32 -12.53 7.35
N GLU A 21 -3.16 -13.53 6.48
CA GLU A 21 -1.84 -14.03 6.13
C GLU A 21 -1.35 -13.38 4.83
N ALA A 22 -2.30 -12.96 4.00
CA ALA A 22 -1.96 -12.34 2.73
C ALA A 22 -1.16 -11.07 2.94
N LEU A 23 -1.40 -10.39 4.06
CA LEU A 23 -0.68 -9.16 4.37
C LEU A 23 0.78 -9.45 4.69
N LYS A 24 1.11 -10.73 4.82
CA LYS A 24 2.48 -11.13 5.12
C LYS A 24 3.20 -10.03 5.91
N ASP A 25 3.74 -9.05 5.18
CA ASP A 25 4.44 -7.94 5.83
C ASP A 25 5.39 -8.45 6.90
N LYS A 26 6.65 -8.66 6.53
CA LYS A 26 7.63 -9.14 7.49
C LYS A 26 7.36 -8.52 8.85
N ASP A 27 6.66 -7.39 8.85
CA ASP A 27 6.34 -6.71 10.11
C ASP A 27 6.00 -5.24 9.87
N ILE A 28 5.90 -4.82 8.61
CA ILE A 28 5.60 -3.43 8.30
C ILE A 28 4.64 -3.34 7.11
N ILE A 29 3.88 -2.25 7.03
CA ILE A 29 2.93 -2.07 5.94
C ILE A 29 2.84 -0.59 5.54
N GLY A 30 2.58 -0.36 4.26
CA GLY A 30 2.45 1.00 3.75
C GLY A 30 1.21 1.15 2.89
N PHE A 31 0.29 2.02 3.32
CA PHE A 31 -0.94 2.25 2.58
C PHE A 31 -0.78 3.38 1.58
N TYR A 32 -1.04 3.09 0.30
CA TYR A 32 -0.93 4.10 -0.73
C TYR A 32 -2.32 4.63 -1.10
N PHE A 33 -2.49 5.94 -0.99
CA PHE A 33 -3.79 6.55 -1.31
C PHE A 33 -3.67 7.48 -2.51
N SER A 34 -4.38 7.15 -3.58
CA SER A 34 -4.34 7.96 -4.79
C SER A 34 -4.60 7.12 -6.02
N ALA A 35 -5.87 6.84 -6.30
CA ALA A 35 -6.23 6.04 -7.47
C ALA A 35 -5.70 6.70 -8.74
N HIS A 36 -4.38 6.70 -8.87
CA HIS A 36 -3.74 7.30 -10.04
C HIS A 36 -3.80 6.36 -11.24
N TRP A 37 -4.76 5.44 -11.25
CA TRP A 37 -4.88 4.51 -12.36
C TRP A 37 -5.76 5.10 -13.45
N CYS A 38 -6.85 5.74 -13.06
CA CYS A 38 -7.76 6.34 -14.03
C CYS A 38 -7.25 7.71 -14.46
N PRO A 39 -6.98 8.58 -13.52
CA PRO A 39 -6.48 9.95 -13.80
C PRO A 39 -4.98 9.98 -14.08
N PRO A 40 -4.50 11.02 -14.69
CA PRO A 40 -3.06 11.19 -15.02
C PRO A 40 -2.23 11.57 -13.81
N CYS A 41 -0.93 11.28 -13.86
CA CYS A 41 -0.03 11.60 -12.77
C CYS A 41 1.20 10.69 -12.79
N ARG A 42 1.78 10.53 -13.98
CA ARG A 42 2.96 9.69 -14.13
C ARG A 42 4.22 10.44 -13.72
N GLY A 43 5.21 9.71 -13.23
CA GLY A 43 6.46 10.31 -12.80
C GLY A 43 6.76 9.97 -11.34
N PHE A 44 5.71 9.93 -10.52
CA PHE A 44 5.88 9.63 -9.11
C PHE A 44 5.88 8.11 -8.89
N THR A 45 4.86 7.45 -9.42
CA THR A 45 4.73 6.01 -9.28
C THR A 45 6.06 5.31 -9.54
N PRO A 46 6.63 5.50 -10.70
CA PRO A 46 7.92 4.86 -11.06
C PRO A 46 8.98 5.04 -9.98
N ILE A 47 8.70 5.91 -9.03
CA ILE A 47 9.63 6.16 -7.93
C ILE A 47 9.39 5.15 -6.81
N LEU A 48 8.12 4.98 -6.45
CA LEU A 48 7.77 4.03 -5.41
C LEU A 48 8.00 2.61 -5.90
N ALA A 49 7.78 2.38 -7.19
CA ALA A 49 7.99 1.05 -7.76
C ALA A 49 9.47 0.70 -7.73
N ASP A 50 10.31 1.71 -7.76
CA ASP A 50 11.76 1.49 -7.71
C ASP A 50 12.18 1.23 -6.27
N MET A 51 11.48 1.87 -5.35
CA MET A 51 11.78 1.71 -3.93
C MET A 51 11.30 0.35 -3.43
N TYR A 52 10.05 0.02 -3.72
CA TYR A 52 9.50 -1.25 -3.29
C TYR A 52 10.14 -2.38 -4.10
N SER A 53 10.60 -2.04 -5.30
CA SER A 53 11.24 -3.03 -6.16
C SER A 53 12.56 -3.47 -5.55
N GLU A 54 13.32 -2.50 -5.04
CA GLU A 54 14.59 -2.82 -4.40
C GLU A 54 14.33 -3.57 -3.10
N LEU A 55 13.53 -2.97 -2.24
CA LEU A 55 13.18 -3.59 -0.97
C LEU A 55 12.59 -4.97 -1.21
N VAL A 56 11.79 -5.09 -2.27
CA VAL A 56 11.17 -6.38 -2.59
C VAL A 56 12.26 -7.41 -2.85
N ASP A 57 13.21 -7.04 -3.68
CA ASP A 57 14.32 -7.92 -3.98
C ASP A 57 14.92 -8.41 -2.66
N ASP A 58 14.89 -7.52 -1.67
CA ASP A 58 15.42 -7.84 -0.35
C ASP A 58 14.31 -8.41 0.52
N SER A 59 13.28 -8.93 -0.12
CA SER A 59 12.15 -9.49 0.61
C SER A 59 11.37 -8.38 1.28
N ALA A 60 11.51 -7.18 0.72
CA ALA A 60 10.84 -5.99 1.23
C ALA A 60 10.13 -6.29 2.55
N PRO A 61 10.79 -6.02 3.65
CA PRO A 61 10.22 -6.25 5.01
C PRO A 61 8.94 -5.47 5.27
N PHE A 62 8.09 -5.36 4.24
CA PHE A 62 6.83 -4.64 4.39
C PHE A 62 5.96 -4.81 3.16
N GLU A 63 4.64 -4.67 3.35
CA GLU A 63 3.69 -4.83 2.25
C GLU A 63 2.97 -3.52 1.95
N ILE A 64 2.63 -3.32 0.68
CA ILE A 64 1.92 -2.12 0.26
C ILE A 64 0.43 -2.41 0.08
N ILE A 65 -0.40 -1.57 0.70
CA ILE A 65 -1.84 -1.75 0.58
C ILE A 65 -2.36 -0.96 -0.62
N PHE A 66 -3.23 -1.59 -1.40
CA PHE A 66 -3.79 -0.92 -2.59
C PHE A 66 -5.18 -0.39 -2.29
N VAL A 67 -5.29 0.94 -2.23
CA VAL A 67 -6.58 1.58 -1.97
C VAL A 67 -6.84 2.67 -3.00
N SER A 68 -7.60 3.68 -2.62
CA SER A 68 -7.91 4.77 -3.53
C SER A 68 -8.86 4.30 -4.62
N SER A 69 -9.69 5.21 -5.12
CA SER A 69 -10.66 4.89 -6.16
C SER A 69 -10.04 3.97 -7.22
N ASP A 70 -9.71 2.75 -6.82
CA ASP A 70 -9.13 1.78 -7.74
C ASP A 70 -10.17 0.75 -8.13
N ARG A 71 -11.41 1.04 -7.76
CA ARG A 71 -12.53 0.14 -8.05
C ARG A 71 -12.31 -0.61 -9.36
N SER A 72 -11.29 -0.22 -10.12
CA SER A 72 -11.02 -0.90 -11.38
C SER A 72 -10.24 -2.17 -11.10
N GLU A 73 -10.87 -3.32 -11.32
CA GLU A 73 -10.21 -4.60 -11.08
C GLU A 73 -9.10 -4.80 -12.11
N ASP A 74 -9.26 -4.20 -13.27
CA ASP A 74 -8.25 -4.32 -14.32
C ASP A 74 -7.13 -3.33 -14.07
N ASP A 75 -7.48 -2.09 -13.77
CA ASP A 75 -6.48 -1.07 -13.50
C ASP A 75 -5.79 -1.37 -12.19
N MET A 76 -6.43 -2.21 -11.37
CA MET A 76 -5.86 -2.59 -10.09
C MET A 76 -4.78 -3.64 -10.29
N PHE A 77 -5.14 -4.76 -10.91
CA PHE A 77 -4.18 -5.83 -11.15
C PHE A 77 -3.11 -5.38 -12.14
N GLN A 78 -3.44 -4.35 -12.92
CA GLN A 78 -2.49 -3.83 -13.90
C GLN A 78 -1.43 -2.98 -13.22
N TYR A 79 -1.88 -2.04 -12.40
CA TYR A 79 -0.95 -1.16 -11.68
C TYR A 79 -0.10 -1.98 -10.71
N MET A 80 -0.63 -3.11 -10.27
CA MET A 80 0.10 -3.97 -9.34
C MET A 80 1.11 -4.83 -10.09
N MET A 81 0.67 -5.46 -11.17
CA MET A 81 1.54 -6.31 -11.98
C MET A 81 2.59 -5.46 -12.69
N GLU A 82 2.29 -4.17 -12.85
CA GLU A 82 3.21 -3.27 -13.51
C GLU A 82 4.49 -3.12 -12.70
N SER A 83 4.34 -2.76 -11.43
CA SER A 83 5.50 -2.58 -10.57
C SER A 83 5.15 -1.82 -9.27
N HIS A 84 3.87 -1.49 -9.08
CA HIS A 84 3.46 -0.77 -7.88
C HIS A 84 3.02 -1.74 -6.79
N GLY A 85 3.77 -1.79 -5.70
CA GLY A 85 3.45 -2.67 -4.59
C GLY A 85 3.38 -4.13 -5.05
N ASP A 86 3.99 -5.03 -4.26
CA ASP A 86 4.00 -6.44 -4.61
C ASP A 86 3.34 -7.30 -3.54
N TRP A 87 2.03 -7.13 -3.35
CA TRP A 87 1.31 -7.91 -2.35
C TRP A 87 -0.16 -8.06 -2.72
N LEU A 88 -1.03 -7.43 -1.93
CA LEU A 88 -2.46 -7.54 -2.17
C LEU A 88 -3.14 -6.18 -2.26
N ALA A 89 -4.44 -6.25 -2.56
CA ALA A 89 -5.26 -5.05 -2.68
C ALA A 89 -6.60 -5.29 -2.01
N ILE A 90 -6.95 -4.43 -1.06
CA ILE A 90 -8.22 -4.57 -0.35
C ILE A 90 -9.37 -4.19 -1.26
N PRO A 91 -10.21 -5.13 -1.59
CA PRO A 91 -11.37 -4.85 -2.47
C PRO A 91 -12.11 -3.59 -2.03
N TYR A 92 -11.99 -2.54 -2.83
CA TYR A 92 -12.65 -1.28 -2.50
C TYR A 92 -13.93 -1.52 -1.72
N ARG A 93 -14.51 -2.70 -1.91
CA ARG A 93 -15.73 -3.05 -1.20
C ARG A 93 -15.41 -3.69 0.14
N SER A 94 -14.21 -3.40 0.64
CA SER A 94 -13.75 -3.95 1.91
C SER A 94 -13.86 -2.90 3.01
N GLY A 95 -15.09 -2.47 3.29
CA GLY A 95 -15.33 -1.46 4.33
C GLY A 95 -14.06 -1.17 5.13
N PRO A 96 -13.54 -2.14 5.83
CA PRO A 96 -12.31 -1.98 6.66
C PRO A 96 -11.27 -1.09 5.98
N ALA A 97 -11.32 -1.02 4.66
CA ALA A 97 -10.39 -0.18 3.91
C ALA A 97 -10.80 1.28 4.01
N SER A 98 -12.10 1.53 3.98
CA SER A 98 -12.61 2.88 4.09
C SER A 98 -12.37 3.39 5.50
N ASN A 99 -13.02 2.75 6.46
CA ASN A 99 -12.87 3.14 7.86
C ASN A 99 -11.39 3.33 8.17
N VAL A 100 -10.55 2.55 7.49
CA VAL A 100 -9.12 2.64 7.67
C VAL A 100 -8.63 4.03 7.30
N THR A 101 -8.96 4.45 6.08
CA THR A 101 -8.57 5.77 5.60
C THR A 101 -9.21 6.85 6.44
N ALA A 102 -10.50 6.68 6.69
CA ALA A 102 -11.27 7.63 7.47
C ALA A 102 -10.88 7.54 8.93
N LYS A 103 -10.30 6.41 9.32
CA LYS A 103 -9.86 6.22 10.70
C LYS A 103 -8.55 6.94 10.94
N TYR A 104 -7.68 6.94 9.93
CA TYR A 104 -6.39 7.60 10.04
C TYR A 104 -6.54 9.11 9.88
N GLY A 105 -7.67 9.53 9.32
CA GLY A 105 -7.92 10.95 9.11
C GLY A 105 -7.10 11.48 7.94
N ILE A 106 -6.97 10.66 6.91
CA ILE A 106 -6.20 11.06 5.73
C ILE A 106 -6.88 12.24 5.02
N THR A 107 -7.43 11.98 3.85
CA THR A 107 -8.11 13.03 3.08
C THR A 107 -7.09 13.98 2.47
N GLY A 108 -5.81 13.67 2.66
CA GLY A 108 -4.74 14.51 2.11
C GLY A 108 -4.22 13.93 0.81
N ILE A 109 -4.99 13.02 0.22
CA ILE A 109 -4.59 12.39 -1.03
C ILE A 109 -4.23 13.45 -2.07
N PRO A 110 -3.19 13.21 -2.85
CA PRO A 110 -2.37 11.97 -2.76
C PRO A 110 -1.48 11.95 -1.51
N ALA A 111 -1.35 10.77 -0.92
CA ALA A 111 -0.52 10.64 0.28
C ALA A 111 -0.19 9.17 0.54
N LEU A 112 0.91 8.93 1.24
CA LEU A 112 1.34 7.57 1.55
C LEU A 112 1.44 7.39 3.05
N VAL A 113 0.73 6.40 3.58
CA VAL A 113 0.75 6.14 5.02
C VAL A 113 1.59 4.91 5.33
N ILE A 114 2.44 5.03 6.34
CA ILE A 114 3.30 3.92 6.75
C ILE A 114 3.00 3.51 8.19
N VAL A 115 2.64 2.25 8.37
CA VAL A 115 2.34 1.74 9.70
C VAL A 115 2.92 0.33 9.87
N LYS A 116 3.30 0.01 11.10
CA LYS A 116 3.87 -1.29 11.40
C LYS A 116 2.82 -2.39 11.27
N LYS A 117 3.28 -3.63 11.12
CA LYS A 117 2.35 -4.76 10.99
C LYS A 117 1.37 -4.78 12.16
N ASP A 118 1.91 -4.68 13.37
CA ASP A 118 1.07 -4.69 14.56
C ASP A 118 0.14 -3.48 14.57
N GLY A 119 0.38 -2.55 13.65
CA GLY A 119 -0.44 -1.34 13.56
C GLY A 119 0.25 -0.18 14.26
N THR A 120 1.56 -0.29 14.42
CA THR A 120 2.33 0.76 15.08
C THR A 120 2.65 1.89 14.11
N LEU A 121 2.25 3.11 14.47
CA LEU A 121 2.49 4.27 13.61
C LEU A 121 3.98 4.58 13.56
N ILE A 122 4.43 5.02 12.40
CA ILE A 122 5.84 5.35 12.21
C ILE A 122 5.98 6.66 11.45
N SER A 123 5.52 6.65 10.22
CA SER A 123 5.57 7.84 9.37
C SER A 123 4.35 7.92 8.47
N MET A 124 3.56 8.98 8.63
CA MET A 124 2.35 9.16 7.83
C MET A 124 2.71 9.64 6.43
N ASN A 125 2.62 10.95 6.22
CA ASN A 125 2.93 11.53 4.92
C ASN A 125 4.41 11.37 4.62
N GLY A 126 4.90 10.14 4.76
CA GLY A 126 6.30 9.86 4.49
C GLY A 126 6.57 9.82 3.00
N ARG A 127 5.57 10.19 2.22
CA ARG A 127 5.69 10.18 0.77
C ARG A 127 7.04 10.76 0.33
N GLY A 128 7.09 12.08 0.16
CA GLY A 128 8.33 12.72 -0.25
C GLY A 128 9.51 12.13 0.49
N GLU A 129 9.26 11.68 1.72
CA GLU A 129 10.32 11.09 2.53
C GLU A 129 10.94 9.90 1.80
N VAL A 130 10.09 8.96 1.39
CA VAL A 130 10.58 7.79 0.68
C VAL A 130 11.17 8.21 -0.67
N GLN A 131 10.40 8.99 -1.41
CA GLN A 131 10.86 9.46 -2.71
C GLN A 131 12.02 10.43 -2.54
N SER A 132 12.18 10.94 -1.32
CA SER A 132 13.26 11.89 -1.04
C SER A 132 14.60 11.17 -0.98
N LEU A 133 14.64 10.04 -0.28
CA LEU A 133 15.89 9.29 -0.15
C LEU A 133 15.80 7.94 -0.86
N GLY A 134 14.58 7.54 -1.21
CA GLY A 134 14.38 6.26 -1.88
C GLY A 134 14.42 5.11 -0.89
N PRO A 135 14.91 3.98 -1.31
CA PRO A 135 14.99 2.76 -0.46
C PRO A 135 15.63 3.05 0.90
N ARG A 136 16.44 4.08 0.97
CA ARG A 136 17.10 4.44 2.22
C ARG A 136 16.07 4.83 3.27
N ALA A 137 14.84 5.06 2.81
CA ALA A 137 13.76 5.44 3.71
C ALA A 137 13.49 4.32 4.72
N PHE A 138 13.81 3.09 4.32
CA PHE A 138 13.61 1.95 5.19
C PHE A 138 13.86 2.33 6.64
N GLN A 139 14.70 3.35 6.83
CA GLN A 139 15.02 3.81 8.18
C GLN A 139 13.90 4.67 8.74
N ASN A 140 13.46 5.65 7.95
CA ASN A 140 12.38 6.53 8.38
C ASN A 140 11.07 5.77 8.41
N TRP A 141 10.84 4.97 7.37
CA TRP A 141 9.63 4.18 7.27
C TRP A 141 9.65 3.05 8.30
N ALA A 142 10.86 2.62 8.68
CA ALA A 142 11.01 1.55 9.65
C ALA A 142 11.71 2.05 10.90
N ARG A 143 11.92 3.34 10.96
CA ARG A 143 12.59 3.95 12.10
C ARG A 143 13.91 3.26 12.40
N MET A 1 -15.53 -3.87 16.14
CA MET A 1 -14.39 -3.51 17.04
C MET A 1 -13.17 -4.34 16.67
N GLU A 2 -12.66 -4.12 15.46
CA GLU A 2 -11.48 -4.85 14.99
C GLU A 2 -10.87 -4.16 13.79
N PHE A 3 -9.68 -4.61 13.40
CA PHE A 3 -8.98 -4.01 12.26
C PHE A 3 -9.28 -4.80 10.99
N ILE A 4 -8.62 -4.41 9.89
CA ILE A 4 -8.83 -5.08 8.62
C ILE A 4 -8.61 -6.59 8.76
N GLN A 5 -7.47 -6.94 9.34
CA GLN A 5 -7.13 -8.35 9.53
C GLN A 5 -8.39 -9.17 9.80
N GLY A 6 -8.68 -10.10 8.89
CA GLY A 6 -9.87 -10.94 9.04
C GLY A 6 -10.79 -10.80 7.84
N ILE A 7 -10.44 -9.90 6.93
CA ILE A 7 -11.25 -9.67 5.75
C ILE A 7 -10.64 -10.35 4.53
N LYS A 8 -11.33 -10.27 3.40
CA LYS A 8 -10.84 -10.89 2.17
C LYS A 8 -9.92 -9.93 1.43
N LEU A 9 -9.24 -10.44 0.40
CA LEU A 9 -8.32 -9.62 -0.38
C LEU A 9 -8.10 -10.25 -1.76
N VAL A 10 -7.65 -9.45 -2.72
CA VAL A 10 -7.41 -9.97 -4.06
C VAL A 10 -5.93 -9.86 -4.43
N LYS A 11 -5.39 -10.94 -5.01
CA LYS A 11 -4.00 -10.95 -5.41
C LYS A 11 -3.88 -10.60 -6.89
N LYS A 12 -2.82 -9.89 -7.25
CA LYS A 12 -2.60 -9.49 -8.63
C LYS A 12 -2.92 -10.64 -9.58
N ASN A 13 -2.83 -11.87 -9.07
CA ASN A 13 -3.12 -13.04 -9.88
C ASN A 13 -4.62 -13.18 -10.08
N ARG A 14 -5.33 -12.08 -9.95
CA ARG A 14 -6.79 -12.09 -10.11
C ARG A 14 -7.40 -13.15 -9.22
N CYS A 15 -6.77 -13.39 -8.07
CA CYS A 15 -7.27 -14.38 -7.13
C CYS A 15 -7.70 -13.73 -5.82
N GLU A 16 -8.33 -14.51 -4.96
CA GLU A 16 -8.79 -14.00 -3.67
C GLU A 16 -8.08 -14.72 -2.53
N VAL A 17 -7.95 -14.04 -1.39
CA VAL A 17 -7.30 -14.62 -0.22
C VAL A 17 -7.75 -13.94 1.06
N ASN A 18 -7.35 -14.51 2.19
CA ASN A 18 -7.73 -13.94 3.48
C ASN A 18 -6.66 -12.96 3.98
N ALA A 19 -6.97 -11.67 3.91
CA ALA A 19 -6.04 -10.64 4.33
C ALA A 19 -5.35 -11.05 5.64
N ASN A 20 -6.00 -11.92 6.40
CA ASN A 20 -5.43 -12.38 7.66
C ASN A 20 -3.98 -12.78 7.49
N GLU A 21 -3.74 -13.70 6.58
CA GLU A 21 -2.39 -14.18 6.31
C GLU A 21 -1.79 -13.44 5.12
N ALA A 22 -2.65 -12.96 4.22
CA ALA A 22 -2.19 -12.24 3.04
C ALA A 22 -1.41 -10.99 3.43
N LEU A 23 -1.71 -10.43 4.60
CA LEU A 23 -1.03 -9.24 5.06
C LEU A 23 0.30 -9.57 5.73
N LYS A 24 0.87 -10.72 5.34
CA LYS A 24 2.15 -11.15 5.91
C LYS A 24 2.82 -10.01 6.66
N ASP A 25 3.70 -9.29 5.97
CA ASP A 25 4.39 -8.17 6.60
C ASP A 25 5.14 -8.62 7.85
N LYS A 26 4.40 -9.00 8.87
CA LYS A 26 5.02 -9.44 10.11
C LYS A 26 6.17 -8.49 10.46
N ASP A 27 6.21 -7.36 9.76
CA ASP A 27 7.27 -6.38 9.99
C ASP A 27 6.73 -4.96 9.84
N ILE A 28 6.45 -4.54 8.60
CA ILE A 28 5.96 -3.19 8.36
C ILE A 28 4.86 -3.18 7.29
N ILE A 29 4.02 -2.15 7.34
CA ILE A 29 2.94 -2.00 6.37
C ILE A 29 2.87 -0.57 5.84
N GLY A 30 2.41 -0.41 4.61
CA GLY A 30 2.30 0.91 4.01
C GLY A 30 1.03 1.04 3.17
N PHE A 31 0.17 1.97 3.55
CA PHE A 31 -1.09 2.17 2.82
C PHE A 31 -0.92 3.26 1.77
N TYR A 32 -1.23 2.93 0.52
CA TYR A 32 -1.12 3.91 -0.57
C TYR A 32 -2.49 4.48 -0.90
N PHE A 33 -2.61 5.80 -0.85
CA PHE A 33 -3.89 6.45 -1.15
C PHE A 33 -3.77 7.32 -2.39
N SER A 34 -4.45 6.93 -3.46
CA SER A 34 -4.43 7.69 -4.70
C SER A 34 -4.67 6.76 -5.89
N ALA A 35 -5.93 6.65 -6.31
CA ALA A 35 -6.27 5.81 -7.44
C ALA A 35 -5.13 5.76 -8.45
N HIS A 36 -4.60 6.93 -8.75
CA HIS A 36 -3.49 7.04 -9.70
C HIS A 36 -3.90 6.60 -11.10
N TRP A 37 -4.97 5.81 -11.18
CA TRP A 37 -5.43 5.33 -12.48
C TRP A 37 -6.47 6.28 -13.06
N CYS A 38 -7.47 6.63 -12.25
CA CYS A 38 -8.51 7.54 -12.70
C CYS A 38 -7.98 8.98 -12.72
N PRO A 39 -7.37 9.40 -11.65
CA PRO A 39 -6.80 10.76 -11.52
C PRO A 39 -5.35 10.83 -12.03
N PRO A 40 -5.14 11.55 -13.11
CA PRO A 40 -3.77 11.70 -13.70
C PRO A 40 -2.73 12.08 -12.66
N CYS A 41 -1.48 11.68 -12.91
CA CYS A 41 -0.39 11.98 -11.98
C CYS A 41 0.75 10.98 -12.14
N ARG A 42 1.11 10.69 -13.38
CA ARG A 42 2.18 9.75 -13.66
C ARG A 42 3.55 10.41 -13.52
N GLY A 43 4.54 9.62 -13.12
CA GLY A 43 5.90 10.13 -12.96
C GLY A 43 6.41 9.88 -11.55
N PHE A 44 5.52 9.98 -10.57
CA PHE A 44 5.89 9.76 -9.18
C PHE A 44 5.81 8.27 -8.85
N THR A 45 4.71 7.65 -9.24
CA THR A 45 4.50 6.23 -8.98
C THR A 45 5.77 5.42 -9.27
N PRO A 46 6.26 5.49 -10.48
CA PRO A 46 7.48 4.73 -10.89
C PRO A 46 8.61 4.87 -9.86
N ILE A 47 8.45 5.80 -8.92
CA ILE A 47 9.46 5.99 -7.89
C ILE A 47 9.24 5.02 -6.74
N LEU A 48 7.99 4.91 -6.31
CA LEU A 48 7.65 4.00 -5.22
C LEU A 48 7.88 2.57 -5.69
N ALA A 49 7.64 2.32 -6.97
CA ALA A 49 7.85 0.99 -7.52
C ALA A 49 9.33 0.65 -7.52
N ASP A 50 10.16 1.68 -7.40
CA ASP A 50 11.60 1.48 -7.37
C ASP A 50 12.04 1.11 -5.96
N MET A 51 11.43 1.75 -4.96
CA MET A 51 11.76 1.47 -3.57
C MET A 51 11.22 0.11 -3.14
N TYR A 52 10.00 -0.20 -3.55
CA TYR A 52 9.40 -1.48 -3.19
C TYR A 52 10.02 -2.60 -4.02
N SER A 53 10.45 -2.26 -5.24
CA SER A 53 11.07 -3.25 -6.10
C SER A 53 12.41 -3.68 -5.54
N GLU A 54 13.15 -2.72 -5.00
CA GLU A 54 14.45 -3.03 -4.40
C GLU A 54 14.23 -3.77 -3.08
N LEU A 55 13.34 -3.23 -2.27
CA LEU A 55 13.03 -3.85 -0.99
C LEU A 55 12.53 -5.27 -1.20
N VAL A 56 11.70 -5.47 -2.22
CA VAL A 56 11.18 -6.80 -2.51
C VAL A 56 12.32 -7.74 -2.80
N ASP A 57 13.24 -7.30 -3.65
CA ASP A 57 14.39 -8.11 -3.99
C ASP A 57 15.08 -8.53 -2.69
N ASP A 58 15.00 -7.65 -1.70
CA ASP A 58 15.59 -7.92 -0.39
C ASP A 58 14.58 -8.57 0.52
N SER A 59 13.56 -9.17 -0.07
CA SER A 59 12.50 -9.80 0.70
C SER A 59 11.66 -8.73 1.39
N ALA A 60 11.69 -7.55 0.79
CA ALA A 60 10.95 -6.40 1.31
C ALA A 60 10.32 -6.71 2.66
N PRO A 61 10.78 -6.07 3.70
CA PRO A 61 10.25 -6.27 5.09
C PRO A 61 8.97 -5.48 5.34
N PHE A 62 8.11 -5.41 4.33
CA PHE A 62 6.85 -4.68 4.47
C PHE A 62 5.94 -4.90 3.27
N GLU A 63 4.63 -4.76 3.50
CA GLU A 63 3.63 -4.96 2.45
C GLU A 63 2.91 -3.64 2.14
N ILE A 64 2.51 -3.49 0.88
CA ILE A 64 1.80 -2.30 0.45
C ILE A 64 0.30 -2.58 0.33
N ILE A 65 -0.51 -1.73 0.93
CA ILE A 65 -1.96 -1.87 0.86
C ILE A 65 -2.49 -1.11 -0.34
N PHE A 66 -3.38 -1.74 -1.10
CA PHE A 66 -3.94 -1.09 -2.28
C PHE A 66 -5.31 -0.50 -2.00
N VAL A 67 -5.36 0.82 -1.85
CA VAL A 67 -6.61 1.51 -1.58
C VAL A 67 -6.82 2.60 -2.61
N SER A 68 -7.72 3.54 -2.32
CA SER A 68 -7.99 4.63 -3.25
C SER A 68 -8.95 4.18 -4.34
N SER A 69 -9.73 5.12 -4.87
CA SER A 69 -10.69 4.80 -5.91
C SER A 69 -10.04 3.99 -7.04
N ASP A 70 -9.70 2.74 -6.73
CA ASP A 70 -9.10 1.86 -7.73
C ASP A 70 -10.14 0.86 -8.24
N ARG A 71 -11.38 1.11 -7.87
CA ARG A 71 -12.48 0.24 -8.27
C ARG A 71 -12.23 -0.40 -9.63
N SER A 72 -11.22 0.09 -10.34
CA SER A 72 -10.89 -0.47 -11.64
C SER A 72 -10.12 -1.77 -11.46
N GLU A 73 -10.74 -2.89 -11.82
CA GLU A 73 -10.09 -4.19 -11.69
C GLU A 73 -8.86 -4.27 -12.57
N ASP A 74 -8.88 -3.51 -13.66
CA ASP A 74 -7.75 -3.50 -14.58
C ASP A 74 -6.63 -2.63 -14.02
N ASP A 75 -7.00 -1.41 -13.62
CA ASP A 75 -6.02 -0.50 -13.05
C ASP A 75 -5.41 -1.12 -11.81
N MET A 76 -6.18 -2.01 -11.18
CA MET A 76 -5.72 -2.68 -9.98
C MET A 76 -4.62 -3.67 -10.32
N PHE A 77 -4.96 -4.68 -11.12
CA PHE A 77 -3.98 -5.69 -11.51
C PHE A 77 -2.93 -5.09 -12.43
N GLN A 78 -3.24 -3.95 -13.04
CA GLN A 78 -2.29 -3.29 -13.93
C GLN A 78 -1.21 -2.58 -13.13
N TYR A 79 -1.63 -1.70 -12.23
CA TYR A 79 -0.68 -0.96 -11.40
C TYR A 79 0.09 -1.94 -10.52
N MET A 80 -0.52 -3.08 -10.24
CA MET A 80 0.13 -4.09 -9.42
C MET A 80 1.09 -4.93 -10.25
N MET A 81 0.60 -5.44 -11.38
CA MET A 81 1.43 -6.26 -12.25
C MET A 81 2.53 -5.42 -12.89
N GLU A 82 2.30 -4.11 -12.97
CA GLU A 82 3.28 -3.21 -13.56
C GLU A 82 4.52 -3.13 -12.69
N SER A 83 4.33 -2.75 -11.43
CA SER A 83 5.46 -2.63 -10.51
C SER A 83 5.08 -1.91 -9.21
N HIS A 84 3.79 -1.57 -9.04
CA HIS A 84 3.35 -0.87 -7.84
C HIS A 84 2.87 -1.88 -6.80
N GLY A 85 3.52 -1.90 -5.64
CA GLY A 85 3.15 -2.81 -4.57
C GLY A 85 3.28 -4.26 -5.02
N ASP A 86 4.01 -5.06 -4.25
CA ASP A 86 4.21 -6.46 -4.61
C ASP A 86 3.56 -7.38 -3.58
N TRP A 87 2.23 -7.26 -3.42
CA TRP A 87 1.53 -8.12 -2.46
C TRP A 87 0.05 -8.24 -2.81
N LEU A 88 -0.80 -7.61 -2.00
CA LEU A 88 -2.24 -7.70 -2.22
C LEU A 88 -2.91 -6.34 -2.34
N ALA A 89 -4.20 -6.39 -2.63
CA ALA A 89 -5.00 -5.18 -2.78
C ALA A 89 -6.38 -5.40 -2.18
N ILE A 90 -6.76 -4.55 -1.23
CA ILE A 90 -8.06 -4.68 -0.60
C ILE A 90 -9.16 -4.29 -1.57
N PRO A 91 -9.99 -5.21 -1.96
CA PRO A 91 -11.10 -4.93 -2.89
C PRO A 91 -11.86 -3.67 -2.48
N TYR A 92 -11.70 -2.61 -3.26
CA TYR A 92 -12.37 -1.34 -2.96
C TYR A 92 -13.68 -1.60 -2.23
N ARG A 93 -14.26 -2.77 -2.46
CA ARG A 93 -15.51 -3.13 -1.82
C ARG A 93 -15.25 -3.74 -0.45
N SER A 94 -14.08 -3.44 0.09
CA SER A 94 -13.67 -3.97 1.40
C SER A 94 -13.80 -2.90 2.47
N GLY A 95 -15.02 -2.43 2.71
CA GLY A 95 -15.27 -1.40 3.71
C GLY A 95 -14.03 -1.12 4.55
N PRO A 96 -13.56 -2.10 5.29
CA PRO A 96 -12.35 -1.95 6.15
C PRO A 96 -11.27 -1.08 5.50
N ALA A 97 -11.29 -1.00 4.17
CA ALA A 97 -10.31 -0.20 3.45
C ALA A 97 -10.70 1.28 3.53
N SER A 98 -11.97 1.55 3.29
CA SER A 98 -12.47 2.92 3.35
C SER A 98 -12.42 3.39 4.79
N ASN A 99 -13.20 2.75 5.64
CA ASN A 99 -13.23 3.10 7.05
C ASN A 99 -11.81 3.27 7.56
N VAL A 100 -10.89 2.51 6.99
CA VAL A 100 -9.48 2.58 7.38
C VAL A 100 -8.96 3.99 7.11
N THR A 101 -9.13 4.45 5.88
CA THR A 101 -8.69 5.78 5.49
C THR A 101 -9.45 6.84 6.27
N ALA A 102 -10.75 6.65 6.31
CA ALA A 102 -11.63 7.57 7.01
C ALA A 102 -11.43 7.47 8.51
N LYS A 103 -10.89 6.34 8.95
CA LYS A 103 -10.63 6.14 10.38
C LYS A 103 -9.39 6.92 10.81
N TYR A 104 -8.42 7.01 9.91
CA TYR A 104 -7.19 7.73 10.20
C TYR A 104 -7.36 9.22 9.92
N GLY A 105 -8.53 9.58 9.39
CA GLY A 105 -8.80 10.98 9.07
C GLY A 105 -7.96 11.45 7.89
N ILE A 106 -7.53 10.51 7.05
CA ILE A 106 -6.71 10.84 5.89
C ILE A 106 -7.57 11.48 4.80
N THR A 107 -7.07 12.59 4.27
CA THR A 107 -7.79 13.30 3.21
C THR A 107 -6.86 14.22 2.45
N GLY A 108 -5.56 13.93 2.53
CA GLY A 108 -4.56 14.74 1.84
C GLY A 108 -4.12 14.06 0.54
N ILE A 109 -4.86 13.02 0.15
CA ILE A 109 -4.55 12.29 -1.07
C ILE A 109 -4.17 13.26 -2.19
N PRO A 110 -3.13 12.94 -2.94
CA PRO A 110 -2.33 11.70 -2.77
C PRO A 110 -1.49 11.73 -1.50
N ALA A 111 -1.46 10.60 -0.79
CA ALA A 111 -0.69 10.51 0.45
C ALA A 111 -0.25 9.08 0.72
N LEU A 112 0.91 8.92 1.35
CA LEU A 112 1.43 7.59 1.65
C LEU A 112 1.48 7.39 3.17
N VAL A 113 0.76 6.38 3.67
CA VAL A 113 0.75 6.11 5.10
C VAL A 113 1.61 4.90 5.42
N ILE A 114 2.51 5.05 6.38
CA ILE A 114 3.39 3.96 6.77
C ILE A 114 3.25 3.62 8.25
N VAL A 115 2.89 2.37 8.52
CA VAL A 115 2.72 1.91 9.89
C VAL A 115 3.46 0.60 10.11
N LYS A 116 3.81 0.32 11.36
CA LYS A 116 4.53 -0.90 11.69
C LYS A 116 3.57 -2.10 11.74
N LYS A 117 4.14 -3.30 11.65
CA LYS A 117 3.33 -4.51 11.68
C LYS A 117 2.34 -4.47 12.85
N ASP A 118 2.85 -4.16 14.02
CA ASP A 118 2.00 -4.08 15.22
C ASP A 118 1.08 -2.87 15.13
N GLY A 119 1.22 -2.10 14.06
CA GLY A 119 0.39 -0.91 13.87
C GLY A 119 1.08 0.31 14.44
N THR A 120 2.34 0.14 14.86
CA THR A 120 3.11 1.24 15.42
C THR A 120 3.35 2.32 14.38
N LEU A 121 2.61 3.42 14.48
CA LEU A 121 2.76 4.52 13.54
C LEU A 121 4.22 4.98 13.49
N ILE A 122 4.69 5.29 12.30
CA ILE A 122 6.06 5.74 12.13
C ILE A 122 6.12 6.97 11.26
N SER A 123 5.73 6.81 10.01
CA SER A 123 5.74 7.92 9.05
C SER A 123 4.45 7.92 8.24
N MET A 124 3.84 9.08 8.08
CA MET A 124 2.62 9.19 7.31
C MET A 124 2.89 9.71 5.91
N ASN A 125 2.42 10.92 5.62
CA ASN A 125 2.64 11.52 4.32
C ASN A 125 4.14 11.65 4.02
N GLY A 126 4.89 10.60 4.35
CA GLY A 126 6.33 10.61 4.12
C GLY A 126 6.62 10.34 2.66
N ARG A 127 5.63 10.56 1.80
CA ARG A 127 5.81 10.33 0.38
C ARG A 127 7.16 10.85 -0.08
N GLY A 128 7.24 12.14 -0.36
CA GLY A 128 8.51 12.72 -0.80
C GLY A 128 9.65 12.19 0.04
N GLU A 129 9.36 11.88 1.30
CA GLU A 129 10.37 11.35 2.20
C GLU A 129 10.96 10.07 1.62
N VAL A 130 10.10 9.11 1.31
CA VAL A 130 10.56 7.85 0.73
C VAL A 130 11.18 8.12 -0.64
N GLN A 131 10.44 8.83 -1.48
CA GLN A 131 10.92 9.16 -2.81
C GLN A 131 12.13 10.08 -2.73
N SER A 132 12.32 10.71 -1.56
CA SER A 132 13.44 11.61 -1.37
C SER A 132 14.73 10.83 -1.15
N LEU A 133 14.66 9.83 -0.26
CA LEU A 133 15.82 9.02 0.03
C LEU A 133 15.86 7.77 -0.84
N GLY A 134 14.68 7.34 -1.30
CA GLY A 134 14.60 6.14 -2.13
C GLY A 134 14.42 4.90 -1.27
N PRO A 135 14.97 3.79 -1.67
CA PRO A 135 14.86 2.51 -0.91
C PRO A 135 15.58 2.59 0.44
N ARG A 136 16.46 3.59 0.58
CA ARG A 136 17.19 3.77 1.83
C ARG A 136 16.28 4.38 2.89
N ALA A 137 15.09 4.77 2.46
CA ALA A 137 14.12 5.36 3.36
C ALA A 137 13.65 4.32 4.38
N PHE A 138 13.72 3.06 3.99
CA PHE A 138 13.31 1.97 4.88
C PHE A 138 13.70 2.31 6.32
N GLN A 139 14.66 3.22 6.46
CA GLN A 139 15.11 3.64 7.77
C GLN A 139 14.07 4.53 8.43
N ASN A 140 13.73 5.62 7.76
CA ASN A 140 12.73 6.53 8.29
C ASN A 140 11.36 5.86 8.31
N TRP A 141 11.10 5.06 7.28
CA TRP A 141 9.84 4.34 7.18
C TRP A 141 9.79 3.23 8.23
N ALA A 142 10.96 2.77 8.66
CA ALA A 142 11.04 1.71 9.66
C ALA A 142 11.75 2.20 10.91
N ARG A 143 12.02 3.50 10.93
CA ARG A 143 12.70 4.11 12.07
C ARG A 143 12.45 3.30 13.34
N MET A 1 -12.95 0.93 14.69
CA MET A 1 -13.68 -0.28 14.21
C MET A 1 -12.70 -1.44 14.11
N GLU A 2 -12.12 -1.83 15.24
CA GLU A 2 -11.17 -2.93 15.27
C GLU A 2 -10.07 -2.71 14.23
N PHE A 3 -9.88 -3.69 13.36
CA PHE A 3 -8.86 -3.60 12.32
C PHE A 3 -9.30 -4.34 11.06
N ILE A 4 -8.44 -4.33 10.05
CA ILE A 4 -8.75 -5.02 8.79
C ILE A 4 -8.66 -6.53 8.97
N GLN A 5 -7.60 -6.97 9.63
CA GLN A 5 -7.39 -8.40 9.86
C GLN A 5 -8.72 -9.11 10.05
N GLY A 6 -8.99 -10.09 9.19
CA GLY A 6 -10.24 -10.84 9.27
C GLY A 6 -11.01 -10.77 7.95
N ILE A 7 -10.49 -9.99 7.02
CA ILE A 7 -11.13 -9.83 5.72
C ILE A 7 -10.34 -10.57 4.65
N LYS A 8 -10.88 -10.58 3.42
CA LYS A 8 -10.21 -11.26 2.32
C LYS A 8 -9.74 -10.24 1.28
N LEU A 9 -8.50 -10.37 0.87
CA LEU A 9 -7.93 -9.47 -0.14
C LEU A 9 -7.95 -10.12 -1.52
N VAL A 10 -7.65 -9.33 -2.54
CA VAL A 10 -7.64 -9.84 -3.90
C VAL A 10 -6.23 -9.79 -4.50
N LYS A 11 -5.76 -10.92 -5.00
CA LYS A 11 -4.43 -10.99 -5.60
C LYS A 11 -4.47 -10.53 -7.06
N LYS A 12 -3.43 -9.83 -7.48
CA LYS A 12 -3.37 -9.33 -8.85
C LYS A 12 -3.85 -10.40 -9.82
N ASN A 13 -3.54 -11.66 -9.52
CA ASN A 13 -3.97 -12.76 -10.37
C ASN A 13 -5.48 -12.94 -10.28
N ARG A 14 -6.17 -11.91 -9.82
CA ARG A 14 -7.62 -11.97 -9.67
C ARG A 14 -8.01 -13.06 -8.69
N CYS A 15 -7.10 -13.38 -7.77
CA CYS A 15 -7.37 -14.41 -6.78
C CYS A 15 -7.86 -13.80 -5.48
N GLU A 16 -8.30 -14.65 -4.56
CA GLU A 16 -8.80 -14.18 -3.27
C GLU A 16 -8.08 -14.88 -2.13
N VAL A 17 -7.65 -14.10 -1.14
CA VAL A 17 -6.94 -14.64 0.01
C VAL A 17 -7.30 -13.88 1.28
N ASN A 18 -6.83 -14.39 2.42
CA ASN A 18 -7.11 -13.76 3.70
C ASN A 18 -6.03 -12.73 4.03
N ALA A 19 -6.36 -11.45 3.87
CA ALA A 19 -5.42 -10.38 4.16
C ALA A 19 -4.62 -10.69 5.42
N ASN A 20 -5.18 -11.51 6.29
CA ASN A 20 -4.50 -11.87 7.53
C ASN A 20 -3.09 -12.37 7.25
N GLU A 21 -2.99 -13.40 6.42
CA GLU A 21 -1.69 -13.97 6.07
C GLU A 21 -1.21 -13.38 4.74
N ALA A 22 -2.15 -12.96 3.91
CA ALA A 22 -1.80 -12.39 2.62
C ALA A 22 -1.02 -11.10 2.80
N LEU A 23 -1.23 -10.42 3.92
CA LEU A 23 -0.53 -9.17 4.19
C LEU A 23 0.94 -9.44 4.48
N LYS A 24 1.27 -10.70 4.74
CA LYS A 24 2.65 -11.08 5.03
C LYS A 24 3.35 -9.98 5.83
N ASP A 25 3.90 -8.99 5.14
CA ASP A 25 4.58 -7.90 5.81
C ASP A 25 5.52 -8.43 6.89
N LYS A 26 6.77 -8.64 6.52
CA LYS A 26 7.75 -9.15 7.48
C LYS A 26 7.53 -8.51 8.84
N ASP A 27 6.80 -7.39 8.85
CA ASP A 27 6.52 -6.69 10.11
C ASP A 27 6.10 -5.24 9.85
N ILE A 28 6.08 -4.83 8.58
CA ILE A 28 5.70 -3.46 8.25
C ILE A 28 4.69 -3.44 7.10
N ILE A 29 3.86 -2.40 7.07
CA ILE A 29 2.87 -2.27 6.01
C ILE A 29 2.89 -0.86 5.41
N GLY A 30 2.35 -0.73 4.21
CA GLY A 30 2.31 0.56 3.53
C GLY A 30 0.91 0.82 2.97
N PHE A 31 0.53 2.09 2.91
CA PHE A 31 -0.78 2.45 2.40
C PHE A 31 -0.67 3.55 1.35
N TYR A 32 -1.08 3.23 0.13
CA TYR A 32 -1.02 4.21 -0.96
C TYR A 32 -2.40 4.77 -1.25
N PHE A 33 -2.57 6.07 -1.05
CA PHE A 33 -3.87 6.70 -1.31
C PHE A 33 -3.77 7.66 -2.49
N SER A 34 -4.43 7.31 -3.59
CA SER A 34 -4.42 8.13 -4.79
C SER A 34 -4.53 7.25 -6.03
N ALA A 35 -5.70 6.65 -6.23
CA ALA A 35 -5.93 5.78 -7.38
C ALA A 35 -4.74 5.82 -8.32
N HIS A 36 -4.47 7.00 -8.86
CA HIS A 36 -3.35 7.18 -9.77
C HIS A 36 -3.60 6.47 -11.10
N TRP A 37 -4.65 5.64 -11.14
CA TRP A 37 -4.96 4.92 -12.36
C TRP A 37 -6.02 5.68 -13.17
N CYS A 38 -7.12 6.03 -12.52
CA CYS A 38 -8.18 6.76 -13.19
C CYS A 38 -7.73 8.20 -13.48
N PRO A 39 -7.23 8.87 -12.48
CA PRO A 39 -6.75 10.27 -12.60
C PRO A 39 -5.29 10.34 -13.08
N PRO A 40 -4.94 11.39 -13.77
CA PRO A 40 -3.56 11.59 -14.28
C PRO A 40 -2.58 11.99 -13.17
N CYS A 41 -1.40 11.37 -13.17
CA CYS A 41 -0.39 11.67 -12.17
C CYS A 41 0.82 10.75 -12.31
N ARG A 42 1.32 10.63 -13.54
CA ARG A 42 2.47 9.76 -13.80
C ARG A 42 3.77 10.47 -13.42
N GLY A 43 4.76 9.69 -13.01
CA GLY A 43 6.06 10.25 -12.62
C GLY A 43 6.39 9.92 -11.17
N PHE A 44 5.37 9.91 -10.32
CA PHE A 44 5.56 9.61 -8.91
C PHE A 44 5.54 8.10 -8.67
N THR A 45 4.53 7.44 -9.23
CA THR A 45 4.39 6.00 -9.07
C THR A 45 5.71 5.28 -9.36
N PRO A 46 6.24 5.43 -10.53
CA PRO A 46 7.53 4.78 -10.93
C PRO A 46 8.61 4.95 -9.86
N ILE A 47 8.36 5.83 -8.91
CA ILE A 47 9.33 6.06 -7.84
C ILE A 47 9.14 5.03 -6.74
N LEU A 48 7.89 4.84 -6.32
CA LEU A 48 7.59 3.87 -5.28
C LEU A 48 7.85 2.46 -5.79
N ALA A 49 7.61 2.24 -7.08
CA ALA A 49 7.83 0.93 -7.68
C ALA A 49 9.33 0.60 -7.69
N ASP A 50 10.15 1.62 -7.72
CA ASP A 50 11.59 1.42 -7.71
C ASP A 50 12.05 1.16 -6.29
N MET A 51 11.35 1.77 -5.33
CA MET A 51 11.68 1.61 -3.93
C MET A 51 11.23 0.24 -3.43
N TYR A 52 9.98 -0.11 -3.69
CA TYR A 52 9.47 -1.40 -3.26
C TYR A 52 10.12 -2.50 -4.09
N SER A 53 10.55 -2.15 -5.30
CA SER A 53 11.21 -3.11 -6.17
C SER A 53 12.54 -3.53 -5.58
N GLU A 54 13.30 -2.55 -5.10
CA GLU A 54 14.59 -2.84 -4.48
C GLU A 54 14.36 -3.59 -3.17
N LEU A 55 13.54 -3.01 -2.31
CA LEU A 55 13.22 -3.63 -1.04
C LEU A 55 12.70 -5.04 -1.27
N VAL A 56 11.91 -5.22 -2.32
CA VAL A 56 11.37 -6.54 -2.64
C VAL A 56 12.52 -7.52 -2.84
N ASP A 57 13.45 -7.14 -3.70
CA ASP A 57 14.61 -7.97 -3.96
C ASP A 57 15.21 -8.39 -2.62
N ASP A 58 15.13 -7.49 -1.65
CA ASP A 58 15.65 -7.75 -0.32
C ASP A 58 14.58 -8.36 0.56
N SER A 59 13.57 -8.94 -0.08
CA SER A 59 12.46 -9.55 0.65
C SER A 59 11.63 -8.45 1.28
N ALA A 60 11.72 -7.27 0.70
CA ALA A 60 10.98 -6.10 1.17
C ALA A 60 10.28 -6.39 2.49
N PRO A 61 10.94 -6.11 3.58
CA PRO A 61 10.39 -6.33 4.96
C PRO A 61 9.12 -5.53 5.22
N PHE A 62 8.23 -5.47 4.24
CA PHE A 62 6.98 -4.74 4.41
C PHE A 62 6.04 -4.96 3.22
N GLU A 63 4.74 -4.81 3.48
CA GLU A 63 3.72 -5.00 2.45
C GLU A 63 3.03 -3.69 2.12
N ILE A 64 2.59 -3.55 0.88
CA ILE A 64 1.91 -2.34 0.44
C ILE A 64 0.42 -2.59 0.28
N ILE A 65 -0.39 -1.58 0.62
CA ILE A 65 -1.84 -1.70 0.51
C ILE A 65 -2.32 -0.86 -0.67
N PHE A 66 -3.24 -1.43 -1.46
CA PHE A 66 -3.76 -0.72 -2.62
C PHE A 66 -5.19 -0.24 -2.36
N VAL A 67 -5.33 1.07 -2.18
CA VAL A 67 -6.65 1.66 -1.94
C VAL A 67 -6.89 2.82 -2.91
N SER A 68 -7.73 3.76 -2.51
CA SER A 68 -8.02 4.91 -3.37
C SER A 68 -8.86 4.48 -4.57
N SER A 69 -9.68 5.39 -5.06
CA SER A 69 -10.55 5.10 -6.20
C SER A 69 -9.85 4.19 -7.21
N ASP A 70 -9.73 2.92 -6.87
CA ASP A 70 -9.09 1.94 -7.75
C ASP A 70 -10.12 0.92 -8.20
N ARG A 71 -11.38 1.22 -7.93
CA ARG A 71 -12.48 0.34 -8.28
C ARG A 71 -12.21 -0.42 -9.58
N SER A 72 -11.10 -0.12 -10.25
CA SER A 72 -10.78 -0.82 -11.48
C SER A 72 -10.01 -2.09 -11.16
N GLU A 73 -10.65 -3.24 -11.40
CA GLU A 73 -10.00 -4.52 -11.12
C GLU A 73 -8.87 -4.75 -12.11
N ASP A 74 -9.02 -4.17 -13.29
CA ASP A 74 -7.99 -4.32 -14.32
C ASP A 74 -6.83 -3.37 -14.03
N ASP A 75 -7.16 -2.11 -13.73
CA ASP A 75 -6.12 -1.14 -13.44
C ASP A 75 -5.38 -1.56 -12.17
N MET A 76 -6.06 -2.36 -11.35
CA MET A 76 -5.45 -2.84 -10.11
C MET A 76 -4.39 -3.88 -10.44
N PHE A 77 -4.82 -4.99 -11.04
CA PHE A 77 -3.91 -6.06 -11.39
C PHE A 77 -2.85 -5.57 -12.38
N GLN A 78 -3.20 -4.53 -13.13
CA GLN A 78 -2.27 -3.97 -14.11
C GLN A 78 -1.21 -3.13 -13.41
N TYR A 79 -1.67 -2.16 -12.63
CA TYR A 79 -0.76 -1.29 -11.89
C TYR A 79 0.03 -2.11 -10.87
N MET A 80 -0.53 -3.24 -10.47
CA MET A 80 0.11 -4.11 -9.49
C MET A 80 1.16 -4.98 -10.18
N MET A 81 0.76 -5.62 -11.27
CA MET A 81 1.67 -6.50 -12.01
C MET A 81 2.78 -5.69 -12.67
N GLU A 82 2.51 -4.42 -12.95
CA GLU A 82 3.50 -3.57 -13.59
C GLU A 82 4.73 -3.42 -12.71
N SER A 83 4.52 -3.01 -11.46
CA SER A 83 5.63 -2.84 -10.53
C SER A 83 5.22 -2.09 -9.26
N HIS A 84 3.93 -1.77 -9.11
CA HIS A 84 3.46 -1.06 -7.93
C HIS A 84 3.05 -2.04 -6.83
N GLY A 85 3.73 -1.98 -5.70
CA GLY A 85 3.42 -2.87 -4.57
C GLY A 85 3.47 -4.32 -5.01
N ASP A 86 4.13 -5.17 -4.21
CA ASP A 86 4.25 -6.58 -4.54
C ASP A 86 3.55 -7.45 -3.50
N TRP A 87 2.23 -7.29 -3.36
CA TRP A 87 1.49 -8.08 -2.40
C TRP A 87 0.01 -8.17 -2.76
N LEU A 88 -0.83 -7.50 -1.99
CA LEU A 88 -2.27 -7.56 -2.22
C LEU A 88 -2.91 -6.18 -2.27
N ALA A 89 -4.21 -6.19 -2.56
CA ALA A 89 -5.00 -4.97 -2.64
C ALA A 89 -6.37 -5.18 -2.01
N ILE A 90 -6.71 -4.36 -1.03
CA ILE A 90 -8.00 -4.48 -0.36
C ILE A 90 -9.13 -4.12 -1.33
N PRO A 91 -9.95 -5.07 -1.67
CA PRO A 91 -11.07 -4.82 -2.59
C PRO A 91 -11.87 -3.58 -2.18
N TYR A 92 -11.75 -2.52 -2.97
CA TYR A 92 -12.45 -1.28 -2.67
C TYR A 92 -13.75 -1.56 -1.93
N ARG A 93 -14.29 -2.75 -2.14
CA ARG A 93 -15.53 -3.14 -1.49
C ARG A 93 -15.24 -3.77 -0.13
N SER A 94 -14.07 -3.44 0.42
CA SER A 94 -13.65 -3.95 1.71
C SER A 94 -13.75 -2.87 2.77
N GLY A 95 -14.97 -2.39 3.03
CA GLY A 95 -15.19 -1.35 4.02
C GLY A 95 -13.93 -1.07 4.84
N PRO A 96 -13.46 -2.04 5.58
CA PRO A 96 -12.23 -1.90 6.41
C PRO A 96 -11.16 -1.05 5.73
N ALA A 97 -11.25 -0.93 4.41
CA ALA A 97 -10.29 -0.13 3.64
C ALA A 97 -10.65 1.34 3.73
N SER A 98 -11.92 1.65 3.50
CA SER A 98 -12.38 3.04 3.56
C SER A 98 -12.30 3.51 5.01
N ASN A 99 -13.09 2.89 5.87
CA ASN A 99 -13.10 3.25 7.28
C ASN A 99 -11.66 3.41 7.76
N VAL A 100 -10.76 2.63 7.17
CA VAL A 100 -9.35 2.69 7.53
C VAL A 100 -8.80 4.07 7.17
N THR A 101 -9.08 4.52 5.97
CA THR A 101 -8.63 5.83 5.50
C THR A 101 -9.31 6.93 6.29
N ALA A 102 -10.62 6.80 6.38
CA ALA A 102 -11.43 7.77 7.08
C ALA A 102 -11.18 7.68 8.59
N LYS A 103 -10.67 6.55 9.04
CA LYS A 103 -10.37 6.36 10.45
C LYS A 103 -9.06 7.06 10.80
N TYR A 104 -8.12 7.07 9.87
CA TYR A 104 -6.83 7.72 10.10
C TYR A 104 -6.97 9.23 9.95
N GLY A 105 -8.04 9.67 9.29
CA GLY A 105 -8.27 11.08 9.08
C GLY A 105 -7.41 11.64 7.95
N ILE A 106 -7.21 10.81 6.92
CA ILE A 106 -6.40 11.22 5.78
C ILE A 106 -7.03 12.42 5.08
N THR A 107 -7.60 12.18 3.90
CA THR A 107 -8.23 13.25 3.14
C THR A 107 -7.18 14.18 2.56
N GLY A 108 -5.91 13.83 2.76
CA GLY A 108 -4.81 14.65 2.24
C GLY A 108 -4.27 14.06 0.95
N ILE A 109 -5.04 13.16 0.35
CA ILE A 109 -4.64 12.53 -0.90
C ILE A 109 -4.24 13.59 -1.93
N PRO A 110 -3.21 13.34 -2.69
CA PRO A 110 -2.41 12.08 -2.61
C PRO A 110 -1.54 12.04 -1.36
N ALA A 111 -1.47 10.88 -0.73
CA ALA A 111 -0.67 10.72 0.49
C ALA A 111 -0.33 9.25 0.72
N LEU A 112 0.84 9.02 1.31
CA LEU A 112 1.28 7.65 1.59
C LEU A 112 1.32 7.42 3.09
N VAL A 113 0.54 6.44 3.57
CA VAL A 113 0.50 6.14 5.00
C VAL A 113 1.27 4.85 5.30
N ILE A 114 2.24 4.96 6.21
CA ILE A 114 3.05 3.81 6.58
C ILE A 114 2.81 3.42 8.04
N VAL A 115 2.57 2.13 8.26
CA VAL A 115 2.32 1.63 9.61
C VAL A 115 2.95 0.26 9.80
N LYS A 116 3.40 -0.02 11.02
CA LYS A 116 4.03 -1.29 11.33
C LYS A 116 3.00 -2.42 11.29
N LYS A 117 3.47 -3.65 11.41
CA LYS A 117 2.60 -4.81 11.38
C LYS A 117 1.59 -4.75 12.53
N ASP A 118 2.09 -4.52 13.73
CA ASP A 118 1.22 -4.44 14.91
C ASP A 118 0.35 -3.19 14.84
N GLY A 119 0.57 -2.38 13.80
CA GLY A 119 -0.20 -1.16 13.63
C GLY A 119 0.53 0.03 14.25
N THR A 120 1.82 -0.18 14.51
CA THR A 120 2.64 0.88 15.11
C THR A 120 2.92 1.98 14.09
N LEU A 121 2.39 3.17 14.37
CA LEU A 121 2.59 4.31 13.48
C LEU A 121 4.07 4.64 13.38
N ILE A 122 4.50 5.01 12.17
CA ILE A 122 5.89 5.35 11.93
C ILE A 122 6.00 6.67 11.20
N SER A 123 5.49 6.68 9.97
CA SER A 123 5.51 7.88 9.15
C SER A 123 4.34 7.89 8.19
N MET A 124 3.47 8.89 8.32
CA MET A 124 2.30 8.98 7.47
C MET A 124 2.68 9.57 6.11
N ASN A 125 2.34 10.84 5.90
CA ASN A 125 2.65 11.50 4.64
C ASN A 125 4.15 11.49 4.39
N GLY A 126 4.78 10.34 4.62
CA GLY A 126 6.21 10.21 4.41
C GLY A 126 6.52 10.09 2.93
N ARG A 127 5.56 10.47 2.08
CA ARG A 127 5.75 10.38 0.65
C ARG A 127 7.13 10.90 0.26
N GLY A 128 7.26 12.21 0.09
CA GLY A 128 8.54 12.79 -0.28
C GLY A 128 9.67 12.15 0.52
N GLU A 129 9.39 11.80 1.76
CA GLU A 129 10.39 11.18 2.61
C GLU A 129 10.92 9.92 1.93
N VAL A 130 10.03 9.04 1.52
CA VAL A 130 10.45 7.81 0.86
C VAL A 130 11.04 8.15 -0.50
N GLN A 131 10.32 8.98 -1.26
CA GLN A 131 10.79 9.38 -2.57
C GLN A 131 12.03 10.26 -2.45
N SER A 132 12.29 10.74 -1.24
CA SER A 132 13.46 11.57 -0.99
C SER A 132 14.69 10.72 -0.73
N LEU A 133 14.56 9.77 0.19
CA LEU A 133 15.67 8.89 0.53
C LEU A 133 15.56 7.58 -0.25
N GLY A 134 14.50 7.43 -1.02
CA GLY A 134 14.31 6.20 -1.80
C GLY A 134 14.36 4.98 -0.88
N PRO A 135 14.86 3.89 -1.38
CA PRO A 135 14.97 2.62 -0.60
C PRO A 135 15.66 2.83 0.76
N ARG A 136 16.51 3.85 0.84
CA ARG A 136 17.22 4.15 2.08
C ARG A 136 16.24 4.69 3.10
N ALA A 137 15.05 5.06 2.63
CA ALA A 137 14.02 5.58 3.51
C ALA A 137 13.52 4.49 4.45
N PHE A 138 13.64 3.23 4.00
CA PHE A 138 13.20 2.11 4.82
C PHE A 138 13.51 2.37 6.28
N GLN A 139 14.44 3.28 6.53
CA GLN A 139 14.82 3.63 7.89
C GLN A 139 13.72 4.43 8.55
N ASN A 140 13.32 5.52 7.91
CA ASN A 140 12.25 6.36 8.43
C ASN A 140 10.92 5.64 8.35
N TRP A 141 10.80 4.77 7.34
CA TRP A 141 9.58 3.99 7.16
C TRP A 141 9.57 2.81 8.12
N ALA A 142 10.74 2.47 8.66
CA ALA A 142 10.85 1.35 9.58
C ALA A 142 11.54 1.78 10.86
N ARG A 143 11.77 3.08 10.97
CA ARG A 143 12.43 3.64 12.15
C ARG A 143 13.56 2.73 12.62
N MET A 1 -11.31 -9.85 14.45
CA MET A 1 -12.74 -9.46 14.35
C MET A 1 -12.84 -7.99 13.97
N GLU A 2 -12.15 -7.14 14.72
CA GLU A 2 -12.16 -5.71 14.44
C GLU A 2 -11.35 -5.38 13.20
N PHE A 3 -11.05 -4.11 13.00
CA PHE A 3 -10.28 -3.68 11.84
C PHE A 3 -10.58 -4.57 10.64
N ILE A 4 -9.58 -4.76 9.79
CA ILE A 4 -9.76 -5.60 8.60
C ILE A 4 -10.06 -7.04 8.99
N GLN A 5 -9.42 -7.50 10.06
CA GLN A 5 -9.64 -8.87 10.52
C GLN A 5 -11.09 -9.28 10.28
N GLY A 6 -11.28 -10.24 9.39
CA GLY A 6 -12.63 -10.72 9.07
C GLY A 6 -12.90 -10.64 7.57
N ILE A 7 -12.09 -9.85 6.88
CA ILE A 7 -12.24 -9.70 5.45
C ILE A 7 -11.09 -10.38 4.70
N LYS A 8 -11.18 -10.40 3.38
CA LYS A 8 -10.14 -11.02 2.56
C LYS A 8 -9.64 -10.05 1.50
N LEU A 9 -8.38 -10.22 1.11
CA LEU A 9 -7.79 -9.35 0.11
C LEU A 9 -7.83 -10.02 -1.26
N VAL A 10 -7.53 -9.26 -2.31
CA VAL A 10 -7.55 -9.82 -3.66
C VAL A 10 -6.16 -9.75 -4.29
N LYS A 11 -5.66 -10.89 -4.73
CA LYS A 11 -4.35 -10.95 -5.36
C LYS A 11 -4.46 -10.63 -6.84
N LYS A 12 -3.45 -9.93 -7.37
CA LYS A 12 -3.44 -9.56 -8.78
C LYS A 12 -3.92 -10.72 -9.65
N ASN A 13 -3.64 -11.94 -9.21
CA ASN A 13 -4.06 -13.13 -9.95
C ASN A 13 -5.58 -13.26 -9.89
N ARG A 14 -6.25 -12.16 -9.58
CA ARG A 14 -7.71 -12.17 -9.49
C ARG A 14 -8.17 -13.14 -8.42
N CYS A 15 -7.26 -13.47 -7.50
CA CYS A 15 -7.58 -14.41 -6.42
C CYS A 15 -7.93 -13.66 -5.14
N GLU A 16 -8.40 -14.41 -4.14
CA GLU A 16 -8.76 -13.81 -2.86
C GLU A 16 -8.18 -14.62 -1.72
N VAL A 17 -7.58 -13.93 -0.74
CA VAL A 17 -6.98 -14.60 0.41
C VAL A 17 -7.11 -13.75 1.67
N ASN A 18 -7.54 -14.39 2.76
CA ASN A 18 -7.71 -13.69 4.03
C ASN A 18 -6.61 -12.64 4.23
N ALA A 19 -7.02 -11.39 4.39
CA ALA A 19 -6.07 -10.31 4.59
C ALA A 19 -5.10 -10.63 5.73
N ASN A 20 -5.52 -11.50 6.63
CA ASN A 20 -4.69 -11.88 7.77
C ASN A 20 -3.31 -12.33 7.29
N GLU A 21 -3.30 -13.36 6.46
CA GLU A 21 -2.04 -13.89 5.95
C GLU A 21 -1.64 -13.15 4.67
N ALA A 22 -2.62 -12.60 3.98
CA ALA A 22 -2.37 -11.87 2.75
C ALA A 22 -1.60 -10.57 3.03
N LEU A 23 -1.45 -10.25 4.32
CA LEU A 23 -0.74 -9.04 4.71
C LEU A 23 0.73 -9.35 4.98
N LYS A 24 1.05 -10.62 5.12
CA LYS A 24 2.42 -11.04 5.38
C LYS A 24 3.21 -9.92 6.07
N ASP A 25 3.75 -9.01 5.28
CA ASP A 25 4.53 -7.90 5.83
C ASP A 25 5.43 -8.38 6.96
N LYS A 26 6.68 -8.70 6.60
CA LYS A 26 7.64 -9.18 7.59
C LYS A 26 7.39 -8.49 8.93
N ASP A 27 6.78 -7.30 8.86
CA ASP A 27 6.49 -6.55 10.08
C ASP A 27 6.26 -5.07 9.78
N ILE A 28 6.05 -4.72 8.51
CA ILE A 28 5.81 -3.33 8.14
C ILE A 28 4.76 -3.26 7.03
N ILE A 29 3.95 -2.20 7.03
CA ILE A 29 2.92 -2.04 6.02
C ILE A 29 2.87 -0.60 5.52
N GLY A 30 2.43 -0.44 4.27
CA GLY A 30 2.33 0.90 3.67
C GLY A 30 1.07 1.03 2.82
N PHE A 31 0.14 1.87 3.28
CA PHE A 31 -1.11 2.07 2.55
C PHE A 31 -0.95 3.17 1.50
N TYR A 32 -1.30 2.85 0.26
CA TYR A 32 -1.20 3.83 -0.83
C TYR A 32 -2.56 4.45 -1.12
N PHE A 33 -2.63 5.77 -1.07
CA PHE A 33 -3.89 6.47 -1.33
C PHE A 33 -3.76 7.35 -2.56
N SER A 34 -4.41 6.95 -3.64
CA SER A 34 -4.37 7.73 -4.89
C SER A 34 -4.64 6.82 -6.09
N ALA A 35 -5.91 6.64 -6.42
CA ALA A 35 -6.28 5.82 -7.56
C ALA A 35 -5.69 6.39 -8.85
N HIS A 36 -4.37 6.33 -8.95
CA HIS A 36 -3.67 6.86 -10.12
C HIS A 36 -3.78 5.91 -11.31
N TRP A 37 -4.80 5.07 -11.32
CA TRP A 37 -4.97 4.14 -12.43
C TRP A 37 -5.83 4.75 -13.52
N CYS A 38 -6.91 5.43 -13.13
CA CYS A 38 -7.79 6.06 -14.10
C CYS A 38 -7.19 7.38 -14.58
N PRO A 39 -6.80 8.23 -13.67
CA PRO A 39 -6.19 9.55 -13.98
C PRO A 39 -4.69 9.43 -14.27
N PRO A 40 -4.12 10.45 -14.86
CA PRO A 40 -2.67 10.46 -15.21
C PRO A 40 -1.78 10.51 -13.97
N CYS A 41 -1.50 11.73 -13.48
CA CYS A 41 -0.67 11.89 -12.30
C CYS A 41 0.55 10.97 -12.36
N ARG A 42 1.11 10.82 -13.56
CA ARG A 42 2.27 9.97 -13.74
C ARG A 42 3.55 10.70 -13.35
N GLY A 43 4.54 9.93 -12.88
CA GLY A 43 5.81 10.52 -12.46
C GLY A 43 6.14 10.16 -11.02
N PHE A 44 5.12 10.08 -10.18
CA PHE A 44 5.32 9.74 -8.78
C PHE A 44 5.34 8.23 -8.59
N THR A 45 4.31 7.56 -9.10
CA THR A 45 4.22 6.11 -8.99
C THR A 45 5.56 5.45 -9.29
N PRO A 46 6.08 5.67 -10.47
CA PRO A 46 7.38 5.07 -10.89
C PRO A 46 8.47 5.25 -9.84
N ILE A 47 8.20 6.11 -8.85
CA ILE A 47 9.17 6.37 -7.79
C ILE A 47 9.02 5.32 -6.70
N LEU A 48 7.79 5.12 -6.24
CA LEU A 48 7.54 4.13 -5.20
C LEU A 48 7.76 2.73 -5.76
N ALA A 49 7.51 2.57 -7.06
CA ALA A 49 7.70 1.27 -7.69
C ALA A 49 9.19 0.91 -7.74
N ASP A 50 10.02 1.93 -7.85
CA ASP A 50 11.46 1.70 -7.89
C ASP A 50 11.95 1.45 -6.47
N MET A 51 11.25 2.04 -5.50
CA MET A 51 11.60 1.87 -4.11
C MET A 51 11.21 0.48 -3.61
N TYR A 52 9.94 0.14 -3.79
CA TYR A 52 9.46 -1.17 -3.37
C TYR A 52 10.14 -2.25 -4.19
N SER A 53 10.57 -1.89 -5.40
CA SER A 53 11.25 -2.84 -6.27
C SER A 53 12.58 -3.23 -5.65
N GLU A 54 13.34 -2.23 -5.21
CA GLU A 54 14.62 -2.50 -4.59
C GLU A 54 14.40 -3.27 -3.30
N LEU A 55 13.61 -2.70 -2.41
CA LEU A 55 13.29 -3.35 -1.14
C LEU A 55 12.77 -4.76 -1.41
N VAL A 56 11.93 -4.89 -2.44
CA VAL A 56 11.38 -6.20 -2.79
C VAL A 56 12.51 -7.19 -3.02
N ASP A 57 13.46 -6.78 -3.84
CA ASP A 57 14.61 -7.63 -4.11
C ASP A 57 15.21 -8.08 -2.79
N ASP A 58 15.14 -7.19 -1.80
CA ASP A 58 15.66 -7.49 -0.48
C ASP A 58 14.57 -8.09 0.39
N SER A 59 13.56 -8.64 -0.26
CA SER A 59 12.44 -9.25 0.46
C SER A 59 11.62 -8.14 1.12
N ALA A 60 11.73 -6.96 0.55
CA ALA A 60 11.02 -5.79 1.06
C ALA A 60 10.31 -6.09 2.38
N PRO A 61 10.96 -5.83 3.47
CA PRO A 61 10.40 -6.06 4.83
C PRO A 61 9.16 -5.22 5.09
N PHE A 62 8.27 -5.15 4.11
CA PHE A 62 7.03 -4.39 4.25
C PHE A 62 6.11 -4.62 3.06
N GLU A 63 4.81 -4.60 3.32
CA GLU A 63 3.82 -4.82 2.27
C GLU A 63 3.09 -3.53 1.91
N ILE A 64 2.70 -3.40 0.65
CA ILE A 64 1.98 -2.22 0.19
C ILE A 64 0.51 -2.55 0.00
N ILE A 65 -0.35 -1.69 0.53
CA ILE A 65 -1.79 -1.88 0.41
C ILE A 65 -2.32 -1.09 -0.78
N PHE A 66 -3.23 -1.68 -1.55
CA PHE A 66 -3.78 -1.01 -2.70
C PHE A 66 -5.17 -0.45 -2.40
N VAL A 67 -5.23 0.87 -2.24
CA VAL A 67 -6.51 1.54 -1.95
C VAL A 67 -6.79 2.58 -3.02
N SER A 68 -7.55 3.61 -2.66
CA SER A 68 -7.88 4.66 -3.61
C SER A 68 -8.87 4.15 -4.65
N SER A 69 -9.70 5.06 -5.16
CA SER A 69 -10.70 4.70 -6.17
C SER A 69 -10.11 3.75 -7.22
N ASP A 70 -9.80 2.53 -6.79
CA ASP A 70 -9.23 1.52 -7.69
C ASP A 70 -10.30 0.54 -8.10
N ARG A 71 -11.56 0.87 -7.79
CA ARG A 71 -12.68 0.00 -8.11
C ARG A 71 -12.43 -0.77 -9.41
N SER A 72 -11.38 -0.42 -10.13
CA SER A 72 -11.06 -1.11 -11.37
C SER A 72 -10.23 -2.34 -11.06
N GLU A 73 -10.81 -3.52 -11.27
CA GLU A 73 -10.10 -4.76 -11.01
C GLU A 73 -8.98 -4.94 -12.02
N ASP A 74 -9.20 -4.43 -13.23
CA ASP A 74 -8.20 -4.54 -14.27
C ASP A 74 -7.13 -3.49 -14.09
N ASP A 75 -7.53 -2.27 -13.76
CA ASP A 75 -6.57 -1.20 -13.54
C ASP A 75 -5.91 -1.37 -12.19
N MET A 76 -6.53 -2.18 -11.33
CA MET A 76 -5.99 -2.45 -10.01
C MET A 76 -4.83 -3.43 -10.10
N PHE A 77 -5.06 -4.54 -10.81
CA PHE A 77 -4.02 -5.55 -10.97
C PHE A 77 -2.96 -5.07 -11.96
N GLN A 78 -3.36 -4.18 -12.86
CA GLN A 78 -2.44 -3.65 -13.87
C GLN A 78 -1.47 -2.66 -13.23
N TYR A 79 -2.00 -1.80 -12.37
CA TYR A 79 -1.17 -0.83 -11.69
C TYR A 79 -0.27 -1.52 -10.68
N MET A 80 -0.79 -2.59 -10.07
CA MET A 80 -0.02 -3.34 -9.09
C MET A 80 1.11 -4.10 -9.78
N MET A 81 0.80 -4.74 -10.90
CA MET A 81 1.80 -5.49 -11.65
C MET A 81 2.77 -4.54 -12.34
N GLU A 82 2.30 -3.36 -12.69
CA GLU A 82 3.14 -2.38 -13.36
C GLU A 82 4.43 -2.16 -12.58
N SER A 83 4.37 -2.41 -11.28
CA SER A 83 5.54 -2.25 -10.41
C SER A 83 5.14 -1.58 -9.09
N HIS A 84 3.86 -1.31 -8.91
CA HIS A 84 3.37 -0.68 -7.70
C HIS A 84 2.95 -1.72 -6.66
N GLY A 85 3.69 -1.77 -5.55
CA GLY A 85 3.38 -2.72 -4.48
C GLY A 85 3.46 -4.15 -4.98
N ASP A 86 4.09 -5.02 -4.20
CA ASP A 86 4.23 -6.42 -4.58
C ASP A 86 3.55 -7.34 -3.56
N TRP A 87 2.23 -7.26 -3.44
CA TRP A 87 1.51 -8.10 -2.49
C TRP A 87 0.04 -8.26 -2.88
N LEU A 88 -0.84 -7.61 -2.13
CA LEU A 88 -2.27 -7.72 -2.38
C LEU A 88 -2.96 -6.36 -2.40
N ALA A 89 -4.25 -6.38 -2.70
CA ALA A 89 -5.05 -5.17 -2.77
C ALA A 89 -6.40 -5.36 -2.09
N ILE A 90 -6.69 -4.50 -1.10
CA ILE A 90 -7.95 -4.59 -0.39
C ILE A 90 -9.10 -4.23 -1.32
N PRO A 91 -9.96 -5.18 -1.60
CA PRO A 91 -11.12 -4.92 -2.50
C PRO A 91 -11.86 -3.64 -2.10
N TYR A 92 -11.72 -2.60 -2.92
CA TYR A 92 -12.37 -1.34 -2.64
C TYR A 92 -13.68 -1.56 -1.90
N ARG A 93 -14.25 -2.73 -2.07
CA ARG A 93 -15.51 -3.07 -1.41
C ARG A 93 -15.24 -3.65 -0.02
N SER A 94 -14.07 -3.34 0.52
CA SER A 94 -13.69 -3.84 1.84
C SER A 94 -13.74 -2.71 2.87
N GLY A 95 -14.94 -2.17 3.08
CA GLY A 95 -15.13 -1.08 4.03
C GLY A 95 -13.87 -0.84 4.87
N PRO A 96 -13.46 -1.80 5.65
CA PRO A 96 -12.26 -1.68 6.52
C PRO A 96 -11.12 -0.92 5.84
N ALA A 97 -11.15 -0.88 4.50
CA ALA A 97 -10.12 -0.18 3.75
C ALA A 97 -10.42 1.32 3.74
N SER A 98 -11.67 1.66 3.43
CA SER A 98 -12.08 3.05 3.41
C SER A 98 -12.05 3.60 4.82
N ASN A 99 -12.90 3.04 5.68
CA ASN A 99 -12.95 3.47 7.07
C ASN A 99 -11.54 3.61 7.61
N VAL A 100 -10.64 2.77 7.10
CA VAL A 100 -9.25 2.80 7.53
C VAL A 100 -8.64 4.16 7.19
N THR A 101 -8.79 4.56 5.92
CA THR A 101 -8.28 5.85 5.46
C THR A 101 -9.00 6.97 6.17
N ALA A 102 -10.32 6.87 6.17
CA ALA A 102 -11.17 7.87 6.80
C ALA A 102 -11.00 7.81 8.31
N LYS A 103 -10.52 6.66 8.79
CA LYS A 103 -10.30 6.48 10.22
C LYS A 103 -9.08 7.29 10.67
N TYR A 104 -8.05 7.31 9.83
CA TYR A 104 -6.84 8.05 10.15
C TYR A 104 -7.04 9.55 9.88
N GLY A 105 -8.09 9.87 9.12
CA GLY A 105 -8.39 11.26 8.81
C GLY A 105 -7.57 11.72 7.60
N ILE A 106 -7.19 10.79 6.74
CA ILE A 106 -6.41 11.11 5.56
C ILE A 106 -7.26 11.81 4.52
N THR A 107 -6.71 12.87 3.94
CA THR A 107 -7.43 13.63 2.93
C THR A 107 -6.46 14.49 2.12
N GLY A 108 -5.19 14.13 2.16
CA GLY A 108 -4.16 14.88 1.43
C GLY A 108 -3.74 14.13 0.18
N ILE A 109 -4.52 13.13 -0.21
CA ILE A 109 -4.22 12.34 -1.39
C ILE A 109 -3.74 13.24 -2.52
N PRO A 110 -2.71 12.85 -3.22
CA PRO A 110 -1.98 11.56 -2.98
C PRO A 110 -1.20 11.57 -1.67
N ALA A 111 -1.22 10.44 -0.97
CA ALA A 111 -0.50 10.32 0.30
C ALA A 111 -0.16 8.86 0.58
N LEU A 112 0.98 8.66 1.22
CA LEU A 112 1.43 7.30 1.55
C LEU A 112 1.52 7.13 3.06
N VAL A 113 0.76 6.17 3.58
CA VAL A 113 0.77 5.92 5.02
C VAL A 113 1.57 4.65 5.35
N ILE A 114 2.46 4.78 6.33
CA ILE A 114 3.29 3.65 6.73
C ILE A 114 3.05 3.29 8.19
N VAL A 115 2.71 2.02 8.43
CA VAL A 115 2.46 1.55 9.79
C VAL A 115 3.06 0.17 10.00
N LYS A 116 3.44 -0.13 11.23
CA LYS A 116 4.02 -1.41 11.56
C LYS A 116 2.96 -2.51 11.57
N LYS A 117 3.36 -3.73 11.24
CA LYS A 117 2.45 -4.85 11.21
C LYS A 117 1.53 -4.84 12.44
N ASP A 118 2.14 -4.71 13.61
CA ASP A 118 1.37 -4.68 14.85
C ASP A 118 0.40 -3.51 14.85
N GLY A 119 0.62 -2.57 13.94
CA GLY A 119 -0.24 -1.40 13.85
C GLY A 119 0.43 -0.19 14.48
N THR A 120 1.75 -0.27 14.62
CA THR A 120 2.52 0.83 15.21
C THR A 120 2.81 1.91 14.17
N LEU A 121 2.59 3.16 14.55
CA LEU A 121 2.85 4.27 13.65
C LEU A 121 4.34 4.54 13.54
N ILE A 122 4.78 4.88 12.34
CA ILE A 122 6.19 5.15 12.09
C ILE A 122 6.35 6.46 11.34
N SER A 123 5.85 6.46 10.11
CA SER A 123 5.93 7.64 9.26
C SER A 123 4.66 7.78 8.41
N MET A 124 3.93 8.87 8.61
CA MET A 124 2.70 9.10 7.85
C MET A 124 3.04 9.61 6.45
N ASN A 125 3.44 10.87 6.37
CA ASN A 125 3.79 11.45 5.08
C ASN A 125 5.04 10.78 4.53
N GLY A 126 5.09 9.46 4.69
CA GLY A 126 6.23 8.69 4.22
C GLY A 126 6.57 9.03 2.78
N ARG A 127 5.67 9.73 2.10
CA ARG A 127 5.91 10.08 0.71
C ARG A 127 7.25 10.78 0.54
N GLY A 128 7.26 12.10 0.64
CA GLY A 128 8.51 12.85 0.48
C GLY A 128 9.65 12.15 1.21
N GLU A 129 9.31 11.37 2.24
CA GLU A 129 10.33 10.66 2.99
C GLU A 129 11.01 9.62 2.11
N VAL A 130 10.21 8.74 1.52
CA VAL A 130 10.77 7.71 0.66
C VAL A 130 11.31 8.35 -0.61
N GLN A 131 10.56 9.30 -1.15
CA GLN A 131 10.98 9.99 -2.36
C GLN A 131 12.22 10.83 -2.10
N SER A 132 12.40 11.27 -0.86
CA SER A 132 13.56 12.08 -0.51
C SER A 132 14.77 11.19 -0.26
N LEU A 133 14.58 10.13 0.50
CA LEU A 133 15.66 9.21 0.82
C LEU A 133 15.65 7.99 -0.09
N GLY A 134 14.63 7.88 -0.94
CA GLY A 134 14.53 6.74 -1.84
C GLY A 134 14.49 5.43 -1.06
N PRO A 135 15.03 4.39 -1.63
CA PRO A 135 15.06 3.04 -0.98
C PRO A 135 15.81 3.04 0.35
N ARG A 136 16.54 4.13 0.62
CA ARG A 136 17.29 4.23 1.86
C ARG A 136 16.36 4.66 2.99
N ALA A 137 15.18 5.15 2.62
CA ALA A 137 14.21 5.59 3.61
C ALA A 137 13.80 4.43 4.51
N PHE A 138 14.05 3.21 4.05
CA PHE A 138 13.71 2.03 4.82
C PHE A 138 13.95 2.29 6.30
N GLN A 139 14.82 3.25 6.59
CA GLN A 139 15.13 3.60 7.96
C GLN A 139 13.94 4.29 8.63
N ASN A 140 13.51 5.39 8.03
CA ASN A 140 12.38 6.14 8.56
C ASN A 140 11.11 5.31 8.50
N TRP A 141 10.98 4.53 7.43
CA TRP A 141 9.81 3.67 7.26
C TRP A 141 9.88 2.49 8.22
N ALA A 142 11.09 2.17 8.68
CA ALA A 142 11.29 1.05 9.60
C ALA A 142 11.92 1.51 10.90
N ARG A 143 12.04 2.83 11.02
CA ARG A 143 12.63 3.43 12.22
C ARG A 143 12.41 2.53 13.43
N MET A 1 -15.19 -5.37 10.54
CA MET A 1 -14.94 -5.23 12.00
C MET A 1 -13.68 -4.40 12.22
N GLU A 2 -13.85 -3.08 12.30
CA GLU A 2 -12.71 -2.19 12.50
C GLU A 2 -11.44 -2.80 11.93
N PHE A 3 -10.70 -3.52 12.76
CA PHE A 3 -9.46 -4.15 12.31
C PHE A 3 -9.67 -4.87 10.99
N ILE A 4 -8.85 -4.51 10.00
CA ILE A 4 -8.96 -5.13 8.67
C ILE A 4 -8.73 -6.64 8.77
N GLN A 5 -7.55 -7.01 9.25
CA GLN A 5 -7.20 -8.42 9.39
C GLN A 5 -8.43 -9.25 9.73
N GLY A 6 -8.76 -10.22 8.88
CA GLY A 6 -9.91 -11.07 9.11
C GLY A 6 -10.87 -11.02 7.92
N ILE A 7 -10.55 -10.18 6.95
CA ILE A 7 -11.37 -10.04 5.77
C ILE A 7 -10.68 -10.66 4.55
N LYS A 8 -11.33 -10.55 3.40
CA LYS A 8 -10.76 -11.11 2.16
C LYS A 8 -9.86 -10.09 1.50
N LEU A 9 -9.09 -10.52 0.50
CA LEU A 9 -8.19 -9.63 -0.22
C LEU A 9 -7.90 -10.19 -1.61
N VAL A 10 -7.47 -9.34 -2.53
CA VAL A 10 -7.18 -9.78 -3.89
C VAL A 10 -5.73 -9.50 -4.27
N LYS A 11 -4.97 -10.56 -4.50
CA LYS A 11 -3.57 -10.43 -4.89
C LYS A 11 -3.47 -9.93 -6.34
N LYS A 12 -2.52 -9.04 -6.58
CA LYS A 12 -2.32 -8.49 -7.92
C LYS A 12 -2.42 -9.59 -8.97
N ASN A 13 -1.97 -10.79 -8.61
CA ASN A 13 -2.03 -11.92 -9.53
C ASN A 13 -3.49 -12.34 -9.76
N ARG A 14 -4.41 -11.43 -9.46
CA ARG A 14 -5.82 -11.71 -9.62
C ARG A 14 -6.27 -12.82 -8.67
N CYS A 15 -5.46 -13.08 -7.66
CA CYS A 15 -5.76 -14.12 -6.68
C CYS A 15 -6.49 -13.53 -5.48
N GLU A 16 -6.99 -14.42 -4.61
CA GLU A 16 -7.71 -13.99 -3.43
C GLU A 16 -7.09 -14.59 -2.17
N VAL A 17 -7.10 -13.82 -1.08
CA VAL A 17 -6.53 -14.28 0.18
C VAL A 17 -7.17 -13.54 1.36
N ASN A 18 -6.85 -13.99 2.57
CA ASN A 18 -7.39 -13.37 3.76
C ASN A 18 -6.41 -12.35 4.32
N ALA A 19 -6.80 -11.08 4.26
CA ALA A 19 -5.94 -10.00 4.76
C ALA A 19 -5.16 -10.44 5.98
N ASN A 20 -5.69 -11.43 6.70
CA ASN A 20 -5.03 -11.94 7.89
C ASN A 20 -3.61 -12.37 7.57
N GLU A 21 -3.47 -13.30 6.63
CA GLU A 21 -2.16 -13.80 6.23
C GLU A 21 -1.68 -13.07 4.98
N ALA A 22 -2.62 -12.59 4.19
CA ALA A 22 -2.29 -11.88 2.96
C ALA A 22 -1.38 -10.69 3.24
N LEU A 23 -1.78 -9.88 4.21
CA LEU A 23 -1.00 -8.70 4.57
C LEU A 23 0.30 -9.11 5.26
N LYS A 24 0.70 -10.36 5.05
CA LYS A 24 1.93 -10.88 5.65
C LYS A 24 2.63 -9.80 6.46
N ASP A 25 3.49 -9.02 5.80
CA ASP A 25 4.21 -7.95 6.48
C ASP A 25 4.97 -8.48 7.70
N LYS A 26 4.24 -9.00 8.68
CA LYS A 26 4.88 -9.52 9.88
C LYS A 26 5.97 -8.56 10.33
N ASP A 27 5.99 -7.37 9.73
CA ASP A 27 6.99 -6.37 10.06
C ASP A 27 6.42 -4.97 9.90
N ILE A 28 6.26 -4.53 8.66
CA ILE A 28 5.74 -3.19 8.39
C ILE A 28 4.70 -3.22 7.27
N ILE A 29 3.82 -2.21 7.27
CA ILE A 29 2.79 -2.12 6.23
C ILE A 29 2.62 -0.66 5.81
N GLY A 30 2.42 -0.44 4.51
CA GLY A 30 2.25 0.92 4.00
C GLY A 30 0.96 1.05 3.21
N PHE A 31 0.09 1.94 3.68
CA PHE A 31 -1.18 2.18 3.01
C PHE A 31 -1.04 3.26 1.95
N TYR A 32 -1.37 2.92 0.70
CA TYR A 32 -1.25 3.88 -0.40
C TYR A 32 -2.63 4.37 -0.82
N PHE A 33 -2.81 5.69 -0.86
CA PHE A 33 -4.08 6.27 -1.26
C PHE A 33 -3.90 7.15 -2.51
N SER A 34 -4.57 6.76 -3.59
CA SER A 34 -4.47 7.51 -4.84
C SER A 34 -4.81 6.61 -6.03
N ALA A 35 -6.10 6.40 -6.26
CA ALA A 35 -6.53 5.56 -7.37
C ALA A 35 -5.50 5.58 -8.49
N HIS A 36 -4.86 6.72 -8.67
CA HIS A 36 -3.84 6.85 -9.70
C HIS A 36 -4.45 6.67 -11.09
N TRP A 37 -5.57 5.95 -11.17
CA TRP A 37 -6.21 5.72 -12.45
C TRP A 37 -7.29 6.77 -12.73
N CYS A 38 -8.14 7.01 -11.74
CA CYS A 38 -9.20 8.01 -11.90
C CYS A 38 -8.63 9.41 -11.70
N PRO A 39 -7.94 9.64 -10.61
CA PRO A 39 -7.34 10.96 -10.29
C PRO A 39 -5.94 11.10 -10.88
N PRO A 40 -5.59 12.29 -11.32
CA PRO A 40 -4.25 12.57 -11.91
C PRO A 40 -3.17 12.68 -10.85
N CYS A 41 -1.96 12.24 -11.19
CA CYS A 41 -0.84 12.30 -10.26
C CYS A 41 0.26 11.31 -10.66
N ARG A 42 0.20 10.85 -11.90
CA ARG A 42 1.19 9.90 -12.41
C ARG A 42 2.59 10.51 -12.38
N GLY A 43 3.59 9.67 -12.20
CA GLY A 43 4.98 10.15 -12.16
C GLY A 43 5.66 9.75 -10.85
N PHE A 44 4.88 9.70 -9.77
CA PHE A 44 5.43 9.33 -8.47
C PHE A 44 5.45 7.81 -8.31
N THR A 45 4.56 7.14 -9.02
CA THR A 45 4.47 5.68 -8.95
C THR A 45 5.80 5.04 -9.34
N PRO A 46 6.31 5.35 -10.50
CA PRO A 46 7.59 4.78 -10.99
C PRO A 46 8.72 4.95 -9.96
N ILE A 47 8.46 5.76 -8.95
CA ILE A 47 9.45 6.00 -7.90
C ILE A 47 9.26 4.99 -6.78
N LEU A 48 8.01 4.83 -6.35
CA LEU A 48 7.70 3.88 -5.30
C LEU A 48 7.86 2.46 -5.83
N ALA A 49 7.78 2.31 -7.15
CA ALA A 49 7.94 1.00 -7.76
C ALA A 49 9.41 0.58 -7.68
N ASP A 50 10.30 1.57 -7.64
CA ASP A 50 11.72 1.28 -7.54
C ASP A 50 12.07 1.01 -6.08
N MET A 51 11.35 1.67 -5.17
CA MET A 51 11.60 1.47 -3.74
C MET A 51 11.06 0.12 -3.29
N TYR A 52 9.85 -0.22 -3.71
CA TYR A 52 9.25 -1.49 -3.32
C TYR A 52 9.94 -2.63 -4.06
N SER A 53 10.47 -2.35 -5.24
CA SER A 53 11.17 -3.37 -6.00
C SER A 53 12.47 -3.75 -5.30
N GLU A 54 13.18 -2.74 -4.80
CA GLU A 54 14.42 -3.01 -4.09
C GLU A 54 14.12 -3.72 -2.78
N LEU A 55 13.12 -3.22 -2.07
CA LEU A 55 12.73 -3.82 -0.80
C LEU A 55 12.32 -5.28 -1.01
N VAL A 56 11.51 -5.52 -2.04
CA VAL A 56 11.06 -6.88 -2.32
C VAL A 56 12.26 -7.78 -2.56
N ASP A 57 13.26 -7.23 -3.23
CA ASP A 57 14.47 -7.98 -3.49
C ASP A 57 15.13 -8.32 -2.17
N ASP A 58 14.92 -7.45 -1.19
CA ASP A 58 15.47 -7.64 0.15
C ASP A 58 14.45 -8.32 1.04
N SER A 59 13.48 -8.99 0.42
CA SER A 59 12.43 -9.66 1.16
C SER A 59 11.49 -8.62 1.74
N ALA A 60 11.53 -7.44 1.13
CA ALA A 60 10.70 -6.32 1.53
C ALA A 60 10.03 -6.58 2.87
N PRO A 61 10.65 -6.17 3.94
CA PRO A 61 10.11 -6.35 5.31
C PRO A 61 8.81 -5.57 5.52
N PHE A 62 7.99 -5.50 4.47
CA PHE A 62 6.74 -4.79 4.56
C PHE A 62 5.89 -5.01 3.30
N GLU A 63 4.57 -4.88 3.46
CA GLU A 63 3.64 -5.07 2.35
C GLU A 63 2.89 -3.77 2.03
N ILE A 64 2.55 -3.59 0.76
CA ILE A 64 1.82 -2.41 0.33
C ILE A 64 0.32 -2.68 0.30
N ILE A 65 -0.45 -1.79 0.92
CA ILE A 65 -1.90 -1.94 0.93
C ILE A 65 -2.50 -1.12 -0.21
N PHE A 66 -3.43 -1.71 -0.94
CA PHE A 66 -4.05 -1.00 -2.06
C PHE A 66 -5.39 -0.40 -1.65
N VAL A 67 -5.47 0.93 -1.73
CA VAL A 67 -6.70 1.63 -1.38
C VAL A 67 -7.03 2.65 -2.47
N SER A 68 -7.83 3.65 -2.13
CA SER A 68 -8.19 4.68 -3.10
C SER A 68 -9.22 4.14 -4.09
N SER A 69 -10.07 5.02 -4.60
CA SER A 69 -11.11 4.63 -5.55
C SER A 69 -10.50 3.88 -6.74
N ASP A 70 -9.94 2.71 -6.48
CA ASP A 70 -9.33 1.89 -7.53
C ASP A 70 -10.36 0.89 -8.05
N ARG A 71 -11.61 1.07 -7.63
CA ARG A 71 -12.69 0.19 -8.02
C ARG A 71 -12.47 -0.40 -9.42
N SER A 72 -11.49 0.14 -10.14
CA SER A 72 -11.20 -0.38 -11.48
C SER A 72 -10.39 -1.67 -11.35
N GLU A 73 -11.00 -2.79 -11.70
CA GLU A 73 -10.31 -4.07 -11.62
C GLU A 73 -9.15 -4.11 -12.60
N ASP A 74 -9.28 -3.35 -13.68
CA ASP A 74 -8.22 -3.30 -14.69
C ASP A 74 -7.13 -2.36 -14.21
N ASP A 75 -7.52 -1.16 -13.81
CA ASP A 75 -6.53 -0.19 -13.34
C ASP A 75 -5.83 -0.74 -12.10
N MET A 76 -6.52 -1.65 -11.41
CA MET A 76 -5.96 -2.26 -10.21
C MET A 76 -4.83 -3.21 -10.59
N PHE A 77 -5.18 -4.25 -11.34
CA PHE A 77 -4.19 -5.24 -11.76
C PHE A 77 -3.17 -4.63 -12.71
N GLN A 78 -3.53 -3.49 -13.30
CA GLN A 78 -2.62 -2.81 -14.22
C GLN A 78 -1.54 -2.05 -13.45
N TYR A 79 -1.98 -1.17 -12.56
CA TYR A 79 -1.05 -0.39 -11.75
C TYR A 79 -0.22 -1.32 -10.86
N MET A 80 -0.76 -2.51 -10.59
CA MET A 80 -0.07 -3.48 -9.76
C MET A 80 0.97 -4.23 -10.58
N MET A 81 0.55 -4.75 -11.74
CA MET A 81 1.44 -5.49 -12.60
C MET A 81 2.59 -4.59 -13.09
N GLU A 82 2.31 -3.29 -13.17
CA GLU A 82 3.31 -2.34 -13.62
C GLU A 82 4.57 -2.43 -12.76
N SER A 83 4.40 -2.25 -11.45
CA SER A 83 5.53 -2.33 -10.53
C SER A 83 5.23 -1.66 -9.19
N HIS A 84 4.00 -1.19 -8.99
CA HIS A 84 3.63 -0.54 -7.75
C HIS A 84 2.91 -1.51 -6.81
N GLY A 85 3.60 -1.95 -5.76
CA GLY A 85 3.01 -2.88 -4.81
C GLY A 85 3.20 -4.33 -5.26
N ASP A 86 3.91 -5.11 -4.45
CA ASP A 86 4.15 -6.52 -4.79
C ASP A 86 3.59 -7.44 -3.72
N TRP A 87 2.28 -7.36 -3.47
CA TRP A 87 1.66 -8.22 -2.47
C TRP A 87 0.16 -8.34 -2.69
N LEU A 88 -0.63 -7.72 -1.82
CA LEU A 88 -2.09 -7.81 -1.94
C LEU A 88 -2.74 -6.44 -2.11
N ALA A 89 -4.05 -6.48 -2.33
CA ALA A 89 -4.84 -5.27 -2.52
C ALA A 89 -6.24 -5.48 -1.94
N ILE A 90 -6.64 -4.58 -1.04
CA ILE A 90 -7.96 -4.67 -0.44
C ILE A 90 -9.02 -4.32 -1.46
N PRO A 91 -9.94 -5.20 -1.73
CA PRO A 91 -11.02 -4.94 -2.72
C PRO A 91 -11.89 -3.76 -2.28
N TYR A 92 -11.81 -2.66 -3.02
CA TYR A 92 -12.58 -1.47 -2.70
C TYR A 92 -13.87 -1.85 -2.00
N ARG A 93 -14.37 -3.04 -2.30
CA ARG A 93 -15.60 -3.53 -1.70
C ARG A 93 -15.31 -4.15 -0.34
N SER A 94 -14.19 -3.74 0.24
CA SER A 94 -13.76 -4.24 1.54
C SER A 94 -13.92 -3.17 2.61
N GLY A 95 -15.16 -2.75 2.85
CA GLY A 95 -15.45 -1.72 3.85
C GLY A 95 -14.22 -1.38 4.69
N PRO A 96 -13.71 -2.34 5.44
CA PRO A 96 -12.50 -2.14 6.29
C PRO A 96 -11.46 -1.25 5.63
N ALA A 97 -11.53 -1.13 4.31
CA ALA A 97 -10.59 -0.30 3.56
C ALA A 97 -11.00 1.17 3.68
N SER A 98 -12.30 1.42 3.59
CA SER A 98 -12.80 2.79 3.70
C SER A 98 -12.62 3.26 5.14
N ASN A 99 -13.31 2.60 6.06
CA ASN A 99 -13.20 2.95 7.47
C ASN A 99 -11.74 3.14 7.83
N VAL A 100 -10.87 2.38 7.16
CA VAL A 100 -9.44 2.47 7.40
C VAL A 100 -8.94 3.88 7.05
N THR A 101 -9.29 4.32 5.85
CA THR A 101 -8.90 5.65 5.38
C THR A 101 -9.56 6.72 6.22
N ALA A 102 -10.85 6.54 6.43
CA ALA A 102 -11.63 7.48 7.20
C ALA A 102 -11.28 7.39 8.68
N LYS A 103 -10.72 6.24 9.07
CA LYS A 103 -10.34 6.04 10.47
C LYS A 103 -9.00 6.72 10.75
N TYR A 104 -8.12 6.71 9.76
CA TYR A 104 -6.81 7.34 9.91
C TYR A 104 -6.90 8.84 9.66
N GLY A 105 -8.08 9.29 9.24
CA GLY A 105 -8.29 10.71 8.96
C GLY A 105 -7.49 11.15 7.74
N ILE A 106 -7.31 10.22 6.81
CA ILE A 106 -6.56 10.52 5.58
C ILE A 106 -7.38 11.39 4.64
N THR A 107 -6.74 12.43 4.12
CA THR A 107 -7.43 13.34 3.21
C THR A 107 -6.43 14.20 2.45
N GLY A 108 -5.22 13.70 2.31
CA GLY A 108 -4.17 14.44 1.60
C GLY A 108 -3.79 13.72 0.30
N ILE A 109 -4.71 12.90 -0.20
CA ILE A 109 -4.47 12.16 -1.43
C ILE A 109 -4.00 13.11 -2.54
N PRO A 110 -2.97 12.76 -3.26
CA PRO A 110 -2.23 11.48 -3.06
C PRO A 110 -1.37 11.50 -1.80
N ALA A 111 -1.33 10.37 -1.09
CA ALA A 111 -0.54 10.31 0.14
C ALA A 111 -0.24 8.85 0.50
N LEU A 112 0.88 8.64 1.18
CA LEU A 112 1.27 7.30 1.60
C LEU A 112 1.44 7.23 3.11
N VAL A 113 0.69 6.34 3.75
CA VAL A 113 0.78 6.19 5.20
C VAL A 113 1.52 4.91 5.55
N ILE A 114 2.44 5.01 6.49
CA ILE A 114 3.23 3.84 6.90
C ILE A 114 3.03 3.52 8.37
N VAL A 115 2.66 2.27 8.63
CA VAL A 115 2.44 1.80 10.00
C VAL A 115 3.03 0.41 10.17
N LYS A 116 3.49 0.11 11.38
CA LYS A 116 4.07 -1.19 11.66
C LYS A 116 3.00 -2.28 11.63
N LYS A 117 3.44 -3.53 11.55
CA LYS A 117 2.51 -4.65 11.50
C LYS A 117 1.45 -4.50 12.59
N ASP A 118 1.89 -4.24 13.80
CA ASP A 118 0.96 -4.08 14.92
C ASP A 118 0.20 -2.76 14.78
N GLY A 119 0.60 -1.95 13.82
CA GLY A 119 -0.04 -0.66 13.58
C GLY A 119 0.71 0.46 14.28
N THR A 120 2.01 0.26 14.50
CA THR A 120 2.83 1.26 15.17
C THR A 120 3.20 2.38 14.19
N LEU A 121 2.66 3.56 14.41
CA LEU A 121 2.94 4.70 13.55
C LEU A 121 4.45 4.92 13.44
N ILE A 122 4.89 5.33 12.27
CA ILE A 122 6.30 5.56 12.02
C ILE A 122 6.50 6.84 11.21
N SER A 123 6.00 6.81 9.98
CA SER A 123 6.10 7.98 9.09
C SER A 123 4.84 8.11 8.25
N MET A 124 4.15 9.23 8.42
CA MET A 124 2.92 9.48 7.67
C MET A 124 3.22 9.93 6.25
N ASN A 125 3.78 11.13 6.13
CA ASN A 125 4.12 11.67 4.81
C ASN A 125 5.24 10.85 4.19
N GLY A 126 5.14 9.53 4.33
CA GLY A 126 6.15 8.64 3.79
C GLY A 126 6.50 9.00 2.36
N ARG A 127 5.64 9.81 1.73
CA ARG A 127 5.89 10.21 0.34
C ARG A 127 7.29 10.80 0.18
N GLY A 128 7.42 12.11 0.35
CA GLY A 128 8.72 12.74 0.20
C GLY A 128 9.81 11.90 0.85
N GLU A 129 9.44 11.20 1.92
CA GLU A 129 10.40 10.37 2.63
C GLU A 129 10.98 9.33 1.68
N VAL A 130 10.11 8.62 0.98
CA VAL A 130 10.57 7.60 0.03
C VAL A 130 11.26 8.26 -1.14
N GLN A 131 10.62 9.28 -1.70
CA GLN A 131 11.17 9.99 -2.84
C GLN A 131 12.43 10.75 -2.42
N SER A 132 12.57 11.00 -1.12
CA SER A 132 13.72 11.72 -0.61
C SER A 132 14.90 10.77 -0.42
N LEU A 133 14.66 9.64 0.22
CA LEU A 133 15.70 8.66 0.46
C LEU A 133 15.58 7.48 -0.51
N GLY A 134 14.59 7.53 -1.38
CA GLY A 134 14.40 6.45 -2.34
C GLY A 134 14.25 5.12 -1.61
N PRO A 135 14.70 4.06 -2.21
CA PRO A 135 14.63 2.69 -1.62
C PRO A 135 15.37 2.60 -0.29
N ARG A 136 16.19 3.61 -0.01
CA ARG A 136 16.95 3.64 1.23
C ARG A 136 16.09 4.23 2.34
N ALA A 137 14.92 4.73 1.98
CA ALA A 137 14.00 5.31 2.94
C ALA A 137 13.54 4.23 3.92
N PHE A 138 13.58 2.98 3.47
CA PHE A 138 13.18 1.87 4.32
C PHE A 138 13.65 2.12 5.75
N GLN A 139 14.63 3.00 5.90
CA GLN A 139 15.16 3.34 7.21
C GLN A 139 14.18 4.21 7.96
N ASN A 140 13.78 5.31 7.33
CA ASN A 140 12.83 6.22 7.94
C ASN A 140 11.47 5.54 8.05
N TRP A 141 11.12 4.77 7.03
CA TRP A 141 9.86 4.04 7.01
C TRP A 141 9.85 3.00 8.12
N ALA A 142 11.04 2.49 8.45
CA ALA A 142 11.18 1.49 9.48
C ALA A 142 11.97 2.04 10.67
N ARG A 143 12.24 3.32 10.61
CA ARG A 143 12.99 3.99 11.67
C ARG A 143 12.79 3.28 13.00
N MET A 1 -17.38 -7.82 11.28
CA MET A 1 -17.18 -6.62 10.43
C MET A 1 -16.69 -5.46 11.29
N GLU A 2 -15.41 -5.49 11.64
CA GLU A 2 -14.83 -4.43 12.46
C GLU A 2 -13.51 -3.95 11.86
N PHE A 3 -12.61 -4.88 11.57
CA PHE A 3 -11.33 -4.54 10.99
C PHE A 3 -11.04 -5.40 9.77
N ILE A 4 -9.87 -5.19 9.16
CA ILE A 4 -9.49 -5.96 7.98
C ILE A 4 -9.39 -7.44 8.32
N GLN A 5 -9.10 -7.74 9.58
CA GLN A 5 -8.98 -9.13 10.01
C GLN A 5 -10.33 -9.82 9.93
N GLY A 6 -10.45 -10.80 9.03
CA GLY A 6 -11.69 -11.53 8.86
C GLY A 6 -12.20 -11.44 7.42
N ILE A 7 -11.61 -10.53 6.66
CA ILE A 7 -12.01 -10.36 5.27
C ILE A 7 -10.94 -10.92 4.33
N LYS A 8 -11.17 -10.78 3.04
CA LYS A 8 -10.22 -11.28 2.05
C LYS A 8 -9.82 -10.19 1.08
N LEU A 9 -8.58 -10.25 0.59
CA LEU A 9 -8.08 -9.26 -0.35
C LEU A 9 -7.91 -9.88 -1.73
N VAL A 10 -7.54 -9.06 -2.71
CA VAL A 10 -7.33 -9.54 -4.06
C VAL A 10 -5.90 -9.31 -4.52
N LYS A 11 -5.15 -10.41 -4.68
CA LYS A 11 -3.76 -10.31 -5.10
C LYS A 11 -3.67 -9.84 -6.55
N LYS A 12 -2.68 -8.98 -6.81
CA LYS A 12 -2.47 -8.45 -8.15
C LYS A 12 -2.64 -9.54 -9.21
N ASN A 13 -2.28 -10.77 -8.85
CA ASN A 13 -2.40 -11.89 -9.76
C ASN A 13 -3.87 -12.22 -10.00
N ARG A 14 -4.73 -11.25 -9.70
CA ARG A 14 -6.18 -11.45 -9.89
C ARG A 14 -6.67 -12.57 -9.00
N CYS A 15 -5.93 -12.85 -7.93
CA CYS A 15 -6.31 -13.90 -7.00
C CYS A 15 -6.91 -13.31 -5.73
N GLU A 16 -7.46 -14.18 -4.88
CA GLU A 16 -8.06 -13.73 -3.64
C GLU A 16 -7.47 -14.50 -2.46
N VAL A 17 -7.21 -13.78 -1.37
CA VAL A 17 -6.65 -14.40 -0.17
C VAL A 17 -7.22 -13.76 1.09
N ASN A 18 -6.92 -14.36 2.24
CA ASN A 18 -7.41 -13.83 3.51
C ASN A 18 -6.44 -12.81 4.07
N ALA A 19 -6.77 -11.53 3.91
CA ALA A 19 -5.90 -10.46 4.41
C ALA A 19 -5.23 -10.86 5.71
N ASN A 20 -5.85 -11.79 6.43
CA ASN A 20 -5.29 -12.25 7.70
C ASN A 20 -3.82 -12.63 7.52
N GLU A 21 -3.57 -13.55 6.60
CA GLU A 21 -2.21 -14.00 6.32
C GLU A 21 -1.64 -13.24 5.12
N ALA A 22 -2.53 -12.77 4.26
CA ALA A 22 -2.10 -12.03 3.08
C ALA A 22 -1.30 -10.79 3.47
N LEU A 23 -1.70 -10.16 4.57
CA LEU A 23 -1.02 -8.96 5.05
C LEU A 23 0.36 -9.31 5.58
N LYS A 24 0.87 -10.47 5.17
CA LYS A 24 2.19 -10.92 5.63
C LYS A 24 2.91 -9.80 6.38
N ASP A 25 3.83 -9.14 5.71
CA ASP A 25 4.58 -8.04 6.33
C ASP A 25 5.35 -8.54 7.55
N LYS A 26 4.64 -9.09 8.52
CA LYS A 26 5.29 -9.59 9.72
C LYS A 26 6.39 -8.63 10.16
N ASP A 27 6.36 -7.42 9.58
CA ASP A 27 7.34 -6.41 9.91
C ASP A 27 6.76 -5.01 9.78
N ILE A 28 6.51 -4.57 8.54
CA ILE A 28 5.96 -3.24 8.31
C ILE A 28 4.91 -3.26 7.22
N ILE A 29 3.96 -2.32 7.31
CA ILE A 29 2.90 -2.23 6.31
C ILE A 29 2.94 -0.88 5.60
N GLY A 30 2.38 -0.84 4.41
CA GLY A 30 2.33 0.38 3.62
C GLY A 30 0.92 0.65 3.13
N PHE A 31 0.59 1.93 2.97
CA PHE A 31 -0.75 2.30 2.52
C PHE A 31 -0.67 3.41 1.47
N TYR A 32 -1.07 3.10 0.25
CA TYR A 32 -1.04 4.08 -0.83
C TYR A 32 -2.44 4.64 -1.09
N PHE A 33 -2.56 5.97 -1.08
CA PHE A 33 -3.86 6.61 -1.32
C PHE A 33 -3.77 7.53 -2.53
N SER A 34 -4.40 7.13 -3.62
CA SER A 34 -4.40 7.95 -4.83
C SER A 34 -4.63 7.09 -6.07
N ALA A 35 -5.90 6.85 -6.38
CA ALA A 35 -6.25 6.04 -7.55
C ALA A 35 -5.64 6.66 -8.81
N HIS A 36 -4.34 6.45 -8.99
CA HIS A 36 -3.65 7.00 -10.16
C HIS A 36 -3.77 6.07 -11.36
N TRP A 37 -4.84 5.28 -11.40
CA TRP A 37 -5.03 4.37 -12.51
C TRP A 37 -5.89 5.02 -13.59
N CYS A 38 -6.94 5.72 -13.18
CA CYS A 38 -7.82 6.39 -14.11
C CYS A 38 -7.30 7.79 -14.43
N PRO A 39 -7.00 8.56 -13.42
CA PRO A 39 -6.48 9.95 -13.58
C PRO A 39 -4.99 9.97 -13.90
N PRO A 40 -4.54 10.99 -14.59
CA PRO A 40 -3.12 11.15 -14.97
C PRO A 40 -2.25 11.58 -13.80
N CYS A 41 -1.04 11.02 -13.71
CA CYS A 41 -0.12 11.34 -12.63
C CYS A 41 1.11 10.45 -12.69
N ARG A 42 1.70 10.33 -13.88
CA ARG A 42 2.87 9.49 -14.06
C ARG A 42 4.14 10.23 -13.62
N GLY A 43 5.12 9.46 -13.14
CA GLY A 43 6.37 10.05 -12.68
C GLY A 43 6.66 9.69 -11.23
N PHE A 44 5.60 9.62 -10.43
CA PHE A 44 5.75 9.28 -9.02
C PHE A 44 5.73 7.77 -8.84
N THR A 45 4.70 7.13 -9.37
CA THR A 45 4.56 5.68 -9.27
C THR A 45 5.89 4.98 -9.54
N PRO A 46 6.45 5.18 -10.71
CA PRO A 46 7.74 4.55 -11.09
C PRO A 46 8.80 4.71 -10.01
N ILE A 47 8.53 5.57 -9.03
CA ILE A 47 9.47 5.79 -7.95
C ILE A 47 9.23 4.77 -6.85
N LEU A 48 7.97 4.61 -6.46
CA LEU A 48 7.62 3.66 -5.43
C LEU A 48 7.81 2.24 -5.95
N ALA A 49 7.57 2.04 -7.24
CA ALA A 49 7.74 0.72 -7.85
C ALA A 49 9.21 0.34 -7.87
N ASP A 50 10.08 1.33 -7.97
CA ASP A 50 11.50 1.07 -7.98
C ASP A 50 11.98 0.83 -6.55
N MET A 51 11.29 1.43 -5.60
CA MET A 51 11.63 1.28 -4.19
C MET A 51 11.17 -0.07 -3.68
N TYR A 52 9.89 -0.37 -3.90
CA TYR A 52 9.34 -1.65 -3.44
C TYR A 52 10.00 -2.78 -4.23
N SER A 53 10.47 -2.48 -5.44
CA SER A 53 11.12 -3.48 -6.26
C SER A 53 12.45 -3.87 -5.62
N GLU A 54 13.24 -2.87 -5.23
CA GLU A 54 14.52 -3.14 -4.59
C GLU A 54 14.29 -3.84 -3.26
N LEU A 55 13.46 -3.23 -2.42
CA LEU A 55 13.15 -3.82 -1.13
C LEU A 55 12.58 -5.21 -1.31
N VAL A 56 11.72 -5.38 -2.32
CA VAL A 56 11.13 -6.69 -2.59
C VAL A 56 12.23 -7.71 -2.87
N ASP A 57 13.20 -7.28 -3.66
CA ASP A 57 14.31 -8.15 -3.97
C ASP A 57 15.00 -8.56 -2.68
N ASP A 58 14.93 -7.67 -1.70
CA ASP A 58 15.53 -7.92 -0.41
C ASP A 58 14.49 -8.50 0.54
N SER A 59 13.44 -9.07 -0.03
CA SER A 59 12.36 -9.64 0.77
C SER A 59 11.55 -8.52 1.41
N ALA A 60 11.65 -7.35 0.78
CA ALA A 60 10.94 -6.16 1.26
C ALA A 60 10.28 -6.41 2.61
N PRO A 61 10.94 -6.07 3.68
CA PRO A 61 10.42 -6.26 5.06
C PRO A 61 9.14 -5.48 5.31
N PHE A 62 8.28 -5.39 4.30
CA PHE A 62 7.02 -4.69 4.44
C PHE A 62 6.11 -4.88 3.22
N GLU A 63 4.80 -4.75 3.45
CA GLU A 63 3.83 -4.93 2.38
C GLU A 63 3.09 -3.62 2.08
N ILE A 64 2.70 -3.44 0.82
CA ILE A 64 1.98 -2.24 0.40
C ILE A 64 0.49 -2.53 0.23
N ILE A 65 -0.33 -1.65 0.76
CA ILE A 65 -1.78 -1.81 0.65
C ILE A 65 -2.30 -1.04 -0.56
N PHE A 66 -3.19 -1.67 -1.33
CA PHE A 66 -3.76 -1.01 -2.50
C PHE A 66 -5.11 -0.40 -2.18
N VAL A 67 -5.18 0.92 -2.22
CA VAL A 67 -6.42 1.63 -1.93
C VAL A 67 -6.66 2.72 -2.97
N SER A 68 -7.51 3.69 -2.63
CA SER A 68 -7.81 4.77 -3.56
C SER A 68 -8.81 4.31 -4.62
N SER A 69 -9.63 5.25 -5.10
CA SER A 69 -10.63 4.94 -6.11
C SER A 69 -10.07 4.02 -7.18
N ASP A 70 -9.77 2.78 -6.79
CA ASP A 70 -9.24 1.80 -7.71
C ASP A 70 -10.34 0.83 -8.14
N ARG A 71 -11.57 1.18 -7.77
CA ARG A 71 -12.72 0.36 -8.09
C ARG A 71 -12.53 -0.38 -9.41
N SER A 72 -11.49 -0.04 -10.16
CA SER A 72 -11.23 -0.72 -11.42
C SER A 72 -10.47 -2.00 -11.16
N GLU A 73 -11.12 -3.13 -11.40
CA GLU A 73 -10.49 -4.43 -11.19
C GLU A 73 -9.40 -4.64 -12.23
N ASP A 74 -9.62 -4.07 -13.41
CA ASP A 74 -8.64 -4.20 -14.49
C ASP A 74 -7.51 -3.21 -14.28
N ASP A 75 -7.84 -1.97 -13.95
CA ASP A 75 -6.82 -0.96 -13.73
C ASP A 75 -6.14 -1.21 -12.40
N MET A 76 -6.78 -2.00 -11.55
CA MET A 76 -6.23 -2.33 -10.25
C MET A 76 -5.13 -3.39 -10.40
N PHE A 77 -5.44 -4.48 -11.09
CA PHE A 77 -4.46 -5.53 -11.29
C PHE A 77 -3.40 -5.10 -12.30
N GLN A 78 -3.74 -4.12 -13.13
CA GLN A 78 -2.80 -3.63 -14.14
C GLN A 78 -1.76 -2.73 -13.49
N TYR A 79 -2.24 -1.75 -12.71
CA TYR A 79 -1.33 -0.82 -12.04
C TYR A 79 -0.50 -1.55 -11.00
N MET A 80 -1.06 -2.60 -10.41
CA MET A 80 -0.35 -3.38 -9.41
C MET A 80 0.74 -4.22 -10.05
N MET A 81 0.43 -4.78 -11.21
CA MET A 81 1.39 -5.60 -11.94
C MET A 81 2.44 -4.72 -12.62
N GLU A 82 2.09 -3.45 -12.79
CA GLU A 82 3.00 -2.50 -13.43
C GLU A 82 4.29 -2.37 -12.63
N SER A 83 4.24 -2.76 -11.36
CA SER A 83 5.40 -2.70 -10.47
C SER A 83 5.02 -2.01 -9.16
N HIS A 84 3.75 -1.67 -9.00
CA HIS A 84 3.29 -1.01 -7.79
C HIS A 84 2.86 -2.03 -6.74
N GLY A 85 3.46 -1.94 -5.54
CA GLY A 85 3.14 -2.85 -4.46
C GLY A 85 3.31 -4.31 -4.88
N ASP A 86 4.03 -5.08 -4.06
CA ASP A 86 4.24 -6.49 -4.36
C ASP A 86 3.58 -7.38 -3.33
N TRP A 87 2.27 -7.24 -3.16
CA TRP A 87 1.56 -8.07 -2.19
C TRP A 87 0.08 -8.22 -2.57
N LEU A 88 -0.80 -7.60 -1.79
CA LEU A 88 -2.23 -7.71 -2.06
C LEU A 88 -2.88 -6.34 -2.26
N ALA A 89 -4.18 -6.40 -2.59
CA ALA A 89 -4.97 -5.21 -2.81
C ALA A 89 -6.33 -5.38 -2.15
N ILE A 90 -6.68 -4.46 -1.25
CA ILE A 90 -7.96 -4.55 -0.57
C ILE A 90 -9.09 -4.16 -1.52
N PRO A 91 -10.06 -5.01 -1.72
CA PRO A 91 -11.19 -4.70 -2.62
C PRO A 91 -11.98 -3.48 -2.14
N TYR A 92 -11.91 -2.40 -2.91
CA TYR A 92 -12.60 -1.18 -2.55
C TYR A 92 -13.86 -1.48 -1.77
N ARG A 93 -14.42 -2.66 -1.99
CA ARG A 93 -15.63 -3.08 -1.29
C ARG A 93 -15.28 -3.71 0.06
N SER A 94 -14.09 -3.38 0.55
CA SER A 94 -13.63 -3.91 1.82
C SER A 94 -13.74 -2.86 2.93
N GLY A 95 -14.96 -2.44 3.21
CA GLY A 95 -15.20 -1.44 4.25
C GLY A 95 -13.92 -1.12 5.04
N PRO A 96 -13.38 -2.10 5.73
CA PRO A 96 -12.14 -1.91 6.54
C PRO A 96 -11.12 -1.02 5.83
N ALA A 97 -11.16 -0.99 4.51
CA ALA A 97 -10.23 -0.16 3.74
C ALA A 97 -10.65 1.30 3.83
N SER A 98 -11.95 1.54 3.67
CA SER A 98 -12.47 2.90 3.75
C SER A 98 -12.36 3.38 5.19
N ASN A 99 -13.09 2.72 6.08
CA ASN A 99 -13.06 3.08 7.49
C ASN A 99 -11.62 3.31 7.93
N VAL A 100 -10.71 2.56 7.33
CA VAL A 100 -9.29 2.69 7.64
C VAL A 100 -8.82 4.10 7.32
N THR A 101 -9.04 4.51 6.08
CA THR A 101 -8.65 5.85 5.64
C THR A 101 -9.41 6.91 6.42
N ALA A 102 -10.70 6.70 6.51
CA ALA A 102 -11.58 7.62 7.21
C ALA A 102 -11.32 7.55 8.71
N LYS A 103 -10.75 6.43 9.15
CA LYS A 103 -10.43 6.25 10.56
C LYS A 103 -9.21 7.07 10.93
N TYR A 104 -8.26 7.16 10.02
CA TYR A 104 -7.04 7.92 10.26
C TYR A 104 -7.26 9.40 9.95
N GLY A 105 -8.45 9.71 9.44
CA GLY A 105 -8.79 11.09 9.09
C GLY A 105 -7.97 11.58 7.90
N ILE A 106 -7.57 10.63 7.05
CA ILE A 106 -6.78 10.97 5.87
C ILE A 106 -7.64 11.63 4.80
N THR A 107 -7.14 12.73 4.26
CA THR A 107 -7.88 13.46 3.24
C THR A 107 -6.95 14.39 2.46
N GLY A 108 -5.65 14.07 2.50
CA GLY A 108 -4.67 14.89 1.79
C GLY A 108 -4.17 14.18 0.53
N ILE A 109 -4.91 13.17 0.11
CA ILE A 109 -4.55 12.41 -1.09
C ILE A 109 -4.14 13.38 -2.21
N PRO A 110 -3.08 13.05 -2.94
CA PRO A 110 -2.28 11.81 -2.72
C PRO A 110 -1.53 11.82 -1.39
N ALA A 111 -1.49 10.67 -0.73
CA ALA A 111 -0.79 10.57 0.55
C ALA A 111 -0.34 9.14 0.80
N LEU A 112 0.75 9.00 1.55
CA LEU A 112 1.28 7.67 1.86
C LEU A 112 1.25 7.42 3.36
N VAL A 113 0.60 6.34 3.78
CA VAL A 113 0.51 6.01 5.20
C VAL A 113 1.34 4.76 5.50
N ILE A 114 2.32 4.91 6.38
CA ILE A 114 3.18 3.80 6.76
C ILE A 114 2.98 3.43 8.22
N VAL A 115 2.69 2.15 8.46
CA VAL A 115 2.47 1.67 9.83
C VAL A 115 3.09 0.29 10.01
N LYS A 116 3.52 0.00 11.23
CA LYS A 116 4.12 -1.29 11.53
C LYS A 116 3.08 -2.41 11.47
N LYS A 117 3.54 -3.64 11.72
CA LYS A 117 2.64 -4.79 11.69
C LYS A 117 1.62 -4.71 12.82
N ASP A 118 2.10 -4.47 14.03
CA ASP A 118 1.22 -4.37 15.19
C ASP A 118 0.35 -3.12 15.09
N GLY A 119 0.61 -2.31 14.06
CA GLY A 119 -0.14 -1.08 13.86
C GLY A 119 0.62 0.11 14.42
N THR A 120 1.90 -0.11 14.73
CA THR A 120 2.73 0.94 15.28
C THR A 120 2.97 2.03 14.24
N LEU A 121 2.80 3.28 14.66
CA LEU A 121 2.99 4.41 13.76
C LEU A 121 4.47 4.70 13.59
N ILE A 122 4.84 5.08 12.37
CA ILE A 122 6.23 5.37 12.06
C ILE A 122 6.32 6.67 11.27
N SER A 123 5.75 6.66 10.08
CA SER A 123 5.75 7.83 9.22
C SER A 123 4.49 7.87 8.38
N MET A 124 3.68 8.92 8.56
CA MET A 124 2.44 9.06 7.81
C MET A 124 2.71 9.57 6.41
N ASN A 125 2.36 10.83 6.16
CA ASN A 125 2.58 11.44 4.85
C ASN A 125 4.06 11.45 4.53
N GLY A 126 4.74 10.36 4.86
CA GLY A 126 6.18 10.26 4.60
C GLY A 126 6.45 10.10 3.10
N ARG A 127 5.43 10.37 2.30
CA ARG A 127 5.58 10.24 0.84
C ARG A 127 6.91 10.82 0.39
N GLY A 128 6.95 12.12 0.16
CA GLY A 128 8.19 12.75 -0.28
C GLY A 128 9.37 12.22 0.50
N GLU A 129 9.11 11.76 1.73
CA GLU A 129 10.16 11.22 2.57
C GLU A 129 10.79 10.00 1.91
N VAL A 130 9.95 9.05 1.54
CA VAL A 130 10.45 7.84 0.89
C VAL A 130 11.06 8.21 -0.46
N GLN A 131 10.30 8.94 -1.26
CA GLN A 131 10.77 9.35 -2.58
C GLN A 131 11.99 10.27 -2.44
N SER A 132 12.11 10.92 -1.29
CA SER A 132 13.23 11.82 -1.04
C SER A 132 14.50 11.01 -0.80
N LEU A 133 14.41 10.03 0.09
CA LEU A 133 15.57 9.19 0.40
C LEU A 133 15.61 7.97 -0.52
N GLY A 134 14.44 7.58 -1.02
CA GLY A 134 14.36 6.41 -1.90
C GLY A 134 14.36 5.12 -1.08
N PRO A 135 14.93 4.08 -1.62
CA PRO A 135 15.00 2.76 -0.93
C PRO A 135 15.70 2.84 0.43
N ARG A 136 16.48 3.90 0.63
CA ARG A 136 17.20 4.08 1.88
C ARG A 136 16.24 4.58 2.95
N ALA A 137 15.04 4.94 2.53
CA ALA A 137 14.03 5.43 3.47
C ALA A 137 13.66 4.34 4.47
N PHE A 138 13.82 3.09 4.04
CA PHE A 138 13.51 1.96 4.92
C PHE A 138 13.88 2.29 6.36
N GLN A 139 14.85 3.19 6.52
CA GLN A 139 15.29 3.59 7.85
C GLN A 139 14.23 4.46 8.52
N ASN A 140 13.79 5.50 7.80
CA ASN A 140 12.78 6.40 8.32
C ASN A 140 11.44 5.68 8.38
N TRP A 141 11.14 4.94 7.32
CA TRP A 141 9.90 4.18 7.23
C TRP A 141 9.91 3.02 8.23
N ALA A 142 11.11 2.65 8.67
CA ALA A 142 11.25 1.54 9.62
C ALA A 142 12.00 2.00 10.85
N ARG A 143 12.25 3.29 10.92
CA ARG A 143 12.96 3.88 12.05
C ARG A 143 12.70 3.08 13.32
N MET A 1 -12.38 -1.34 16.52
CA MET A 1 -12.40 -2.83 16.63
C MET A 1 -12.64 -3.43 15.25
N GLU A 2 -13.39 -2.73 14.42
CA GLU A 2 -13.68 -3.20 13.07
C GLU A 2 -12.41 -3.22 12.22
N PHE A 3 -11.29 -3.53 12.86
CA PHE A 3 -10.01 -3.58 12.15
C PHE A 3 -10.17 -4.35 10.84
N ILE A 4 -9.04 -4.56 10.15
CA ILE A 4 -9.06 -5.28 8.88
C ILE A 4 -9.06 -6.78 9.12
N GLN A 5 -8.10 -7.24 9.92
CA GLN A 5 -7.99 -8.67 10.22
C GLN A 5 -9.38 -9.31 10.27
N GLY A 6 -9.60 -10.27 9.38
CA GLY A 6 -10.88 -10.96 9.32
C GLY A 6 -11.48 -10.91 7.92
N ILE A 7 -10.91 -10.05 7.06
CA ILE A 7 -11.40 -9.92 5.71
C ILE A 7 -10.48 -10.67 4.74
N LYS A 8 -10.88 -10.72 3.47
CA LYS A 8 -10.10 -11.40 2.46
C LYS A 8 -9.59 -10.40 1.42
N LEU A 9 -8.32 -10.52 1.07
CA LEU A 9 -7.73 -9.63 0.08
C LEU A 9 -7.69 -10.28 -1.30
N VAL A 10 -7.45 -9.49 -2.33
CA VAL A 10 -7.41 -10.01 -3.69
C VAL A 10 -5.98 -10.00 -4.23
N LYS A 11 -5.67 -10.97 -5.08
CA LYS A 11 -4.34 -11.08 -5.67
C LYS A 11 -4.39 -10.69 -7.14
N LYS A 12 -3.35 -10.02 -7.61
CA LYS A 12 -3.27 -9.59 -9.01
C LYS A 12 -3.77 -10.70 -9.93
N ASN A 13 -3.62 -11.94 -9.49
CA ASN A 13 -4.06 -13.07 -10.28
C ASN A 13 -5.59 -13.23 -10.19
N ARG A 14 -6.25 -12.12 -9.86
CA ARG A 14 -7.71 -12.14 -9.74
C ARG A 14 -8.15 -13.22 -8.75
N CYS A 15 -7.31 -13.44 -7.73
CA CYS A 15 -7.62 -14.45 -6.73
C CYS A 15 -8.01 -13.80 -5.40
N GLU A 16 -8.48 -14.62 -4.47
CA GLU A 16 -8.87 -14.13 -3.15
C GLU A 16 -8.12 -14.86 -2.05
N VAL A 17 -7.81 -14.15 -0.97
CA VAL A 17 -7.09 -14.75 0.14
C VAL A 17 -7.41 -14.02 1.45
N ASN A 18 -6.93 -14.58 2.55
CA ASN A 18 -7.16 -13.99 3.86
C ASN A 18 -6.06 -13.00 4.21
N ALA A 19 -6.38 -11.71 4.10
CA ALA A 19 -5.41 -10.66 4.40
C ALA A 19 -4.70 -10.93 5.71
N ASN A 20 -5.33 -11.70 6.59
CA ASN A 20 -4.75 -12.03 7.89
C ASN A 20 -3.32 -12.52 7.71
N GLU A 21 -3.16 -13.56 6.90
CA GLU A 21 -1.84 -14.12 6.64
C GLU A 21 -1.27 -13.56 5.35
N ALA A 22 -2.16 -13.14 4.45
CA ALA A 22 -1.74 -12.58 3.18
C ALA A 22 -0.96 -11.29 3.39
N LEU A 23 -1.23 -10.60 4.49
CA LEU A 23 -0.55 -9.35 4.79
C LEU A 23 0.91 -9.61 5.13
N LYS A 24 1.25 -10.88 5.34
CA LYS A 24 2.63 -11.26 5.67
C LYS A 24 3.37 -10.09 6.31
N ASP A 25 3.89 -9.20 5.48
CA ASP A 25 4.62 -8.04 5.98
C ASP A 25 5.60 -8.47 7.07
N LYS A 26 6.85 -8.71 6.67
CA LYS A 26 7.86 -9.13 7.63
C LYS A 26 7.61 -8.43 8.96
N ASP A 27 6.92 -7.30 8.92
CA ASP A 27 6.61 -6.55 10.12
C ASP A 27 6.25 -5.10 9.81
N ILE A 28 6.12 -4.76 8.52
CA ILE A 28 5.77 -3.39 8.15
C ILE A 28 4.79 -3.37 6.99
N ILE A 29 4.02 -2.28 6.89
CA ILE A 29 3.04 -2.15 5.82
C ILE A 29 2.98 -0.71 5.31
N GLY A 30 2.75 -0.55 4.02
CA GLY A 30 2.67 0.78 3.42
C GLY A 30 1.35 0.96 2.69
N PHE A 31 0.51 1.85 3.21
CA PHE A 31 -0.78 2.12 2.60
C PHE A 31 -0.68 3.23 1.56
N TYR A 32 -1.00 2.91 0.31
CA TYR A 32 -0.93 3.90 -0.76
C TYR A 32 -2.33 4.36 -1.16
N PHE A 33 -2.62 5.64 -0.98
CA PHE A 33 -3.92 6.18 -1.32
C PHE A 33 -3.80 7.13 -2.52
N SER A 34 -4.48 6.77 -3.60
CA SER A 34 -4.46 7.59 -4.81
C SER A 34 -4.78 6.74 -6.04
N ALA A 35 -6.05 6.71 -6.42
CA ALA A 35 -6.48 5.93 -7.57
C ALA A 35 -5.34 5.79 -8.57
N HIS A 36 -4.71 6.92 -8.88
CA HIS A 36 -3.59 6.94 -9.82
C HIS A 36 -4.01 6.45 -11.20
N TRP A 37 -5.05 5.60 -11.25
CA TRP A 37 -5.50 5.07 -12.53
C TRP A 37 -6.49 6.02 -13.18
N CYS A 38 -7.45 6.52 -12.40
CA CYS A 38 -8.44 7.45 -12.93
C CYS A 38 -7.78 8.80 -13.20
N PRO A 39 -7.06 9.32 -12.24
CA PRO A 39 -6.37 10.63 -12.37
C PRO A 39 -4.97 10.48 -12.99
N PRO A 40 -4.40 11.57 -13.42
CA PRO A 40 -3.05 11.56 -14.05
C PRO A 40 -1.93 11.44 -13.02
N CYS A 41 -1.29 12.56 -12.71
CA CYS A 41 -0.21 12.56 -11.73
C CYS A 41 0.81 11.47 -12.04
N ARG A 42 1.16 11.33 -13.31
CA ARG A 42 2.13 10.32 -13.73
C ARG A 42 3.54 10.80 -13.49
N GLY A 43 4.45 9.86 -13.21
CA GLY A 43 5.85 10.21 -12.97
C GLY A 43 6.25 9.90 -11.54
N PHE A 44 5.32 10.07 -10.61
CA PHE A 44 5.58 9.80 -9.20
C PHE A 44 5.58 8.30 -8.92
N THR A 45 4.49 7.64 -9.30
CA THR A 45 4.37 6.21 -9.09
C THR A 45 5.65 5.48 -9.48
N PRO A 46 6.07 5.60 -10.71
CA PRO A 46 7.30 4.95 -11.23
C PRO A 46 8.45 5.04 -10.23
N ILE A 47 8.32 5.93 -9.25
CA ILE A 47 9.36 6.09 -8.25
C ILE A 47 9.21 5.03 -7.16
N LEU A 48 7.98 4.82 -6.72
CA LEU A 48 7.71 3.83 -5.69
C LEU A 48 8.03 2.44 -6.21
N ALA A 49 7.85 2.23 -7.52
CA ALA A 49 8.15 0.93 -8.11
C ALA A 49 9.64 0.63 -8.02
N ASP A 50 10.45 1.67 -8.02
CA ASP A 50 11.89 1.50 -7.91
C ASP A 50 12.27 1.24 -6.46
N MET A 51 11.52 1.86 -5.55
CA MET A 51 11.78 1.70 -4.13
C MET A 51 11.30 0.34 -3.64
N TYR A 52 10.08 -0.03 -4.01
CA TYR A 52 9.54 -1.31 -3.59
C TYR A 52 10.25 -2.44 -4.34
N SER A 53 10.77 -2.13 -5.52
CA SER A 53 11.49 -3.13 -6.31
C SER A 53 12.80 -3.48 -5.62
N GLU A 54 13.50 -2.47 -5.13
CA GLU A 54 14.76 -2.70 -4.44
C GLU A 54 14.49 -3.42 -3.13
N LEU A 55 13.56 -2.88 -2.36
CA LEU A 55 13.20 -3.49 -1.08
C LEU A 55 12.74 -4.92 -1.28
N VAL A 56 11.95 -5.14 -2.34
CA VAL A 56 11.46 -6.48 -2.63
C VAL A 56 12.63 -7.42 -2.83
N ASP A 57 13.59 -6.97 -3.62
CA ASP A 57 14.79 -7.77 -3.86
C ASP A 57 15.39 -8.15 -2.53
N ASP A 58 15.24 -7.24 -1.57
CA ASP A 58 15.77 -7.46 -0.23
C ASP A 58 14.71 -8.09 0.66
N SER A 59 13.74 -8.73 0.02
CA SER A 59 12.65 -9.36 0.75
C SER A 59 11.75 -8.29 1.34
N ALA A 60 11.81 -7.11 0.73
CA ALA A 60 11.01 -5.96 1.17
C ALA A 60 10.30 -6.25 2.48
N PRO A 61 10.91 -5.91 3.58
CA PRO A 61 10.34 -6.12 4.94
C PRO A 61 9.02 -5.38 5.14
N PHE A 62 8.19 -5.34 4.10
CA PHE A 62 6.90 -4.67 4.20
C PHE A 62 6.04 -4.89 2.96
N GLU A 63 4.72 -4.81 3.13
CA GLU A 63 3.78 -5.01 2.04
C GLU A 63 3.05 -3.71 1.70
N ILE A 64 2.69 -3.57 0.43
CA ILE A 64 1.98 -2.38 -0.03
C ILE A 64 0.48 -2.64 -0.08
N ILE A 65 -0.28 -1.75 0.54
CA ILE A 65 -1.74 -1.88 0.54
C ILE A 65 -2.35 -1.05 -0.59
N PHE A 66 -3.34 -1.61 -1.26
CA PHE A 66 -3.98 -0.89 -2.37
C PHE A 66 -5.36 -0.38 -1.95
N VAL A 67 -5.53 0.94 -2.01
CA VAL A 67 -6.80 1.56 -1.64
C VAL A 67 -7.09 2.72 -2.59
N SER A 68 -7.83 3.71 -2.09
CA SER A 68 -8.17 4.87 -2.91
C SER A 68 -8.99 4.45 -4.12
N SER A 69 -9.86 5.35 -4.58
CA SER A 69 -10.72 5.07 -5.72
C SER A 69 -9.98 4.24 -6.77
N ASP A 70 -9.77 2.96 -6.46
CA ASP A 70 -9.09 2.05 -7.38
C ASP A 70 -10.06 0.97 -7.83
N ARG A 71 -11.33 1.17 -7.51
CA ARG A 71 -12.37 0.21 -7.86
C ARG A 71 -12.08 -0.48 -9.20
N SER A 72 -11.03 -0.04 -9.88
CA SER A 72 -10.68 -0.64 -11.16
C SER A 72 -9.89 -1.92 -10.91
N GLU A 73 -10.50 -3.06 -11.24
CA GLU A 73 -9.83 -4.34 -11.04
C GLU A 73 -8.67 -4.47 -12.00
N ASP A 74 -8.78 -3.82 -13.15
CA ASP A 74 -7.72 -3.87 -14.13
C ASP A 74 -6.58 -2.95 -13.70
N ASP A 75 -6.92 -1.73 -13.30
CA ASP A 75 -5.90 -0.79 -12.85
C ASP A 75 -5.13 -1.38 -11.68
N MET A 76 -5.81 -2.19 -10.89
CA MET A 76 -5.16 -2.83 -9.74
C MET A 76 -4.12 -3.83 -10.22
N PHE A 77 -4.57 -4.86 -10.94
CA PHE A 77 -3.66 -5.88 -11.43
C PHE A 77 -2.70 -5.31 -12.47
N GLN A 78 -3.07 -4.16 -13.06
CA GLN A 78 -2.21 -3.54 -14.06
C GLN A 78 -1.06 -2.80 -13.40
N TYR A 79 -1.39 -1.90 -12.49
CA TYR A 79 -0.36 -1.14 -11.79
C TYR A 79 0.46 -2.08 -10.89
N MET A 80 -0.12 -3.24 -10.59
CA MET A 80 0.56 -4.22 -9.76
C MET A 80 1.54 -5.03 -10.59
N MET A 81 1.07 -5.55 -11.72
CA MET A 81 1.91 -6.34 -12.60
C MET A 81 3.00 -5.47 -13.23
N GLU A 82 2.72 -4.17 -13.35
CA GLU A 82 3.68 -3.25 -13.94
C GLU A 82 4.93 -3.15 -13.08
N SER A 83 4.73 -2.77 -11.82
CA SER A 83 5.86 -2.64 -10.89
C SER A 83 5.48 -1.90 -9.61
N HIS A 84 4.22 -1.54 -9.45
CA HIS A 84 3.79 -0.82 -8.26
C HIS A 84 3.07 -1.75 -7.29
N GLY A 85 3.74 -2.09 -6.19
CA GLY A 85 3.16 -2.98 -5.18
C GLY A 85 3.24 -4.43 -5.62
N ASP A 86 3.95 -5.25 -4.84
CA ASP A 86 4.09 -6.67 -5.16
C ASP A 86 3.57 -7.56 -4.04
N TRP A 87 2.29 -7.42 -3.70
CA TRP A 87 1.71 -8.25 -2.64
C TRP A 87 0.20 -8.37 -2.79
N LEU A 88 -0.55 -7.67 -1.96
CA LEU A 88 -2.00 -7.76 -2.00
C LEU A 88 -2.67 -6.39 -2.11
N ALA A 89 -4.00 -6.44 -2.24
CA ALA A 89 -4.80 -5.23 -2.36
C ALA A 89 -6.15 -5.42 -1.69
N ILE A 90 -6.51 -4.50 -0.81
CA ILE A 90 -7.79 -4.60 -0.10
C ILE A 90 -8.92 -4.24 -1.05
N PRO A 91 -9.79 -5.16 -1.33
CA PRO A 91 -10.94 -4.90 -2.23
C PRO A 91 -11.66 -3.62 -1.84
N TYR A 92 -11.52 -2.59 -2.69
CA TYR A 92 -12.16 -1.30 -2.42
C TYR A 92 -13.45 -1.50 -1.65
N ARG A 93 -14.05 -2.68 -1.79
CA ARG A 93 -15.29 -2.98 -1.09
C ARG A 93 -14.99 -3.57 0.29
N SER A 94 -13.81 -3.28 0.78
CA SER A 94 -13.38 -3.77 2.09
C SER A 94 -13.48 -2.68 3.14
N GLY A 95 -14.71 -2.22 3.38
CA GLY A 95 -14.95 -1.16 4.38
C GLY A 95 -13.69 -0.85 5.18
N PRO A 96 -13.20 -1.81 5.94
CA PRO A 96 -11.98 -1.63 6.76
C PRO A 96 -10.91 -0.78 6.08
N ALA A 97 -10.92 -0.80 4.75
CA ALA A 97 -9.96 -0.01 3.98
C ALA A 97 -10.35 1.46 4.00
N SER A 98 -11.66 1.71 3.88
CA SER A 98 -12.15 3.09 3.90
C SER A 98 -11.99 3.64 5.31
N ASN A 99 -12.72 3.05 6.25
CA ASN A 99 -12.64 3.48 7.64
C ASN A 99 -11.18 3.69 8.03
N VAL A 100 -10.30 2.89 7.43
CA VAL A 100 -8.87 2.99 7.71
C VAL A 100 -8.37 4.36 7.29
N THR A 101 -8.63 4.73 6.04
CA THR A 101 -8.21 6.03 5.53
C THR A 101 -8.91 7.15 6.28
N ALA A 102 -10.21 6.98 6.42
CA ALA A 102 -11.02 7.96 7.11
C ALA A 102 -10.72 7.95 8.60
N LYS A 103 -10.15 6.84 9.07
CA LYS A 103 -9.79 6.71 10.47
C LYS A 103 -8.54 7.53 10.76
N TYR A 104 -7.64 7.59 9.79
CA TYR A 104 -6.40 8.35 9.95
C TYR A 104 -6.66 9.83 9.71
N GLY A 105 -7.76 10.14 9.05
CA GLY A 105 -8.13 11.52 8.76
C GLY A 105 -7.35 12.05 7.55
N ILE A 106 -7.00 11.16 6.63
CA ILE A 106 -6.26 11.56 5.44
C ILE A 106 -7.09 12.50 4.58
N THR A 107 -7.63 11.97 3.48
CA THR A 107 -8.44 12.78 2.59
C THR A 107 -7.58 13.80 1.84
N GLY A 108 -6.29 13.80 2.16
CA GLY A 108 -5.36 14.72 1.51
C GLY A 108 -4.66 14.04 0.34
N ILE A 109 -5.23 12.94 -0.12
CA ILE A 109 -4.67 12.19 -1.25
C ILE A 109 -4.26 13.15 -2.36
N PRO A 110 -3.21 12.84 -3.08
CA PRO A 110 -2.41 11.58 -2.87
C PRO A 110 -1.60 11.63 -1.58
N ALA A 111 -1.52 10.49 -0.89
CA ALA A 111 -0.77 10.42 0.35
C ALA A 111 -0.39 8.98 0.68
N LEU A 112 0.69 8.81 1.44
CA LEU A 112 1.14 7.47 1.80
C LEU A 112 1.07 7.28 3.31
N VAL A 113 0.37 6.23 3.74
CA VAL A 113 0.23 5.95 5.17
C VAL A 113 1.02 4.70 5.54
N ILE A 114 2.19 4.89 6.14
CA ILE A 114 3.02 3.76 6.54
C ILE A 114 2.76 3.37 7.99
N VAL A 115 2.48 2.08 8.20
CA VAL A 115 2.21 1.59 9.54
C VAL A 115 2.85 0.21 9.73
N LYS A 116 3.27 -0.07 10.96
CA LYS A 116 3.89 -1.35 11.28
C LYS A 116 2.86 -2.48 11.21
N LYS A 117 3.35 -3.69 10.94
CA LYS A 117 2.47 -4.86 10.85
C LYS A 117 1.49 -4.87 12.03
N ASP A 118 2.03 -4.73 13.23
CA ASP A 118 1.19 -4.74 14.44
C ASP A 118 0.23 -3.56 14.42
N GLY A 119 0.46 -2.63 13.49
CA GLY A 119 -0.40 -1.46 13.37
C GLY A 119 0.25 -0.26 14.07
N THR A 120 1.56 -0.33 14.26
CA THR A 120 2.28 0.75 14.91
C THR A 120 2.57 1.87 13.92
N LEU A 121 2.19 3.09 14.29
CA LEU A 121 2.43 4.24 13.43
C LEU A 121 3.91 4.57 13.38
N ILE A 122 4.37 4.97 12.19
CA ILE A 122 5.77 5.31 12.00
C ILE A 122 5.89 6.65 11.28
N SER A 123 5.43 6.67 10.05
CA SER A 123 5.48 7.89 9.24
C SER A 123 4.28 7.95 8.31
N MET A 124 3.45 8.98 8.48
CA MET A 124 2.27 9.13 7.64
C MET A 124 2.66 9.65 6.26
N ASN A 125 2.56 10.95 6.06
CA ASN A 125 2.90 11.56 4.78
C ASN A 125 4.37 11.29 4.45
N GLY A 126 4.78 10.04 4.63
CA GLY A 126 6.17 9.67 4.36
C GLY A 126 6.42 9.62 2.85
N ARG A 127 5.43 10.05 2.07
CA ARG A 127 5.57 10.04 0.63
C ARG A 127 6.93 10.59 0.22
N GLY A 128 7.03 11.90 0.05
CA GLY A 128 8.29 12.50 -0.34
C GLY A 128 9.45 11.91 0.45
N GLU A 129 9.18 11.48 1.67
CA GLU A 129 10.22 10.89 2.50
C GLU A 129 10.80 9.66 1.82
N VAL A 130 9.94 8.78 1.35
CA VAL A 130 10.40 7.58 0.67
C VAL A 130 11.03 7.94 -0.67
N GLN A 131 10.31 8.74 -1.45
CA GLN A 131 10.80 9.17 -2.75
C GLN A 131 12.04 10.06 -2.58
N SER A 132 12.19 10.64 -1.39
CA SER A 132 13.33 11.49 -1.11
C SER A 132 14.54 10.65 -0.73
N LEU A 133 14.35 9.76 0.24
CA LEU A 133 15.42 8.89 0.69
C LEU A 133 15.44 7.61 -0.11
N GLY A 134 14.53 7.47 -1.05
CA GLY A 134 14.46 6.27 -1.86
C GLY A 134 14.33 5.04 -0.98
N PRO A 135 14.91 3.94 -1.39
CA PRO A 135 14.86 2.67 -0.61
C PRO A 135 15.60 2.79 0.72
N ARG A 136 16.37 3.87 0.86
CA ARG A 136 17.12 4.11 2.09
C ARG A 136 16.20 4.67 3.16
N ALA A 137 14.99 5.03 2.73
CA ALA A 137 14.00 5.57 3.66
C ALA A 137 13.52 4.48 4.61
N PHE A 138 13.72 3.23 4.21
CA PHE A 138 13.31 2.11 5.04
C PHE A 138 13.55 2.42 6.51
N GLN A 139 14.48 3.33 6.77
CA GLN A 139 14.79 3.72 8.14
C GLN A 139 13.66 4.56 8.71
N ASN A 140 13.18 5.52 7.93
CA ASN A 140 12.10 6.38 8.36
C ASN A 140 10.78 5.61 8.30
N TRP A 141 10.65 4.77 7.27
CA TRP A 141 9.46 3.97 7.10
C TRP A 141 9.46 2.79 8.07
N ALA A 142 10.64 2.49 8.61
CA ALA A 142 10.78 1.39 9.55
C ALA A 142 11.45 1.84 10.83
N ARG A 143 11.66 3.15 10.93
CA ARG A 143 12.29 3.73 12.10
C ARG A 143 11.94 2.93 13.36
N MET A 1 -15.84 -2.91 13.00
CA MET A 1 -14.79 -3.09 11.96
C MET A 1 -13.52 -2.34 12.39
N GLU A 2 -13.25 -2.38 13.69
CA GLU A 2 -12.06 -1.71 14.22
C GLU A 2 -10.84 -2.01 13.36
N PHE A 3 -10.49 -3.29 13.28
CA PHE A 3 -9.33 -3.70 12.49
C PHE A 3 -9.78 -4.39 11.21
N ILE A 4 -8.83 -4.66 10.31
CA ILE A 4 -9.15 -5.31 9.05
C ILE A 4 -9.17 -6.82 9.21
N GLN A 5 -8.20 -7.34 9.98
CA GLN A 5 -8.12 -8.77 10.21
C GLN A 5 -9.51 -9.40 10.26
N GLY A 6 -9.77 -10.34 9.35
CA GLY A 6 -11.07 -11.00 9.30
C GLY A 6 -11.67 -10.90 7.91
N ILE A 7 -11.13 -10.00 7.08
CA ILE A 7 -11.63 -9.81 5.73
C ILE A 7 -10.76 -10.59 4.74
N LYS A 8 -11.20 -10.61 3.48
CA LYS A 8 -10.46 -11.31 2.44
C LYS A 8 -9.88 -10.31 1.44
N LEU A 9 -8.59 -10.48 1.14
CA LEU A 9 -7.92 -9.59 0.21
C LEU A 9 -7.80 -10.24 -1.17
N VAL A 10 -7.48 -9.43 -2.17
CA VAL A 10 -7.34 -9.94 -3.53
C VAL A 10 -5.92 -9.70 -4.06
N LYS A 11 -5.17 -10.78 -4.22
CA LYS A 11 -3.80 -10.67 -4.71
C LYS A 11 -3.78 -10.07 -6.11
N LYS A 12 -2.80 -9.20 -6.36
CA LYS A 12 -2.68 -8.55 -7.66
C LYS A 12 -2.90 -9.56 -8.78
N ASN A 13 -2.52 -10.82 -8.53
CA ASN A 13 -2.69 -11.86 -9.53
C ASN A 13 -4.18 -12.18 -9.71
N ARG A 14 -5.02 -11.24 -9.31
CA ARG A 14 -6.46 -11.41 -9.43
C ARG A 14 -6.93 -12.60 -8.60
N CYS A 15 -6.14 -12.95 -7.59
CA CYS A 15 -6.48 -14.08 -6.73
C CYS A 15 -7.14 -13.59 -5.45
N GLU A 16 -7.65 -14.53 -4.65
CA GLU A 16 -8.30 -14.19 -3.40
C GLU A 16 -7.60 -14.86 -2.22
N VAL A 17 -7.48 -14.14 -1.11
CA VAL A 17 -6.83 -14.68 0.08
C VAL A 17 -7.31 -13.95 1.33
N ASN A 18 -6.93 -14.47 2.49
CA ASN A 18 -7.34 -13.86 3.75
C ASN A 18 -6.28 -12.86 4.22
N ALA A 19 -6.58 -11.57 4.05
CA ALA A 19 -5.66 -10.52 4.46
C ALA A 19 -4.93 -10.92 5.75
N ASN A 20 -5.53 -11.79 6.52
CA ASN A 20 -4.93 -12.24 7.78
C ASN A 20 -3.49 -12.69 7.53
N GLU A 21 -3.33 -13.63 6.61
CA GLU A 21 -2.00 -14.14 6.27
C GLU A 21 -1.45 -13.42 5.05
N ALA A 22 -2.36 -12.91 4.22
CA ALA A 22 -1.96 -12.21 3.01
C ALA A 22 -1.10 -11.00 3.35
N LEU A 23 -1.46 -10.31 4.44
CA LEU A 23 -0.70 -9.13 4.86
C LEU A 23 0.67 -9.52 5.38
N LYS A 24 1.11 -10.73 5.03
CA LYS A 24 2.42 -11.21 5.47
C LYS A 24 3.20 -10.11 6.17
N ASP A 25 3.76 -9.19 5.38
CA ASP A 25 4.52 -8.08 5.93
C ASP A 25 5.51 -8.59 6.98
N LYS A 26 6.79 -8.64 6.60
CA LYS A 26 7.81 -9.09 7.53
C LYS A 26 7.62 -8.41 8.88
N ASP A 27 6.88 -7.30 8.86
CA ASP A 27 6.61 -6.55 10.08
C ASP A 27 6.34 -5.08 9.77
N ILE A 28 6.12 -4.76 8.51
CA ILE A 28 5.84 -3.37 8.12
C ILE A 28 4.81 -3.31 6.99
N ILE A 29 4.01 -2.26 6.97
CA ILE A 29 2.99 -2.11 5.94
C ILE A 29 2.95 -0.69 5.40
N GLY A 30 2.70 -0.57 4.10
CA GLY A 30 2.65 0.74 3.46
C GLY A 30 1.32 0.93 2.72
N PHE A 31 0.48 1.81 3.25
CA PHE A 31 -0.82 2.08 2.64
C PHE A 31 -0.71 3.15 1.56
N TYR A 32 -1.07 2.81 0.34
CA TYR A 32 -1.00 3.76 -0.77
C TYR A 32 -2.39 4.29 -1.10
N PHE A 33 -2.55 5.61 -1.07
CA PHE A 33 -3.84 6.21 -1.38
C PHE A 33 -3.72 7.13 -2.59
N SER A 34 -4.44 6.80 -3.65
CA SER A 34 -4.41 7.61 -4.87
C SER A 34 -4.75 6.75 -6.08
N ALA A 35 -6.04 6.67 -6.40
CA ALA A 35 -6.49 5.88 -7.54
C ALA A 35 -5.40 5.87 -8.61
N HIS A 36 -4.92 7.04 -8.96
CA HIS A 36 -3.86 7.17 -9.96
C HIS A 36 -4.34 6.71 -11.33
N TRP A 37 -5.39 5.88 -11.37
CA TRP A 37 -5.91 5.39 -12.63
C TRP A 37 -6.96 6.34 -13.20
N CYS A 38 -7.87 6.78 -12.35
CA CYS A 38 -8.92 7.70 -12.80
C CYS A 38 -8.42 9.13 -12.78
N PRO A 39 -7.84 9.55 -11.68
CA PRO A 39 -7.30 10.92 -11.52
C PRO A 39 -5.85 11.03 -11.98
N PRO A 40 -5.42 12.20 -12.36
CA PRO A 40 -4.03 12.45 -12.84
C PRO A 40 -3.03 12.50 -11.67
N CYS A 41 -1.81 12.05 -11.93
CA CYS A 41 -0.78 12.05 -10.89
C CYS A 41 0.33 11.04 -11.22
N ARG A 42 0.65 10.93 -12.51
CA ARG A 42 1.69 10.01 -12.94
C ARG A 42 3.08 10.61 -12.74
N GLY A 43 4.06 9.77 -12.48
CA GLY A 43 5.42 10.23 -12.27
C GLY A 43 5.97 9.77 -10.92
N PHE A 44 5.09 9.72 -9.92
CA PHE A 44 5.49 9.30 -8.58
C PHE A 44 5.44 7.78 -8.46
N THR A 45 4.85 7.13 -9.47
CA THR A 45 4.73 5.68 -9.46
C THR A 45 6.09 5.02 -9.67
N PRO A 46 6.72 5.29 -10.78
CA PRO A 46 8.07 4.70 -11.09
C PRO A 46 9.05 4.94 -9.95
N ILE A 47 8.66 5.80 -9.02
CA ILE A 47 9.52 6.11 -7.88
C ILE A 47 9.30 5.10 -6.77
N LEU A 48 8.04 4.96 -6.36
CA LEU A 48 7.70 4.02 -5.32
C LEU A 48 7.89 2.59 -5.84
N ALA A 49 7.84 2.44 -7.16
CA ALA A 49 8.04 1.13 -7.77
C ALA A 49 9.52 0.76 -7.69
N ASP A 50 10.36 1.78 -7.58
CA ASP A 50 11.79 1.55 -7.47
C ASP A 50 12.14 1.22 -6.03
N MET A 51 11.37 1.80 -5.12
CA MET A 51 11.59 1.56 -3.69
C MET A 51 11.14 0.16 -3.31
N TYR A 52 9.92 -0.21 -3.68
CA TYR A 52 9.42 -1.52 -3.37
C TYR A 52 10.14 -2.57 -4.20
N SER A 53 10.57 -2.20 -5.39
CA SER A 53 11.31 -3.11 -6.25
C SER A 53 12.66 -3.43 -5.65
N GLU A 54 13.28 -2.43 -5.04
CA GLU A 54 14.58 -2.63 -4.40
C GLU A 54 14.38 -3.43 -3.12
N LEU A 55 13.52 -2.91 -2.24
CA LEU A 55 13.24 -3.58 -0.99
C LEU A 55 12.76 -5.01 -1.25
N VAL A 56 12.01 -5.21 -2.34
CA VAL A 56 11.52 -6.53 -2.69
C VAL A 56 12.70 -7.45 -2.94
N ASP A 57 13.61 -7.00 -3.78
CA ASP A 57 14.80 -7.78 -4.07
C ASP A 57 15.43 -8.23 -2.76
N ASP A 58 15.32 -7.36 -1.76
CA ASP A 58 15.86 -7.66 -0.44
C ASP A 58 14.80 -8.35 0.41
N SER A 59 13.83 -8.94 -0.25
CA SER A 59 12.74 -9.61 0.46
C SER A 59 11.87 -8.58 1.16
N ALA A 60 11.90 -7.37 0.61
CA ALA A 60 11.13 -6.25 1.14
C ALA A 60 10.44 -6.62 2.45
N PRO A 61 10.87 -6.03 3.54
CA PRO A 61 10.28 -6.29 4.88
C PRO A 61 9.00 -5.51 5.11
N PHE A 62 8.14 -5.45 4.10
CA PHE A 62 6.89 -4.74 4.22
C PHE A 62 5.99 -4.98 3.01
N GLU A 63 4.68 -4.84 3.23
CA GLU A 63 3.70 -5.06 2.16
C GLU A 63 3.00 -3.75 1.80
N ILE A 64 2.62 -3.63 0.52
CA ILE A 64 1.93 -2.43 0.06
C ILE A 64 0.42 -2.68 -0.03
N ILE A 65 -0.35 -1.81 0.61
CA ILE A 65 -1.81 -1.94 0.58
C ILE A 65 -2.36 -1.15 -0.60
N PHE A 66 -3.34 -1.74 -1.29
CA PHE A 66 -3.94 -1.06 -2.45
C PHE A 66 -5.35 -0.58 -2.12
N VAL A 67 -5.49 0.73 -1.93
CA VAL A 67 -6.79 1.32 -1.63
C VAL A 67 -7.03 2.51 -2.55
N SER A 68 -7.86 3.45 -2.09
CA SER A 68 -8.17 4.63 -2.89
C SER A 68 -9.03 4.26 -4.09
N SER A 69 -9.86 5.19 -4.53
CA SER A 69 -10.75 4.96 -5.67
C SER A 69 -10.04 4.16 -6.76
N ASP A 70 -9.81 2.88 -6.49
CA ASP A 70 -9.15 2.00 -7.45
C ASP A 70 -10.11 0.93 -7.92
N ARG A 71 -11.38 1.09 -7.56
CA ARG A 71 -12.42 0.14 -7.92
C ARG A 71 -12.16 -0.49 -9.28
N SER A 72 -11.13 0.01 -9.99
CA SER A 72 -10.81 -0.54 -11.30
C SER A 72 -10.04 -1.83 -11.13
N GLU A 73 -10.66 -2.94 -11.51
CA GLU A 73 -10.01 -4.24 -11.40
C GLU A 73 -8.82 -4.31 -12.33
N ASP A 74 -8.90 -3.59 -13.44
CA ASP A 74 -7.81 -3.57 -14.40
C ASP A 74 -6.69 -2.68 -13.89
N ASP A 75 -7.03 -1.47 -13.48
CA ASP A 75 -6.03 -0.55 -12.96
C ASP A 75 -5.43 -1.11 -11.69
N MET A 76 -6.14 -2.05 -11.08
CA MET A 76 -5.65 -2.68 -9.86
C MET A 76 -4.53 -3.66 -10.17
N PHE A 77 -4.84 -4.65 -11.00
CA PHE A 77 -3.83 -5.66 -11.36
C PHE A 77 -2.84 -5.09 -12.37
N GLN A 78 -3.24 -4.02 -13.05
CA GLN A 78 -2.36 -3.39 -14.04
C GLN A 78 -1.28 -2.58 -13.33
N TYR A 79 -1.70 -1.66 -12.49
CA TYR A 79 -0.75 -0.82 -11.76
C TYR A 79 0.08 -1.69 -10.82
N MET A 80 -0.54 -2.76 -10.32
CA MET A 80 0.14 -3.67 -9.41
C MET A 80 1.18 -4.50 -10.16
N MET A 81 0.79 -5.02 -11.32
CA MET A 81 1.69 -5.84 -12.12
C MET A 81 2.66 -4.98 -12.91
N GLU A 82 2.33 -3.70 -13.06
CA GLU A 82 3.19 -2.78 -13.81
C GLU A 82 4.52 -2.56 -13.08
N SER A 83 4.52 -2.78 -11.77
CA SER A 83 5.73 -2.61 -10.97
C SER A 83 5.44 -1.89 -9.66
N HIS A 84 4.16 -1.59 -9.43
CA HIS A 84 3.77 -0.89 -8.21
C HIS A 84 3.27 -1.88 -7.16
N GLY A 85 4.07 -2.11 -6.13
CA GLY A 85 3.69 -3.03 -5.06
C GLY A 85 3.50 -4.46 -5.60
N ASP A 86 3.97 -5.45 -4.85
CA ASP A 86 3.84 -6.83 -5.29
C ASP A 86 3.38 -7.75 -4.17
N TRP A 87 2.15 -7.57 -3.70
CA TRP A 87 1.62 -8.42 -2.64
C TRP A 87 0.10 -8.55 -2.73
N LEU A 88 -0.63 -7.87 -1.85
CA LEU A 88 -2.09 -7.96 -1.88
C LEU A 88 -2.73 -6.59 -2.06
N ALA A 89 -4.06 -6.60 -2.17
CA ALA A 89 -4.83 -5.38 -2.35
C ALA A 89 -6.21 -5.54 -1.73
N ILE A 90 -6.58 -4.59 -0.86
CA ILE A 90 -7.88 -4.64 -0.21
C ILE A 90 -8.98 -4.28 -1.18
N PRO A 91 -9.85 -5.21 -1.50
CA PRO A 91 -10.95 -4.94 -2.43
C PRO A 91 -11.71 -3.67 -2.06
N TYR A 92 -11.56 -2.64 -2.89
CA TYR A 92 -12.22 -1.36 -2.63
C TYR A 92 -13.54 -1.57 -1.90
N ARG A 93 -14.10 -2.77 -2.06
CA ARG A 93 -15.36 -3.10 -1.40
C ARG A 93 -15.10 -3.68 -0.02
N SER A 94 -13.93 -3.38 0.52
CA SER A 94 -13.55 -3.87 1.84
C SER A 94 -13.71 -2.78 2.89
N GLY A 95 -14.94 -2.32 3.09
CA GLY A 95 -15.24 -1.28 4.06
C GLY A 95 -14.03 -0.96 4.94
N PRO A 96 -13.57 -1.91 5.71
CA PRO A 96 -12.40 -1.74 6.60
C PRO A 96 -11.30 -0.89 5.95
N ALA A 97 -11.23 -0.93 4.64
CA ALA A 97 -10.24 -0.16 3.91
C ALA A 97 -10.62 1.32 3.90
N SER A 98 -11.91 1.58 3.70
CA SER A 98 -12.39 2.96 3.70
C SER A 98 -12.33 3.50 5.12
N ASN A 99 -13.10 2.90 6.01
CA ASN A 99 -13.11 3.33 7.40
C ASN A 99 -11.68 3.54 7.87
N VAL A 100 -10.77 2.74 7.35
CA VAL A 100 -9.36 2.83 7.71
C VAL A 100 -8.83 4.22 7.34
N THR A 101 -8.99 4.58 6.07
CA THR A 101 -8.53 5.87 5.59
C THR A 101 -9.29 6.99 6.29
N ALA A 102 -10.60 6.82 6.32
CA ALA A 102 -11.47 7.80 6.96
C ALA A 102 -11.28 7.78 8.46
N LYS A 103 -10.74 6.66 8.96
CA LYS A 103 -10.49 6.53 10.39
C LYS A 103 -9.29 7.39 10.78
N TYR A 104 -8.30 7.47 9.90
CA TYR A 104 -7.11 8.26 10.16
C TYR A 104 -7.37 9.72 9.80
N GLY A 105 -8.51 9.99 9.19
CA GLY A 105 -8.87 11.34 8.79
C GLY A 105 -8.01 11.81 7.61
N ILE A 106 -7.59 10.86 6.79
CA ILE A 106 -6.77 11.18 5.63
C ILE A 106 -7.58 11.90 4.56
N THR A 107 -6.99 12.92 3.97
CA THR A 107 -7.66 13.69 2.94
C THR A 107 -6.66 14.53 2.15
N GLY A 108 -5.40 14.12 2.19
CA GLY A 108 -4.35 14.83 1.47
C GLY A 108 -3.94 14.08 0.21
N ILE A 109 -4.73 13.08 -0.17
CA ILE A 109 -4.44 12.29 -1.35
C ILE A 109 -4.01 13.19 -2.50
N PRO A 110 -2.99 12.82 -3.24
CA PRO A 110 -2.24 11.55 -3.01
C PRO A 110 -1.41 11.58 -1.74
N ALA A 111 -1.33 10.44 -1.06
CA ALA A 111 -0.57 10.35 0.19
C ALA A 111 -0.21 8.92 0.51
N LEU A 112 0.80 8.74 1.37
CA LEU A 112 1.24 7.41 1.76
C LEU A 112 1.16 7.25 3.28
N VAL A 113 0.46 6.21 3.73
CA VAL A 113 0.30 5.96 5.15
C VAL A 113 1.08 4.71 5.56
N ILE A 114 2.22 4.90 6.21
CA ILE A 114 3.03 3.77 6.63
C ILE A 114 2.74 3.40 8.08
N VAL A 115 2.44 2.12 8.30
CA VAL A 115 2.14 1.63 9.65
C VAL A 115 2.74 0.25 9.86
N LYS A 116 3.09 -0.05 11.10
CA LYS A 116 3.67 -1.34 11.43
C LYS A 116 2.61 -2.44 11.41
N LYS A 117 3.05 -3.68 11.34
CA LYS A 117 2.14 -4.83 11.31
C LYS A 117 1.18 -4.77 12.49
N ASP A 118 1.73 -4.61 13.69
CA ASP A 118 0.92 -4.55 14.90
C ASP A 118 -0.02 -3.35 14.85
N GLY A 119 0.15 -2.51 13.83
CA GLY A 119 -0.67 -1.32 13.68
C GLY A 119 0.02 -0.11 14.27
N THR A 120 1.32 -0.26 14.58
CA THR A 120 2.09 0.82 15.15
C THR A 120 2.43 1.86 14.09
N LEU A 121 2.04 3.11 14.37
CA LEU A 121 2.31 4.19 13.43
C LEU A 121 3.80 4.52 13.43
N ILE A 122 4.32 4.80 12.25
CA ILE A 122 5.74 5.12 12.12
C ILE A 122 5.91 6.45 11.41
N SER A 123 5.50 6.49 10.15
CA SER A 123 5.61 7.70 9.34
C SER A 123 4.36 7.88 8.49
N MET A 124 3.65 8.98 8.72
CA MET A 124 2.44 9.27 7.96
C MET A 124 2.78 10.01 6.67
N ASN A 125 4.07 9.99 6.33
CA ASN A 125 4.53 10.64 5.11
C ASN A 125 5.42 9.68 4.33
N GLY A 126 4.97 8.43 4.22
CA GLY A 126 5.72 7.42 3.51
C GLY A 126 6.26 7.94 2.18
N ARG A 127 5.46 8.77 1.52
CA ARG A 127 5.88 9.34 0.24
C ARG A 127 6.73 10.59 0.47
N GLY A 128 6.93 10.91 1.74
CA GLY A 128 7.77 12.03 2.13
C GLY A 128 9.21 11.57 2.23
N GLU A 129 9.44 10.65 3.16
CA GLU A 129 10.77 10.11 3.37
C GLU A 129 11.16 9.25 2.18
N VAL A 130 10.16 8.67 1.52
CA VAL A 130 10.42 7.82 0.36
C VAL A 130 10.87 8.65 -0.83
N GLN A 131 10.12 9.69 -1.17
CA GLN A 131 10.51 10.53 -2.30
C GLN A 131 11.82 11.24 -1.99
N SER A 132 12.03 11.60 -0.73
CA SER A 132 13.23 12.31 -0.32
C SER A 132 14.43 11.36 -0.27
N LEU A 133 14.23 10.17 0.31
CA LEU A 133 15.31 9.21 0.44
C LEU A 133 15.16 8.05 -0.54
N GLY A 134 14.06 8.04 -1.30
CA GLY A 134 13.85 6.95 -2.25
C GLY A 134 13.89 5.61 -1.52
N PRO A 135 14.37 4.58 -2.17
CA PRO A 135 14.47 3.22 -1.57
C PRO A 135 15.26 3.21 -0.26
N ARG A 136 16.14 4.20 -0.09
CA ARG A 136 16.95 4.29 1.12
C ARG A 136 16.08 4.78 2.28
N ALA A 137 14.86 5.15 1.95
CA ALA A 137 13.93 5.62 2.96
C ALA A 137 13.46 4.47 3.83
N PHE A 138 13.58 3.25 3.31
CA PHE A 138 13.17 2.07 4.06
C PHE A 138 13.56 2.22 5.52
N GLN A 139 14.67 2.91 5.75
CA GLN A 139 15.15 3.14 7.11
C GLN A 139 14.15 3.98 7.88
N ASN A 140 13.50 4.90 7.18
CA ASN A 140 12.50 5.76 7.80
C ASN A 140 11.21 4.99 8.03
N TRP A 141 10.87 4.14 7.07
CA TRP A 141 9.66 3.33 7.16
C TRP A 141 9.82 2.28 8.26
N ALA A 142 11.07 2.00 8.65
CA ALA A 142 11.33 1.04 9.70
C ALA A 142 12.02 1.70 10.88
N ARG A 143 12.11 3.01 10.81
CA ARG A 143 12.75 3.79 11.86
C ARG A 143 12.59 3.08 13.21
N MET A 1 -12.77 -3.77 18.66
CA MET A 1 -13.22 -3.27 17.32
C MET A 1 -12.43 -3.97 16.24
N GLU A 2 -11.17 -4.28 16.52
CA GLU A 2 -10.31 -4.95 15.56
C GLU A 2 -10.12 -4.08 14.31
N PHE A 3 -8.94 -4.19 13.70
CA PHE A 3 -8.65 -3.41 12.50
C PHE A 3 -9.09 -4.15 11.25
N ILE A 4 -8.25 -4.12 10.22
CA ILE A 4 -8.56 -4.79 8.96
C ILE A 4 -8.32 -6.30 9.09
N GLN A 5 -7.18 -6.66 9.66
CA GLN A 5 -6.83 -8.07 9.83
C GLN A 5 -8.08 -8.90 10.09
N GLY A 6 -8.25 -9.96 9.30
CA GLY A 6 -9.41 -10.83 9.45
C GLY A 6 -10.37 -10.67 8.28
N ILE A 7 -10.02 -9.78 7.35
CA ILE A 7 -10.86 -9.54 6.19
C ILE A 7 -10.29 -10.25 4.96
N LYS A 8 -11.02 -10.16 3.85
CA LYS A 8 -10.58 -10.80 2.61
C LYS A 8 -9.69 -9.84 1.82
N LEU A 9 -9.05 -10.35 0.78
CA LEU A 9 -8.19 -9.53 -0.07
C LEU A 9 -8.00 -10.19 -1.44
N VAL A 10 -7.60 -9.39 -2.42
CA VAL A 10 -7.41 -9.92 -3.77
C VAL A 10 -5.94 -9.81 -4.20
N LYS A 11 -5.43 -10.87 -4.81
CA LYS A 11 -4.05 -10.89 -5.26
C LYS A 11 -3.98 -10.50 -6.74
N LYS A 12 -2.92 -9.79 -7.09
CA LYS A 12 -2.73 -9.34 -8.47
C LYS A 12 -3.11 -10.45 -9.44
N ASN A 13 -2.86 -11.69 -9.05
CA ASN A 13 -3.18 -12.83 -9.89
C ASN A 13 -4.69 -13.03 -9.94
N ARG A 14 -5.43 -11.99 -9.57
CA ARG A 14 -6.89 -12.06 -9.56
C ARG A 14 -7.35 -13.15 -8.61
N CYS A 15 -6.55 -13.43 -7.59
CA CYS A 15 -6.89 -14.46 -6.61
C CYS A 15 -7.49 -13.85 -5.35
N GLU A 16 -8.00 -14.70 -4.47
CA GLU A 16 -8.60 -14.24 -3.23
C GLU A 16 -7.91 -14.88 -2.04
N VAL A 17 -7.66 -14.08 -1.00
CA VAL A 17 -7.00 -14.57 0.20
C VAL A 17 -7.39 -13.74 1.42
N ASN A 18 -6.97 -14.20 2.59
CA ASN A 18 -7.28 -13.49 3.83
C ASN A 18 -6.14 -12.55 4.21
N ALA A 19 -6.41 -11.24 4.13
CA ALA A 19 -5.41 -10.24 4.46
C ALA A 19 -4.66 -10.62 5.74
N ASN A 20 -5.31 -11.43 6.59
CA ASN A 20 -4.70 -11.85 7.84
C ASN A 20 -3.31 -12.44 7.58
N GLU A 21 -3.26 -13.47 6.74
CA GLU A 21 -2.00 -14.11 6.42
C GLU A 21 -1.43 -13.55 5.11
N ALA A 22 -2.32 -13.05 4.26
CA ALA A 22 -1.91 -12.49 2.98
C ALA A 22 -1.08 -11.22 3.20
N LEU A 23 -1.37 -10.50 4.28
CA LEU A 23 -0.65 -9.27 4.57
C LEU A 23 0.80 -9.56 4.96
N LYS A 24 1.09 -10.84 5.19
CA LYS A 24 2.44 -11.25 5.56
C LYS A 24 3.17 -10.11 6.26
N ASP A 25 3.75 -9.20 5.47
CA ASP A 25 4.48 -8.07 6.02
C ASP A 25 5.42 -8.52 7.13
N LYS A 26 6.67 -8.77 6.76
CA LYS A 26 7.66 -9.21 7.74
C LYS A 26 7.41 -8.52 9.08
N ASP A 27 6.72 -7.38 9.02
CA ASP A 27 6.42 -6.63 10.24
C ASP A 27 6.12 -5.17 9.93
N ILE A 28 5.96 -4.84 8.64
CA ILE A 28 5.66 -3.47 8.25
C ILE A 28 4.66 -3.45 7.10
N ILE A 29 3.87 -2.39 7.02
CA ILE A 29 2.87 -2.27 5.96
C ILE A 29 2.86 -0.86 5.39
N GLY A 30 2.48 -0.77 4.11
CA GLY A 30 2.41 0.53 3.45
C GLY A 30 1.02 0.75 2.89
N PHE A 31 0.57 2.00 2.91
CA PHE A 31 -0.75 2.34 2.41
C PHE A 31 -0.68 3.40 1.33
N TYR A 32 -1.10 3.05 0.12
CA TYR A 32 -1.08 3.99 -0.98
C TYR A 32 -2.47 4.58 -1.22
N PHE A 33 -2.57 5.90 -1.25
CA PHE A 33 -3.85 6.56 -1.47
C PHE A 33 -3.76 7.53 -2.65
N SER A 34 -4.45 7.21 -3.73
CA SER A 34 -4.44 8.06 -4.91
C SER A 34 -4.64 7.23 -6.18
N ALA A 35 -5.88 6.99 -6.55
CA ALA A 35 -6.18 6.23 -7.75
C ALA A 35 -5.24 6.63 -8.87
N HIS A 36 -4.44 5.67 -9.34
CA HIS A 36 -3.49 5.96 -10.41
C HIS A 36 -4.06 5.56 -11.77
N TRP A 37 -5.39 5.42 -11.84
CA TRP A 37 -6.02 5.05 -13.10
C TRP A 37 -7.08 6.06 -13.51
N CYS A 38 -7.99 6.39 -12.59
CA CYS A 38 -9.05 7.35 -12.91
C CYS A 38 -8.48 8.75 -13.09
N PRO A 39 -7.81 9.27 -12.10
CA PRO A 39 -7.20 10.63 -12.15
C PRO A 39 -5.76 10.61 -12.66
N PRO A 40 -5.34 11.66 -13.30
CA PRO A 40 -3.95 11.77 -13.84
C PRO A 40 -2.94 12.07 -12.74
N CYS A 41 -1.76 11.46 -12.84
CA CYS A 41 -0.72 11.67 -11.85
C CYS A 41 0.46 10.72 -12.08
N ARG A 42 0.88 10.60 -13.33
CA ARG A 42 1.99 9.72 -13.68
C ARG A 42 3.32 10.41 -13.40
N GLY A 43 4.33 9.61 -13.06
CA GLY A 43 5.66 10.14 -12.77
C GLY A 43 6.12 9.73 -11.38
N PHE A 44 5.19 9.66 -10.45
CA PHE A 44 5.53 9.28 -9.08
C PHE A 44 5.53 7.76 -8.94
N THR A 45 4.52 7.11 -9.50
CA THR A 45 4.41 5.67 -9.43
C THR A 45 5.77 5.01 -9.70
N PRO A 46 6.39 5.31 -10.81
CA PRO A 46 7.71 4.73 -11.16
C PRO A 46 8.75 4.97 -10.08
N ILE A 47 8.43 5.84 -9.13
CA ILE A 47 9.36 6.13 -8.04
C ILE A 47 9.17 5.12 -6.92
N LEU A 48 7.94 5.00 -6.46
CA LEU A 48 7.64 4.05 -5.39
C LEU A 48 7.82 2.63 -5.90
N ALA A 49 7.64 2.45 -7.21
CA ALA A 49 7.81 1.12 -7.81
C ALA A 49 9.28 0.73 -7.80
N ASP A 50 10.15 1.73 -7.89
CA ASP A 50 11.57 1.47 -7.86
C ASP A 50 12.00 1.23 -6.42
N MET A 51 11.25 1.84 -5.50
CA MET A 51 11.53 1.70 -4.08
C MET A 51 11.11 0.31 -3.61
N TYR A 52 9.84 -0.02 -3.79
CA TYR A 52 9.36 -1.33 -3.37
C TYR A 52 10.10 -2.42 -4.13
N SER A 53 10.54 -2.09 -5.35
CA SER A 53 11.28 -3.05 -6.15
C SER A 53 12.58 -3.42 -5.46
N GLU A 54 13.31 -2.40 -5.01
CA GLU A 54 14.57 -2.63 -4.32
C GLU A 54 14.31 -3.40 -3.02
N LEU A 55 13.44 -2.82 -2.19
CA LEU A 55 13.09 -3.46 -0.93
C LEU A 55 12.64 -4.89 -1.17
N VAL A 56 11.89 -5.11 -2.25
CA VAL A 56 11.43 -6.46 -2.57
C VAL A 56 12.61 -7.38 -2.73
N ASP A 57 13.56 -6.96 -3.54
CA ASP A 57 14.77 -7.75 -3.75
C ASP A 57 15.32 -8.16 -2.40
N ASP A 58 15.19 -7.26 -1.43
CA ASP A 58 15.66 -7.53 -0.08
C ASP A 58 14.56 -8.18 0.74
N SER A 59 13.60 -8.78 0.04
CA SER A 59 12.49 -9.43 0.71
C SER A 59 11.59 -8.37 1.34
N ALA A 60 11.70 -7.16 0.79
CA ALA A 60 10.91 -6.02 1.24
C ALA A 60 10.19 -6.34 2.55
N PRO A 61 10.81 -6.05 3.66
CA PRO A 61 10.23 -6.29 5.01
C PRO A 61 8.92 -5.52 5.23
N PHE A 62 8.08 -5.48 4.20
CA PHE A 62 6.81 -4.79 4.31
C PHE A 62 5.94 -5.02 3.08
N GLU A 63 4.62 -4.91 3.27
CA GLU A 63 3.68 -5.11 2.17
C GLU A 63 3.00 -3.80 1.78
N ILE A 64 2.65 -3.67 0.50
CA ILE A 64 2.00 -2.46 0.01
C ILE A 64 0.49 -2.69 -0.13
N ILE A 65 -0.28 -1.75 0.41
CA ILE A 65 -1.73 -1.84 0.33
C ILE A 65 -2.23 -0.98 -0.83
N PHE A 66 -3.18 -1.50 -1.61
CA PHE A 66 -3.70 -0.75 -2.74
C PHE A 66 -5.14 -0.29 -2.47
N VAL A 67 -5.30 1.01 -2.28
CA VAL A 67 -6.62 1.58 -2.03
C VAL A 67 -6.87 2.76 -2.96
N SER A 68 -7.72 3.69 -2.54
CA SER A 68 -8.03 4.85 -3.36
C SER A 68 -8.89 4.44 -4.55
N SER A 69 -9.74 5.37 -5.00
CA SER A 69 -10.63 5.10 -6.13
C SER A 69 -9.94 4.23 -7.18
N ASP A 70 -9.75 2.96 -6.85
CA ASP A 70 -9.11 2.02 -7.77
C ASP A 70 -10.11 0.95 -8.19
N ARG A 71 -11.36 1.17 -7.85
CA ARG A 71 -12.42 0.22 -8.18
C ARG A 71 -12.15 -0.50 -9.50
N SER A 72 -11.13 -0.06 -10.23
CA SER A 72 -10.81 -0.70 -11.49
C SER A 72 -10.07 -2.01 -11.23
N GLU A 73 -10.72 -3.11 -11.54
CA GLU A 73 -10.11 -4.42 -11.33
C GLU A 73 -8.93 -4.59 -12.28
N ASP A 74 -9.02 -3.95 -13.44
CA ASP A 74 -7.95 -4.04 -14.42
C ASP A 74 -6.81 -3.11 -14.03
N ASP A 75 -7.14 -1.87 -13.69
CA ASP A 75 -6.11 -0.92 -13.29
C ASP A 75 -5.52 -1.34 -11.96
N MET A 76 -6.25 -2.20 -11.25
CA MET A 76 -5.79 -2.68 -9.95
C MET A 76 -4.69 -3.72 -10.15
N PHE A 77 -5.00 -4.78 -10.90
CA PHE A 77 -4.01 -5.83 -11.14
C PHE A 77 -2.98 -5.36 -12.17
N GLN A 78 -3.38 -4.44 -13.03
CA GLN A 78 -2.47 -3.93 -14.06
C GLN A 78 -1.38 -3.08 -13.43
N TYR A 79 -1.80 -2.07 -12.66
CA TYR A 79 -0.85 -1.19 -12.01
C TYR A 79 -0.02 -1.97 -11.00
N MET A 80 -0.65 -2.95 -10.35
CA MET A 80 0.04 -3.76 -9.36
C MET A 80 1.12 -4.61 -10.02
N MET A 81 0.80 -5.15 -11.20
CA MET A 81 1.74 -5.99 -11.93
C MET A 81 2.74 -5.14 -12.71
N GLU A 82 2.36 -3.89 -12.99
CA GLU A 82 3.23 -2.99 -13.75
C GLU A 82 4.53 -2.73 -13.00
N SER A 83 4.50 -2.87 -11.67
CA SER A 83 5.68 -2.65 -10.84
C SER A 83 5.33 -1.94 -9.54
N HIS A 84 4.04 -1.69 -9.32
CA HIS A 84 3.60 -1.01 -8.12
C HIS A 84 3.12 -2.03 -7.07
N GLY A 85 3.92 -2.23 -6.03
CA GLY A 85 3.57 -3.18 -4.99
C GLY A 85 3.40 -4.58 -5.57
N ASP A 86 4.00 -5.58 -4.90
CA ASP A 86 3.90 -6.95 -5.39
C ASP A 86 3.38 -7.90 -4.32
N TRP A 87 2.15 -7.67 -3.86
CA TRP A 87 1.57 -8.55 -2.85
C TRP A 87 0.05 -8.61 -2.96
N LEU A 88 -0.65 -7.80 -2.16
CA LEU A 88 -2.10 -7.82 -2.18
C LEU A 88 -2.71 -6.42 -2.28
N ALA A 89 -4.03 -6.40 -2.37
CA ALA A 89 -4.79 -5.16 -2.47
C ALA A 89 -6.18 -5.35 -1.90
N ILE A 90 -6.58 -4.46 -0.99
CA ILE A 90 -7.90 -4.56 -0.37
C ILE A 90 -8.98 -4.17 -1.37
N PRO A 91 -9.81 -5.10 -1.75
CA PRO A 91 -10.90 -4.82 -2.71
C PRO A 91 -11.70 -3.57 -2.29
N TYR A 92 -11.56 -2.50 -3.07
CA TYR A 92 -12.26 -1.26 -2.77
C TYR A 92 -13.57 -1.54 -2.04
N ARG A 93 -14.12 -2.72 -2.28
CA ARG A 93 -15.37 -3.12 -1.63
C ARG A 93 -15.09 -3.69 -0.25
N SER A 94 -13.93 -3.34 0.30
CA SER A 94 -13.53 -3.84 1.60
C SER A 94 -13.69 -2.74 2.66
N GLY A 95 -14.92 -2.30 2.87
CA GLY A 95 -15.21 -1.25 3.85
C GLY A 95 -13.99 -0.93 4.71
N PRO A 96 -13.52 -1.88 5.48
CA PRO A 96 -12.33 -1.69 6.35
C PRO A 96 -11.25 -0.83 5.70
N ALA A 97 -11.21 -0.84 4.38
CA ALA A 97 -10.24 -0.05 3.64
C ALA A 97 -10.61 1.42 3.66
N SER A 98 -11.89 1.69 3.43
CA SER A 98 -12.37 3.07 3.45
C SER A 98 -12.32 3.60 4.87
N ASN A 99 -13.11 3.00 5.74
CA ASN A 99 -13.15 3.42 7.13
C ASN A 99 -11.73 3.62 7.64
N VAL A 100 -10.81 2.80 7.11
CA VAL A 100 -9.41 2.90 7.49
C VAL A 100 -8.87 4.28 7.14
N THR A 101 -9.02 4.65 5.87
CA THR A 101 -8.57 5.95 5.39
C THR A 101 -9.30 7.07 6.11
N ALA A 102 -10.60 6.92 6.18
CA ALA A 102 -11.46 7.90 6.82
C ALA A 102 -11.25 7.86 8.34
N LYS A 103 -10.74 6.74 8.83
CA LYS A 103 -10.50 6.59 10.26
C LYS A 103 -9.19 7.29 10.64
N TYR A 104 -8.19 7.17 9.77
CA TYR A 104 -6.89 7.77 10.03
C TYR A 104 -6.98 9.29 9.85
N GLY A 105 -8.02 9.74 9.16
CA GLY A 105 -8.20 11.17 8.92
C GLY A 105 -7.27 11.67 7.82
N ILE A 106 -7.04 10.85 6.81
CA ILE A 106 -6.17 11.22 5.71
C ILE A 106 -6.69 12.45 4.99
N THR A 107 -7.32 12.24 3.85
CA THR A 107 -7.87 13.34 3.08
C THR A 107 -6.75 14.19 2.48
N GLY A 108 -5.51 13.75 2.70
CA GLY A 108 -4.37 14.48 2.17
C GLY A 108 -3.91 13.88 0.84
N ILE A 109 -4.76 13.04 0.26
CA ILE A 109 -4.44 12.41 -1.01
C ILE A 109 -4.07 13.46 -2.06
N PRO A 110 -3.07 13.20 -2.87
CA PRO A 110 -2.29 11.93 -2.82
C PRO A 110 -1.37 11.85 -1.61
N ALA A 111 -1.17 10.65 -1.08
CA ALA A 111 -0.30 10.48 0.08
C ALA A 111 -0.06 9.01 0.38
N LEU A 112 0.99 8.73 1.13
CA LEU A 112 1.34 7.35 1.49
C LEU A 112 1.37 7.21 3.01
N VAL A 113 0.66 6.21 3.53
CA VAL A 113 0.62 5.98 4.97
C VAL A 113 1.35 4.70 5.34
N ILE A 114 2.32 4.82 6.25
CA ILE A 114 3.10 3.67 6.69
C ILE A 114 2.78 3.32 8.14
N VAL A 115 2.49 2.05 8.38
CA VAL A 115 2.18 1.59 9.72
C VAL A 115 2.75 0.19 9.96
N LYS A 116 3.12 -0.08 11.20
CA LYS A 116 3.70 -1.38 11.54
C LYS A 116 2.63 -2.48 11.51
N LYS A 117 3.06 -3.71 11.27
CA LYS A 117 2.14 -4.84 11.20
C LYS A 117 1.15 -4.78 12.36
N ASP A 118 1.67 -4.62 13.57
CA ASP A 118 0.81 -4.56 14.75
C ASP A 118 -0.13 -3.36 14.66
N GLY A 119 0.15 -2.47 13.72
CA GLY A 119 -0.67 -1.27 13.54
C GLY A 119 -0.01 -0.07 14.19
N THR A 120 1.28 -0.20 14.49
CA THR A 120 2.02 0.87 15.12
C THR A 120 2.41 1.93 14.08
N LEU A 121 2.06 3.17 14.36
CA LEU A 121 2.39 4.27 13.46
C LEU A 121 3.88 4.52 13.45
N ILE A 122 4.39 4.90 12.28
CA ILE A 122 5.82 5.15 12.12
C ILE A 122 6.03 6.48 11.40
N SER A 123 5.59 6.53 10.16
CA SER A 123 5.73 7.74 9.35
C SER A 123 4.50 7.93 8.47
N MET A 124 3.80 9.04 8.68
CA MET A 124 2.60 9.33 7.89
C MET A 124 2.99 10.05 6.61
N ASN A 125 4.24 9.89 6.20
CA ASN A 125 4.73 10.51 4.98
C ASN A 125 5.58 9.51 4.21
N GLY A 126 5.06 8.30 4.10
CA GLY A 126 5.78 7.23 3.39
C GLY A 126 6.39 7.75 2.10
N ARG A 127 5.64 8.59 1.39
CA ARG A 127 6.11 9.16 0.13
C ARG A 127 6.95 10.39 0.41
N GLY A 128 7.06 10.72 1.68
CA GLY A 128 7.89 11.85 2.11
C GLY A 128 9.32 11.39 2.31
N GLU A 129 9.49 10.46 3.24
CA GLU A 129 10.80 9.92 3.53
C GLU A 129 11.27 9.04 2.38
N VAL A 130 10.32 8.49 1.63
CA VAL A 130 10.66 7.63 0.51
C VAL A 130 11.18 8.45 -0.66
N GLN A 131 10.46 9.49 -1.04
CA GLN A 131 10.92 10.31 -2.15
C GLN A 131 12.21 11.04 -1.77
N SER A 132 12.33 11.40 -0.50
CA SER A 132 13.51 12.10 -0.02
C SER A 132 14.71 11.16 0.11
N LEU A 133 14.48 9.98 0.69
CA LEU A 133 15.55 9.02 0.87
C LEU A 133 15.45 7.85 -0.09
N GLY A 134 14.40 7.81 -0.89
CA GLY A 134 14.22 6.70 -1.83
C GLY A 134 14.26 5.38 -1.08
N PRO A 135 14.80 4.35 -1.70
CA PRO A 135 14.89 3.00 -1.08
C PRO A 135 15.64 3.04 0.25
N ARG A 136 16.48 4.05 0.43
CA ARG A 136 17.24 4.18 1.67
C ARG A 136 16.34 4.72 2.77
N ALA A 137 15.13 5.10 2.38
CA ALA A 137 14.17 5.63 3.33
C ALA A 137 13.66 4.51 4.24
N PHE A 138 13.77 3.26 3.77
CA PHE A 138 13.34 2.12 4.55
C PHE A 138 13.64 2.35 6.03
N GLN A 139 14.71 3.10 6.28
CA GLN A 139 15.10 3.40 7.65
C GLN A 139 14.02 4.23 8.34
N ASN A 140 13.39 5.12 7.59
CA ASN A 140 12.33 5.96 8.13
C ASN A 140 11.06 5.14 8.27
N TRP A 141 10.84 4.23 7.32
CA TRP A 141 9.66 3.37 7.35
C TRP A 141 9.77 2.35 8.48
N ALA A 142 10.99 2.15 8.97
CA ALA A 142 11.20 1.18 10.04
C ALA A 142 11.85 1.84 11.25
N ARG A 143 11.96 3.16 11.19
CA ARG A 143 12.56 3.92 12.28
C ARG A 143 11.76 3.73 13.57
N MET A 1 -13.31 -1.75 18.08
CA MET A 1 -12.54 -2.95 17.61
C MET A 1 -12.73 -3.12 16.11
N GLU A 2 -13.10 -2.04 15.43
CA GLU A 2 -13.30 -2.08 14.00
C GLU A 2 -11.98 -2.00 13.26
N PHE A 3 -11.50 -3.13 12.77
CA PHE A 3 -10.24 -3.17 12.04
C PHE A 3 -10.41 -3.91 10.71
N ILE A 4 -9.29 -4.31 10.11
CA ILE A 4 -9.33 -5.01 8.83
C ILE A 4 -9.21 -6.51 9.05
N GLN A 5 -8.19 -6.91 9.81
CA GLN A 5 -7.98 -8.33 10.09
C GLN A 5 -9.31 -9.07 10.17
N GLY A 6 -9.51 -10.01 9.25
CA GLY A 6 -10.74 -10.79 9.23
C GLY A 6 -11.41 -10.71 7.86
N ILE A 7 -10.88 -9.87 6.98
CA ILE A 7 -11.43 -9.71 5.65
C ILE A 7 -10.59 -10.48 4.63
N LYS A 8 -11.06 -10.50 3.38
CA LYS A 8 -10.35 -11.19 2.33
C LYS A 8 -9.79 -10.20 1.31
N LEU A 9 -8.52 -10.36 0.97
CA LEU A 9 -7.88 -9.47 0.01
C LEU A 9 -7.82 -10.13 -1.36
N VAL A 10 -7.47 -9.35 -2.39
CA VAL A 10 -7.39 -9.89 -3.74
C VAL A 10 -5.99 -9.73 -4.31
N LYS A 11 -5.38 -10.84 -4.72
CA LYS A 11 -4.05 -10.80 -5.29
C LYS A 11 -4.11 -10.48 -6.79
N LYS A 12 -3.16 -9.69 -7.26
CA LYS A 12 -3.12 -9.31 -8.67
C LYS A 12 -3.44 -10.51 -9.55
N ASN A 13 -3.04 -11.70 -9.10
CA ASN A 13 -3.30 -12.91 -9.87
C ASN A 13 -4.79 -13.22 -9.88
N ARG A 14 -5.60 -12.20 -9.59
CA ARG A 14 -7.05 -12.37 -9.55
C ARG A 14 -7.44 -13.38 -8.48
N CYS A 15 -6.56 -13.57 -7.51
CA CYS A 15 -6.82 -14.51 -6.43
C CYS A 15 -7.32 -13.79 -5.18
N GLU A 16 -7.77 -14.56 -4.19
CA GLU A 16 -8.27 -13.98 -2.96
C GLU A 16 -7.73 -14.73 -1.75
N VAL A 17 -7.18 -14.00 -0.78
CA VAL A 17 -6.64 -14.62 0.41
C VAL A 17 -6.71 -13.68 1.61
N ASN A 18 -7.11 -14.22 2.76
CA ASN A 18 -7.22 -13.42 3.98
C ASN A 18 -6.03 -12.50 4.13
N ALA A 19 -6.30 -11.19 4.15
CA ALA A 19 -5.24 -10.20 4.29
C ALA A 19 -4.41 -10.46 5.54
N ASN A 20 -4.99 -11.15 6.50
CA ASN A 20 -4.29 -11.46 7.74
C ASN A 20 -2.90 -12.00 7.46
N GLU A 21 -2.84 -13.07 6.68
CA GLU A 21 -1.57 -13.69 6.34
C GLU A 21 -1.07 -13.20 4.98
N ALA A 22 -2.00 -12.78 4.14
CA ALA A 22 -1.64 -12.29 2.82
C ALA A 22 -0.79 -11.03 2.91
N LEU A 23 -0.96 -10.28 3.99
CA LEU A 23 -0.20 -9.05 4.17
C LEU A 23 1.26 -9.36 4.50
N LYS A 24 1.53 -10.61 4.86
CA LYS A 24 2.89 -11.02 5.19
C LYS A 24 3.60 -9.94 6.00
N ASP A 25 4.14 -8.94 5.31
CA ASP A 25 4.85 -7.85 5.97
C ASP A 25 5.81 -8.40 7.03
N LYS A 26 7.06 -8.61 6.63
CA LYS A 26 8.05 -9.13 7.56
C LYS A 26 7.88 -8.46 8.91
N ASP A 27 7.15 -7.35 8.93
CA ASP A 27 6.92 -6.63 10.18
C ASP A 27 6.39 -5.22 9.91
N ILE A 28 6.39 -4.79 8.65
CA ILE A 28 5.91 -3.45 8.33
C ILE A 28 4.90 -3.48 7.19
N ILE A 29 4.04 -2.47 7.13
CA ILE A 29 3.03 -2.38 6.08
C ILE A 29 3.00 -0.97 5.49
N GLY A 30 2.47 -0.86 4.27
CA GLY A 30 2.39 0.43 3.61
C GLY A 30 0.98 0.67 3.06
N PHE A 31 0.58 1.93 3.02
CA PHE A 31 -0.74 2.28 2.54
C PHE A 31 -0.65 3.40 1.50
N TYR A 32 -1.06 3.10 0.27
CA TYR A 32 -1.02 4.09 -0.79
C TYR A 32 -2.43 4.58 -1.13
N PHE A 33 -2.68 5.87 -0.90
CA PHE A 33 -3.98 6.45 -1.18
C PHE A 33 -3.92 7.37 -2.39
N SER A 34 -4.67 7.01 -3.43
CA SER A 34 -4.69 7.79 -4.66
C SER A 34 -4.99 6.89 -5.85
N ALA A 35 -6.27 6.75 -6.19
CA ALA A 35 -6.67 5.91 -7.32
C ALA A 35 -5.53 5.79 -8.32
N HIS A 36 -4.81 6.87 -8.52
CA HIS A 36 -3.68 6.88 -9.45
C HIS A 36 -4.15 6.59 -10.88
N TRP A 37 -5.23 5.82 -11.01
CA TRP A 37 -5.74 5.48 -12.33
C TRP A 37 -6.75 6.51 -12.81
N CYS A 38 -7.69 6.87 -11.95
CA CYS A 38 -8.70 7.86 -12.31
C CYS A 38 -8.07 9.25 -12.37
N PRO A 39 -7.36 9.61 -11.34
CA PRO A 39 -6.68 10.94 -11.26
C PRO A 39 -5.29 10.91 -11.90
N PRO A 40 -4.73 12.06 -12.16
CA PRO A 40 -3.39 12.18 -12.79
C PRO A 40 -2.26 11.89 -11.79
N CYS A 41 -1.64 12.95 -11.28
CA CYS A 41 -0.55 12.80 -10.32
C CYS A 41 0.39 11.67 -10.75
N ARG A 42 0.46 11.42 -12.04
CA ARG A 42 1.34 10.37 -12.55
C ARG A 42 2.77 10.86 -12.66
N GLY A 43 3.72 9.93 -12.49
CA GLY A 43 5.13 10.30 -12.57
C GLY A 43 5.87 9.91 -11.29
N PHE A 44 5.17 9.98 -10.16
CA PHE A 44 5.77 9.63 -8.88
C PHE A 44 5.70 8.13 -8.64
N THR A 45 4.55 7.54 -8.95
CA THR A 45 4.36 6.11 -8.76
C THR A 45 5.59 5.33 -9.24
N PRO A 46 5.92 5.45 -10.49
CA PRO A 46 7.09 4.76 -11.08
C PRO A 46 8.30 4.77 -10.15
N ILE A 47 8.26 5.65 -9.15
CA ILE A 47 9.36 5.74 -8.20
C ILE A 47 9.18 4.69 -7.10
N LEU A 48 7.93 4.51 -6.66
CA LEU A 48 7.62 3.55 -5.62
C LEU A 48 7.85 2.13 -6.15
N ALA A 49 7.62 1.93 -7.44
CA ALA A 49 7.82 0.61 -8.03
C ALA A 49 9.30 0.23 -8.01
N ASP A 50 10.16 1.23 -8.14
CA ASP A 50 11.59 0.99 -8.11
C ASP A 50 12.04 0.78 -6.68
N MET A 51 11.31 1.39 -5.75
CA MET A 51 11.62 1.27 -4.34
C MET A 51 11.19 -0.10 -3.83
N TYR A 52 9.92 -0.43 -4.04
CA TYR A 52 9.40 -1.71 -3.60
C TYR A 52 10.08 -2.84 -4.35
N SER A 53 10.58 -2.52 -5.54
CA SER A 53 11.26 -3.53 -6.35
C SER A 53 12.61 -3.88 -5.72
N GLU A 54 13.33 -2.85 -5.28
CA GLU A 54 14.61 -3.07 -4.64
C GLU A 54 14.39 -3.77 -3.30
N LEU A 55 13.53 -3.18 -2.48
CA LEU A 55 13.22 -3.76 -1.18
C LEU A 55 12.69 -5.18 -1.35
N VAL A 56 11.85 -5.37 -2.36
CA VAL A 56 11.29 -6.69 -2.62
C VAL A 56 12.41 -7.68 -2.89
N ASP A 57 13.35 -7.26 -3.72
CA ASP A 57 14.49 -8.10 -4.03
C ASP A 57 15.17 -8.49 -2.74
N ASP A 58 15.09 -7.59 -1.76
CA ASP A 58 15.69 -7.83 -0.46
C ASP A 58 14.65 -8.43 0.49
N SER A 59 13.62 -9.01 -0.10
CA SER A 59 12.55 -9.61 0.69
C SER A 59 11.73 -8.50 1.34
N ALA A 60 11.79 -7.34 0.71
CA ALA A 60 11.07 -6.16 1.19
C ALA A 60 10.42 -6.42 2.54
N PRO A 61 11.10 -6.08 3.60
CA PRO A 61 10.60 -6.27 4.99
C PRO A 61 9.31 -5.52 5.26
N PHE A 62 8.44 -5.44 4.26
CA PHE A 62 7.18 -4.74 4.41
C PHE A 62 6.27 -4.94 3.19
N GLU A 63 4.96 -4.82 3.42
CA GLU A 63 3.99 -5.00 2.34
C GLU A 63 3.27 -3.69 2.03
N ILE A 64 2.90 -3.53 0.77
CA ILE A 64 2.19 -2.32 0.34
C ILE A 64 0.70 -2.61 0.15
N ILE A 65 -0.13 -1.67 0.58
CA ILE A 65 -1.57 -1.84 0.46
C ILE A 65 -2.09 -0.96 -0.68
N PHE A 66 -3.03 -1.51 -1.45
CA PHE A 66 -3.60 -0.77 -2.57
C PHE A 66 -5.01 -0.29 -2.27
N VAL A 67 -5.13 0.97 -1.86
CA VAL A 67 -6.43 1.54 -1.55
C VAL A 67 -6.76 2.65 -2.54
N SER A 68 -7.70 3.52 -2.18
CA SER A 68 -8.07 4.61 -3.07
C SER A 68 -9.07 4.12 -4.12
N SER A 69 -9.93 5.01 -4.57
CA SER A 69 -10.94 4.66 -5.58
C SER A 69 -10.30 3.91 -6.75
N ASP A 70 -9.84 2.68 -6.49
CA ASP A 70 -9.23 1.87 -7.54
C ASP A 70 -10.24 0.87 -8.06
N ARG A 71 -11.49 1.07 -7.67
CA ARG A 71 -12.58 0.18 -8.08
C ARG A 71 -12.33 -0.41 -9.47
N SER A 72 -11.34 0.12 -10.17
CA SER A 72 -11.03 -0.40 -11.49
C SER A 72 -10.25 -1.71 -11.36
N GLU A 73 -10.89 -2.82 -11.74
CA GLU A 73 -10.25 -4.12 -11.64
C GLU A 73 -9.05 -4.18 -12.57
N ASP A 74 -9.11 -3.42 -13.65
CA ASP A 74 -8.01 -3.40 -14.61
C ASP A 74 -6.90 -2.52 -14.08
N ASP A 75 -7.24 -1.31 -13.66
CA ASP A 75 -6.24 -0.41 -13.12
C ASP A 75 -5.58 -1.03 -11.91
N MET A 76 -6.32 -1.92 -11.25
CA MET A 76 -5.82 -2.60 -10.07
C MET A 76 -4.72 -3.59 -10.47
N PHE A 77 -5.11 -4.60 -11.25
CA PHE A 77 -4.16 -5.61 -11.69
C PHE A 77 -3.12 -5.00 -12.63
N GLN A 78 -3.44 -3.83 -13.19
CA GLN A 78 -2.51 -3.17 -14.09
C GLN A 78 -1.40 -2.48 -13.31
N TYR A 79 -1.79 -1.60 -12.39
CA TYR A 79 -0.81 -0.89 -11.58
C TYR A 79 -0.06 -1.87 -10.69
N MET A 80 -0.65 -3.04 -10.48
CA MET A 80 -0.01 -4.07 -9.65
C MET A 80 1.02 -4.83 -10.46
N MET A 81 0.63 -5.29 -11.65
CA MET A 81 1.53 -6.04 -12.50
C MET A 81 2.70 -5.16 -12.94
N GLU A 82 2.45 -3.85 -13.03
CA GLU A 82 3.49 -2.91 -13.44
C GLU A 82 4.69 -3.01 -12.51
N SER A 83 4.44 -2.81 -11.22
CA SER A 83 5.52 -2.88 -10.24
C SER A 83 5.18 -2.12 -8.94
N HIS A 84 3.96 -1.60 -8.85
CA HIS A 84 3.56 -0.86 -7.66
C HIS A 84 2.99 -1.80 -6.60
N GLY A 85 3.77 -2.03 -5.54
CA GLY A 85 3.33 -2.91 -4.46
C GLY A 85 3.47 -4.38 -4.85
N ASP A 86 4.20 -5.14 -4.05
CA ASP A 86 4.39 -6.55 -4.33
C ASP A 86 3.69 -7.43 -3.28
N TRP A 87 2.37 -7.30 -3.18
CA TRP A 87 1.63 -8.08 -2.21
C TRP A 87 0.15 -8.20 -2.59
N LEU A 88 -0.71 -7.54 -1.83
CA LEU A 88 -2.14 -7.62 -2.09
C LEU A 88 -2.80 -6.24 -2.14
N ALA A 89 -4.09 -6.26 -2.43
CA ALA A 89 -4.89 -5.03 -2.53
C ALA A 89 -6.27 -5.26 -1.93
N ILE A 90 -6.65 -4.40 -0.99
CA ILE A 90 -7.95 -4.52 -0.34
C ILE A 90 -9.05 -4.18 -1.34
N PRO A 91 -9.87 -5.14 -1.69
CA PRO A 91 -10.98 -4.90 -2.63
C PRO A 91 -11.76 -3.64 -2.26
N TYR A 92 -11.63 -2.60 -3.07
CA TYR A 92 -12.32 -1.34 -2.81
C TYR A 92 -13.64 -1.60 -2.09
N ARG A 93 -14.18 -2.80 -2.29
CA ARG A 93 -15.43 -3.16 -1.65
C ARG A 93 -15.17 -3.73 -0.26
N SER A 94 -14.02 -3.38 0.29
CA SER A 94 -13.63 -3.85 1.61
C SER A 94 -13.79 -2.75 2.64
N GLY A 95 -15.03 -2.30 2.84
CA GLY A 95 -15.31 -1.24 3.81
C GLY A 95 -14.10 -0.93 4.68
N PRO A 96 -13.65 -1.89 5.46
CA PRO A 96 -12.48 -1.72 6.36
C PRO A 96 -11.38 -0.87 5.72
N ALA A 97 -11.35 -0.84 4.39
CA ALA A 97 -10.35 -0.06 3.68
C ALA A 97 -10.72 1.42 3.75
N SER A 98 -12.01 1.71 3.59
CA SER A 98 -12.47 3.08 3.64
C SER A 98 -12.35 3.59 5.08
N ASN A 99 -13.11 2.97 5.97
CA ASN A 99 -13.08 3.35 7.37
C ASN A 99 -11.64 3.50 7.83
N VAL A 100 -10.76 2.70 7.23
CA VAL A 100 -9.34 2.75 7.56
C VAL A 100 -8.78 4.12 7.24
N THR A 101 -8.96 4.56 6.00
CA THR A 101 -8.50 5.86 5.56
C THR A 101 -9.21 6.96 6.34
N ALA A 102 -10.51 6.82 6.41
CA ALA A 102 -11.35 7.78 7.11
C ALA A 102 -11.11 7.68 8.60
N LYS A 103 -10.59 6.54 9.05
CA LYS A 103 -10.29 6.34 10.45
C LYS A 103 -9.06 7.13 10.85
N TYR A 104 -8.10 7.22 9.92
CA TYR A 104 -6.88 7.96 10.18
C TYR A 104 -7.10 9.46 10.01
N GLY A 105 -8.18 9.81 9.30
CA GLY A 105 -8.50 11.21 9.07
C GLY A 105 -7.69 11.78 7.91
N ILE A 106 -7.32 10.92 6.96
CA ILE A 106 -6.54 11.36 5.81
C ILE A 106 -7.41 12.12 4.82
N THR A 107 -6.86 13.18 4.26
CA THR A 107 -7.61 13.97 3.29
C THR A 107 -6.66 14.82 2.45
N GLY A 108 -5.39 14.42 2.41
CA GLY A 108 -4.39 15.14 1.64
C GLY A 108 -4.00 14.36 0.39
N ILE A 109 -4.82 13.39 0.02
CA ILE A 109 -4.55 12.57 -1.16
C ILE A 109 -4.08 13.45 -2.31
N PRO A 110 -3.06 13.03 -3.03
CA PRO A 110 -2.36 11.73 -2.77
C PRO A 110 -1.55 11.76 -1.48
N ALA A 111 -1.55 10.63 -0.77
CA ALA A 111 -0.82 10.53 0.48
C ALA A 111 -0.36 9.10 0.73
N LEU A 112 0.73 8.95 1.48
CA LEU A 112 1.27 7.63 1.79
C LEU A 112 1.25 7.37 3.29
N VAL A 113 0.54 6.34 3.71
CA VAL A 113 0.47 6.00 5.13
C VAL A 113 1.27 4.73 5.42
N ILE A 114 2.24 4.85 6.32
CA ILE A 114 3.08 3.71 6.68
C ILE A 114 2.85 3.29 8.12
N VAL A 115 2.58 2.00 8.32
CA VAL A 115 2.33 1.47 9.65
C VAL A 115 3.02 0.13 9.84
N LYS A 116 3.41 -0.17 11.08
CA LYS A 116 4.08 -1.43 11.38
C LYS A 116 3.11 -2.61 11.25
N LYS A 117 3.67 -3.82 11.19
CA LYS A 117 2.85 -5.01 11.06
C LYS A 117 1.82 -5.09 12.20
N ASP A 118 2.30 -4.92 13.43
CA ASP A 118 1.41 -4.96 14.58
C ASP A 118 0.41 -3.83 14.53
N GLY A 119 0.62 -2.90 13.61
CA GLY A 119 -0.28 -1.75 13.47
C GLY A 119 0.31 -0.52 14.14
N THR A 120 1.62 -0.57 14.40
CA THR A 120 2.30 0.55 15.04
C THR A 120 2.56 1.68 14.05
N LEU A 121 2.46 2.91 14.52
CA LEU A 121 2.69 4.07 13.66
C LEU A 121 4.17 4.35 13.53
N ILE A 122 4.57 4.77 12.34
CA ILE A 122 5.97 5.08 12.07
C ILE A 122 6.08 6.39 11.32
N SER A 123 5.55 6.41 10.11
CA SER A 123 5.59 7.60 9.28
C SER A 123 4.32 7.69 8.43
N MET A 124 3.55 8.76 8.65
CA MET A 124 2.31 8.95 7.89
C MET A 124 2.60 9.47 6.50
N ASN A 125 2.32 10.75 6.27
CA ASN A 125 2.56 11.35 4.96
C ASN A 125 4.05 11.26 4.61
N GLY A 126 4.63 10.10 4.87
CA GLY A 126 6.05 9.89 4.60
C GLY A 126 6.31 9.90 3.09
N ARG A 127 5.35 10.36 2.32
CA ARG A 127 5.51 10.40 0.87
C ARG A 127 6.88 10.94 0.51
N GLY A 128 7.01 12.25 0.40
CA GLY A 128 8.28 12.87 0.05
C GLY A 128 9.43 12.20 0.81
N GLU A 129 9.14 11.73 2.02
CA GLU A 129 10.16 11.08 2.82
C GLU A 129 10.72 9.87 2.08
N VAL A 130 9.83 9.01 1.57
CA VAL A 130 10.28 7.85 0.84
C VAL A 130 10.91 8.28 -0.48
N GLN A 131 10.21 9.16 -1.20
CA GLN A 131 10.69 9.67 -2.47
C GLN A 131 11.99 10.45 -2.27
N SER A 132 12.19 10.95 -1.06
CA SER A 132 13.40 11.71 -0.77
C SER A 132 14.56 10.76 -0.47
N LEU A 133 14.33 9.84 0.45
CA LEU A 133 15.36 8.87 0.82
C LEU A 133 15.30 7.66 -0.09
N GLY A 134 14.23 7.54 -0.87
CA GLY A 134 14.08 6.40 -1.76
C GLY A 134 14.19 5.09 -0.99
N PRO A 135 14.73 4.07 -1.59
CA PRO A 135 14.89 2.74 -0.94
C PRO A 135 15.62 2.84 0.40
N ARG A 136 16.35 3.94 0.59
CA ARG A 136 17.07 4.15 1.83
C ARG A 136 16.14 4.67 2.90
N ALA A 137 14.92 5.03 2.49
CA ALA A 137 13.93 5.54 3.40
C ALA A 137 13.52 4.46 4.40
N PHE A 138 13.70 3.20 4.00
CA PHE A 138 13.37 2.08 4.87
C PHE A 138 13.70 2.43 6.31
N GLN A 139 14.63 3.36 6.49
CA GLN A 139 15.03 3.77 7.84
C GLN A 139 13.93 4.60 8.48
N ASN A 140 13.45 5.60 7.73
CA ASN A 140 12.39 6.46 8.24
C ASN A 140 11.07 5.71 8.26
N TRP A 141 10.87 4.86 7.25
CA TRP A 141 9.65 4.07 7.16
C TRP A 141 9.72 2.90 8.14
N ALA A 142 10.92 2.61 8.62
CA ALA A 142 11.11 1.50 9.57
C ALA A 142 11.85 1.98 10.81
N ARG A 143 12.03 3.27 10.91
CA ARG A 143 12.72 3.87 12.05
C ARG A 143 12.16 3.31 13.35
N MET A 1 -12.55 -8.00 15.95
CA MET A 1 -11.79 -7.66 14.71
C MET A 1 -10.70 -6.66 15.04
N GLU A 2 -11.08 -5.51 15.58
CA GLU A 2 -10.13 -4.48 15.94
C GLU A 2 -9.73 -3.66 14.71
N PHE A 3 -8.88 -4.24 13.88
CA PHE A 3 -8.44 -3.56 12.66
C PHE A 3 -8.92 -4.29 11.42
N ILE A 4 -8.16 -4.18 10.34
CA ILE A 4 -8.52 -4.85 9.09
C ILE A 4 -8.34 -6.35 9.20
N GLN A 5 -7.23 -6.76 9.81
CA GLN A 5 -6.93 -8.18 9.98
C GLN A 5 -8.22 -8.97 10.20
N GLY A 6 -8.43 -10.00 9.38
CA GLY A 6 -9.62 -10.82 9.50
C GLY A 6 -10.52 -10.65 8.28
N ILE A 7 -10.19 -9.69 7.43
CA ILE A 7 -10.97 -9.42 6.24
C ILE A 7 -10.41 -10.17 5.04
N LYS A 8 -11.15 -10.15 3.94
CA LYS A 8 -10.72 -10.84 2.73
C LYS A 8 -9.71 -9.97 1.96
N LEU A 9 -9.04 -10.57 0.99
CA LEU A 9 -8.06 -9.84 0.19
C LEU A 9 -7.96 -10.44 -1.21
N VAL A 10 -7.64 -9.61 -2.19
CA VAL A 10 -7.52 -10.08 -3.57
C VAL A 10 -6.10 -9.87 -4.09
N LYS A 11 -5.52 -10.91 -4.67
CA LYS A 11 -4.17 -10.81 -5.21
C LYS A 11 -4.22 -10.38 -6.67
N LYS A 12 -3.26 -9.54 -7.06
CA LYS A 12 -3.20 -9.04 -8.43
C LYS A 12 -3.47 -10.18 -9.42
N ASN A 13 -3.15 -11.40 -9.01
CA ASN A 13 -3.37 -12.56 -9.87
C ASN A 13 -4.87 -12.84 -9.98
N ARG A 14 -5.67 -11.85 -9.61
CA ARG A 14 -7.12 -12.01 -9.67
C ARG A 14 -7.58 -13.12 -8.74
N CYS A 15 -6.79 -13.37 -7.70
CA CYS A 15 -7.12 -14.43 -6.75
C CYS A 15 -7.61 -13.82 -5.43
N GLU A 16 -8.11 -14.68 -4.55
CA GLU A 16 -8.62 -14.23 -3.26
C GLU A 16 -7.85 -14.90 -2.12
N VAL A 17 -7.81 -14.22 -0.98
CA VAL A 17 -7.10 -14.75 0.18
C VAL A 17 -7.51 -14.00 1.45
N ASN A 18 -7.06 -14.50 2.60
CA ASN A 18 -7.40 -13.87 3.87
C ASN A 18 -6.31 -12.87 4.28
N ALA A 19 -6.58 -11.59 4.06
CA ALA A 19 -5.61 -10.55 4.41
C ALA A 19 -4.90 -10.89 5.72
N ASN A 20 -5.55 -11.70 6.55
CA ASN A 20 -4.97 -12.10 7.82
C ASN A 20 -3.56 -12.64 7.63
N GLU A 21 -3.45 -13.67 6.80
CA GLU A 21 -2.15 -14.28 6.52
C GLU A 21 -1.54 -13.69 5.26
N ALA A 22 -2.39 -13.20 4.37
CA ALA A 22 -1.93 -12.60 3.13
C ALA A 22 -1.13 -11.33 3.40
N LEU A 23 -1.54 -10.60 4.43
CA LEU A 23 -0.87 -9.36 4.80
C LEU A 23 0.50 -9.66 5.40
N LYS A 24 1.03 -10.85 5.10
CA LYS A 24 2.34 -11.25 5.61
C LYS A 24 3.07 -10.07 6.23
N ASP A 25 3.78 -9.31 5.41
CA ASP A 25 4.52 -8.16 5.91
C ASP A 25 5.53 -8.58 6.96
N LYS A 26 6.79 -8.70 6.56
CA LYS A 26 7.83 -9.10 7.50
C LYS A 26 7.54 -8.48 8.85
N ASP A 27 6.76 -7.40 8.84
CA ASP A 27 6.40 -6.70 10.07
C ASP A 27 6.10 -5.23 9.81
N ILE A 28 5.86 -4.87 8.54
CA ILE A 28 5.56 -3.48 8.20
C ILE A 28 4.51 -3.41 7.10
N ILE A 29 3.75 -2.32 7.06
CA ILE A 29 2.73 -2.14 6.04
C ILE A 29 2.73 -0.70 5.52
N GLY A 30 2.41 -0.55 4.23
CA GLY A 30 2.39 0.77 3.62
C GLY A 30 1.11 0.98 2.83
N PHE A 31 0.24 1.86 3.32
CA PHE A 31 -1.03 2.14 2.64
C PHE A 31 -0.84 3.25 1.61
N TYR A 32 -1.13 2.94 0.36
CA TYR A 32 -1.00 3.93 -0.71
C TYR A 32 -2.38 4.46 -1.10
N PHE A 33 -2.56 5.77 -1.02
CA PHE A 33 -3.84 6.37 -1.37
C PHE A 33 -3.69 7.31 -2.57
N SER A 34 -4.41 7.02 -3.64
CA SER A 34 -4.36 7.84 -4.84
C SER A 34 -4.75 7.03 -6.08
N ALA A 35 -6.03 7.11 -6.44
CA ALA A 35 -6.52 6.39 -7.61
C ALA A 35 -5.92 6.96 -8.88
N HIS A 36 -4.63 7.29 -8.82
CA HIS A 36 -3.94 7.85 -9.97
C HIS A 36 -3.95 6.88 -11.14
N TRP A 37 -4.86 5.92 -11.12
CA TRP A 37 -4.93 4.95 -12.21
C TRP A 37 -5.79 5.49 -13.35
N CYS A 38 -6.92 6.11 -13.01
CA CYS A 38 -7.81 6.66 -14.02
C CYS A 38 -7.27 7.99 -14.54
N PRO A 39 -6.91 8.87 -13.65
CA PRO A 39 -6.37 10.20 -14.00
C PRO A 39 -4.85 10.17 -14.21
N PRO A 40 -4.31 11.20 -14.82
CA PRO A 40 -2.85 11.31 -15.07
C PRO A 40 -2.05 11.66 -13.82
N CYS A 41 -0.74 11.45 -13.88
CA CYS A 41 0.12 11.74 -12.74
C CYS A 41 1.37 10.87 -12.78
N ARG A 42 2.01 10.81 -13.96
CA ARG A 42 3.22 10.02 -14.13
C ARG A 42 4.44 10.77 -13.62
N GLY A 43 5.42 10.02 -13.13
CA GLY A 43 6.65 10.62 -12.61
C GLY A 43 6.85 10.28 -11.14
N PHE A 44 5.75 10.22 -10.40
CA PHE A 44 5.82 9.90 -8.98
C PHE A 44 5.81 8.39 -8.78
N THR A 45 4.79 7.75 -9.34
CA THR A 45 4.64 6.30 -9.23
C THR A 45 5.97 5.59 -9.48
N PRO A 46 6.55 5.78 -10.63
CA PRO A 46 7.85 5.14 -10.99
C PRO A 46 8.88 5.27 -9.89
N ILE A 47 8.60 6.12 -8.91
CA ILE A 47 9.52 6.32 -7.80
C ILE A 47 9.27 5.27 -6.73
N LEU A 48 8.01 5.08 -6.39
CA LEU A 48 7.64 4.08 -5.38
C LEU A 48 7.88 2.68 -5.92
N ALA A 49 7.67 2.51 -7.23
CA ALA A 49 7.88 1.22 -7.86
C ALA A 49 9.37 0.84 -7.83
N ASP A 50 10.23 1.86 -7.84
CA ASP A 50 11.65 1.61 -7.79
C ASP A 50 12.06 1.33 -6.35
N MET A 51 11.33 1.93 -5.42
CA MET A 51 11.61 1.75 -4.01
C MET A 51 11.15 0.38 -3.54
N TYR A 52 9.90 0.04 -3.84
CA TYR A 52 9.38 -1.26 -3.44
C TYR A 52 10.05 -2.35 -4.26
N SER A 53 10.50 -2.00 -5.46
CA SER A 53 11.17 -2.96 -6.32
C SER A 53 12.50 -3.37 -5.70
N GLU A 54 13.23 -2.39 -5.17
CA GLU A 54 14.51 -2.68 -4.54
C GLU A 54 14.28 -3.44 -3.25
N LEU A 55 13.38 -2.91 -2.42
CA LEU A 55 13.06 -3.55 -1.15
C LEU A 55 12.57 -4.97 -1.40
N VAL A 56 11.77 -5.15 -2.45
CA VAL A 56 11.25 -6.48 -2.77
C VAL A 56 12.41 -7.42 -3.02
N ASP A 57 13.33 -6.99 -3.88
CA ASP A 57 14.50 -7.78 -4.18
C ASP A 57 15.14 -8.24 -2.87
N ASP A 58 15.06 -7.37 -1.87
CA ASP A 58 15.63 -7.66 -0.56
C ASP A 58 14.57 -8.32 0.32
N SER A 59 13.57 -8.90 -0.33
CA SER A 59 12.48 -9.54 0.40
C SER A 59 11.64 -8.50 1.09
N ALA A 60 11.70 -7.29 0.55
CA ALA A 60 10.96 -6.15 1.09
C ALA A 60 10.30 -6.49 2.42
N PRO A 61 10.74 -5.88 3.49
CA PRO A 61 10.19 -6.13 4.85
C PRO A 61 8.89 -5.38 5.10
N PHE A 62 8.04 -5.31 4.08
CA PHE A 62 6.76 -4.62 4.22
C PHE A 62 5.88 -4.83 2.99
N GLU A 63 4.57 -4.73 3.20
CA GLU A 63 3.61 -4.92 2.12
C GLU A 63 2.88 -3.62 1.79
N ILE A 64 2.51 -3.46 0.52
CA ILE A 64 1.80 -2.27 0.07
C ILE A 64 0.31 -2.53 -0.04
N ILE A 65 -0.48 -1.67 0.58
CA ILE A 65 -1.93 -1.81 0.52
C ILE A 65 -2.47 -1.01 -0.66
N PHE A 66 -3.40 -1.60 -1.40
CA PHE A 66 -3.97 -0.93 -2.56
C PHE A 66 -5.38 -0.45 -2.26
N VAL A 67 -5.53 0.86 -2.11
CA VAL A 67 -6.83 1.46 -1.84
C VAL A 67 -7.09 2.60 -2.80
N SER A 68 -7.89 3.58 -2.37
CA SER A 68 -8.20 4.72 -3.23
C SER A 68 -9.02 4.28 -4.43
N SER A 69 -9.86 5.18 -4.92
CA SER A 69 -10.72 4.88 -6.08
C SER A 69 -9.99 4.03 -7.10
N ASP A 70 -9.72 2.78 -6.75
CA ASP A 70 -9.03 1.86 -7.64
C ASP A 70 -9.98 0.75 -8.06
N ARG A 71 -11.25 0.94 -7.72
CA ARG A 71 -12.29 -0.04 -8.03
C ARG A 71 -12.06 -0.68 -9.40
N SER A 72 -11.03 -0.22 -10.12
CA SER A 72 -10.74 -0.79 -11.42
C SER A 72 -10.00 -2.10 -11.26
N GLU A 73 -10.66 -3.21 -11.62
CA GLU A 73 -10.03 -4.51 -11.48
C GLU A 73 -8.90 -4.64 -12.50
N ASP A 74 -9.04 -3.94 -13.61
CA ASP A 74 -8.02 -3.98 -14.65
C ASP A 74 -6.88 -3.05 -14.29
N ASP A 75 -7.22 -1.82 -13.89
CA ASP A 75 -6.19 -0.86 -13.51
C ASP A 75 -5.53 -1.31 -12.22
N MET A 76 -6.21 -2.20 -11.49
CA MET A 76 -5.68 -2.71 -10.25
C MET A 76 -4.61 -3.76 -10.52
N PHE A 77 -4.97 -4.81 -11.26
CA PHE A 77 -4.01 -5.86 -11.58
C PHE A 77 -2.95 -5.35 -12.55
N GLN A 78 -3.28 -4.30 -13.28
CA GLN A 78 -2.34 -3.72 -14.24
C GLN A 78 -1.28 -2.92 -13.53
N TYR A 79 -1.71 -1.96 -12.71
CA TYR A 79 -0.80 -1.12 -11.97
C TYR A 79 -0.03 -1.96 -10.95
N MET A 80 -0.60 -3.09 -10.58
CA MET A 80 0.02 -3.98 -9.61
C MET A 80 1.08 -4.85 -10.29
N MET A 81 0.73 -5.43 -11.43
CA MET A 81 1.66 -6.27 -12.17
C MET A 81 2.69 -5.43 -12.91
N GLU A 82 2.37 -4.15 -13.10
CA GLU A 82 3.28 -3.25 -13.80
C GLU A 82 4.56 -3.04 -12.99
N SER A 83 4.40 -2.61 -11.75
CA SER A 83 5.55 -2.37 -10.87
C SER A 83 5.16 -1.63 -9.58
N HIS A 84 3.87 -1.37 -9.39
CA HIS A 84 3.43 -0.67 -8.18
C HIS A 84 2.94 -1.69 -7.14
N GLY A 85 3.73 -1.87 -6.09
CA GLY A 85 3.38 -2.82 -5.04
C GLY A 85 3.22 -4.22 -5.61
N ASP A 86 3.84 -5.21 -4.95
CA ASP A 86 3.77 -6.58 -5.43
C ASP A 86 3.28 -7.54 -4.35
N TRP A 87 2.04 -7.35 -3.89
CA TRP A 87 1.50 -8.24 -2.87
C TRP A 87 -0.02 -8.37 -2.98
N LEU A 88 -0.74 -7.67 -2.11
CA LEU A 88 -2.20 -7.76 -2.11
C LEU A 88 -2.86 -6.38 -2.27
N ALA A 89 -4.18 -6.42 -2.37
CA ALA A 89 -4.99 -5.22 -2.52
C ALA A 89 -6.35 -5.42 -1.87
N ILE A 90 -6.69 -4.56 -0.91
CA ILE A 90 -7.98 -4.66 -0.24
C ILE A 90 -9.11 -4.35 -1.21
N PRO A 91 -10.00 -5.27 -1.43
CA PRO A 91 -11.14 -5.05 -2.34
C PRO A 91 -11.85 -3.74 -2.02
N TYR A 92 -11.69 -2.74 -2.90
CA TYR A 92 -12.31 -1.44 -2.68
C TYR A 92 -13.63 -1.59 -1.93
N ARG A 93 -14.23 -2.77 -2.03
CA ARG A 93 -15.49 -3.04 -1.35
C ARG A 93 -15.23 -3.63 0.03
N SER A 94 -14.03 -3.38 0.55
CA SER A 94 -13.64 -3.89 1.85
C SER A 94 -13.78 -2.82 2.92
N GLY A 95 -15.01 -2.36 3.15
CA GLY A 95 -15.28 -1.32 4.14
C GLY A 95 -14.06 -1.03 4.99
N PRO A 96 -13.58 -1.99 5.73
CA PRO A 96 -12.38 -1.82 6.59
C PRO A 96 -11.29 -0.95 5.94
N ALA A 97 -11.27 -0.94 4.61
CA ALA A 97 -10.30 -0.14 3.88
C ALA A 97 -10.69 1.34 3.93
N SER A 98 -11.98 1.60 3.78
CA SER A 98 -12.47 2.96 3.84
C SER A 98 -12.36 3.49 5.25
N ASN A 99 -13.10 2.87 6.16
CA ASN A 99 -13.06 3.27 7.56
C ASN A 99 -11.62 3.45 8.00
N VAL A 100 -10.73 2.67 7.41
CA VAL A 100 -9.31 2.75 7.72
C VAL A 100 -8.79 4.14 7.35
N THR A 101 -9.02 4.54 6.11
CA THR A 101 -8.58 5.85 5.63
C THR A 101 -9.28 6.95 6.40
N ALA A 102 -10.58 6.79 6.52
CA ALA A 102 -11.41 7.75 7.22
C ALA A 102 -11.13 7.68 8.72
N LYS A 103 -10.59 6.55 9.16
CA LYS A 103 -10.26 6.38 10.57
C LYS A 103 -9.02 7.16 10.93
N TYR A 104 -8.07 7.22 9.98
CA TYR A 104 -6.83 7.96 10.20
C TYR A 104 -7.03 9.44 9.93
N GLY A 105 -8.09 9.78 9.21
CA GLY A 105 -8.40 11.17 8.90
C GLY A 105 -7.64 11.63 7.66
N ILE A 106 -7.19 10.67 6.86
CA ILE A 106 -6.45 11.00 5.65
C ILE A 106 -7.37 11.52 4.56
N THR A 107 -6.99 12.64 3.96
CA THR A 107 -7.80 13.23 2.90
C THR A 107 -6.96 14.18 2.05
N GLY A 108 -5.64 14.05 2.17
CA GLY A 108 -4.72 14.90 1.41
C GLY A 108 -4.19 14.15 0.19
N ILE A 109 -4.85 13.05 -0.15
CA ILE A 109 -4.44 12.25 -1.30
C ILE A 109 -3.96 13.15 -2.44
N PRO A 110 -2.89 12.79 -3.10
CA PRO A 110 -2.10 11.56 -2.81
C PRO A 110 -1.41 11.61 -1.45
N ALA A 111 -1.46 10.49 -0.73
CA ALA A 111 -0.83 10.43 0.59
C ALA A 111 -0.39 9.00 0.89
N LEU A 112 0.68 8.87 1.68
CA LEU A 112 1.20 7.56 2.04
C LEU A 112 1.14 7.34 3.55
N VAL A 113 0.43 6.28 3.97
CA VAL A 113 0.31 5.98 5.38
C VAL A 113 1.10 4.72 5.72
N ILE A 114 2.21 4.89 6.42
CA ILE A 114 3.05 3.75 6.79
C ILE A 114 2.88 3.39 8.26
N VAL A 115 2.53 2.13 8.52
CA VAL A 115 2.34 1.66 9.88
C VAL A 115 2.96 0.28 10.05
N LYS A 116 3.41 -0.01 11.27
CA LYS A 116 4.03 -1.30 11.54
C LYS A 116 2.98 -2.40 11.56
N LYS A 117 3.39 -3.61 11.20
CA LYS A 117 2.48 -4.75 11.17
C LYS A 117 1.67 -4.81 12.46
N ASP A 118 2.35 -4.70 13.59
CA ASP A 118 1.67 -4.76 14.89
C ASP A 118 0.68 -3.62 15.01
N GLY A 119 0.76 -2.66 14.08
CA GLY A 119 -0.14 -1.51 14.10
C GLY A 119 0.53 -0.31 14.73
N THR A 120 1.86 -0.31 14.72
CA THR A 120 2.63 0.79 15.30
C THR A 120 2.90 1.87 14.26
N LEU A 121 2.47 3.09 14.56
CA LEU A 121 2.68 4.21 13.64
C LEU A 121 4.18 4.53 13.55
N ILE A 122 4.59 4.96 12.37
CA ILE A 122 6.00 5.30 12.15
C ILE A 122 6.11 6.59 11.33
N SER A 123 5.65 6.52 10.09
CA SER A 123 5.69 7.66 9.20
C SER A 123 4.42 7.71 8.35
N MET A 124 3.65 8.78 8.51
CA MET A 124 2.41 8.92 7.75
C MET A 124 2.69 9.46 6.35
N ASN A 125 2.23 10.68 6.07
CA ASN A 125 2.44 11.28 4.75
C ASN A 125 3.93 11.41 4.46
N GLY A 126 4.68 10.35 4.76
CA GLY A 126 6.12 10.36 4.51
C GLY A 126 6.40 10.14 3.05
N ARG A 127 5.39 10.38 2.20
CA ARG A 127 5.56 10.19 0.77
C ARG A 127 6.90 10.74 0.31
N GLY A 128 6.97 12.03 0.06
CA GLY A 128 8.22 12.64 -0.39
C GLY A 128 9.38 12.09 0.42
N GLU A 129 9.11 11.72 1.67
CA GLU A 129 10.14 11.18 2.54
C GLU A 129 10.75 9.93 1.92
N VAL A 130 9.90 8.98 1.57
CA VAL A 130 10.37 7.75 0.95
C VAL A 130 10.96 8.06 -0.41
N GLN A 131 10.21 8.78 -1.23
CA GLN A 131 10.66 9.16 -2.56
C GLN A 131 11.91 10.04 -2.46
N SER A 132 12.08 10.69 -1.31
CA SER A 132 13.24 11.56 -1.11
C SER A 132 14.47 10.74 -0.77
N LEU A 133 14.35 9.86 0.22
CA LEU A 133 15.46 9.01 0.63
C LEU A 133 15.50 7.74 -0.19
N GLY A 134 14.47 7.53 -1.00
CA GLY A 134 14.40 6.33 -1.83
C GLY A 134 14.31 5.08 -0.96
N PRO A 135 14.88 3.99 -1.42
CA PRO A 135 14.87 2.71 -0.66
C PRO A 135 15.62 2.81 0.66
N ARG A 136 16.38 3.89 0.82
CA ARG A 136 17.14 4.10 2.04
C ARG A 136 16.23 4.65 3.13
N ALA A 137 15.00 4.97 2.75
CA ALA A 137 14.03 5.48 3.69
C ALA A 137 13.56 4.37 4.62
N PHE A 138 13.66 3.13 4.15
CA PHE A 138 13.26 1.99 4.94
C PHE A 138 13.60 2.22 6.40
N GLN A 139 14.60 3.07 6.64
CA GLN A 139 15.01 3.39 7.99
C GLN A 139 13.96 4.26 8.66
N ASN A 140 13.51 5.29 7.96
CA ASN A 140 12.49 6.18 8.48
C ASN A 140 11.14 5.49 8.46
N TRP A 141 10.90 4.74 7.39
CA TRP A 141 9.66 4.00 7.24
C TRP A 141 9.63 2.81 8.20
N ALA A 142 10.81 2.44 8.71
CA ALA A 142 10.91 1.32 9.64
C ALA A 142 11.65 1.74 10.90
N ARG A 143 11.91 3.02 10.99
CA ARG A 143 12.62 3.57 12.14
C ARG A 143 12.32 2.74 13.39
N MET A 1 -10.26 -5.42 17.25
CA MET A 1 -11.65 -5.97 17.12
C MET A 1 -12.37 -5.25 16.00
N GLU A 2 -11.86 -4.09 15.62
CA GLU A 2 -12.47 -3.31 14.54
C GLU A 2 -11.44 -2.99 13.46
N PHE A 3 -10.35 -3.76 13.43
CA PHE A 3 -9.31 -3.56 12.44
C PHE A 3 -9.65 -4.27 11.14
N ILE A 4 -8.65 -4.43 10.27
CA ILE A 4 -8.86 -5.10 9.00
C ILE A 4 -8.77 -6.61 9.17
N GLN A 5 -7.74 -7.07 9.86
CA GLN A 5 -7.54 -8.49 10.09
C GLN A 5 -8.88 -9.20 10.24
N GLY A 6 -9.12 -10.18 9.38
CA GLY A 6 -10.38 -10.93 9.42
C GLY A 6 -11.09 -10.87 8.08
N ILE A 7 -10.58 -10.04 7.17
CA ILE A 7 -11.18 -9.88 5.86
C ILE A 7 -10.35 -10.60 4.80
N LYS A 8 -10.81 -10.56 3.56
CA LYS A 8 -10.10 -11.21 2.47
C LYS A 8 -9.73 -10.18 1.40
N LEU A 9 -8.52 -10.32 0.86
CA LEU A 9 -8.07 -9.40 -0.19
C LEU A 9 -7.96 -10.11 -1.52
N VAL A 10 -7.56 -9.36 -2.55
CA VAL A 10 -7.44 -9.92 -3.88
C VAL A 10 -6.00 -9.83 -4.38
N LYS A 11 -5.47 -10.95 -4.85
CA LYS A 11 -4.10 -10.98 -5.37
C LYS A 11 -4.09 -10.57 -6.83
N LYS A 12 -3.04 -9.84 -7.22
CA LYS A 12 -2.91 -9.37 -8.60
C LYS A 12 -3.30 -10.48 -9.58
N ASN A 13 -3.13 -11.74 -9.14
CA ASN A 13 -3.47 -12.87 -9.99
C ASN A 13 -4.97 -13.11 -9.96
N ARG A 14 -5.73 -12.06 -9.67
CA ARG A 14 -7.18 -12.16 -9.62
C ARG A 14 -7.59 -13.22 -8.59
N CYS A 15 -6.72 -13.47 -7.63
CA CYS A 15 -7.00 -14.45 -6.59
C CYS A 15 -7.54 -13.78 -5.34
N GLU A 16 -7.99 -14.59 -4.39
CA GLU A 16 -8.53 -14.06 -3.14
C GLU A 16 -7.90 -14.78 -1.94
N VAL A 17 -7.44 -14.00 -0.96
CA VAL A 17 -6.81 -14.57 0.22
C VAL A 17 -7.23 -13.83 1.48
N ASN A 18 -6.85 -14.37 2.63
CA ASN A 18 -7.20 -13.76 3.91
C ASN A 18 -6.15 -12.74 4.34
N ALA A 19 -6.45 -11.46 4.15
CA ALA A 19 -5.52 -10.40 4.51
C ALA A 19 -4.74 -10.76 5.78
N ASN A 20 -5.33 -11.63 6.60
CA ASN A 20 -4.68 -12.05 7.84
C ASN A 20 -3.27 -12.54 7.57
N GLU A 21 -3.17 -13.56 6.73
CA GLU A 21 -1.87 -14.14 6.39
C GLU A 21 -1.36 -13.55 5.09
N ALA A 22 -2.28 -13.10 4.24
CA ALA A 22 -1.90 -12.51 2.97
C ALA A 22 -1.10 -11.21 3.16
N LEU A 23 -1.40 -10.52 4.26
CA LEU A 23 -0.71 -9.27 4.55
C LEU A 23 0.75 -9.53 4.92
N LYS A 24 1.09 -10.81 5.09
CA LYS A 24 2.46 -11.19 5.43
C LYS A 24 3.15 -10.06 6.20
N ASP A 25 3.70 -9.10 5.46
CA ASP A 25 4.39 -7.97 6.08
C ASP A 25 5.34 -8.47 7.16
N LYS A 26 6.59 -8.69 6.80
CA LYS A 26 7.58 -9.15 7.76
C LYS A 26 7.33 -8.48 9.11
N ASP A 27 6.62 -7.36 9.08
CA ASP A 27 6.32 -6.63 10.31
C ASP A 27 5.92 -5.19 10.01
N ILE A 28 5.90 -4.82 8.74
CA ILE A 28 5.54 -3.45 8.36
C ILE A 28 4.53 -3.46 7.22
N ILE A 29 3.71 -2.41 7.15
CA ILE A 29 2.71 -2.31 6.09
C ILE A 29 2.72 -0.91 5.49
N GLY A 30 2.33 -0.81 4.22
CA GLY A 30 2.29 0.47 3.53
C GLY A 30 0.91 0.74 2.98
N PHE A 31 0.51 2.00 2.99
CA PHE A 31 -0.81 2.38 2.49
C PHE A 31 -0.69 3.43 1.39
N TYR A 32 -1.10 3.06 0.18
CA TYR A 32 -1.04 3.98 -0.95
C TYR A 32 -2.44 4.52 -1.26
N PHE A 33 -2.57 5.85 -1.22
CA PHE A 33 -3.86 6.48 -1.51
C PHE A 33 -3.72 7.44 -2.68
N SER A 34 -4.43 7.14 -3.77
CA SER A 34 -4.38 7.99 -4.95
C SER A 34 -4.72 7.20 -6.20
N ALA A 35 -6.00 6.98 -6.44
CA ALA A 35 -6.45 6.24 -7.62
C ALA A 35 -5.42 6.36 -8.73
N HIS A 36 -5.01 5.22 -9.29
CA HIS A 36 -4.02 5.22 -10.35
C HIS A 36 -4.69 5.34 -11.72
N TRP A 37 -6.02 5.38 -11.75
CA TRP A 37 -6.72 5.47 -13.02
C TRP A 37 -7.52 6.77 -13.12
N CYS A 38 -8.02 7.28 -12.00
CA CYS A 38 -8.80 8.50 -12.03
C CYS A 38 -7.89 9.74 -12.12
N PRO A 39 -7.19 10.07 -11.07
CA PRO A 39 -6.26 11.26 -11.06
C PRO A 39 -4.98 10.98 -11.84
N PRO A 40 -4.25 12.03 -12.15
CA PRO A 40 -2.97 11.90 -12.90
C PRO A 40 -1.81 11.47 -12.00
N CYS A 41 -1.41 12.36 -11.09
CA CYS A 41 -0.33 12.06 -10.17
C CYS A 41 0.66 11.07 -10.79
N ARG A 42 0.82 11.16 -12.10
CA ARG A 42 1.73 10.26 -12.81
C ARG A 42 3.16 10.77 -12.69
N GLY A 43 4.10 9.85 -12.44
CA GLY A 43 5.50 10.22 -12.32
C GLY A 43 6.07 9.79 -10.96
N PHE A 44 5.23 9.86 -9.93
CA PHE A 44 5.66 9.47 -8.59
C PHE A 44 5.60 7.96 -8.42
N THR A 45 4.90 7.29 -9.34
CA THR A 45 4.76 5.84 -9.28
C THR A 45 6.11 5.15 -9.49
N PRO A 46 6.72 5.34 -10.62
CA PRO A 46 8.03 4.73 -10.93
C PRO A 46 9.05 4.96 -9.81
N ILE A 47 8.70 5.84 -8.90
CA ILE A 47 9.58 6.14 -7.77
C ILE A 47 9.33 5.15 -6.65
N LEU A 48 8.07 5.02 -6.25
CA LEU A 48 7.71 4.09 -5.19
C LEU A 48 7.89 2.67 -5.69
N ALA A 49 7.78 2.49 -7.02
CA ALA A 49 7.96 1.17 -7.61
C ALA A 49 9.43 0.79 -7.52
N ASP A 50 10.29 1.78 -7.43
CA ASP A 50 11.72 1.54 -7.32
C ASP A 50 12.07 1.26 -5.86
N MET A 51 11.30 1.86 -4.96
CA MET A 51 11.52 1.66 -3.53
C MET A 51 11.03 0.29 -3.10
N TYR A 52 9.84 -0.09 -3.54
CA TYR A 52 9.29 -1.39 -3.18
C TYR A 52 10.02 -2.48 -3.94
N SER A 53 10.48 -2.15 -5.14
CA SER A 53 11.20 -3.11 -5.96
C SER A 53 12.53 -3.46 -5.30
N GLU A 54 13.18 -2.43 -4.74
CA GLU A 54 14.46 -2.65 -4.08
C GLU A 54 14.20 -3.39 -2.76
N LEU A 55 13.26 -2.86 -1.99
CA LEU A 55 12.91 -3.48 -0.72
C LEU A 55 12.54 -4.94 -0.93
N VAL A 56 11.79 -5.21 -2.00
CA VAL A 56 11.38 -6.57 -2.32
C VAL A 56 12.60 -7.45 -2.45
N ASP A 57 13.54 -7.01 -3.30
CA ASP A 57 14.76 -7.75 -3.48
C ASP A 57 15.35 -8.11 -2.13
N ASP A 58 15.17 -7.20 -1.18
CA ASP A 58 15.65 -7.41 0.18
C ASP A 58 14.59 -8.09 1.03
N SER A 59 13.65 -8.74 0.36
CA SER A 59 12.57 -9.42 1.06
C SER A 59 11.63 -8.39 1.64
N ALA A 60 11.68 -7.20 1.05
CA ALA A 60 10.84 -6.08 1.47
C ALA A 60 10.13 -6.38 2.79
N PRO A 61 10.73 -6.03 3.88
CA PRO A 61 10.15 -6.25 5.24
C PRO A 61 8.84 -5.48 5.43
N PHE A 62 8.03 -5.44 4.38
CA PHE A 62 6.75 -4.74 4.45
C PHE A 62 5.91 -4.98 3.20
N GLU A 63 4.58 -4.86 3.36
CA GLU A 63 3.66 -5.07 2.25
C GLU A 63 2.98 -3.76 1.87
N ILE A 64 2.64 -3.61 0.58
CA ILE A 64 1.98 -2.41 0.10
C ILE A 64 0.48 -2.65 -0.03
N ILE A 65 -0.31 -1.71 0.48
CA ILE A 65 -1.76 -1.82 0.41
C ILE A 65 -2.28 -0.97 -0.75
N PHE A 66 -3.23 -1.53 -1.50
CA PHE A 66 -3.79 -0.81 -2.64
C PHE A 66 -5.21 -0.34 -2.32
N VAL A 67 -5.39 0.98 -2.29
CA VAL A 67 -6.70 1.55 -2.00
C VAL A 67 -6.97 2.74 -2.91
N SER A 68 -7.80 3.68 -2.44
CA SER A 68 -8.11 4.86 -3.24
C SER A 68 -9.02 4.49 -4.41
N SER A 69 -9.88 5.42 -4.82
CA SER A 69 -10.80 5.18 -5.93
C SER A 69 -10.13 4.36 -7.03
N ASP A 70 -9.82 3.11 -6.73
CA ASP A 70 -9.19 2.22 -7.69
C ASP A 70 -10.16 1.13 -8.10
N ARG A 71 -11.42 1.30 -7.68
CA ARG A 71 -12.45 0.32 -7.98
C ARG A 71 -12.21 -0.38 -9.32
N SER A 72 -11.22 0.12 -10.08
CA SER A 72 -10.92 -0.50 -11.36
C SER A 72 -10.14 -1.78 -11.14
N GLU A 73 -10.77 -2.91 -11.45
CA GLU A 73 -10.11 -4.20 -11.28
C GLU A 73 -8.92 -4.31 -12.21
N ASP A 74 -9.00 -3.62 -13.34
CA ASP A 74 -7.92 -3.64 -14.30
C ASP A 74 -6.79 -2.72 -13.86
N ASP A 75 -7.14 -1.48 -13.53
CA ASP A 75 -6.13 -0.54 -13.07
C ASP A 75 -5.51 -1.03 -11.78
N MET A 76 -6.23 -1.92 -11.09
CA MET A 76 -5.72 -2.47 -9.85
C MET A 76 -4.61 -3.48 -10.13
N PHE A 77 -4.96 -4.55 -10.86
CA PHE A 77 -3.98 -5.57 -11.17
C PHE A 77 -2.99 -5.07 -12.22
N GLN A 78 -3.37 -4.02 -12.93
CA GLN A 78 -2.49 -3.46 -13.96
C GLN A 78 -1.43 -2.59 -13.31
N TYR A 79 -1.87 -1.58 -12.57
CA TYR A 79 -0.95 -0.68 -11.89
C TYR A 79 -0.18 -1.42 -10.82
N MET A 80 -0.71 -2.57 -10.38
CA MET A 80 -0.04 -3.35 -9.35
C MET A 80 1.08 -4.20 -9.96
N MET A 81 0.80 -4.79 -11.12
CA MET A 81 1.79 -5.62 -11.79
C MET A 81 2.79 -4.78 -12.58
N GLU A 82 2.42 -3.53 -12.86
CA GLU A 82 3.29 -2.64 -13.62
C GLU A 82 4.59 -2.36 -12.87
N SER A 83 4.57 -2.60 -11.56
CA SER A 83 5.76 -2.39 -10.72
C SER A 83 5.39 -1.70 -9.41
N HIS A 84 4.09 -1.46 -9.21
CA HIS A 84 3.64 -0.81 -7.99
C HIS A 84 3.11 -1.83 -6.99
N GLY A 85 3.87 -2.07 -5.93
CA GLY A 85 3.47 -3.03 -4.91
C GLY A 85 3.43 -4.44 -5.47
N ASP A 86 4.04 -5.39 -4.76
CA ASP A 86 4.06 -6.78 -5.21
C ASP A 86 3.49 -7.72 -4.15
N TRP A 87 2.23 -7.53 -3.78
CA TRP A 87 1.61 -8.40 -2.79
C TRP A 87 0.10 -8.47 -2.96
N LEU A 88 -0.64 -7.73 -2.13
CA LEU A 88 -2.09 -7.77 -2.20
C LEU A 88 -2.71 -6.38 -2.30
N ALA A 89 -4.04 -6.38 -2.44
CA ALA A 89 -4.81 -5.16 -2.56
C ALA A 89 -6.18 -5.35 -1.93
N ILE A 90 -6.55 -4.47 -1.00
CA ILE A 90 -7.84 -4.57 -0.35
C ILE A 90 -8.96 -4.18 -1.31
N PRO A 91 -9.79 -5.11 -1.67
CA PRO A 91 -10.92 -4.82 -2.59
C PRO A 91 -11.70 -3.59 -2.14
N TYR A 92 -11.59 -2.51 -2.90
CA TYR A 92 -12.28 -1.27 -2.57
C TYR A 92 -13.58 -1.57 -1.83
N ARG A 93 -14.12 -2.76 -2.08
CA ARG A 93 -15.37 -3.16 -1.44
C ARG A 93 -15.07 -3.78 -0.07
N SER A 94 -13.92 -3.45 0.46
CA SER A 94 -13.51 -3.97 1.77
C SER A 94 -13.64 -2.89 2.84
N GLY A 95 -14.87 -2.44 3.08
CA GLY A 95 -15.13 -1.41 4.08
C GLY A 95 -13.89 -1.10 4.91
N PRO A 96 -13.41 -2.07 5.66
CA PRO A 96 -12.21 -1.91 6.52
C PRO A 96 -11.13 -1.05 5.84
N ALA A 97 -11.15 -1.00 4.52
CA ALA A 97 -10.18 -0.21 3.77
C ALA A 97 -10.57 1.26 3.81
N SER A 98 -11.84 1.54 3.59
CA SER A 98 -12.33 2.91 3.62
C SER A 98 -12.27 3.43 5.05
N ASN A 99 -13.06 2.82 5.92
CA ASN A 99 -13.08 3.22 7.32
C ASN A 99 -11.64 3.42 7.81
N VAL A 100 -10.73 2.62 7.24
CA VAL A 100 -9.32 2.72 7.61
C VAL A 100 -8.78 4.10 7.22
N THR A 101 -9.06 4.49 5.98
CA THR A 101 -8.62 5.79 5.49
C THR A 101 -9.31 6.91 6.24
N ALA A 102 -10.62 6.77 6.37
CA ALA A 102 -11.43 7.76 7.05
C ALA A 102 -11.17 7.72 8.55
N LYS A 103 -10.66 6.59 9.03
CA LYS A 103 -10.36 6.43 10.45
C LYS A 103 -9.01 7.06 10.77
N TYR A 104 -8.07 6.94 9.84
CA TYR A 104 -6.74 7.50 10.04
C TYR A 104 -6.78 9.02 9.88
N GLY A 105 -7.82 9.53 9.23
CA GLY A 105 -7.96 10.96 9.03
C GLY A 105 -7.10 11.43 7.87
N ILE A 106 -6.95 10.59 6.85
CA ILE A 106 -6.15 10.93 5.69
C ILE A 106 -6.79 12.09 4.92
N THR A 107 -7.33 11.77 3.74
CA THR A 107 -7.97 12.80 2.93
C THR A 107 -6.94 13.74 2.33
N GLY A 108 -5.66 13.47 2.63
CA GLY A 108 -4.58 14.31 2.11
C GLY A 108 -4.07 13.76 0.78
N ILE A 109 -4.85 12.85 0.19
CA ILE A 109 -4.48 12.25 -1.08
C ILE A 109 -4.12 13.33 -2.10
N PRO A 110 -3.10 13.11 -2.90
CA PRO A 110 -2.29 11.85 -2.86
C PRO A 110 -1.38 11.79 -1.63
N ALA A 111 -1.21 10.58 -1.10
CA ALA A 111 -0.36 10.40 0.08
C ALA A 111 -0.16 8.92 0.38
N LEU A 112 0.88 8.62 1.15
CA LEU A 112 1.18 7.24 1.51
C LEU A 112 1.30 7.11 3.03
N VAL A 113 0.57 6.17 3.62
CA VAL A 113 0.61 5.98 5.07
C VAL A 113 1.35 4.69 5.42
N ILE A 114 2.33 4.81 6.30
CA ILE A 114 3.11 3.65 6.72
C ILE A 114 2.86 3.33 8.19
N VAL A 115 2.45 2.09 8.44
CA VAL A 115 2.17 1.65 9.81
C VAL A 115 2.69 0.23 10.02
N LYS A 116 3.08 -0.06 11.26
CA LYS A 116 3.59 -1.39 11.60
C LYS A 116 2.47 -2.42 11.60
N LYS A 117 2.80 -3.64 11.19
CA LYS A 117 1.81 -4.71 11.14
C LYS A 117 0.97 -4.73 12.43
N ASP A 118 1.64 -4.64 13.57
CA ASP A 118 0.95 -4.64 14.85
C ASP A 118 -0.01 -3.46 14.94
N GLY A 119 0.17 -2.48 14.05
CA GLY A 119 -0.68 -1.30 14.04
C GLY A 119 0.04 -0.11 14.64
N THR A 120 1.37 -0.20 14.71
CA THR A 120 2.17 0.87 15.27
C THR A 120 2.46 1.93 14.20
N LEU A 121 2.49 3.19 14.63
CA LEU A 121 2.76 4.29 13.71
C LEU A 121 4.25 4.51 13.55
N ILE A 122 4.66 4.81 12.34
CA ILE A 122 6.07 5.04 12.04
C ILE A 122 6.25 6.30 11.21
N SER A 123 5.70 6.28 10.01
CA SER A 123 5.78 7.42 9.11
C SER A 123 4.48 7.58 8.33
N MET A 124 3.82 8.73 8.52
CA MET A 124 2.56 8.99 7.83
C MET A 124 2.83 9.50 6.42
N ASN A 125 3.80 10.39 6.29
CA ASN A 125 4.14 10.95 4.99
C ASN A 125 5.21 10.08 4.34
N GLY A 126 5.00 8.76 4.41
CA GLY A 126 5.94 7.80 3.82
C GLY A 126 6.45 8.28 2.47
N ARG A 127 5.67 9.14 1.82
CA ARG A 127 6.06 9.68 0.51
C ARG A 127 6.99 10.86 0.69
N GLY A 128 7.32 11.15 1.94
CA GLY A 128 8.23 12.23 2.27
C GLY A 128 9.65 11.71 2.24
N GLU A 129 9.92 10.74 3.11
CA GLU A 129 11.23 10.13 3.18
C GLU A 129 11.45 9.25 1.97
N VAL A 130 10.36 8.77 1.37
CA VAL A 130 10.46 7.91 0.20
C VAL A 130 10.84 8.72 -1.02
N GLN A 131 10.14 9.81 -1.29
CA GLN A 131 10.48 10.62 -2.46
C GLN A 131 11.79 11.34 -2.22
N SER A 132 12.07 11.65 -0.96
CA SER A 132 13.29 12.35 -0.61
C SER A 132 14.50 11.41 -0.62
N LEU A 133 14.32 10.21 -0.06
CA LEU A 133 15.41 9.25 -0.01
C LEU A 133 15.16 8.05 -0.92
N GLY A 134 14.02 8.01 -1.59
CA GLY A 134 13.74 6.88 -2.47
C GLY A 134 13.83 5.57 -1.69
N PRO A 135 14.28 4.53 -2.34
CA PRO A 135 14.42 3.18 -1.71
C PRO A 135 15.23 3.22 -0.41
N ARG A 136 16.15 4.19 -0.32
CA ARG A 136 16.97 4.32 0.88
C ARG A 136 16.14 4.82 2.04
N ALA A 137 14.90 5.16 1.74
CA ALA A 137 13.97 5.65 2.76
C ALA A 137 13.48 4.51 3.62
N PHE A 138 13.68 3.28 3.15
CA PHE A 138 13.26 2.10 3.91
C PHE A 138 13.56 2.28 5.39
N GLN A 139 14.60 3.06 5.67
CA GLN A 139 14.99 3.32 7.05
C GLN A 139 13.93 4.15 7.77
N ASN A 140 13.33 5.07 7.02
CA ASN A 140 12.29 5.93 7.57
C ASN A 140 11.01 5.15 7.80
N TRP A 141 10.67 4.31 6.83
CA TRP A 141 9.46 3.49 6.93
C TRP A 141 9.61 2.45 8.04
N ALA A 142 10.86 2.12 8.36
CA ALA A 142 11.13 1.14 9.40
C ALA A 142 11.92 1.77 10.53
N ARG A 143 12.09 3.07 10.45
CA ARG A 143 12.82 3.81 11.46
C ARG A 143 13.91 2.94 12.08
N MET A 1 -9.23 -1.12 18.21
CA MET A 1 -9.27 -2.56 17.82
C MET A 1 -10.00 -2.70 16.49
N GLU A 2 -10.73 -3.80 16.34
CA GLU A 2 -11.47 -4.06 15.10
C GLU A 2 -10.70 -3.52 13.90
N PHE A 3 -9.58 -4.17 13.59
CA PHE A 3 -8.76 -3.75 12.46
C PHE A 3 -9.12 -4.54 11.21
N ILE A 4 -8.42 -4.26 10.12
CA ILE A 4 -8.68 -4.95 8.85
C ILE A 4 -8.57 -6.46 9.04
N GLN A 5 -7.50 -6.88 9.69
CA GLN A 5 -7.27 -8.31 9.93
C GLN A 5 -8.60 -9.04 10.14
N GLY A 6 -8.86 -10.04 9.30
CA GLY A 6 -10.10 -10.81 9.40
C GLY A 6 -10.89 -10.75 8.10
N ILE A 7 -10.42 -9.91 7.18
CA ILE A 7 -11.09 -9.77 5.90
C ILE A 7 -10.33 -10.52 4.80
N LYS A 8 -10.89 -10.54 3.61
CA LYS A 8 -10.26 -11.23 2.48
C LYS A 8 -9.82 -10.23 1.43
N LEU A 9 -8.59 -10.36 0.96
CA LEU A 9 -8.05 -9.46 -0.06
C LEU A 9 -8.08 -10.13 -1.43
N VAL A 10 -7.80 -9.34 -2.47
CA VAL A 10 -7.81 -9.88 -3.82
C VAL A 10 -6.43 -9.74 -4.46
N LYS A 11 -5.89 -10.85 -4.93
CA LYS A 11 -4.57 -10.85 -5.57
C LYS A 11 -4.69 -10.41 -7.02
N LYS A 12 -3.72 -9.62 -7.48
CA LYS A 12 -3.74 -9.14 -8.86
C LYS A 12 -4.13 -10.26 -9.81
N ASN A 13 -3.79 -11.49 -9.46
CA ASN A 13 -4.13 -12.64 -10.29
C ASN A 13 -5.62 -12.89 -10.26
N ARG A 14 -6.39 -11.87 -9.88
CA ARG A 14 -7.83 -11.98 -9.80
C ARG A 14 -8.22 -13.07 -8.81
N CYS A 15 -7.34 -13.34 -7.85
CA CYS A 15 -7.59 -14.36 -6.85
C CYS A 15 -7.98 -13.73 -5.51
N GLU A 16 -8.42 -14.55 -4.58
CA GLU A 16 -8.82 -14.06 -3.26
C GLU A 16 -8.03 -14.78 -2.16
N VAL A 17 -7.74 -14.05 -1.08
CA VAL A 17 -6.99 -14.60 0.03
C VAL A 17 -7.33 -13.86 1.32
N ASN A 18 -6.82 -14.37 2.44
CA ASN A 18 -7.06 -13.75 3.73
C ASN A 18 -5.97 -12.72 4.04
N ALA A 19 -6.29 -11.44 3.83
CA ALA A 19 -5.33 -10.37 4.09
C ALA A 19 -4.54 -10.65 5.37
N ASN A 20 -5.12 -11.43 6.26
CA ASN A 20 -4.46 -11.77 7.52
C ASN A 20 -3.06 -12.29 7.27
N GLU A 21 -2.98 -13.37 6.51
CA GLU A 21 -1.69 -13.97 6.19
C GLU A 21 -1.19 -13.49 4.84
N ALA A 22 -2.13 -13.17 3.95
CA ALA A 22 -1.77 -12.69 2.62
C ALA A 22 -0.98 -11.39 2.70
N LEU A 23 -1.24 -10.61 3.75
CA LEU A 23 -0.54 -9.34 3.94
C LEU A 23 0.91 -9.58 4.31
N LYS A 24 1.22 -10.81 4.70
CA LYS A 24 2.59 -11.17 5.06
C LYS A 24 3.26 -10.04 5.83
N ASP A 25 3.81 -9.07 5.10
CA ASP A 25 4.48 -7.94 5.73
C ASP A 25 5.40 -8.42 6.85
N LYS A 26 6.67 -8.63 6.51
CA LYS A 26 7.65 -9.09 7.49
C LYS A 26 7.31 -8.50 8.86
N ASP A 27 6.61 -7.37 8.86
CA ASP A 27 6.23 -6.72 10.10
C ASP A 27 5.91 -5.25 9.88
N ILE A 28 5.77 -4.84 8.62
CA ILE A 28 5.47 -3.45 8.30
C ILE A 28 4.46 -3.36 7.17
N ILE A 29 3.69 -2.28 7.14
CA ILE A 29 2.69 -2.09 6.09
C ILE A 29 2.60 -0.62 5.68
N GLY A 30 2.29 -0.39 4.40
CA GLY A 30 2.18 0.96 3.88
C GLY A 30 0.98 1.10 2.96
N PHE A 31 0.05 1.97 3.34
CA PHE A 31 -1.15 2.20 2.53
C PHE A 31 -0.92 3.32 1.52
N TYR A 32 -1.14 3.02 0.25
CA TYR A 32 -0.95 4.01 -0.80
C TYR A 32 -2.30 4.56 -1.25
N PHE A 33 -2.45 5.89 -1.19
CA PHE A 33 -3.71 6.52 -1.59
C PHE A 33 -3.48 7.48 -2.75
N SER A 34 -4.09 7.17 -3.89
CA SER A 34 -3.97 8.00 -5.08
C SER A 34 -4.10 7.17 -6.35
N ALA A 35 -5.33 6.80 -6.69
CA ALA A 35 -5.58 6.00 -7.89
C ALA A 35 -4.73 6.53 -9.04
N HIS A 36 -3.81 5.70 -9.52
CA HIS A 36 -2.94 6.11 -10.61
C HIS A 36 -3.43 5.54 -11.94
N TRP A 37 -4.71 5.17 -11.99
CA TRP A 37 -5.27 4.61 -13.21
C TRP A 37 -6.39 5.49 -13.77
N CYS A 38 -7.36 5.85 -12.91
CA CYS A 38 -8.47 6.68 -13.36
C CYS A 38 -8.09 8.16 -13.34
N PRO A 39 -7.62 8.66 -12.23
CA PRO A 39 -7.23 10.09 -12.10
C PRO A 39 -5.75 10.30 -12.43
N PRO A 40 -5.39 11.51 -12.78
CA PRO A 40 -3.98 11.87 -13.12
C PRO A 40 -3.08 11.95 -11.88
N CYS A 41 -1.79 11.69 -12.08
CA CYS A 41 -0.83 11.74 -10.98
C CYS A 41 0.36 10.85 -11.27
N ARG A 42 0.73 10.75 -12.55
CA ARG A 42 1.85 9.92 -12.95
C ARG A 42 3.17 10.65 -12.74
N GLY A 43 4.23 9.89 -12.46
CA GLY A 43 5.55 10.47 -12.24
C GLY A 43 6.09 10.08 -10.87
N PHE A 44 5.22 10.00 -9.88
CA PHE A 44 5.63 9.63 -8.53
C PHE A 44 5.64 8.11 -8.38
N THR A 45 4.69 7.46 -9.03
CA THR A 45 4.58 6.00 -8.98
C THR A 45 5.90 5.33 -9.34
N PRO A 46 6.40 5.59 -10.52
CA PRO A 46 7.68 4.99 -10.98
C PRO A 46 8.79 5.14 -9.95
N ILE A 47 8.55 5.98 -8.94
CA ILE A 47 9.53 6.19 -7.89
C ILE A 47 9.31 5.17 -6.78
N LEU A 48 8.05 5.00 -6.41
CA LEU A 48 7.71 4.05 -5.35
C LEU A 48 7.92 2.63 -5.85
N ALA A 49 7.69 2.41 -7.14
CA ALA A 49 7.88 1.07 -7.71
C ALA A 49 9.36 0.71 -7.71
N ASP A 50 10.21 1.73 -7.80
CA ASP A 50 11.64 1.49 -7.77
C ASP A 50 12.09 1.26 -6.35
N MET A 51 11.38 1.89 -5.41
CA MET A 51 11.70 1.75 -4.00
C MET A 51 11.25 0.40 -3.48
N TYR A 52 9.99 0.06 -3.71
CA TYR A 52 9.47 -1.22 -3.26
C TYR A 52 10.14 -2.34 -4.04
N SER A 53 10.60 -2.02 -5.25
CA SER A 53 11.27 -3.01 -6.08
C SER A 53 12.59 -3.40 -5.43
N GLU A 54 13.35 -2.41 -4.99
CA GLU A 54 14.62 -2.68 -4.33
C GLU A 54 14.36 -3.42 -3.03
N LEU A 55 13.54 -2.82 -2.18
CA LEU A 55 13.20 -3.43 -0.91
C LEU A 55 12.68 -4.84 -1.13
N VAL A 56 11.89 -5.02 -2.19
CA VAL A 56 11.35 -6.35 -2.50
C VAL A 56 12.49 -7.33 -2.69
N ASP A 57 13.44 -6.95 -3.52
CA ASP A 57 14.60 -7.80 -3.76
C ASP A 57 15.18 -8.20 -2.42
N ASP A 58 15.09 -7.30 -1.45
CA ASP A 58 15.59 -7.56 -0.11
C ASP A 58 14.50 -8.16 0.75
N SER A 59 13.50 -8.73 0.10
CA SER A 59 12.38 -9.33 0.81
C SER A 59 11.53 -8.22 1.43
N ALA A 60 11.65 -7.03 0.85
CA ALA A 60 10.92 -5.87 1.32
C ALA A 60 10.19 -6.16 2.63
N PRO A 61 10.83 -5.86 3.72
CA PRO A 61 10.25 -6.09 5.09
C PRO A 61 8.96 -5.32 5.32
N PHE A 62 8.11 -5.24 4.30
CA PHE A 62 6.84 -4.54 4.43
C PHE A 62 5.96 -4.75 3.20
N GLU A 63 4.64 -4.64 3.41
CA GLU A 63 3.68 -4.84 2.34
C GLU A 63 2.97 -3.52 1.99
N ILE A 64 2.62 -3.39 0.71
CA ILE A 64 1.93 -2.18 0.24
C ILE A 64 0.44 -2.47 0.03
N ILE A 65 -0.41 -1.60 0.58
CA ILE A 65 -1.84 -1.76 0.42
C ILE A 65 -2.32 -0.98 -0.80
N PHE A 66 -3.19 -1.61 -1.58
CA PHE A 66 -3.72 -0.96 -2.78
C PHE A 66 -5.09 -0.34 -2.50
N VAL A 67 -5.14 0.98 -2.57
CA VAL A 67 -6.38 1.70 -2.33
C VAL A 67 -6.55 2.80 -3.38
N SER A 68 -7.32 3.83 -3.05
CA SER A 68 -7.54 4.93 -3.99
C SER A 68 -8.45 4.49 -5.13
N SER A 69 -9.21 5.44 -5.67
CA SER A 69 -10.12 5.15 -6.76
C SER A 69 -9.51 4.15 -7.75
N ASP A 70 -9.33 2.92 -7.29
CA ASP A 70 -8.77 1.87 -8.12
C ASP A 70 -9.82 0.79 -8.36
N ARG A 71 -11.05 1.10 -7.98
CA ARG A 71 -12.16 0.17 -8.13
C ARG A 71 -12.05 -0.61 -9.44
N SER A 72 -11.06 -0.29 -10.25
CA SER A 72 -10.89 -0.99 -11.51
C SER A 72 -10.08 -2.26 -11.28
N GLU A 73 -10.73 -3.40 -11.45
CA GLU A 73 -10.05 -4.67 -11.24
C GLU A 73 -9.01 -4.90 -12.31
N ASP A 74 -9.20 -4.29 -13.47
CA ASP A 74 -8.27 -4.42 -14.56
C ASP A 74 -7.09 -3.48 -14.37
N ASP A 75 -7.38 -2.22 -14.09
CA ASP A 75 -6.32 -1.25 -13.87
C ASP A 75 -5.62 -1.53 -12.55
N MET A 76 -6.30 -2.31 -11.70
CA MET A 76 -5.74 -2.68 -10.42
C MET A 76 -4.67 -3.76 -10.60
N PHE A 77 -5.06 -4.87 -11.22
CA PHE A 77 -4.11 -5.96 -11.44
C PHE A 77 -3.04 -5.55 -12.44
N GLN A 78 -3.32 -4.51 -13.22
CA GLN A 78 -2.37 -4.02 -14.20
C GLN A 78 -1.30 -3.17 -13.53
N TYR A 79 -1.74 -2.19 -12.77
CA TYR A 79 -0.82 -1.31 -12.07
C TYR A 79 -0.06 -2.07 -10.99
N MET A 80 -0.63 -3.21 -10.58
CA MET A 80 0.01 -4.03 -9.56
C MET A 80 1.09 -4.91 -10.19
N MET A 81 0.76 -5.54 -11.31
CA MET A 81 1.72 -6.40 -12.00
C MET A 81 2.80 -5.57 -12.68
N GLU A 82 2.51 -4.28 -12.88
CA GLU A 82 3.47 -3.39 -13.52
C GLU A 82 4.71 -3.24 -12.66
N SER A 83 4.51 -2.81 -11.41
CA SER A 83 5.64 -2.62 -10.49
C SER A 83 5.22 -1.87 -9.21
N HIS A 84 3.94 -1.57 -9.06
CA HIS A 84 3.47 -0.85 -7.88
C HIS A 84 3.00 -1.85 -6.81
N GLY A 85 3.71 -1.88 -5.69
CA GLY A 85 3.36 -2.78 -4.60
C GLY A 85 3.31 -4.22 -5.10
N ASP A 86 3.97 -5.13 -4.39
CA ASP A 86 3.98 -6.53 -4.80
C ASP A 86 3.33 -7.43 -3.75
N TRP A 87 2.03 -7.24 -3.51
CA TRP A 87 1.35 -8.07 -2.52
C TRP A 87 -0.15 -8.19 -2.84
N LEU A 88 -0.98 -7.55 -2.01
CA LEU A 88 -2.43 -7.64 -2.20
C LEU A 88 -3.09 -6.26 -2.31
N ALA A 89 -4.39 -6.30 -2.56
CA ALA A 89 -5.20 -5.10 -2.69
C ALA A 89 -6.54 -5.29 -2.00
N ILE A 90 -6.86 -4.39 -1.06
CA ILE A 90 -8.13 -4.49 -0.35
C ILE A 90 -9.29 -4.14 -1.27
N PRO A 91 -10.13 -5.09 -1.54
CA PRO A 91 -11.30 -4.84 -2.41
C PRO A 91 -12.06 -3.58 -2.00
N TYR A 92 -11.96 -2.54 -2.82
CA TYR A 92 -12.62 -1.27 -2.52
C TYR A 92 -13.89 -1.52 -1.71
N ARG A 93 -14.49 -2.68 -1.90
CA ARG A 93 -15.70 -3.03 -1.18
C ARG A 93 -15.36 -3.65 0.18
N SER A 94 -14.17 -3.35 0.65
CA SER A 94 -13.69 -3.87 1.93
C SER A 94 -13.80 -2.80 3.02
N GLY A 95 -15.02 -2.35 3.29
CA GLY A 95 -15.26 -1.33 4.31
C GLY A 95 -13.98 -1.01 5.08
N PRO A 96 -13.45 -1.97 5.81
CA PRO A 96 -12.21 -1.78 6.61
C PRO A 96 -11.18 -0.91 5.89
N ALA A 97 -11.28 -0.85 4.56
CA ALA A 97 -10.36 -0.03 3.78
C ALA A 97 -10.75 1.44 3.88
N SER A 98 -12.05 1.71 3.79
CA SER A 98 -12.54 3.07 3.89
C SER A 98 -12.36 3.56 5.32
N ASN A 99 -13.07 2.93 6.24
CA ASN A 99 -12.97 3.31 7.64
C ASN A 99 -11.50 3.50 8.01
N VAL A 100 -10.64 2.74 7.35
CA VAL A 100 -9.20 2.84 7.60
C VAL A 100 -8.71 4.22 7.19
N THR A 101 -9.10 4.63 5.98
CA THR A 101 -8.71 5.94 5.46
C THR A 101 -9.33 7.05 6.30
N ALA A 102 -10.61 6.90 6.54
CA ALA A 102 -11.36 7.87 7.31
C ALA A 102 -10.98 7.79 8.78
N LYS A 103 -10.42 6.66 9.19
CA LYS A 103 -9.99 6.48 10.57
C LYS A 103 -8.64 7.14 10.79
N TYR A 104 -7.78 7.09 9.78
CA TYR A 104 -6.45 7.69 9.89
C TYR A 104 -6.53 9.20 9.68
N GLY A 105 -7.67 9.67 9.16
CA GLY A 105 -7.85 11.09 8.91
C GLY A 105 -7.04 11.54 7.70
N ILE A 106 -6.95 10.67 6.70
CA ILE A 106 -6.21 10.99 5.49
C ILE A 106 -6.92 12.09 4.70
N THR A 107 -7.42 11.74 3.52
CA THR A 107 -8.12 12.72 2.69
C THR A 107 -7.14 13.73 2.11
N GLY A 108 -5.86 13.55 2.43
CA GLY A 108 -4.83 14.44 1.93
C GLY A 108 -4.22 13.90 0.63
N ILE A 109 -4.93 12.95 0.02
CA ILE A 109 -4.46 12.35 -1.23
C ILE A 109 -4.05 13.44 -2.22
N PRO A 110 -2.97 13.22 -2.94
CA PRO A 110 -2.16 11.97 -2.86
C PRO A 110 -1.33 11.92 -1.57
N ALA A 111 -1.22 10.73 -0.99
CA ALA A 111 -0.45 10.57 0.24
C ALA A 111 -0.21 9.08 0.53
N LEU A 112 0.94 8.79 1.11
CA LEU A 112 1.30 7.41 1.44
C LEU A 112 1.42 7.24 2.95
N VAL A 113 0.69 6.26 3.51
CA VAL A 113 0.75 6.02 4.94
C VAL A 113 1.61 4.81 5.26
N ILE A 114 2.46 4.95 6.26
CA ILE A 114 3.34 3.85 6.67
C ILE A 114 3.10 3.49 8.12
N VAL A 115 2.65 2.26 8.35
CA VAL A 115 2.38 1.79 9.71
C VAL A 115 3.06 0.44 9.94
N LYS A 116 3.32 0.13 11.20
CA LYS A 116 3.97 -1.14 11.54
C LYS A 116 2.94 -2.26 11.59
N LYS A 117 3.38 -3.47 11.26
CA LYS A 117 2.48 -4.62 11.27
C LYS A 117 1.66 -4.65 12.55
N ASP A 118 2.33 -4.51 13.68
CA ASP A 118 1.66 -4.52 14.98
C ASP A 118 0.68 -3.35 15.07
N GLY A 119 0.70 -2.48 14.07
CA GLY A 119 -0.18 -1.33 14.05
C GLY A 119 0.50 -0.10 14.65
N THR A 120 1.83 -0.17 14.72
CA THR A 120 2.60 0.94 15.28
C THR A 120 2.83 2.01 14.22
N LEU A 121 2.45 3.24 14.54
CA LEU A 121 2.63 4.36 13.62
C LEU A 121 4.11 4.72 13.51
N ILE A 122 4.55 4.95 12.28
CA ILE A 122 5.94 5.30 12.03
C ILE A 122 6.04 6.62 11.30
N SER A 123 5.53 6.63 10.08
CA SER A 123 5.55 7.84 9.25
C SER A 123 4.33 7.88 8.34
N MET A 124 3.51 8.91 8.52
CA MET A 124 2.31 9.05 7.70
C MET A 124 2.68 9.51 6.29
N ASN A 125 2.63 10.81 6.06
CA ASN A 125 2.98 11.35 4.74
C ASN A 125 4.44 11.05 4.43
N GLY A 126 4.81 9.79 4.56
CA GLY A 126 6.19 9.38 4.29
C GLY A 126 6.53 9.54 2.82
N ARG A 127 5.63 10.15 2.07
CA ARG A 127 5.86 10.33 0.64
C ARG A 127 7.25 10.90 0.39
N GLY A 128 7.36 12.22 0.39
CA GLY A 128 8.66 12.85 0.15
C GLY A 128 9.75 12.13 0.93
N GLU A 129 9.40 11.57 2.07
CA GLU A 129 10.36 10.85 2.89
C GLU A 129 10.97 9.70 2.10
N VAL A 130 10.12 8.90 1.48
CA VAL A 130 10.61 7.77 0.69
C VAL A 130 11.25 8.29 -0.58
N GLN A 131 10.56 9.21 -1.25
CA GLN A 131 11.08 9.80 -2.48
C GLN A 131 12.34 10.61 -2.20
N SER A 132 12.50 11.02 -0.94
CA SER A 132 13.67 11.81 -0.55
C SER A 132 14.87 10.89 -0.31
N LEU A 133 14.66 9.88 0.52
CA LEU A 133 15.74 8.94 0.84
C LEU A 133 15.64 7.71 -0.03
N GLY A 134 14.60 7.62 -0.85
CA GLY A 134 14.44 6.46 -1.72
C GLY A 134 14.44 5.17 -0.89
N PRO A 135 14.96 4.11 -1.45
CA PRO A 135 15.03 2.79 -0.75
C PRO A 135 15.74 2.91 0.61
N ARG A 136 16.55 3.95 0.74
CA ARG A 136 17.28 4.17 1.99
C ARG A 136 16.35 4.74 3.05
N ALA A 137 15.16 5.15 2.62
CA ALA A 137 14.18 5.70 3.52
C ALA A 137 13.60 4.60 4.40
N PHE A 138 13.73 3.36 3.94
CA PHE A 138 13.22 2.22 4.69
C PHE A 138 13.45 2.43 6.18
N GLN A 139 14.37 3.32 6.51
CA GLN A 139 14.67 3.63 7.91
C GLN A 139 13.54 4.45 8.52
N ASN A 140 13.11 5.48 7.81
CA ASN A 140 12.03 6.32 8.29
C ASN A 140 10.71 5.58 8.20
N TRP A 141 10.60 4.69 7.22
CA TRP A 141 9.39 3.89 7.03
C TRP A 141 9.40 2.70 7.98
N ALA A 142 10.57 2.36 8.49
CA ALA A 142 10.71 1.23 9.40
C ALA A 142 11.44 1.64 10.67
N ARG A 143 11.68 2.93 10.80
CA ARG A 143 12.37 3.46 11.97
C ARG A 143 13.58 2.61 12.30
N MET A 1 -10.75 -3.44 16.53
CA MET A 1 -12.22 -3.60 16.35
C MET A 1 -12.58 -3.44 14.87
N GLU A 2 -12.62 -2.20 14.41
CA GLU A 2 -12.95 -1.92 13.01
C GLU A 2 -11.80 -2.35 12.10
N PHE A 3 -10.76 -2.94 12.70
CA PHE A 3 -9.60 -3.37 11.93
C PHE A 3 -10.04 -4.10 10.66
N ILE A 4 -9.07 -4.57 9.88
CA ILE A 4 -9.38 -5.27 8.65
C ILE A 4 -9.41 -6.78 8.89
N GLN A 5 -8.48 -7.26 9.70
CA GLN A 5 -8.40 -8.68 10.01
C GLN A 5 -9.81 -9.30 10.03
N GLY A 6 -10.02 -10.26 9.14
CA GLY A 6 -11.32 -10.92 9.06
C GLY A 6 -11.87 -10.88 7.64
N ILE A 7 -11.32 -10.00 6.82
CA ILE A 7 -11.76 -9.86 5.45
C ILE A 7 -10.82 -10.59 4.50
N LYS A 8 -11.20 -10.64 3.22
CA LYS A 8 -10.38 -11.31 2.22
C LYS A 8 -9.83 -10.30 1.21
N LEU A 9 -8.55 -10.44 0.91
CA LEU A 9 -7.90 -9.54 -0.05
C LEU A 9 -7.85 -10.18 -1.42
N VAL A 10 -7.57 -9.37 -2.44
CA VAL A 10 -7.50 -9.88 -3.80
C VAL A 10 -6.09 -9.72 -4.36
N LYS A 11 -5.50 -10.83 -4.79
CA LYS A 11 -4.15 -10.80 -5.35
C LYS A 11 -4.17 -10.34 -6.79
N LYS A 12 -3.21 -9.50 -7.16
CA LYS A 12 -3.13 -8.99 -8.53
C LYS A 12 -3.42 -10.10 -9.54
N ASN A 13 -3.10 -11.33 -9.15
CA ASN A 13 -3.33 -12.47 -10.04
C ASN A 13 -4.82 -12.79 -10.11
N ARG A 14 -5.64 -11.80 -9.78
CA ARG A 14 -7.09 -12.00 -9.80
C ARG A 14 -7.50 -13.09 -8.83
N CYS A 15 -6.68 -13.31 -7.81
CA CYS A 15 -6.96 -14.34 -6.81
C CYS A 15 -7.48 -13.70 -5.52
N GLU A 16 -7.95 -14.53 -4.60
CA GLU A 16 -8.46 -14.05 -3.34
C GLU A 16 -7.74 -14.73 -2.17
N VAL A 17 -7.63 -13.99 -1.06
CA VAL A 17 -6.96 -14.54 0.13
C VAL A 17 -7.49 -13.87 1.40
N ASN A 18 -7.08 -14.39 2.54
CA ASN A 18 -7.53 -13.84 3.82
C ASN A 18 -6.53 -12.79 4.33
N ALA A 19 -6.89 -11.52 4.20
CA ALA A 19 -6.02 -10.44 4.64
C ALA A 19 -5.32 -10.80 5.94
N ASN A 20 -5.92 -11.71 6.70
CA ASN A 20 -5.34 -12.14 7.97
C ASN A 20 -3.88 -12.53 7.78
N GLU A 21 -3.66 -13.49 6.89
CA GLU A 21 -2.30 -13.96 6.62
C GLU A 21 -1.74 -13.26 5.38
N ALA A 22 -2.64 -12.82 4.50
CA ALA A 22 -2.23 -12.14 3.29
C ALA A 22 -1.42 -10.89 3.61
N LEU A 23 -1.83 -10.18 4.66
CA LEU A 23 -1.13 -8.97 5.06
C LEU A 23 0.24 -9.30 5.64
N LYS A 24 0.74 -10.48 5.30
CA LYS A 24 2.05 -10.92 5.78
C LYS A 24 2.77 -9.79 6.50
N ASP A 25 3.66 -9.11 5.80
CA ASP A 25 4.40 -8.00 6.40
C ASP A 25 5.22 -8.49 7.59
N LYS A 26 4.53 -8.97 8.62
CA LYS A 26 5.22 -9.46 9.80
C LYS A 26 6.34 -8.48 10.17
N ASP A 27 6.31 -7.31 9.55
CA ASP A 27 7.31 -6.30 9.81
C ASP A 27 6.73 -4.90 9.67
N ILE A 28 6.44 -4.47 8.45
CA ILE A 28 5.90 -3.15 8.21
C ILE A 28 4.82 -3.16 7.12
N ILE A 29 3.94 -2.17 7.17
CA ILE A 29 2.87 -2.05 6.19
C ILE A 29 2.87 -0.65 5.58
N GLY A 30 2.53 -0.55 4.30
CA GLY A 30 2.50 0.74 3.63
C GLY A 30 1.16 0.96 2.94
N PHE A 31 0.36 1.88 3.48
CA PHE A 31 -0.94 2.18 2.91
C PHE A 31 -0.82 3.25 1.83
N TYR A 32 -1.14 2.88 0.59
CA TYR A 32 -1.06 3.83 -0.52
C TYR A 32 -2.46 4.36 -0.84
N PHE A 33 -2.62 5.67 -0.81
CA PHE A 33 -3.92 6.28 -1.10
C PHE A 33 -3.84 7.11 -2.38
N SER A 34 -4.50 6.62 -3.43
CA SER A 34 -4.51 7.33 -4.70
C SER A 34 -4.61 6.34 -5.87
N ALA A 35 -5.80 6.22 -6.44
CA ALA A 35 -5.99 5.30 -7.56
C ALA A 35 -4.76 5.29 -8.45
N HIS A 36 -4.45 6.44 -9.02
CA HIS A 36 -3.27 6.57 -9.89
C HIS A 36 -3.49 5.84 -11.21
N TRP A 37 -4.51 4.98 -11.27
CA TRP A 37 -4.79 4.25 -12.49
C TRP A 37 -5.76 5.02 -13.38
N CYS A 38 -6.84 5.49 -12.78
CA CYS A 38 -7.84 6.25 -13.53
C CYS A 38 -7.38 7.68 -13.71
N PRO A 39 -6.97 8.33 -12.65
CA PRO A 39 -6.49 9.74 -12.70
C PRO A 39 -5.03 9.83 -13.16
N PRO A 40 -4.60 11.00 -13.54
CA PRO A 40 -3.20 11.23 -14.01
C PRO A 40 -2.18 11.14 -12.87
N CYS A 41 -1.79 12.30 -12.36
CA CYS A 41 -0.82 12.35 -11.27
C CYS A 41 0.31 11.34 -11.50
N ARG A 42 0.71 11.19 -12.76
CA ARG A 42 1.78 10.26 -13.10
C ARG A 42 3.14 10.88 -12.82
N GLY A 43 4.12 10.04 -12.49
CA GLY A 43 5.46 10.51 -12.20
C GLY A 43 5.91 10.08 -10.81
N PHE A 44 4.96 10.02 -9.87
CA PHE A 44 5.27 9.63 -8.51
C PHE A 44 5.26 8.11 -8.37
N THR A 45 4.48 7.45 -9.22
CA THR A 45 4.39 6.00 -9.18
C THR A 45 5.74 5.35 -9.44
N PRO A 46 6.32 5.59 -10.58
CA PRO A 46 7.65 5.02 -10.94
C PRO A 46 8.68 5.25 -9.85
N ILE A 47 8.33 6.11 -8.89
CA ILE A 47 9.25 6.40 -7.79
C ILE A 47 9.06 5.38 -6.68
N LEU A 48 7.82 5.21 -6.25
CA LEU A 48 7.52 4.24 -5.20
C LEU A 48 7.70 2.83 -5.75
N ALA A 49 7.56 2.68 -7.06
CA ALA A 49 7.74 1.37 -7.68
C ALA A 49 9.22 1.00 -7.65
N ASP A 50 10.06 2.02 -7.60
CA ASP A 50 11.49 1.78 -7.55
C ASP A 50 11.91 1.47 -6.13
N MET A 51 11.21 2.09 -5.17
CA MET A 51 11.50 1.86 -3.76
C MET A 51 11.04 0.48 -3.32
N TYR A 52 9.82 0.12 -3.70
CA TYR A 52 9.29 -1.19 -3.33
C TYR A 52 10.01 -2.27 -4.13
N SER A 53 10.44 -1.93 -5.33
CA SER A 53 11.16 -2.88 -6.16
C SER A 53 12.47 -3.26 -5.50
N GLU A 54 13.18 -2.28 -4.97
CA GLU A 54 14.44 -2.55 -4.29
C GLU A 54 14.17 -3.32 -3.01
N LEU A 55 13.23 -2.80 -2.22
CA LEU A 55 12.87 -3.45 -0.97
C LEU A 55 12.48 -4.89 -1.22
N VAL A 56 11.70 -5.12 -2.28
CA VAL A 56 11.27 -6.48 -2.60
C VAL A 56 12.50 -7.37 -2.79
N ASP A 57 13.44 -6.89 -3.57
CA ASP A 57 14.66 -7.63 -3.80
C ASP A 57 15.25 -8.04 -2.45
N ASP A 58 15.09 -7.16 -1.48
CA ASP A 58 15.58 -7.40 -0.13
C ASP A 58 14.52 -8.09 0.70
N SER A 59 13.58 -8.73 0.03
CA SER A 59 12.49 -9.41 0.71
C SER A 59 11.56 -8.38 1.32
N ALA A 60 11.63 -7.18 0.77
CA ALA A 60 10.81 -6.06 1.23
C ALA A 60 10.13 -6.38 2.54
N PRO A 61 10.77 -6.04 3.63
CA PRO A 61 10.21 -6.27 5.01
C PRO A 61 8.92 -5.51 5.24
N PHE A 62 8.08 -5.43 4.21
CA PHE A 62 6.81 -4.73 4.34
C PHE A 62 5.94 -4.95 3.11
N GLU A 63 4.63 -4.83 3.29
CA GLU A 63 3.67 -5.03 2.21
C GLU A 63 2.91 -3.74 1.90
N ILE A 64 2.55 -3.57 0.63
CA ILE A 64 1.81 -2.39 0.21
C ILE A 64 0.31 -2.68 0.17
N ILE A 65 -0.46 -1.80 0.78
CA ILE A 65 -1.91 -1.96 0.79
C ILE A 65 -2.53 -1.11 -0.31
N PHE A 66 -3.48 -1.68 -1.04
CA PHE A 66 -4.13 -0.96 -2.13
C PHE A 66 -5.44 -0.34 -1.66
N VAL A 67 -5.41 0.94 -1.39
CA VAL A 67 -6.61 1.65 -0.93
C VAL A 67 -6.77 2.95 -1.71
N SER A 68 -7.52 2.90 -2.81
CA SER A 68 -7.73 4.08 -3.63
C SER A 68 -8.63 3.75 -4.82
N SER A 69 -9.38 4.75 -5.27
CA SER A 69 -10.29 4.57 -6.41
C SER A 69 -9.68 3.63 -7.45
N ASP A 70 -9.65 2.34 -7.11
CA ASP A 70 -9.10 1.33 -8.02
C ASP A 70 -10.22 0.40 -8.48
N ARG A 71 -11.45 0.79 -8.17
CA ARG A 71 -12.62 -0.01 -8.54
C ARG A 71 -12.38 -0.75 -9.85
N SER A 72 -11.30 -0.44 -10.55
CA SER A 72 -11.01 -1.11 -11.79
C SER A 72 -10.20 -2.37 -11.51
N GLU A 73 -10.83 -3.53 -11.74
CA GLU A 73 -10.15 -4.80 -11.49
C GLU A 73 -9.00 -4.96 -12.47
N ASP A 74 -9.15 -4.39 -13.65
CA ASP A 74 -8.12 -4.48 -14.67
C ASP A 74 -7.02 -3.45 -14.38
N ASP A 75 -7.42 -2.21 -14.12
CA ASP A 75 -6.44 -1.18 -13.82
C ASP A 75 -5.82 -1.44 -12.46
N MET A 76 -6.49 -2.26 -11.66
CA MET A 76 -5.98 -2.61 -10.34
C MET A 76 -4.84 -3.60 -10.46
N PHE A 77 -5.10 -4.72 -11.14
CA PHE A 77 -4.06 -5.74 -11.31
C PHE A 77 -3.02 -5.26 -12.33
N GLN A 78 -3.46 -4.46 -13.29
CA GLN A 78 -2.55 -3.94 -14.30
C GLN A 78 -1.61 -2.91 -13.70
N TYR A 79 -2.17 -1.89 -13.08
CA TYR A 79 -1.37 -0.84 -12.47
C TYR A 79 -0.54 -1.39 -11.31
N MET A 80 -1.01 -2.49 -10.71
CA MET A 80 -0.29 -3.10 -9.61
C MET A 80 0.89 -3.92 -10.12
N MET A 81 0.71 -4.54 -11.28
CA MET A 81 1.76 -5.35 -11.88
C MET A 81 2.75 -4.46 -12.64
N GLU A 82 2.33 -3.25 -12.95
CA GLU A 82 3.18 -2.31 -13.68
C GLU A 82 4.48 -2.04 -12.91
N SER A 83 4.48 -2.37 -11.63
CA SER A 83 5.67 -2.17 -10.79
C SER A 83 5.28 -1.52 -9.46
N HIS A 84 3.99 -1.30 -9.26
CA HIS A 84 3.52 -0.67 -8.03
C HIS A 84 3.03 -1.73 -7.04
N GLY A 85 3.76 -1.89 -5.95
CA GLY A 85 3.40 -2.87 -4.93
C GLY A 85 3.25 -4.26 -5.54
N ASP A 86 3.87 -5.26 -4.92
CA ASP A 86 3.80 -6.61 -5.43
C ASP A 86 3.31 -7.60 -4.36
N TRP A 87 2.08 -7.42 -3.89
CA TRP A 87 1.54 -8.32 -2.88
C TRP A 87 0.02 -8.45 -2.99
N LEU A 88 -0.69 -7.70 -2.15
CA LEU A 88 -2.16 -7.79 -2.16
C LEU A 88 -2.83 -6.42 -2.32
N ALA A 89 -4.15 -6.47 -2.42
CA ALA A 89 -4.96 -5.26 -2.57
C ALA A 89 -6.35 -5.48 -1.98
N ILE A 90 -6.77 -4.57 -1.11
CA ILE A 90 -8.09 -4.68 -0.48
C ILE A 90 -9.17 -4.32 -1.48
N PRO A 91 -10.04 -5.24 -1.78
CA PRO A 91 -11.16 -4.99 -2.73
C PRO A 91 -11.90 -3.72 -2.37
N TYR A 92 -11.76 -2.70 -3.20
CA TYR A 92 -12.43 -1.42 -2.97
C TYR A 92 -13.74 -1.62 -2.22
N ARG A 93 -14.30 -2.81 -2.36
CA ARG A 93 -15.56 -3.14 -1.69
C ARG A 93 -15.29 -3.72 -0.30
N SER A 94 -14.11 -3.41 0.22
CA SER A 94 -13.72 -3.91 1.54
C SER A 94 -13.89 -2.82 2.59
N GLY A 95 -15.13 -2.40 2.80
CA GLY A 95 -15.43 -1.36 3.79
C GLY A 95 -14.22 -1.04 4.65
N PRO A 96 -13.75 -2.00 5.42
CA PRO A 96 -12.57 -1.81 6.30
C PRO A 96 -11.49 -0.94 5.67
N ALA A 97 -11.43 -0.96 4.34
CA ALA A 97 -10.45 -0.14 3.62
C ALA A 97 -10.85 1.32 3.69
N SER A 98 -12.15 1.57 3.63
CA SER A 98 -12.66 2.93 3.71
C SER A 98 -12.48 3.45 5.13
N ASN A 99 -13.16 2.80 6.07
CA ASN A 99 -13.06 3.20 7.47
C ASN A 99 -11.59 3.39 7.84
N VAL A 100 -10.73 2.58 7.22
CA VAL A 100 -9.29 2.68 7.47
C VAL A 100 -8.78 4.08 7.11
N THR A 101 -8.98 4.46 5.85
CA THR A 101 -8.56 5.78 5.39
C THR A 101 -9.24 6.87 6.18
N ALA A 102 -10.53 6.68 6.37
CA ALA A 102 -11.34 7.64 7.09
C ALA A 102 -11.04 7.56 8.58
N LYS A 103 -10.48 6.43 9.00
CA LYS A 103 -10.13 6.23 10.40
C LYS A 103 -8.81 6.95 10.72
N TYR A 104 -7.89 6.92 9.77
CA TYR A 104 -6.60 7.57 9.96
C TYR A 104 -6.73 9.08 9.79
N GLY A 105 -7.82 9.50 9.15
CA GLY A 105 -8.05 10.93 8.93
C GLY A 105 -7.19 11.46 7.79
N ILE A 106 -6.92 10.60 6.81
CA ILE A 106 -6.11 10.99 5.67
C ILE A 106 -6.77 12.14 4.91
N THR A 107 -7.38 11.83 3.77
CA THR A 107 -8.06 12.84 2.98
C THR A 107 -7.04 13.76 2.31
N GLY A 108 -5.76 13.48 2.54
CA GLY A 108 -4.69 14.29 1.95
C GLY A 108 -4.20 13.65 0.65
N ILE A 109 -4.99 12.73 0.12
CA ILE A 109 -4.64 12.05 -1.13
C ILE A 109 -4.29 13.06 -2.21
N PRO A 110 -3.29 12.78 -3.01
CA PRO A 110 -2.49 11.53 -2.92
C PRO A 110 -1.53 11.56 -1.73
N ALA A 111 -1.32 10.39 -1.11
CA ALA A 111 -0.42 10.31 0.03
C ALA A 111 -0.18 8.86 0.42
N LEU A 112 0.96 8.60 1.07
CA LEU A 112 1.30 7.25 1.49
C LEU A 112 1.49 7.20 3.00
N VAL A 113 0.81 6.27 3.66
CA VAL A 113 0.92 6.14 5.11
C VAL A 113 1.71 4.89 5.48
N ILE A 114 2.62 5.03 6.42
CA ILE A 114 3.44 3.90 6.85
C ILE A 114 3.20 3.58 8.33
N VAL A 115 2.85 2.32 8.58
CA VAL A 115 2.60 1.87 9.95
C VAL A 115 3.24 0.51 10.16
N LYS A 116 3.62 0.22 11.41
CA LYS A 116 4.24 -1.07 11.72
C LYS A 116 3.20 -2.18 11.74
N LYS A 117 3.63 -3.39 11.43
CA LYS A 117 2.73 -4.53 11.42
C LYS A 117 1.83 -4.53 12.64
N ASP A 118 2.45 -4.37 13.81
CA ASP A 118 1.69 -4.35 15.06
C ASP A 118 0.70 -3.18 15.06
N GLY A 119 0.89 -2.25 14.13
CA GLY A 119 0.01 -1.09 14.03
C GLY A 119 0.65 0.13 14.68
N THR A 120 1.98 0.17 14.65
CA THR A 120 2.71 1.29 15.24
C THR A 120 3.02 2.35 14.18
N LEU A 121 2.66 3.60 14.49
CA LEU A 121 2.91 4.70 13.56
C LEU A 121 4.40 4.99 13.47
N ILE A 122 4.87 5.34 12.28
CA ILE A 122 6.27 5.63 12.07
C ILE A 122 6.42 6.91 11.26
N SER A 123 5.96 6.86 10.02
CA SER A 123 6.04 8.00 9.13
C SER A 123 4.77 8.11 8.28
N MET A 124 4.19 9.30 8.24
CA MET A 124 2.97 9.53 7.47
C MET A 124 3.31 9.98 6.05
N ASN A 125 3.94 11.15 5.94
CA ASN A 125 4.32 11.67 4.63
C ASN A 125 5.38 10.78 4.00
N GLY A 126 5.24 9.48 4.21
CA GLY A 126 6.20 8.52 3.66
C GLY A 126 6.64 8.95 2.27
N ARG A 127 5.81 9.73 1.60
CA ARG A 127 6.14 10.18 0.25
C ARG A 127 7.52 10.81 0.21
N GLY A 128 7.61 12.11 0.42
CA GLY A 128 8.90 12.79 0.38
C GLY A 128 9.96 11.97 1.11
N GLU A 129 9.53 11.20 2.10
CA GLU A 129 10.46 10.37 2.84
C GLU A 129 11.14 9.37 1.91
N VAL A 130 10.34 8.64 1.15
CA VAL A 130 10.89 7.66 0.22
C VAL A 130 11.60 8.37 -0.91
N GLN A 131 10.94 9.38 -1.47
CA GLN A 131 11.53 10.14 -2.57
C GLN A 131 12.78 10.86 -2.08
N SER A 132 12.83 11.15 -0.79
CA SER A 132 13.98 11.84 -0.21
C SER A 132 15.15 10.89 -0.05
N LEU A 133 14.91 9.77 0.62
CA LEU A 133 15.96 8.79 0.85
C LEU A 133 15.84 7.62 -0.13
N GLY A 134 14.93 7.72 -1.09
CA GLY A 134 14.75 6.65 -2.05
C GLY A 134 14.49 5.34 -1.34
N PRO A 135 14.95 4.23 -1.87
CA PRO A 135 14.75 2.89 -1.24
C PRO A 135 15.48 2.79 0.10
N ARG A 136 16.39 3.72 0.34
CA ARG A 136 17.14 3.74 1.59
C ARG A 136 16.29 4.33 2.69
N ALA A 137 15.11 4.83 2.30
CA ALA A 137 14.19 5.41 3.26
C ALA A 137 13.74 4.33 4.24
N PHE A 138 13.77 3.08 3.79
CA PHE A 138 13.38 1.97 4.65
C PHE A 138 13.81 2.23 6.08
N GLN A 139 14.82 3.09 6.23
CA GLN A 139 15.33 3.43 7.55
C GLN A 139 14.33 4.33 8.27
N ASN A 140 13.90 5.39 7.57
CA ASN A 140 12.92 6.31 8.14
C ASN A 140 11.57 5.62 8.24
N TRP A 141 11.23 4.88 7.18
CA TRP A 141 9.97 4.14 7.15
C TRP A 141 9.95 3.10 8.27
N ALA A 142 11.14 2.65 8.67
CA ALA A 142 11.26 1.66 9.72
C ALA A 142 12.04 2.22 10.91
N ARG A 143 12.33 3.50 10.83
CA ARG A 143 13.08 4.17 11.88
C ARG A 143 14.12 3.24 12.48
N MET A 1 -12.04 -0.44 10.10
CA MET A 1 -11.53 -0.89 11.43
C MET A 1 -10.01 -0.95 11.40
N GLU A 2 -9.37 -0.18 12.26
CA GLU A 2 -7.91 -0.16 12.31
C GLU A 2 -7.35 -1.56 12.09
N PHE A 3 -8.04 -2.56 12.63
CA PHE A 3 -7.59 -3.94 12.49
C PHE A 3 -8.22 -4.58 11.26
N ILE A 4 -7.56 -4.45 10.12
CA ILE A 4 -8.07 -5.01 8.88
C ILE A 4 -7.96 -6.54 8.90
N GLN A 5 -6.83 -7.04 9.38
CA GLN A 5 -6.61 -8.48 9.45
C GLN A 5 -7.91 -9.21 9.75
N GLY A 6 -8.14 -10.31 9.04
CA GLY A 6 -9.35 -11.10 9.24
C GLY A 6 -10.31 -10.93 8.06
N ILE A 7 -9.99 -9.99 7.17
CA ILE A 7 -10.82 -9.73 6.01
C ILE A 7 -10.23 -10.40 4.77
N LYS A 8 -10.95 -10.31 3.66
CA LYS A 8 -10.49 -10.91 2.41
C LYS A 8 -9.60 -9.94 1.65
N LEU A 9 -8.94 -10.45 0.60
CA LEU A 9 -8.07 -9.61 -0.22
C LEU A 9 -7.88 -10.23 -1.60
N VAL A 10 -7.47 -9.42 -2.57
CA VAL A 10 -7.27 -9.92 -3.92
C VAL A 10 -5.80 -9.82 -4.33
N LYS A 11 -5.26 -10.93 -4.83
CA LYS A 11 -3.87 -10.95 -5.27
C LYS A 11 -3.77 -10.64 -6.75
N LYS A 12 -2.76 -9.89 -7.13
CA LYS A 12 -2.56 -9.52 -8.53
C LYS A 12 -2.82 -10.70 -9.44
N ASN A 13 -2.77 -11.89 -8.87
CA ASN A 13 -3.01 -13.11 -9.65
C ASN A 13 -4.50 -13.26 -9.91
N ARG A 14 -5.23 -12.16 -9.79
CA ARG A 14 -6.68 -12.18 -10.02
C ARG A 14 -7.33 -13.21 -9.12
N CYS A 15 -6.76 -13.41 -7.94
CA CYS A 15 -7.30 -14.39 -6.99
C CYS A 15 -7.64 -13.72 -5.66
N GLU A 16 -8.31 -14.47 -4.79
CA GLU A 16 -8.68 -13.94 -3.48
C GLU A 16 -7.99 -14.73 -2.37
N VAL A 17 -7.73 -14.05 -1.25
CA VAL A 17 -7.06 -14.70 -0.12
C VAL A 17 -7.43 -14.01 1.19
N ASN A 18 -7.00 -14.59 2.29
CA ASN A 18 -7.28 -14.03 3.61
C ASN A 18 -6.20 -13.04 4.01
N ALA A 19 -6.54 -11.76 3.97
CA ALA A 19 -5.58 -10.71 4.33
C ALA A 19 -4.81 -11.08 5.59
N ASN A 20 -5.40 -11.93 6.42
CA ASN A 20 -4.75 -12.35 7.66
C ASN A 20 -3.31 -12.75 7.38
N GLU A 21 -3.14 -13.69 6.47
CA GLU A 21 -1.81 -14.17 6.10
C GLU A 21 -1.32 -13.45 4.85
N ALA A 22 -2.26 -12.99 4.04
CA ALA A 22 -1.93 -12.28 2.81
C ALA A 22 -1.20 -10.98 3.10
N LEU A 23 -1.43 -10.42 4.29
CA LEU A 23 -0.78 -9.17 4.67
C LEU A 23 0.71 -9.38 4.92
N LYS A 24 1.11 -10.64 5.05
CA LYS A 24 2.52 -10.96 5.28
C LYS A 24 3.19 -9.84 6.07
N ASP A 25 3.76 -8.87 5.35
CA ASP A 25 4.42 -7.74 6.00
C ASP A 25 5.31 -8.23 7.14
N LYS A 26 6.56 -8.52 6.82
CA LYS A 26 7.49 -8.99 7.82
C LYS A 26 7.23 -8.28 9.14
N ASP A 27 6.62 -7.11 9.06
CA ASP A 27 6.31 -6.34 10.26
C ASP A 27 5.91 -4.90 9.94
N ILE A 28 5.93 -4.51 8.66
CA ILE A 28 5.58 -3.14 8.30
C ILE A 28 4.63 -3.13 7.10
N ILE A 29 3.85 -2.06 6.99
CA ILE A 29 2.90 -1.93 5.88
C ILE A 29 2.77 -0.48 5.45
N GLY A 30 2.42 -0.28 4.18
CA GLY A 30 2.26 1.07 3.64
C GLY A 30 1.00 1.18 2.78
N PHE A 31 0.05 1.98 3.24
CA PHE A 31 -1.20 2.16 2.50
C PHE A 31 -1.06 3.32 1.52
N TYR A 32 -1.34 3.03 0.25
CA TYR A 32 -1.26 4.06 -0.78
C TYR A 32 -2.65 4.60 -1.09
N PHE A 33 -2.83 5.92 -0.94
CA PHE A 33 -4.12 6.53 -1.20
C PHE A 33 -4.02 7.52 -2.36
N SER A 34 -4.63 7.16 -3.49
CA SER A 34 -4.60 8.02 -4.67
C SER A 34 -5.11 7.27 -5.90
N ALA A 35 -6.41 7.34 -6.13
CA ALA A 35 -7.00 6.66 -7.29
C ALA A 35 -6.51 7.32 -8.58
N HIS A 36 -5.33 7.92 -8.50
CA HIS A 36 -4.77 8.58 -9.68
C HIS A 36 -4.56 7.59 -10.81
N TRP A 37 -5.34 6.51 -10.81
CA TRP A 37 -5.22 5.50 -11.86
C TRP A 37 -5.95 5.97 -13.11
N CYS A 38 -7.11 6.60 -12.92
CA CYS A 38 -7.89 7.08 -14.05
C CYS A 38 -7.19 8.26 -14.72
N PRO A 39 -6.83 9.26 -13.96
CA PRO A 39 -6.13 10.46 -14.50
C PRO A 39 -4.62 10.24 -14.65
N PRO A 40 -3.98 11.09 -15.38
CA PRO A 40 -2.50 11.00 -15.61
C PRO A 40 -1.69 11.47 -14.40
N CYS A 41 -0.41 11.13 -14.39
CA CYS A 41 0.47 11.51 -13.28
C CYS A 41 1.65 10.55 -13.18
N ARG A 42 2.23 10.20 -14.32
CA ARG A 42 3.37 9.28 -14.35
C ARG A 42 4.67 10.01 -14.01
N GLY A 43 5.59 9.28 -13.40
CA GLY A 43 6.88 9.86 -13.03
C GLY A 43 7.15 9.71 -11.54
N PHE A 44 6.10 9.82 -10.74
CA PHE A 44 6.23 9.68 -9.29
C PHE A 44 6.11 8.21 -8.89
N THR A 45 5.02 7.59 -9.30
CA THR A 45 4.79 6.18 -8.98
C THR A 45 5.95 5.31 -9.43
N PRO A 46 6.45 5.53 -10.62
CA PRO A 46 7.59 4.74 -11.16
C PRO A 46 8.76 4.70 -10.17
N ILE A 47 8.73 5.60 -9.20
CA ILE A 47 9.79 5.64 -8.20
C ILE A 47 9.52 4.63 -7.10
N LEU A 48 8.25 4.47 -6.75
CA LEU A 48 7.86 3.52 -5.71
C LEU A 48 8.09 2.09 -6.20
N ALA A 49 7.92 1.89 -7.50
CA ALA A 49 8.11 0.56 -8.07
C ALA A 49 9.58 0.16 -7.99
N ASP A 50 10.45 1.15 -8.04
CA ASP A 50 11.89 0.88 -7.96
C ASP A 50 12.27 0.66 -6.51
N MET A 51 11.53 1.31 -5.61
CA MET A 51 11.79 1.18 -4.19
C MET A 51 11.27 -0.15 -3.67
N TYR A 52 10.02 -0.45 -3.97
CA TYR A 52 9.44 -1.71 -3.52
C TYR A 52 10.08 -2.88 -4.25
N SER A 53 10.60 -2.62 -5.45
CA SER A 53 11.26 -3.68 -6.21
C SER A 53 12.58 -4.03 -5.57
N GLU A 54 13.31 -3.01 -5.13
CA GLU A 54 14.60 -3.23 -4.48
C GLU A 54 14.36 -3.91 -3.14
N LEU A 55 13.51 -3.31 -2.32
CA LEU A 55 13.20 -3.87 -1.01
C LEU A 55 12.63 -5.28 -1.17
N VAL A 56 11.78 -5.46 -2.18
CA VAL A 56 11.19 -6.77 -2.42
C VAL A 56 12.28 -7.78 -2.72
N ASP A 57 13.21 -7.38 -3.57
CA ASP A 57 14.33 -8.25 -3.91
C ASP A 57 15.04 -8.64 -2.63
N ASP A 58 14.98 -7.74 -1.65
CA ASP A 58 15.60 -7.98 -0.35
C ASP A 58 14.58 -8.55 0.62
N SER A 59 13.53 -9.13 0.06
CA SER A 59 12.47 -9.71 0.88
C SER A 59 11.69 -8.58 1.54
N ALA A 60 11.70 -7.42 0.89
CA ALA A 60 11.00 -6.25 1.39
C ALA A 60 10.34 -6.52 2.73
N PRO A 61 10.76 -5.83 3.76
CA PRO A 61 10.20 -5.99 5.12
C PRO A 61 8.88 -5.25 5.32
N PHE A 62 8.07 -5.21 4.27
CA PHE A 62 6.78 -4.53 4.36
C PHE A 62 5.93 -4.76 3.11
N GLU A 63 4.61 -4.66 3.27
CA GLU A 63 3.69 -4.87 2.16
C GLU A 63 2.96 -3.57 1.80
N ILE A 64 2.65 -3.41 0.52
CA ILE A 64 1.94 -2.23 0.05
C ILE A 64 0.44 -2.52 -0.09
N ILE A 65 -0.38 -1.62 0.45
CA ILE A 65 -1.83 -1.78 0.36
C ILE A 65 -2.37 -0.96 -0.80
N PHE A 66 -3.32 -1.53 -1.53
CA PHE A 66 -3.91 -0.81 -2.66
C PHE A 66 -5.33 -0.36 -2.34
N VAL A 67 -5.47 0.93 -2.05
CA VAL A 67 -6.77 1.49 -1.72
C VAL A 67 -7.09 2.66 -2.64
N SER A 68 -7.89 3.60 -2.16
CA SER A 68 -8.25 4.77 -2.96
C SER A 68 -9.16 4.35 -4.11
N SER A 69 -10.04 5.27 -4.52
CA SER A 69 -10.97 4.99 -5.62
C SER A 69 -10.30 4.20 -6.73
N ASP A 70 -9.93 2.96 -6.45
CA ASP A 70 -9.29 2.10 -7.43
C ASP A 70 -10.28 1.05 -7.90
N ARG A 71 -11.54 1.24 -7.52
CA ARG A 71 -12.60 0.32 -7.88
C ARG A 71 -12.37 -0.30 -9.25
N SER A 72 -11.36 0.19 -9.98
CA SER A 72 -11.08 -0.35 -11.29
C SER A 72 -10.32 -1.67 -11.13
N GLU A 73 -10.98 -2.76 -11.50
CA GLU A 73 -10.35 -4.08 -11.38
C GLU A 73 -9.19 -4.18 -12.37
N ASP A 74 -9.29 -3.44 -13.46
CA ASP A 74 -8.24 -3.46 -14.46
C ASP A 74 -7.11 -2.55 -14.04
N ASP A 75 -7.44 -1.32 -13.64
CA ASP A 75 -6.43 -0.39 -13.20
C ASP A 75 -5.78 -0.90 -11.92
N MET A 76 -6.47 -1.82 -11.25
CA MET A 76 -5.96 -2.40 -10.02
C MET A 76 -4.87 -3.42 -10.35
N PHE A 77 -5.26 -4.46 -11.08
CA PHE A 77 -4.31 -5.51 -11.45
C PHE A 77 -3.26 -4.95 -12.41
N GLN A 78 -3.58 -3.83 -13.05
CA GLN A 78 -2.66 -3.22 -14.01
C GLN A 78 -1.54 -2.49 -13.25
N TYR A 79 -1.93 -1.60 -12.36
CA TYR A 79 -0.96 -0.84 -11.57
C TYR A 79 -0.14 -1.78 -10.72
N MET A 80 -0.73 -2.92 -10.36
CA MET A 80 -0.04 -3.91 -9.54
C MET A 80 0.94 -4.71 -10.38
N MET A 81 0.46 -5.22 -11.51
CA MET A 81 1.31 -6.01 -12.41
C MET A 81 2.43 -5.16 -12.98
N GLU A 82 2.17 -3.86 -13.12
CA GLU A 82 3.17 -2.94 -13.66
C GLU A 82 4.45 -3.00 -12.84
N SER A 83 4.33 -2.76 -11.54
CA SER A 83 5.49 -2.79 -10.65
C SER A 83 5.25 -2.01 -9.36
N HIS A 84 4.04 -1.51 -9.16
CA HIS A 84 3.73 -0.74 -7.96
C HIS A 84 3.04 -1.62 -6.92
N GLY A 85 3.78 -1.98 -5.88
CA GLY A 85 3.23 -2.83 -4.81
C GLY A 85 3.39 -4.30 -5.15
N ASP A 86 4.14 -5.02 -4.33
CA ASP A 86 4.36 -6.45 -4.57
C ASP A 86 3.69 -7.29 -3.49
N TRP A 87 2.37 -7.22 -3.39
CA TRP A 87 1.65 -8.00 -2.40
C TRP A 87 0.18 -8.15 -2.77
N LEU A 88 -0.70 -7.49 -2.03
CA LEU A 88 -2.13 -7.60 -2.27
C LEU A 88 -2.81 -6.24 -2.33
N ALA A 89 -4.10 -6.28 -2.62
CA ALA A 89 -4.93 -5.09 -2.72
C ALA A 89 -6.27 -5.33 -2.05
N ILE A 90 -6.62 -4.50 -1.08
CA ILE A 90 -7.89 -4.65 -0.39
C ILE A 90 -9.04 -4.28 -1.30
N PRO A 91 -9.85 -5.22 -1.65
CA PRO A 91 -11.01 -4.96 -2.54
C PRO A 91 -11.78 -3.72 -2.08
N TYR A 92 -11.68 -2.65 -2.86
CA TYR A 92 -12.36 -1.40 -2.52
C TYR A 92 -13.65 -1.69 -1.75
N ARG A 93 -14.20 -2.88 -1.97
CA ARG A 93 -15.43 -3.27 -1.28
C ARG A 93 -15.10 -3.89 0.07
N SER A 94 -13.92 -3.57 0.57
CA SER A 94 -13.46 -4.09 1.85
C SER A 94 -13.58 -3.03 2.95
N GLY A 95 -14.80 -2.61 3.22
CA GLY A 95 -15.06 -1.60 4.25
C GLY A 95 -13.80 -1.29 5.05
N PRO A 96 -13.29 -2.26 5.77
CA PRO A 96 -12.07 -2.08 6.60
C PRO A 96 -11.02 -1.19 5.93
N ALA A 97 -11.06 -1.13 4.60
CA ALA A 97 -10.12 -0.31 3.85
C ALA A 97 -10.53 1.16 3.94
N SER A 98 -11.82 1.42 3.76
CA SER A 98 -12.33 2.78 3.84
C SER A 98 -12.24 3.26 5.28
N ASN A 99 -12.99 2.61 6.15
CA ASN A 99 -12.98 2.96 7.57
C ASN A 99 -11.54 3.18 8.02
N VAL A 100 -10.62 2.42 7.42
CA VAL A 100 -9.21 2.54 7.75
C VAL A 100 -8.71 3.93 7.40
N THR A 101 -9.00 4.36 6.18
CA THR A 101 -8.60 5.68 5.72
C THR A 101 -9.31 6.76 6.52
N ALA A 102 -10.61 6.59 6.63
CA ALA A 102 -11.44 7.53 7.36
C ALA A 102 -11.16 7.44 8.85
N LYS A 103 -10.61 6.32 9.29
CA LYS A 103 -10.28 6.14 10.69
C LYS A 103 -8.99 6.87 11.04
N TYR A 104 -8.06 6.88 10.09
CA TYR A 104 -6.78 7.55 10.30
C TYR A 104 -6.94 9.06 10.17
N GLY A 105 -8.03 9.48 9.53
CA GLY A 105 -8.29 10.90 9.35
C GLY A 105 -7.44 11.47 8.22
N ILE A 106 -7.25 10.67 7.17
CA ILE A 106 -6.45 11.11 6.03
C ILE A 106 -7.08 12.32 5.36
N THR A 107 -7.67 12.11 4.18
CA THR A 107 -8.30 13.21 3.45
C THR A 107 -7.26 14.12 2.83
N GLY A 108 -5.99 13.74 2.96
CA GLY A 108 -4.90 14.53 2.40
C GLY A 108 -4.42 13.92 1.08
N ILE A 109 -5.24 13.05 0.51
CA ILE A 109 -4.90 12.40 -0.75
C ILE A 109 -4.56 13.45 -1.81
N PRO A 110 -3.57 13.19 -2.63
CA PRO A 110 -2.76 11.93 -2.56
C PRO A 110 -1.80 11.92 -1.37
N ALA A 111 -1.65 10.76 -0.75
CA ALA A 111 -0.77 10.64 0.41
C ALA A 111 -0.38 9.18 0.64
N LEU A 112 0.75 8.98 1.33
CA LEU A 112 1.23 7.64 1.63
C LEU A 112 1.24 7.41 3.14
N VAL A 113 0.54 6.38 3.59
CA VAL A 113 0.48 6.08 5.02
C VAL A 113 1.30 4.84 5.35
N ILE A 114 2.20 4.98 6.32
CA ILE A 114 3.03 3.86 6.72
C ILE A 114 2.81 3.51 8.19
N VAL A 115 2.43 2.25 8.44
CA VAL A 115 2.18 1.79 9.79
C VAL A 115 2.80 0.41 10.00
N LYS A 116 3.16 0.11 11.25
CA LYS A 116 3.76 -1.17 11.56
C LYS A 116 2.71 -2.28 11.54
N LYS A 117 3.15 -3.51 11.26
CA LYS A 117 2.25 -4.64 11.21
C LYS A 117 1.29 -4.63 12.40
N ASP A 118 1.85 -4.48 13.59
CA ASP A 118 1.04 -4.46 14.80
C ASP A 118 0.06 -3.29 14.76
N GLY A 119 0.31 -2.35 13.86
CA GLY A 119 -0.56 -1.19 13.72
C GLY A 119 0.08 0.04 14.37
N THR A 120 1.39 -0.01 14.52
CA THR A 120 2.12 1.10 15.13
C THR A 120 2.42 2.18 14.10
N LEU A 121 2.21 3.44 14.49
CA LEU A 121 2.47 4.55 13.58
C LEU A 121 3.96 4.85 13.51
N ILE A 122 4.42 5.21 12.32
CA ILE A 122 5.83 5.50 12.11
C ILE A 122 5.99 6.78 11.30
N SER A 123 5.52 6.72 10.06
CA SER A 123 5.59 7.87 9.16
C SER A 123 4.35 7.90 8.27
N MET A 124 3.57 8.97 8.39
CA MET A 124 2.36 9.09 7.58
C MET A 124 2.68 9.63 6.19
N ASN A 125 2.33 10.89 5.95
CA ASN A 125 2.58 11.52 4.67
C ASN A 125 4.08 11.53 4.36
N GLY A 126 4.76 10.42 4.65
CA GLY A 126 6.19 10.33 4.39
C GLY A 126 6.45 10.09 2.90
N ARG A 127 5.43 10.35 2.09
CA ARG A 127 5.56 10.16 0.65
C ARG A 127 6.90 10.67 0.15
N GLY A 128 6.98 11.97 -0.12
CA GLY A 128 8.24 12.53 -0.61
C GLY A 128 9.41 11.99 0.20
N GLU A 129 9.15 11.64 1.45
CA GLU A 129 10.19 11.11 2.32
C GLU A 129 10.77 9.85 1.70
N VAL A 130 9.91 8.90 1.36
CA VAL A 130 10.37 7.66 0.76
C VAL A 130 10.99 7.94 -0.60
N GLN A 131 10.26 8.65 -1.44
CA GLN A 131 10.74 9.00 -2.77
C GLN A 131 11.95 9.93 -2.67
N SER A 132 12.11 10.57 -1.52
CA SER A 132 13.23 11.48 -1.32
C SER A 132 14.49 10.69 -0.96
N LEU A 133 14.35 9.78 0.00
CA LEU A 133 15.48 8.97 0.43
C LEU A 133 15.55 7.68 -0.38
N GLY A 134 14.44 7.31 -1.01
CA GLY A 134 14.38 6.09 -1.80
C GLY A 134 14.35 4.86 -0.91
N PRO A 135 14.91 3.78 -1.37
CA PRO A 135 14.96 2.50 -0.60
C PRO A 135 15.63 2.68 0.76
N ARG A 136 16.38 3.77 0.91
CA ARG A 136 17.07 4.04 2.16
C ARG A 136 16.08 4.57 3.20
N ALA A 137 14.90 4.95 2.72
CA ALA A 137 13.87 5.47 3.61
C ALA A 137 13.46 4.41 4.63
N PHE A 138 13.63 3.14 4.24
CA PHE A 138 13.28 2.05 5.14
C PHE A 138 13.61 2.43 6.58
N GLN A 139 14.54 3.37 6.73
CA GLN A 139 14.94 3.81 8.06
C GLN A 139 13.85 4.67 8.67
N ASN A 140 13.47 5.74 7.97
CA ASN A 140 12.42 6.62 8.45
C ASN A 140 11.09 5.88 8.47
N TRP A 141 10.86 5.07 7.44
CA TRP A 141 9.64 4.30 7.33
C TRP A 141 9.63 3.17 8.34
N ALA A 142 10.82 2.81 8.84
CA ALA A 142 10.93 1.73 9.82
C ALA A 142 11.64 2.19 11.07
N ARG A 143 11.88 3.49 11.15
CA ARG A 143 12.55 4.06 12.31
C ARG A 143 11.87 3.63 13.61
N MET A 1 -4.16 -2.06 17.50
CA MET A 1 -5.03 -3.26 17.69
C MET A 1 -5.57 -3.73 16.36
N GLU A 2 -5.93 -5.01 16.28
CA GLU A 2 -6.46 -5.57 15.04
C GLU A 2 -7.17 -4.49 14.24
N PHE A 3 -7.00 -4.54 12.92
CA PHE A 3 -7.63 -3.56 12.03
C PHE A 3 -8.38 -4.27 10.91
N ILE A 4 -7.69 -4.51 9.80
CA ILE A 4 -8.31 -5.17 8.67
C ILE A 4 -8.14 -6.69 8.77
N GLN A 5 -7.00 -7.11 9.29
CA GLN A 5 -6.73 -8.54 9.46
C GLN A 5 -8.01 -9.30 9.76
N GLY A 6 -8.40 -10.18 8.84
CA GLY A 6 -9.61 -10.97 9.02
C GLY A 6 -10.55 -10.81 7.83
N ILE A 7 -10.22 -9.89 6.94
CA ILE A 7 -11.03 -9.63 5.77
C ILE A 7 -10.43 -10.31 4.54
N LYS A 8 -11.13 -10.20 3.41
CA LYS A 8 -10.65 -10.80 2.17
C LYS A 8 -9.75 -9.82 1.43
N LEU A 9 -9.08 -10.32 0.39
CA LEU A 9 -8.18 -9.47 -0.40
C LEU A 9 -7.96 -10.09 -1.78
N VAL A 10 -7.53 -9.27 -2.74
CA VAL A 10 -7.29 -9.77 -4.08
C VAL A 10 -5.83 -9.58 -4.49
N LYS A 11 -5.26 -10.63 -5.08
CA LYS A 11 -3.87 -10.57 -5.52
C LYS A 11 -3.79 -10.19 -6.99
N LYS A 12 -2.77 -9.41 -7.34
CA LYS A 12 -2.59 -8.97 -8.72
C LYS A 12 -2.86 -10.12 -9.69
N ASN A 13 -2.63 -11.34 -9.23
CA ASN A 13 -2.87 -12.51 -10.07
C ASN A 13 -4.37 -12.74 -10.22
N ARG A 14 -5.14 -11.70 -9.94
CA ARG A 14 -6.60 -11.80 -10.05
C ARG A 14 -7.12 -12.90 -9.13
N CYS A 15 -6.40 -13.15 -8.05
CA CYS A 15 -6.79 -14.19 -7.11
C CYS A 15 -7.35 -13.57 -5.82
N GLU A 16 -7.91 -14.42 -4.96
CA GLU A 16 -8.48 -13.95 -3.71
C GLU A 16 -7.82 -14.66 -2.53
N VAL A 17 -7.60 -13.92 -1.45
CA VAL A 17 -6.97 -14.49 -0.26
C VAL A 17 -7.40 -13.74 1.00
N ASN A 18 -7.01 -14.26 2.16
CA ASN A 18 -7.37 -13.63 3.42
C ASN A 18 -6.27 -12.66 3.87
N ALA A 19 -6.57 -11.37 3.82
CA ALA A 19 -5.60 -10.35 4.21
C ALA A 19 -4.87 -10.75 5.49
N ASN A 20 -5.50 -11.60 6.30
CA ASN A 20 -4.89 -12.04 7.54
C ASN A 20 -3.47 -12.52 7.28
N GLU A 21 -3.34 -13.51 6.40
CA GLU A 21 -2.03 -14.06 6.06
C GLU A 21 -1.51 -13.43 4.78
N ALA A 22 -2.43 -12.96 3.94
CA ALA A 22 -2.06 -12.33 2.67
C ALA A 22 -1.26 -11.06 2.91
N LEU A 23 -1.72 -10.24 3.85
CA LEU A 23 -1.04 -8.99 4.15
C LEU A 23 0.29 -9.27 4.86
N LYS A 24 0.81 -10.47 4.65
CA LYS A 24 2.07 -10.88 5.26
C LYS A 24 2.69 -9.74 6.06
N ASP A 25 3.82 -9.22 5.58
CA ASP A 25 4.50 -8.12 6.27
C ASP A 25 5.04 -8.61 7.62
N LYS A 26 4.14 -9.06 8.48
CA LYS A 26 4.55 -9.54 9.80
C LYS A 26 5.66 -8.66 10.36
N ASP A 27 5.83 -7.49 9.73
CA ASP A 27 6.87 -6.56 10.17
C ASP A 27 6.40 -5.12 9.98
N ILE A 28 6.26 -4.69 8.73
CA ILE A 28 5.83 -3.34 8.43
C ILE A 28 4.85 -3.33 7.27
N ILE A 29 4.00 -2.30 7.21
CA ILE A 29 3.02 -2.20 6.14
C ILE A 29 2.97 -0.78 5.58
N GLY A 30 2.50 -0.65 4.35
CA GLY A 30 2.39 0.65 3.70
C GLY A 30 1.00 0.85 3.12
N PHE A 31 0.56 2.09 3.09
CA PHE A 31 -0.77 2.41 2.55
C PHE A 31 -0.68 3.49 1.49
N TYR A 32 -1.08 3.15 0.27
CA TYR A 32 -1.05 4.11 -0.83
C TYR A 32 -2.45 4.62 -1.12
N PHE A 33 -2.66 5.93 -0.98
CA PHE A 33 -3.97 6.51 -1.24
C PHE A 33 -3.91 7.44 -2.45
N SER A 34 -4.62 7.07 -3.50
CA SER A 34 -4.65 7.86 -4.72
C SER A 34 -4.88 6.97 -5.94
N ALA A 35 -6.15 6.72 -6.26
CA ALA A 35 -6.49 5.88 -7.41
C ALA A 35 -5.31 5.78 -8.38
N HIS A 36 -4.89 6.92 -8.90
CA HIS A 36 -3.78 6.95 -9.82
C HIS A 36 -4.22 6.49 -11.21
N TRP A 37 -5.27 5.68 -11.27
CA TRP A 37 -5.75 5.20 -12.55
C TRP A 37 -6.75 6.16 -13.17
N CYS A 38 -7.69 6.64 -12.36
CA CYS A 38 -8.69 7.58 -12.86
C CYS A 38 -8.12 9.01 -12.89
N PRO A 39 -7.56 9.44 -11.80
CA PRO A 39 -6.96 10.79 -11.68
C PRO A 39 -5.50 10.83 -12.16
N PRO A 40 -5.08 11.94 -12.71
CA PRO A 40 -3.70 12.11 -13.22
C PRO A 40 -2.68 12.31 -12.09
N CYS A 41 -1.56 11.60 -12.17
CA CYS A 41 -0.52 11.71 -11.15
C CYS A 41 0.62 10.73 -11.44
N ARG A 42 0.95 10.59 -12.72
CA ARG A 42 2.02 9.68 -13.12
C ARG A 42 3.39 10.34 -12.94
N GLY A 43 4.40 9.52 -12.67
CA GLY A 43 5.75 10.02 -12.48
C GLY A 43 6.31 9.63 -11.11
N PHE A 44 5.45 9.62 -10.11
CA PHE A 44 5.86 9.24 -8.75
C PHE A 44 5.80 7.73 -8.58
N THR A 45 4.93 7.09 -9.35
CA THR A 45 4.77 5.63 -9.27
C THR A 45 6.09 4.92 -9.55
N PRO A 46 6.65 5.11 -10.72
CA PRO A 46 7.93 4.46 -11.11
C PRO A 46 9.00 4.67 -10.04
N ILE A 47 8.73 5.56 -9.10
CA ILE A 47 9.67 5.82 -8.03
C ILE A 47 9.44 4.85 -6.89
N LEU A 48 8.18 4.75 -6.46
CA LEU A 48 7.84 3.84 -5.38
C LEU A 48 8.06 2.40 -5.85
N ALA A 49 7.85 2.16 -7.13
CA ALA A 49 8.05 0.82 -7.68
C ALA A 49 9.52 0.44 -7.62
N ASP A 50 10.39 1.43 -7.68
CA ASP A 50 11.82 1.19 -7.60
C ASP A 50 12.21 0.96 -6.15
N MET A 51 11.45 1.59 -5.26
CA MET A 51 11.70 1.46 -3.82
C MET A 51 11.24 0.10 -3.33
N TYR A 52 9.97 -0.21 -3.58
CA TYR A 52 9.42 -1.49 -3.15
C TYR A 52 10.09 -2.62 -3.92
N SER A 53 10.60 -2.30 -5.12
CA SER A 53 11.26 -3.30 -5.94
C SER A 53 12.60 -3.69 -5.32
N GLU A 54 13.34 -2.68 -4.84
CA GLU A 54 14.62 -2.94 -4.21
C GLU A 54 14.39 -3.66 -2.89
N LEU A 55 13.50 -3.11 -2.07
CA LEU A 55 13.18 -3.71 -0.79
C LEU A 55 12.72 -5.14 -0.99
N VAL A 56 11.91 -5.36 -2.01
CA VAL A 56 11.41 -6.71 -2.30
C VAL A 56 12.58 -7.65 -2.51
N ASP A 57 13.52 -7.22 -3.35
CA ASP A 57 14.70 -8.02 -3.60
C ASP A 57 15.34 -8.39 -2.28
N ASP A 58 15.22 -7.48 -1.31
CA ASP A 58 15.76 -7.70 0.02
C ASP A 58 14.72 -8.32 0.93
N SER A 59 13.73 -8.96 0.30
CA SER A 59 12.65 -9.58 1.05
C SER A 59 11.77 -8.51 1.67
N ALA A 60 11.82 -7.33 1.05
CA ALA A 60 11.04 -6.19 1.50
C ALA A 60 10.36 -6.46 2.83
N PRO A 61 11.01 -6.11 3.92
CA PRO A 61 10.47 -6.31 5.30
C PRO A 61 9.18 -5.54 5.53
N PHE A 62 8.33 -5.47 4.50
CA PHE A 62 7.06 -4.75 4.64
C PHE A 62 6.16 -4.97 3.42
N GLU A 63 4.85 -4.83 3.64
CA GLU A 63 3.87 -5.02 2.57
C GLU A 63 3.16 -3.72 2.25
N ILE A 64 2.76 -3.57 0.98
CA ILE A 64 2.06 -2.36 0.54
C ILE A 64 0.57 -2.64 0.40
N ILE A 65 -0.23 -1.65 0.76
CA ILE A 65 -1.68 -1.78 0.67
C ILE A 65 -2.21 -0.96 -0.50
N PHE A 66 -3.16 -1.53 -1.25
CA PHE A 66 -3.72 -0.83 -2.40
C PHE A 66 -5.15 -0.37 -2.11
N VAL A 67 -5.30 0.94 -1.91
CA VAL A 67 -6.62 1.52 -1.63
C VAL A 67 -6.84 2.75 -2.51
N SER A 68 -7.93 3.47 -2.25
CA SER A 68 -8.23 4.66 -3.03
C SER A 68 -9.11 4.31 -4.24
N SER A 69 -9.95 5.26 -4.65
CA SER A 69 -10.83 5.04 -5.79
C SER A 69 -10.15 4.20 -6.86
N ASP A 70 -10.02 2.90 -6.59
CA ASP A 70 -9.40 1.98 -7.53
C ASP A 70 -10.42 0.98 -8.03
N ARG A 71 -11.68 1.25 -7.72
CA ARG A 71 -12.78 0.37 -8.12
C ARG A 71 -12.47 -0.32 -9.45
N SER A 72 -11.41 0.11 -10.13
CA SER A 72 -11.04 -0.50 -11.39
C SER A 72 -10.29 -1.80 -11.13
N GLU A 73 -10.92 -2.92 -11.46
CA GLU A 73 -10.29 -4.22 -11.25
C GLU A 73 -9.08 -4.37 -12.15
N ASP A 74 -9.12 -3.71 -13.30
CA ASP A 74 -8.02 -3.78 -14.25
C ASP A 74 -6.89 -2.89 -13.79
N ASP A 75 -7.21 -1.67 -13.38
CA ASP A 75 -6.19 -0.75 -12.91
C ASP A 75 -5.56 -1.28 -11.64
N MET A 76 -6.32 -2.10 -10.92
CA MET A 76 -5.84 -2.69 -9.68
C MET A 76 -4.75 -3.72 -9.98
N PHE A 77 -5.11 -4.76 -10.74
CA PHE A 77 -4.15 -5.80 -11.07
C PHE A 77 -3.14 -5.30 -12.11
N GLN A 78 -3.54 -4.28 -12.87
CA GLN A 78 -2.66 -3.73 -13.89
C GLN A 78 -1.61 -2.83 -13.24
N TYR A 79 -2.07 -1.84 -12.51
CA TYR A 79 -1.16 -0.92 -11.84
C TYR A 79 -0.38 -1.63 -10.74
N MET A 80 -0.91 -2.77 -10.29
CA MET A 80 -0.25 -3.54 -9.24
C MET A 80 0.87 -4.39 -9.83
N MET A 81 0.63 -4.94 -11.02
CA MET A 81 1.63 -5.76 -11.68
C MET A 81 2.65 -4.89 -12.40
N GLU A 82 2.29 -3.64 -12.65
CA GLU A 82 3.19 -2.72 -13.33
C GLU A 82 4.48 -2.54 -12.56
N SER A 83 4.44 -2.84 -11.27
CA SER A 83 5.62 -2.72 -10.40
C SER A 83 5.27 -2.00 -9.11
N HIS A 84 4.00 -1.67 -8.94
CA HIS A 84 3.56 -0.97 -7.73
C HIS A 84 3.13 -1.96 -6.66
N GLY A 85 3.78 -1.90 -5.50
CA GLY A 85 3.45 -2.79 -4.40
C GLY A 85 3.53 -4.26 -4.84
N ASP A 86 4.22 -5.07 -4.05
CA ASP A 86 4.37 -6.49 -4.38
C ASP A 86 3.68 -7.38 -3.36
N TRP A 87 2.35 -7.27 -3.26
CA TRP A 87 1.61 -8.09 -2.31
C TRP A 87 0.14 -8.20 -2.68
N LEU A 88 -0.71 -7.50 -1.93
CA LEU A 88 -2.15 -7.56 -2.18
C LEU A 88 -2.79 -6.18 -2.30
N ALA A 89 -4.08 -6.21 -2.59
CA ALA A 89 -4.87 -4.99 -2.73
C ALA A 89 -6.26 -5.21 -2.14
N ILE A 90 -6.65 -4.35 -1.20
CA ILE A 90 -7.95 -4.49 -0.57
C ILE A 90 -9.05 -4.10 -1.55
N PRO A 91 -9.87 -5.03 -1.93
CA PRO A 91 -10.98 -4.75 -2.87
C PRO A 91 -11.75 -3.50 -2.47
N TYR A 92 -11.60 -2.43 -3.24
CA TYR A 92 -12.27 -1.18 -2.95
C TYR A 92 -13.60 -1.43 -2.24
N ARG A 93 -14.15 -2.61 -2.46
CA ARG A 93 -15.42 -2.98 -1.83
C ARG A 93 -15.17 -3.62 -0.47
N SER A 94 -14.01 -3.34 0.09
CA SER A 94 -13.63 -3.88 1.38
C SER A 94 -13.82 -2.85 2.49
N GLY A 95 -15.07 -2.43 2.69
CA GLY A 95 -15.39 -1.44 3.72
C GLY A 95 -14.18 -1.15 4.62
N PRO A 96 -13.72 -2.13 5.34
CA PRO A 96 -12.55 -1.97 6.25
C PRO A 96 -11.47 -1.07 5.66
N ALA A 97 -11.40 -1.01 4.34
CA ALA A 97 -10.42 -0.17 3.66
C ALA A 97 -10.82 1.29 3.75
N SER A 98 -12.11 1.55 3.63
CA SER A 98 -12.62 2.91 3.72
C SER A 98 -12.49 3.40 5.16
N ASN A 99 -13.22 2.76 6.05
CA ASN A 99 -13.18 3.13 7.46
C ASN A 99 -11.72 3.31 7.88
N VAL A 100 -10.84 2.52 7.28
CA VAL A 100 -9.42 2.62 7.58
C VAL A 100 -8.90 4.02 7.25
N THR A 101 -9.12 4.44 6.01
CA THR A 101 -8.71 5.76 5.56
C THR A 101 -9.40 6.84 6.35
N ALA A 102 -10.71 6.67 6.50
CA ALA A 102 -11.53 7.61 7.23
C ALA A 102 -11.22 7.54 8.72
N LYS A 103 -10.67 6.42 9.15
CA LYS A 103 -10.32 6.24 10.56
C LYS A 103 -9.03 6.99 10.88
N TYR A 104 -8.10 6.99 9.93
CA TYR A 104 -6.83 7.68 10.12
C TYR A 104 -7.01 9.19 9.96
N GLY A 105 -8.12 9.58 9.34
CA GLY A 105 -8.40 11.00 9.13
C GLY A 105 -7.53 11.56 8.00
N ILE A 106 -7.33 10.75 6.97
CA ILE A 106 -6.51 11.17 5.84
C ILE A 106 -7.14 12.37 5.14
N THR A 107 -7.68 12.14 3.95
CA THR A 107 -8.30 13.22 3.19
C THR A 107 -7.26 14.13 2.57
N GLY A 108 -5.99 13.74 2.72
CA GLY A 108 -4.90 14.54 2.17
C GLY A 108 -4.39 13.92 0.86
N ILE A 109 -5.19 13.02 0.29
CA ILE A 109 -4.82 12.36 -0.95
C ILE A 109 -4.49 13.40 -2.03
N PRO A 110 -3.49 13.16 -2.83
CA PRO A 110 -2.66 11.91 -2.75
C PRO A 110 -1.73 11.92 -1.53
N ALA A 111 -1.61 10.77 -0.88
CA ALA A 111 -0.76 10.65 0.30
C ALA A 111 -0.42 9.20 0.59
N LEU A 112 0.69 8.99 1.29
CA LEU A 112 1.13 7.64 1.62
C LEU A 112 1.17 7.46 3.13
N VAL A 113 0.46 6.44 3.63
CA VAL A 113 0.44 6.18 5.07
C VAL A 113 1.23 4.92 5.39
N ILE A 114 2.24 5.06 6.24
CA ILE A 114 3.06 3.91 6.61
C ILE A 114 2.86 3.53 8.07
N VAL A 115 2.62 2.25 8.31
CA VAL A 115 2.39 1.75 9.67
C VAL A 115 3.03 0.37 9.84
N LYS A 116 3.42 0.08 11.06
CA LYS A 116 4.05 -1.21 11.35
C LYS A 116 3.03 -2.34 11.25
N LYS A 117 3.40 -3.52 11.75
CA LYS A 117 2.51 -4.67 11.70
C LYS A 117 1.47 -4.59 12.81
N ASP A 118 1.93 -4.34 14.03
CA ASP A 118 1.03 -4.24 15.17
C ASP A 118 0.20 -2.96 15.09
N GLY A 119 0.51 -2.13 14.10
CA GLY A 119 -0.20 -0.87 13.93
C GLY A 119 0.69 0.30 14.30
N THR A 120 1.84 -0.01 14.89
CA THR A 120 2.78 1.03 15.29
C THR A 120 2.94 2.06 14.18
N LEU A 121 2.84 3.34 14.54
CA LEU A 121 2.98 4.41 13.56
C LEU A 121 4.46 4.71 13.33
N ILE A 122 4.76 5.21 12.14
CA ILE A 122 6.14 5.51 11.79
C ILE A 122 6.22 6.83 11.04
N SER A 123 5.62 6.86 9.85
CA SER A 123 5.62 8.06 9.03
C SER A 123 4.43 8.04 8.07
N MET A 124 3.55 9.03 8.21
CA MET A 124 2.37 9.11 7.36
C MET A 124 2.74 9.65 5.98
N ASN A 125 2.44 10.92 5.74
CA ASN A 125 2.74 11.55 4.45
C ASN A 125 4.23 11.47 4.15
N GLY A 126 4.83 10.34 4.44
CA GLY A 126 6.26 10.16 4.18
C GLY A 126 6.50 9.90 2.70
N ARG A 127 5.47 10.13 1.89
CA ARG A 127 5.59 9.91 0.46
C ARG A 127 6.92 10.42 -0.07
N GLY A 128 7.00 11.72 -0.35
CA GLY A 128 8.24 12.29 -0.85
C GLY A 128 9.43 11.75 -0.07
N GLU A 129 9.19 11.36 1.17
CA GLU A 129 10.26 10.82 2.01
C GLU A 129 10.84 9.56 1.37
N VAL A 130 9.98 8.62 1.04
CA VAL A 130 10.43 7.38 0.42
C VAL A 130 10.99 7.67 -0.96
N GLN A 131 10.21 8.39 -1.76
CA GLN A 131 10.63 8.75 -3.11
C GLN A 131 11.88 9.63 -3.08
N SER A 132 12.07 10.35 -1.96
CA SER A 132 13.22 11.22 -1.82
C SER A 132 14.45 10.41 -1.42
N LEU A 133 14.29 9.56 -0.42
CA LEU A 133 15.39 8.75 0.06
C LEU A 133 15.39 7.38 -0.61
N GLY A 134 14.44 7.14 -1.50
CA GLY A 134 14.36 5.87 -2.19
C GLY A 134 14.28 4.74 -1.16
N PRO A 135 14.86 3.61 -1.46
CA PRO A 135 14.84 2.44 -0.53
C PRO A 135 15.61 2.72 0.76
N ARG A 136 16.42 3.77 0.75
CA ARG A 136 17.19 4.14 1.93
C ARG A 136 16.26 4.68 2.99
N ALA A 137 15.06 5.05 2.57
CA ALA A 137 14.06 5.57 3.48
C ALA A 137 13.57 4.46 4.41
N PHE A 138 13.68 3.22 3.94
CA PHE A 138 13.26 2.09 4.74
C PHE A 138 13.58 2.33 6.21
N GLN A 139 14.60 3.16 6.45
CA GLN A 139 15.00 3.48 7.80
C GLN A 139 13.95 4.36 8.46
N ASN A 140 13.51 5.38 7.73
CA ASN A 140 12.48 6.28 8.24
C ASN A 140 11.13 5.58 8.21
N TRP A 141 10.91 4.80 7.16
CA TRP A 141 9.66 4.06 7.01
C TRP A 141 9.64 2.88 7.98
N ALA A 142 10.81 2.52 8.49
CA ALA A 142 10.91 1.40 9.42
C ALA A 142 11.64 1.81 10.69
N ARG A 143 11.91 3.10 10.78
CA ARG A 143 12.61 3.64 11.95
C ARG A 143 13.68 2.68 12.42
N MET A 1 -9.20 -5.64 16.70
CA MET A 1 -9.87 -6.89 16.23
C MET A 1 -10.86 -6.54 15.13
N GLU A 2 -11.26 -5.28 15.09
CA GLU A 2 -12.22 -4.83 14.08
C GLU A 2 -11.50 -4.05 12.97
N PHE A 3 -10.17 -4.09 13.00
CA PHE A 3 -9.39 -3.39 12.00
C PHE A 3 -9.68 -3.93 10.60
N ILE A 4 -8.77 -4.73 10.08
CA ILE A 4 -8.94 -5.31 8.75
C ILE A 4 -8.83 -6.83 8.81
N GLN A 5 -7.74 -7.31 9.39
CA GLN A 5 -7.51 -8.74 9.51
C GLN A 5 -8.83 -9.49 9.68
N GLY A 6 -9.07 -10.47 8.83
CA GLY A 6 -10.30 -11.25 8.90
C GLY A 6 -11.13 -11.07 7.63
N ILE A 7 -10.70 -10.15 6.77
CA ILE A 7 -11.42 -9.89 5.53
C ILE A 7 -10.71 -10.54 4.35
N LYS A 8 -11.32 -10.45 3.18
CA LYS A 8 -10.75 -11.04 1.97
C LYS A 8 -9.80 -10.05 1.30
N LEU A 9 -9.05 -10.53 0.32
CA LEU A 9 -8.11 -9.68 -0.40
C LEU A 9 -7.83 -10.24 -1.79
N VAL A 10 -7.41 -9.38 -2.71
CA VAL A 10 -7.13 -9.82 -4.07
C VAL A 10 -5.64 -9.69 -4.40
N LYS A 11 -5.10 -10.70 -5.06
CA LYS A 11 -3.70 -10.70 -5.44
C LYS A 11 -3.54 -10.25 -6.89
N LYS A 12 -2.45 -9.55 -7.18
CA LYS A 12 -2.20 -9.07 -8.54
C LYS A 12 -2.55 -10.14 -9.56
N ASN A 13 -2.30 -11.40 -9.20
CA ASN A 13 -2.61 -12.50 -10.12
C ASN A 13 -4.12 -12.70 -10.20
N ARG A 14 -4.86 -11.64 -9.86
CA ARG A 14 -6.32 -11.71 -9.91
C ARG A 14 -6.82 -12.85 -9.03
N CYS A 15 -6.05 -13.17 -7.98
CA CYS A 15 -6.41 -14.23 -7.07
C CYS A 15 -7.08 -13.67 -5.82
N GLU A 16 -7.62 -14.57 -4.99
CA GLU A 16 -8.29 -14.16 -3.76
C GLU A 16 -7.64 -14.83 -2.56
N VAL A 17 -7.47 -14.08 -1.48
CA VAL A 17 -6.87 -14.61 -0.27
C VAL A 17 -7.38 -13.87 0.97
N ASN A 18 -7.02 -14.38 2.14
CA ASN A 18 -7.45 -13.77 3.39
C ASN A 18 -6.40 -12.78 3.89
N ALA A 19 -6.75 -11.50 3.92
CA ALA A 19 -5.83 -10.47 4.39
C ALA A 19 -5.13 -10.91 5.67
N ASN A 20 -5.76 -11.82 6.41
CA ASN A 20 -5.19 -12.30 7.66
C ASN A 20 -3.77 -12.79 7.44
N GLU A 21 -3.62 -13.75 6.52
CA GLU A 21 -2.31 -14.30 6.21
C GLU A 21 -1.69 -13.58 5.02
N ALA A 22 -2.56 -13.02 4.18
CA ALA A 22 -2.09 -12.29 3.00
C ALA A 22 -1.38 -11.00 3.41
N LEU A 23 -1.69 -10.51 4.61
CA LEU A 23 -1.07 -9.30 5.11
C LEU A 23 0.28 -9.60 5.74
N LYS A 24 0.91 -10.69 5.29
CA LYS A 24 2.21 -11.09 5.81
C LYS A 24 2.87 -9.94 6.57
N ASP A 25 3.84 -9.29 5.93
CA ASP A 25 4.54 -8.17 6.56
C ASP A 25 5.23 -8.63 7.84
N LYS A 26 4.43 -9.03 8.82
CA LYS A 26 4.99 -9.48 10.10
C LYS A 26 6.12 -8.54 10.53
N ASP A 27 6.21 -7.41 9.84
CA ASP A 27 7.24 -6.42 10.15
C ASP A 27 6.72 -5.01 9.95
N ILE A 28 6.51 -4.61 8.70
CA ILE A 28 6.02 -3.27 8.41
C ILE A 28 4.98 -3.30 7.29
N ILE A 29 4.11 -2.28 7.27
CA ILE A 29 3.07 -2.21 6.25
C ILE A 29 3.05 -0.82 5.61
N GLY A 30 2.49 -0.74 4.41
CA GLY A 30 2.41 0.53 3.70
C GLY A 30 0.99 0.76 3.18
N PHE A 31 0.61 2.03 3.09
CA PHE A 31 -0.73 2.38 2.61
C PHE A 31 -0.65 3.46 1.54
N TYR A 32 -1.08 3.13 0.33
CA TYR A 32 -1.06 4.10 -0.76
C TYR A 32 -2.47 4.63 -1.03
N PHE A 33 -2.65 5.94 -0.88
CA PHE A 33 -3.95 6.55 -1.12
C PHE A 33 -3.87 7.53 -2.29
N SER A 34 -4.56 7.19 -3.38
CA SER A 34 -4.56 8.04 -4.56
C SER A 34 -5.07 7.27 -5.78
N ALA A 35 -6.37 7.31 -6.00
CA ALA A 35 -6.96 6.62 -7.14
C ALA A 35 -6.53 7.29 -8.44
N HIS A 36 -5.40 7.98 -8.40
CA HIS A 36 -4.89 8.66 -9.58
C HIS A 36 -4.63 7.65 -10.70
N TRP A 37 -5.32 6.51 -10.63
CA TRP A 37 -5.15 5.48 -11.65
C TRP A 37 -5.92 5.84 -12.92
N CYS A 38 -7.11 6.40 -12.74
CA CYS A 38 -7.93 6.80 -13.88
C CYS A 38 -7.30 7.97 -14.61
N PRO A 39 -7.00 9.02 -13.90
CA PRO A 39 -6.38 10.25 -14.47
C PRO A 39 -4.86 10.12 -14.61
N PRO A 40 -4.26 10.99 -15.38
CA PRO A 40 -2.79 10.98 -15.59
C PRO A 40 -2.02 11.47 -14.37
N CYS A 41 -0.70 11.35 -14.42
CA CYS A 41 0.15 11.78 -13.31
C CYS A 41 1.42 10.93 -13.24
N ARG A 42 1.49 9.93 -14.11
CA ARG A 42 2.63 9.03 -14.14
C ARG A 42 3.93 9.80 -13.88
N GLY A 43 4.90 9.11 -13.27
CA GLY A 43 6.18 9.72 -12.96
C GLY A 43 6.49 9.60 -11.46
N PHE A 44 5.45 9.73 -10.63
CA PHE A 44 5.63 9.62 -9.20
C PHE A 44 5.54 8.17 -8.76
N THR A 45 4.44 7.52 -9.11
CA THR A 45 4.24 6.12 -8.75
C THR A 45 5.40 5.26 -9.23
N PRO A 46 5.85 5.46 -10.44
CA PRO A 46 6.99 4.68 -11.01
C PRO A 46 8.19 4.69 -10.08
N ILE A 47 8.18 5.61 -9.12
CA ILE A 47 9.27 5.72 -8.17
C ILE A 47 9.10 4.71 -7.04
N LEU A 48 7.85 4.55 -6.61
CA LEU A 48 7.55 3.60 -5.53
C LEU A 48 7.84 2.18 -6.01
N ALA A 49 7.63 1.92 -7.29
CA ALA A 49 7.88 0.60 -7.85
C ALA A 49 9.37 0.28 -7.80
N ASP A 50 10.19 1.31 -7.89
CA ASP A 50 11.63 1.12 -7.84
C ASP A 50 12.06 0.92 -6.40
N MET A 51 11.32 1.55 -5.49
CA MET A 51 11.62 1.42 -4.07
C MET A 51 11.19 0.06 -3.55
N TYR A 52 9.93 -0.29 -3.79
CA TYR A 52 9.43 -1.58 -3.33
C TYR A 52 10.12 -2.70 -4.11
N SER A 53 10.61 -2.37 -5.30
CA SER A 53 11.31 -3.36 -6.12
C SER A 53 12.63 -3.73 -5.46
N GLU A 54 13.36 -2.71 -5.02
CA GLU A 54 14.64 -2.96 -4.35
C GLU A 54 14.39 -3.69 -3.04
N LEU A 55 13.55 -3.08 -2.20
CA LEU A 55 13.22 -3.68 -0.91
C LEU A 55 12.68 -5.08 -1.12
N VAL A 56 11.89 -5.27 -2.17
CA VAL A 56 11.32 -6.58 -2.46
C VAL A 56 12.43 -7.58 -2.71
N ASP A 57 13.37 -7.19 -3.56
CA ASP A 57 14.50 -8.04 -3.85
C ASP A 57 15.14 -8.48 -2.54
N ASP A 58 15.06 -7.59 -1.56
CA ASP A 58 15.62 -7.86 -0.24
C ASP A 58 14.55 -8.45 0.66
N SER A 59 13.53 -9.02 0.05
CA SER A 59 12.42 -9.60 0.80
C SER A 59 11.61 -8.49 1.45
N ALA A 60 11.70 -7.31 0.86
CA ALA A 60 10.99 -6.13 1.34
C ALA A 60 10.31 -6.40 2.67
N PRO A 61 10.98 -6.11 3.75
CA PRO A 61 10.43 -6.31 5.12
C PRO A 61 9.17 -5.51 5.37
N PHE A 62 8.29 -5.45 4.37
CA PHE A 62 7.04 -4.71 4.53
C PHE A 62 6.11 -4.92 3.33
N GLU A 63 4.81 -4.77 3.57
CA GLU A 63 3.82 -4.95 2.52
C GLU A 63 3.12 -3.64 2.17
N ILE A 64 2.71 -3.50 0.92
CA ILE A 64 2.03 -2.29 0.46
C ILE A 64 0.53 -2.56 0.32
N ILE A 65 -0.29 -1.63 0.79
CA ILE A 65 -1.73 -1.77 0.69
C ILE A 65 -2.26 -0.94 -0.48
N PHE A 66 -3.18 -1.51 -1.24
CA PHE A 66 -3.75 -0.81 -2.39
C PHE A 66 -5.17 -0.36 -2.10
N VAL A 67 -5.35 0.94 -1.93
CA VAL A 67 -6.67 1.50 -1.65
C VAL A 67 -6.97 2.64 -2.60
N SER A 68 -7.80 3.57 -2.17
CA SER A 68 -8.16 4.71 -3.02
C SER A 68 -9.11 4.28 -4.12
N SER A 69 -9.99 5.19 -4.54
CA SER A 69 -10.95 4.91 -5.59
C SER A 69 -10.31 4.13 -6.73
N ASP A 70 -9.93 2.88 -6.45
CA ASP A 70 -9.32 2.03 -7.47
C ASP A 70 -10.32 1.00 -7.95
N ARG A 71 -11.58 1.21 -7.56
CA ARG A 71 -12.66 0.30 -7.94
C ARG A 71 -12.42 -0.31 -9.32
N SER A 72 -11.42 0.20 -10.03
CA SER A 72 -11.12 -0.34 -11.35
C SER A 72 -10.30 -1.61 -11.22
N GLU A 73 -10.89 -2.75 -11.57
CA GLU A 73 -10.21 -4.02 -11.47
C GLU A 73 -9.02 -4.06 -12.41
N ASP A 74 -9.09 -3.27 -13.49
CA ASP A 74 -8.00 -3.23 -14.45
C ASP A 74 -6.88 -2.33 -13.92
N ASP A 75 -7.23 -1.13 -13.50
CA ASP A 75 -6.23 -0.22 -12.97
C ASP A 75 -5.59 -0.83 -11.74
N MET A 76 -6.33 -1.74 -11.10
CA MET A 76 -5.84 -2.42 -9.93
C MET A 76 -4.73 -3.40 -10.31
N PHE A 77 -5.08 -4.42 -11.08
CA PHE A 77 -4.11 -5.42 -11.51
C PHE A 77 -3.07 -4.79 -12.43
N GLN A 78 -3.40 -3.64 -13.00
CA GLN A 78 -2.47 -2.96 -13.89
C GLN A 78 -1.38 -2.27 -13.09
N TYR A 79 -1.79 -1.40 -12.18
CA TYR A 79 -0.84 -0.68 -11.34
C TYR A 79 -0.01 -1.67 -10.53
N MET A 80 -0.61 -2.82 -10.23
CA MET A 80 0.07 -3.86 -9.46
C MET A 80 0.99 -4.67 -10.36
N MET A 81 0.43 -5.18 -11.46
CA MET A 81 1.21 -5.98 -12.40
C MET A 81 2.38 -5.17 -12.94
N GLU A 82 2.25 -3.85 -12.92
CA GLU A 82 3.30 -2.97 -13.42
C GLU A 82 4.53 -3.06 -12.53
N SER A 83 4.35 -2.83 -11.23
CA SER A 83 5.46 -2.88 -10.29
C SER A 83 5.16 -2.11 -9.00
N HIS A 84 3.94 -1.58 -8.86
CA HIS A 84 3.58 -0.83 -7.67
C HIS A 84 3.02 -1.75 -6.59
N GLY A 85 3.81 -1.99 -5.55
CA GLY A 85 3.38 -2.86 -4.46
C GLY A 85 3.54 -4.33 -4.82
N ASP A 86 4.24 -5.08 -3.96
CA ASP A 86 4.45 -6.49 -4.22
C ASP A 86 3.74 -7.36 -3.17
N TRP A 87 2.42 -7.27 -3.11
CA TRP A 87 1.66 -8.05 -2.14
C TRP A 87 0.20 -8.18 -2.55
N LEU A 88 -0.68 -7.51 -1.81
CA LEU A 88 -2.11 -7.58 -2.08
C LEU A 88 -2.77 -6.21 -2.17
N ALA A 89 -4.05 -6.24 -2.49
CA ALA A 89 -4.85 -5.03 -2.61
C ALA A 89 -6.23 -5.26 -2.01
N ILE A 90 -6.59 -4.42 -1.04
CA ILE A 90 -7.90 -4.56 -0.40
C ILE A 90 -9.01 -4.19 -1.37
N PRO A 91 -9.82 -5.13 -1.74
CA PRO A 91 -10.94 -4.88 -2.67
C PRO A 91 -11.75 -3.66 -2.23
N TYR A 92 -11.65 -2.58 -2.99
CA TYR A 92 -12.38 -1.35 -2.66
C TYR A 92 -13.68 -1.68 -1.94
N ARG A 93 -14.21 -2.87 -2.20
CA ARG A 93 -15.44 -3.31 -1.57
C ARG A 93 -15.15 -3.91 -0.20
N SER A 94 -14.01 -3.53 0.36
CA SER A 94 -13.60 -4.03 1.66
C SER A 94 -13.73 -2.94 2.72
N GLY A 95 -14.96 -2.50 2.95
CA GLY A 95 -15.23 -1.46 3.94
C GLY A 95 -13.99 -1.15 4.79
N PRO A 96 -13.52 -2.12 5.55
CA PRO A 96 -12.33 -1.96 6.41
C PRO A 96 -11.25 -1.10 5.76
N ALA A 97 -11.27 -1.02 4.43
CA ALA A 97 -10.30 -0.21 3.71
C ALA A 97 -10.68 1.26 3.77
N SER A 98 -11.95 1.54 3.53
CA SER A 98 -12.43 2.92 3.59
C SER A 98 -12.37 3.41 5.02
N ASN A 99 -13.18 2.78 5.88
CA ASN A 99 -13.20 3.15 7.29
C ASN A 99 -11.78 3.32 7.79
N VAL A 100 -10.86 2.54 7.23
CA VAL A 100 -9.46 2.62 7.61
C VAL A 100 -8.90 4.01 7.29
N THR A 101 -9.12 4.45 6.06
CA THR A 101 -8.67 5.76 5.62
C THR A 101 -9.39 6.84 6.39
N ALA A 102 -10.70 6.69 6.46
CA ALA A 102 -11.55 7.65 7.13
C ALA A 102 -11.34 7.57 8.64
N LYS A 103 -10.84 6.44 9.10
CA LYS A 103 -10.58 6.24 10.52
C LYS A 103 -9.28 6.93 10.93
N TYR A 104 -8.32 6.91 10.02
CA TYR A 104 -7.02 7.55 10.29
C TYR A 104 -7.13 9.07 10.15
N GLY A 105 -8.18 9.52 9.47
CA GLY A 105 -8.39 10.95 9.28
C GLY A 105 -7.47 11.50 8.20
N ILE A 106 -7.21 10.68 7.17
CA ILE A 106 -6.34 11.11 6.08
C ILE A 106 -6.89 12.36 5.41
N THR A 107 -7.54 12.18 4.26
CA THR A 107 -8.11 13.31 3.53
C THR A 107 -7.00 14.17 2.93
N GLY A 108 -5.76 13.71 3.07
CA GLY A 108 -4.62 14.45 2.53
C GLY A 108 -4.17 13.84 1.20
N ILE A 109 -5.04 13.03 0.61
CA ILE A 109 -4.73 12.39 -0.66
C ILE A 109 -4.41 13.44 -1.71
N PRO A 110 -3.42 13.21 -2.54
CA PRO A 110 -2.60 11.96 -2.49
C PRO A 110 -1.65 11.94 -1.30
N ALA A 111 -1.52 10.78 -0.66
CA ALA A 111 -0.64 10.65 0.48
C ALA A 111 -0.30 9.19 0.74
N LEU A 112 0.86 8.95 1.37
CA LEU A 112 1.29 7.60 1.67
C LEU A 112 1.35 7.38 3.17
N VAL A 113 0.58 6.41 3.67
CA VAL A 113 0.57 6.12 5.10
C VAL A 113 1.36 4.87 5.40
N ILE A 114 2.35 5.01 6.28
CA ILE A 114 3.19 3.88 6.66
C ILE A 114 2.99 3.52 8.13
N VAL A 115 2.75 2.23 8.37
CA VAL A 115 2.54 1.75 9.73
C VAL A 115 3.31 0.45 9.96
N LYS A 116 3.67 0.20 11.21
CA LYS A 116 4.41 -1.01 11.57
C LYS A 116 3.46 -2.22 11.59
N LYS A 117 4.04 -3.40 11.78
CA LYS A 117 3.25 -4.62 11.83
C LYS A 117 2.28 -4.58 13.01
N ASP A 118 2.79 -4.26 14.19
CA ASP A 118 1.96 -4.20 15.38
C ASP A 118 1.04 -2.99 15.32
N GLY A 119 1.12 -2.24 14.23
CA GLY A 119 0.28 -1.06 14.06
C GLY A 119 1.03 0.20 14.48
N THR A 120 2.24 0.01 14.98
CA THR A 120 3.07 1.13 15.41
C THR A 120 3.17 2.18 14.31
N LEU A 121 2.72 3.40 14.62
CA LEU A 121 2.76 4.49 13.65
C LEU A 121 4.19 4.94 13.42
N ILE A 122 4.50 5.30 12.19
CA ILE A 122 5.85 5.73 11.85
C ILE A 122 5.80 6.94 10.93
N SER A 123 5.27 6.73 9.74
CA SER A 123 5.17 7.81 8.75
C SER A 123 3.78 7.79 8.11
N MET A 124 3.18 8.98 8.00
CA MET A 124 1.85 9.09 7.40
C MET A 124 1.92 9.84 6.07
N ASN A 125 2.89 10.74 5.96
CA ASN A 125 3.08 11.51 4.74
C ASN A 125 4.52 11.42 4.29
N GLY A 126 5.13 10.26 4.53
CA GLY A 126 6.53 10.05 4.16
C GLY A 126 6.68 9.81 2.67
N ARG A 127 5.63 10.11 1.91
CA ARG A 127 5.69 9.90 0.46
C ARG A 127 7.02 10.39 -0.10
N GLY A 128 7.10 11.67 -0.41
CA GLY A 128 8.33 12.22 -0.97
C GLY A 128 9.55 11.70 -0.22
N GLU A 129 9.39 11.48 1.09
CA GLU A 129 10.50 10.97 1.89
C GLU A 129 11.00 9.65 1.31
N VAL A 130 10.08 8.73 1.05
CA VAL A 130 10.46 7.45 0.48
C VAL A 130 10.98 7.65 -0.93
N GLN A 131 10.20 8.34 -1.75
CA GLN A 131 10.58 8.61 -3.13
C GLN A 131 11.84 9.47 -3.17
N SER A 132 12.14 10.13 -2.06
CA SER A 132 13.33 10.97 -1.98
C SER A 132 14.55 10.13 -1.62
N LEU A 133 14.43 9.37 -0.54
CA LEU A 133 15.52 8.52 -0.09
C LEU A 133 15.42 7.13 -0.70
N GLY A 134 14.35 6.89 -1.44
CA GLY A 134 14.17 5.57 -2.06
C GLY A 134 14.21 4.47 -1.00
N PRO A 135 14.73 3.33 -1.35
CA PRO A 135 14.83 2.18 -0.41
C PRO A 135 15.59 2.53 0.86
N ARG A 136 16.41 3.58 0.79
CA ARG A 136 17.18 4.02 1.95
C ARG A 136 16.25 4.64 2.98
N ALA A 137 15.07 5.03 2.53
CA ALA A 137 14.09 5.64 3.42
C ALA A 137 13.59 4.60 4.42
N PHE A 138 13.70 3.33 4.06
CA PHE A 138 13.26 2.26 4.94
C PHE A 138 13.58 2.59 6.39
N GLN A 139 14.50 3.53 6.58
CA GLN A 139 14.90 3.95 7.91
C GLN A 139 13.80 4.81 8.53
N ASN A 140 13.35 5.81 7.78
CA ASN A 140 12.28 6.69 8.26
C ASN A 140 10.95 5.95 8.24
N TRP A 141 10.82 5.04 7.28
CA TRP A 141 9.60 4.25 7.15
C TRP A 141 9.60 3.12 8.19
N ALA A 142 10.78 2.82 8.72
CA ALA A 142 10.92 1.77 9.72
C ALA A 142 11.64 2.29 10.96
N ARG A 143 11.87 3.58 10.97
CA ARG A 143 12.56 4.22 12.09
C ARG A 143 13.66 3.31 12.63
N MET A 1 -15.29 -2.07 14.67
CA MET A 1 -14.15 -1.95 15.62
C MET A 1 -13.53 -3.33 15.85
N GLU A 2 -12.66 -3.76 14.94
CA GLU A 2 -12.02 -5.06 15.06
C GLU A 2 -10.79 -5.13 14.15
N PHE A 3 -10.37 -3.98 13.63
CA PHE A 3 -9.22 -3.92 12.76
C PHE A 3 -9.51 -4.59 11.42
N ILE A 4 -8.65 -4.36 10.44
CA ILE A 4 -8.84 -4.95 9.11
C ILE A 4 -8.68 -6.46 9.17
N GLN A 5 -7.53 -6.90 9.68
CA GLN A 5 -7.25 -8.32 9.79
C GLN A 5 -8.53 -9.10 10.08
N GLY A 6 -8.73 -10.18 9.33
CA GLY A 6 -9.93 -11.00 9.51
C GLY A 6 -10.85 -10.92 8.30
N ILE A 7 -10.51 -10.01 7.38
CA ILE A 7 -11.32 -9.82 6.19
C ILE A 7 -10.66 -10.48 4.99
N LYS A 8 -11.35 -10.43 3.84
CA LYS A 8 -10.82 -11.03 2.63
C LYS A 8 -9.93 -10.04 1.89
N LEU A 9 -9.22 -10.51 0.87
CA LEU A 9 -8.34 -9.66 0.09
C LEU A 9 -8.12 -10.24 -1.30
N VAL A 10 -7.73 -9.39 -2.26
CA VAL A 10 -7.50 -9.87 -3.62
C VAL A 10 -6.05 -9.65 -4.04
N LYS A 11 -5.32 -10.75 -4.21
CA LYS A 11 -3.92 -10.67 -4.62
C LYS A 11 -3.81 -10.10 -6.03
N LYS A 12 -2.83 -9.23 -6.23
CA LYS A 12 -2.62 -8.62 -7.55
C LYS A 12 -2.76 -9.66 -8.65
N ASN A 13 -2.34 -10.89 -8.37
CA ASN A 13 -2.43 -11.97 -9.34
C ASN A 13 -3.89 -12.34 -9.60
N ARG A 14 -4.80 -11.44 -9.23
CA ARG A 14 -6.22 -11.69 -9.42
C ARG A 14 -6.69 -12.82 -8.52
N CYS A 15 -5.92 -13.11 -7.48
CA CYS A 15 -6.25 -14.18 -6.55
C CYS A 15 -6.91 -13.61 -5.31
N GLU A 16 -7.43 -14.50 -4.46
CA GLU A 16 -8.09 -14.07 -3.23
C GLU A 16 -7.35 -14.62 -2.01
N VAL A 17 -7.43 -13.90 -0.90
CA VAL A 17 -6.77 -14.31 0.33
C VAL A 17 -7.32 -13.53 1.52
N ASN A 18 -6.93 -13.93 2.72
CA ASN A 18 -7.37 -13.24 3.93
C ASN A 18 -6.31 -12.28 4.43
N ALA A 19 -6.63 -10.99 4.39
CA ALA A 19 -5.69 -9.96 4.84
C ALA A 19 -4.88 -10.45 6.03
N ASN A 20 -5.44 -11.42 6.76
CA ASN A 20 -4.76 -11.96 7.93
C ASN A 20 -3.39 -12.50 7.55
N GLU A 21 -3.37 -13.46 6.64
CA GLU A 21 -2.11 -14.07 6.20
C GLU A 21 -1.60 -13.39 4.94
N ALA A 22 -2.51 -12.82 4.16
CA ALA A 22 -2.14 -12.14 2.93
C ALA A 22 -1.24 -10.94 3.22
N LEU A 23 -1.49 -10.29 4.36
CA LEU A 23 -0.70 -9.12 4.74
C LEU A 23 0.69 -9.55 5.20
N LYS A 24 1.12 -10.72 4.75
CA LYS A 24 2.43 -11.25 5.11
C LYS A 24 3.27 -10.21 5.84
N ASP A 25 3.46 -9.06 5.19
CA ASP A 25 4.23 -7.97 5.79
C ASP A 25 5.18 -8.51 6.85
N LYS A 26 6.43 -8.73 6.46
CA LYS A 26 7.42 -9.22 7.40
C LYS A 26 7.21 -8.59 8.76
N ASP A 27 6.54 -7.43 8.76
CA ASP A 27 6.27 -6.72 10.01
C ASP A 27 6.01 -5.24 9.76
N ILE A 28 5.81 -4.86 8.50
CA ILE A 28 5.56 -3.46 8.17
C ILE A 28 4.54 -3.36 7.04
N ILE A 29 3.69 -2.34 7.09
CA ILE A 29 2.69 -2.15 6.05
C ILE A 29 2.61 -0.70 5.60
N GLY A 30 2.41 -0.49 4.30
CA GLY A 30 2.32 0.85 3.75
C GLY A 30 1.05 1.03 2.94
N PHE A 31 0.17 1.91 3.39
CA PHE A 31 -1.09 2.16 2.70
C PHE A 31 -0.92 3.27 1.68
N TYR A 32 -1.18 2.96 0.41
CA TYR A 32 -1.05 3.96 -0.64
C TYR A 32 -2.43 4.42 -1.12
N PHE A 33 -2.65 5.74 -1.11
CA PHE A 33 -3.93 6.29 -1.56
C PHE A 33 -3.71 7.22 -2.74
N SER A 34 -4.25 6.85 -3.90
CA SER A 34 -4.11 7.66 -5.09
C SER A 34 -4.60 6.90 -6.32
N ALA A 35 -5.87 7.08 -6.66
CA ALA A 35 -6.45 6.41 -7.82
C ALA A 35 -5.79 6.91 -9.09
N HIS A 36 -4.49 7.18 -9.01
CA HIS A 36 -3.73 7.68 -10.15
C HIS A 36 -3.80 6.69 -11.32
N TRP A 37 -4.71 5.73 -11.24
CA TRP A 37 -4.84 4.75 -12.31
C TRP A 37 -5.66 5.32 -13.46
N CYS A 38 -6.74 6.02 -13.12
CA CYS A 38 -7.60 6.61 -14.14
C CYS A 38 -6.96 7.89 -14.68
N PRO A 39 -6.51 8.75 -13.81
CA PRO A 39 -5.86 10.03 -14.19
C PRO A 39 -4.35 9.88 -14.39
N PRO A 40 -3.73 10.86 -14.97
CA PRO A 40 -2.26 10.84 -15.22
C PRO A 40 -1.45 10.70 -13.93
N CYS A 41 -1.00 11.82 -13.39
CA CYS A 41 -0.21 11.79 -12.16
C CYS A 41 0.96 10.82 -12.29
N ARG A 42 1.43 10.65 -13.52
CA ARG A 42 2.55 9.74 -13.77
C ARG A 42 3.89 10.41 -13.45
N GLY A 43 4.86 9.60 -13.05
CA GLY A 43 6.19 10.11 -12.72
C GLY A 43 6.58 9.72 -11.30
N PHE A 44 5.62 9.70 -10.39
CA PHE A 44 5.90 9.33 -9.01
C PHE A 44 5.84 7.81 -8.84
N THR A 45 5.04 7.17 -9.70
CA THR A 45 4.89 5.72 -9.65
C THR A 45 6.22 5.03 -9.88
N PRO A 46 6.84 5.25 -11.00
CA PRO A 46 8.15 4.61 -11.34
C PRO A 46 9.16 4.80 -10.22
N ILE A 47 8.85 5.67 -9.27
CA ILE A 47 9.74 5.91 -8.15
C ILE A 47 9.48 4.89 -7.05
N LEU A 48 8.20 4.73 -6.70
CA LEU A 48 7.84 3.78 -5.67
C LEU A 48 8.05 2.36 -6.17
N ALA A 49 7.89 2.15 -7.47
CA ALA A 49 8.08 0.84 -8.06
C ALA A 49 9.55 0.45 -8.01
N ASP A 50 10.42 1.45 -8.09
CA ASP A 50 11.84 1.18 -8.03
C ASP A 50 12.25 0.96 -6.58
N MET A 51 11.52 1.59 -5.67
CA MET A 51 11.80 1.46 -4.26
C MET A 51 11.31 0.11 -3.74
N TYR A 52 10.04 -0.19 -3.99
CA TYR A 52 9.50 -1.46 -3.54
C TYR A 52 10.16 -2.59 -4.31
N SER A 53 10.66 -2.29 -5.50
CA SER A 53 11.34 -3.30 -6.30
C SER A 53 12.62 -3.71 -5.61
N GLU A 54 13.39 -2.72 -5.16
CA GLU A 54 14.63 -3.01 -4.45
C GLU A 54 14.33 -3.74 -3.16
N LEU A 55 13.52 -3.11 -2.31
CA LEU A 55 13.14 -3.72 -1.04
C LEU A 55 12.54 -5.09 -1.29
N VAL A 56 11.77 -5.21 -2.37
CA VAL A 56 11.15 -6.50 -2.72
C VAL A 56 12.24 -7.54 -2.91
N ASP A 57 13.22 -7.20 -3.72
CA ASP A 57 14.33 -8.11 -3.95
C ASP A 57 14.86 -8.59 -2.63
N ASP A 58 14.83 -7.71 -1.64
CA ASP A 58 15.29 -8.04 -0.30
C ASP A 58 14.15 -8.59 0.53
N SER A 59 13.13 -9.07 -0.15
CA SER A 59 11.96 -9.62 0.52
C SER A 59 11.18 -8.49 1.17
N ALA A 60 11.40 -7.29 0.64
CA ALA A 60 10.74 -6.09 1.13
C ALA A 60 10.00 -6.36 2.43
N PRO A 61 10.65 -6.12 3.55
CA PRO A 61 10.05 -6.34 4.90
C PRO A 61 8.79 -5.53 5.13
N PHE A 62 7.96 -5.41 4.09
CA PHE A 62 6.72 -4.67 4.22
C PHE A 62 5.84 -4.83 2.99
N GLU A 63 4.53 -4.88 3.20
CA GLU A 63 3.57 -5.05 2.12
C GLU A 63 2.88 -3.73 1.79
N ILE A 64 2.53 -3.56 0.52
CA ILE A 64 1.84 -2.34 0.08
C ILE A 64 0.34 -2.58 -0.02
N ILE A 65 -0.43 -1.71 0.61
CA ILE A 65 -1.89 -1.83 0.56
C ILE A 65 -2.44 -1.02 -0.59
N PHE A 66 -3.38 -1.60 -1.34
CA PHE A 66 -3.98 -0.91 -2.47
C PHE A 66 -5.32 -0.30 -2.09
N VAL A 67 -5.37 1.03 -2.02
CA VAL A 67 -6.59 1.73 -1.68
C VAL A 67 -6.87 2.83 -2.70
N SER A 68 -7.61 3.86 -2.28
CA SER A 68 -7.91 4.96 -3.18
C SER A 68 -8.82 4.50 -4.31
N SER A 69 -9.66 5.41 -4.81
CA SER A 69 -10.59 5.09 -5.89
C SER A 69 -9.91 4.24 -6.97
N ASP A 70 -9.61 2.99 -6.63
CA ASP A 70 -8.97 2.09 -7.57
C ASP A 70 -9.96 0.99 -7.96
N ARG A 71 -11.21 1.19 -7.56
CA ARG A 71 -12.26 0.23 -7.84
C ARG A 71 -12.06 -0.45 -9.18
N SER A 72 -11.08 -0.01 -9.96
CA SER A 72 -10.83 -0.61 -11.25
C SER A 72 -10.06 -1.91 -11.05
N GLU A 73 -10.71 -3.03 -11.33
CA GLU A 73 -10.05 -4.32 -11.18
C GLU A 73 -8.97 -4.49 -12.22
N ASP A 74 -9.18 -3.87 -13.38
CA ASP A 74 -8.22 -3.94 -14.45
C ASP A 74 -7.07 -2.96 -14.21
N ASP A 75 -7.41 -1.74 -13.82
CA ASP A 75 -6.39 -0.74 -13.56
C ASP A 75 -5.67 -1.08 -12.25
N MET A 76 -6.32 -1.92 -11.45
CA MET A 76 -5.73 -2.33 -10.18
C MET A 76 -4.62 -3.36 -10.42
N PHE A 77 -4.97 -4.43 -11.13
CA PHE A 77 -3.99 -5.47 -11.42
C PHE A 77 -3.00 -5.00 -12.49
N GLN A 78 -3.42 -4.03 -13.29
CA GLN A 78 -2.56 -3.50 -14.35
C GLN A 78 -1.45 -2.65 -13.74
N TYR A 79 -1.83 -1.71 -12.90
CA TYR A 79 -0.86 -0.83 -12.25
C TYR A 79 0.08 -1.67 -11.38
N MET A 80 -0.51 -2.65 -10.69
CA MET A 80 0.28 -3.53 -9.82
C MET A 80 1.33 -4.26 -10.62
N MET A 81 0.95 -4.73 -11.80
CA MET A 81 1.88 -5.46 -12.66
C MET A 81 2.92 -4.51 -13.24
N GLU A 82 2.58 -3.24 -13.32
CA GLU A 82 3.50 -2.24 -13.86
C GLU A 82 4.74 -2.10 -12.97
N SER A 83 4.65 -2.61 -11.74
CA SER A 83 5.77 -2.54 -10.79
C SER A 83 5.34 -1.83 -9.51
N HIS A 84 4.06 -1.47 -9.42
CA HIS A 84 3.55 -0.79 -8.24
C HIS A 84 3.04 -1.79 -7.20
N GLY A 85 3.80 -1.96 -6.12
CA GLY A 85 3.41 -2.89 -5.07
C GLY A 85 3.18 -4.29 -5.65
N ASP A 86 3.75 -5.30 -5.00
CA ASP A 86 3.58 -6.67 -5.48
C ASP A 86 3.11 -7.61 -4.38
N TRP A 87 1.89 -7.40 -3.87
CA TRP A 87 1.36 -8.27 -2.83
C TRP A 87 -0.16 -8.39 -2.90
N LEU A 88 -0.87 -7.70 -2.01
CA LEU A 88 -2.32 -7.78 -2.01
C LEU A 88 -2.98 -6.41 -2.15
N ALA A 89 -4.30 -6.43 -2.24
CA ALA A 89 -5.09 -5.21 -2.36
C ALA A 89 -6.45 -5.40 -1.69
N ILE A 90 -6.81 -4.47 -0.82
CA ILE A 90 -8.08 -4.55 -0.12
C ILE A 90 -9.22 -4.19 -1.07
N PRO A 91 -10.07 -5.14 -1.37
CA PRO A 91 -11.21 -4.89 -2.27
C PRO A 91 -12.00 -3.65 -1.86
N TYR A 92 -11.91 -2.59 -2.66
CA TYR A 92 -12.60 -1.35 -2.35
C TYR A 92 -13.89 -1.64 -1.57
N ARG A 93 -14.44 -2.83 -1.78
CA ARG A 93 -15.66 -3.22 -1.09
C ARG A 93 -15.32 -3.80 0.28
N SER A 94 -14.15 -3.45 0.78
CA SER A 94 -13.70 -3.93 2.07
C SER A 94 -13.84 -2.86 3.14
N GLY A 95 -15.09 -2.46 3.40
CA GLY A 95 -15.37 -1.43 4.39
C GLY A 95 -14.12 -1.07 5.21
N PRO A 96 -13.60 -2.01 5.96
CA PRO A 96 -12.39 -1.79 6.80
C PRO A 96 -11.36 -0.90 6.10
N ALA A 97 -11.39 -0.87 4.77
CA ALA A 97 -10.46 -0.05 4.00
C ALA A 97 -10.88 1.41 4.08
N SER A 98 -12.18 1.65 4.06
CA SER A 98 -12.69 3.02 4.15
C SER A 98 -12.46 3.54 5.55
N ASN A 99 -13.11 2.91 6.52
CA ASN A 99 -12.95 3.31 7.91
C ASN A 99 -11.48 3.53 8.21
N VAL A 100 -10.63 2.73 7.56
CA VAL A 100 -9.19 2.84 7.73
C VAL A 100 -8.73 4.24 7.33
N THR A 101 -9.06 4.62 6.09
CA THR A 101 -8.69 5.92 5.57
C THR A 101 -9.32 7.03 6.40
N ALA A 102 -10.60 6.86 6.67
CA ALA A 102 -11.36 7.83 7.44
C ALA A 102 -10.95 7.77 8.92
N LYS A 103 -10.37 6.65 9.31
CA LYS A 103 -9.92 6.47 10.68
C LYS A 103 -8.57 7.13 10.88
N TYR A 104 -7.69 7.01 9.89
CA TYR A 104 -6.37 7.60 9.96
C TYR A 104 -6.43 9.11 9.72
N GLY A 105 -7.60 9.58 9.30
CA GLY A 105 -7.78 11.00 9.02
C GLY A 105 -7.05 11.42 7.76
N ILE A 106 -6.94 10.50 6.82
CA ILE A 106 -6.25 10.77 5.56
C ILE A 106 -7.07 11.75 4.72
N THR A 107 -7.60 11.27 3.60
CA THR A 107 -8.40 12.13 2.72
C THR A 107 -7.53 13.20 2.08
N GLY A 108 -6.26 13.23 2.46
CA GLY A 108 -5.33 14.21 1.90
C GLY A 108 -4.72 13.69 0.60
N ILE A 109 -5.33 12.66 0.03
CA ILE A 109 -4.86 12.08 -1.20
C ILE A 109 -4.52 13.17 -2.22
N PRO A 110 -3.48 12.98 -2.99
CA PRO A 110 -2.61 11.76 -2.92
C PRO A 110 -1.70 11.77 -1.70
N ALA A 111 -1.55 10.61 -1.07
CA ALA A 111 -0.70 10.50 0.11
C ALA A 111 -0.36 9.04 0.40
N LEU A 112 0.75 8.84 1.10
CA LEU A 112 1.18 7.48 1.45
C LEU A 112 1.33 7.34 2.96
N VAL A 113 0.70 6.32 3.53
CA VAL A 113 0.77 6.11 4.98
C VAL A 113 1.57 4.85 5.31
N ILE A 114 2.44 4.97 6.29
CA ILE A 114 3.26 3.83 6.70
C ILE A 114 3.00 3.45 8.15
N VAL A 115 2.63 2.20 8.37
CA VAL A 115 2.36 1.71 9.72
C VAL A 115 3.01 0.34 9.91
N LYS A 116 3.30 0.00 11.16
CA LYS A 116 3.92 -1.29 11.46
C LYS A 116 2.87 -2.39 11.48
N LYS A 117 3.29 -3.61 11.13
CA LYS A 117 2.37 -4.74 11.10
C LYS A 117 1.55 -4.80 12.39
N ASP A 118 2.25 -4.72 13.53
CA ASP A 118 1.58 -4.77 14.82
C ASP A 118 0.60 -3.60 14.96
N GLY A 119 0.61 -2.71 13.99
CA GLY A 119 -0.28 -1.56 14.00
C GLY A 119 0.45 -0.34 14.54
N THR A 120 1.74 -0.49 14.82
CA THR A 120 2.55 0.60 15.34
C THR A 120 2.75 1.66 14.28
N LEU A 121 2.33 2.89 14.57
CA LEU A 121 2.49 3.98 13.63
C LEU A 121 3.95 4.42 13.56
N ILE A 122 4.39 4.73 12.36
CA ILE A 122 5.77 5.14 12.14
C ILE A 122 5.83 6.43 11.33
N SER A 123 5.38 6.33 10.09
CA SER A 123 5.36 7.48 9.21
C SER A 123 4.09 7.49 8.36
N MET A 124 3.47 8.65 8.24
CA MET A 124 2.23 8.76 7.46
C MET A 124 2.54 9.27 6.06
N ASN A 125 2.05 10.48 5.75
CA ASN A 125 2.29 11.06 4.44
C ASN A 125 3.78 11.27 4.22
N GLY A 126 4.56 10.22 4.48
CA GLY A 126 6.00 10.29 4.31
C GLY A 126 6.36 10.21 2.83
N ARG A 127 5.39 10.53 1.98
CA ARG A 127 5.63 10.48 0.54
C ARG A 127 6.99 11.07 0.21
N GLY A 128 7.06 12.39 0.07
CA GLY A 128 8.33 13.04 -0.24
C GLY A 128 9.44 12.44 0.59
N GLU A 129 9.08 11.91 1.77
CA GLU A 129 10.06 11.29 2.64
C GLU A 129 10.73 10.12 1.95
N VAL A 130 9.91 9.17 1.50
CA VAL A 130 10.46 8.01 0.80
C VAL A 130 11.14 8.47 -0.48
N GLN A 131 10.44 9.25 -1.27
CA GLN A 131 10.98 9.77 -2.53
C GLN A 131 12.27 10.56 -2.26
N SER A 132 12.35 11.16 -1.09
CA SER A 132 13.52 11.95 -0.73
C SER A 132 14.70 11.05 -0.40
N LEU A 133 14.48 10.09 0.50
CA LEU A 133 15.53 9.16 0.88
C LEU A 133 15.57 7.96 -0.05
N GLY A 134 14.54 7.81 -0.88
CA GLY A 134 14.47 6.69 -1.80
C GLY A 134 14.43 5.37 -1.05
N PRO A 135 15.01 4.34 -1.62
CA PRO A 135 15.04 2.99 -0.99
C PRO A 135 15.72 2.99 0.37
N ARG A 136 16.40 4.09 0.68
CA ARG A 136 17.08 4.21 1.96
C ARG A 136 16.11 4.70 3.02
N ALA A 137 14.91 5.06 2.58
CA ALA A 137 13.88 5.54 3.50
C ALA A 137 13.41 4.42 4.41
N PHE A 138 13.54 3.18 3.92
CA PHE A 138 13.13 2.02 4.71
C PHE A 138 13.45 2.28 6.18
N GLN A 139 14.42 3.15 6.43
CA GLN A 139 14.81 3.48 7.79
C GLN A 139 13.73 4.35 8.45
N ASN A 140 13.28 5.35 7.72
CA ASN A 140 12.24 6.24 8.24
C ASN A 140 10.91 5.51 8.26
N TRP A 141 10.64 4.76 7.18
CA TRP A 141 9.41 4.00 7.07
C TRP A 141 9.42 2.85 8.07
N ALA A 142 10.61 2.45 8.50
CA ALA A 142 10.75 1.35 9.46
C ALA A 142 11.48 1.80 10.71
N ARG A 143 11.73 3.09 10.78
CA ARG A 143 12.42 3.67 11.92
C ARG A 143 12.15 2.86 13.18
N MET A 1 -15.26 -4.59 11.53
CA MET A 1 -15.76 -3.55 12.48
C MET A 1 -14.61 -3.06 13.36
N GLU A 2 -13.62 -3.92 13.53
CA GLU A 2 -12.46 -3.58 14.36
C GLU A 2 -11.24 -3.33 13.49
N PHE A 3 -10.46 -4.39 13.25
CA PHE A 3 -9.26 -4.27 12.43
C PHE A 3 -9.43 -5.05 11.12
N ILE A 4 -8.70 -4.63 10.09
CA ILE A 4 -8.78 -5.30 8.79
C ILE A 4 -8.53 -6.78 8.95
N GLN A 5 -7.40 -7.13 9.54
CA GLN A 5 -7.04 -8.53 9.75
C GLN A 5 -8.29 -9.36 10.00
N GLY A 6 -8.55 -10.31 9.10
CA GLY A 6 -9.73 -11.17 9.24
C GLY A 6 -10.58 -11.13 7.98
N ILE A 7 -10.16 -10.32 7.01
CA ILE A 7 -10.90 -10.21 5.77
C ILE A 7 -10.12 -10.86 4.62
N LYS A 8 -10.66 -10.76 3.42
CA LYS A 8 -10.01 -11.34 2.25
C LYS A 8 -9.69 -10.27 1.21
N LEU A 9 -8.51 -10.36 0.63
CA LEU A 9 -8.09 -9.39 -0.37
C LEU A 9 -7.91 -10.06 -1.73
N VAL A 10 -7.48 -9.28 -2.72
CA VAL A 10 -7.27 -9.82 -4.06
C VAL A 10 -5.83 -9.60 -4.52
N LYS A 11 -5.12 -10.69 -4.75
CA LYS A 11 -3.72 -10.60 -5.19
C LYS A 11 -3.68 -10.18 -6.66
N LYS A 12 -2.70 -9.35 -7.00
CA LYS A 12 -2.54 -8.88 -8.37
C LYS A 12 -2.76 -10.03 -9.36
N ASN A 13 -2.38 -11.23 -8.93
CA ASN A 13 -2.55 -12.41 -9.79
C ASN A 13 -4.02 -12.74 -9.97
N ARG A 14 -4.88 -11.74 -9.70
CA ARG A 14 -6.31 -11.94 -9.82
C ARG A 14 -6.79 -13.01 -8.85
N CYS A 15 -6.00 -13.26 -7.81
CA CYS A 15 -6.35 -14.27 -6.82
C CYS A 15 -6.90 -13.62 -5.56
N GLU A 16 -7.42 -14.45 -4.65
CA GLU A 16 -7.98 -13.93 -3.41
C GLU A 16 -7.38 -14.66 -2.21
N VAL A 17 -7.00 -13.90 -1.18
CA VAL A 17 -6.41 -14.49 0.02
C VAL A 17 -6.96 -13.83 1.28
N ASN A 18 -6.62 -14.41 2.43
CA ASN A 18 -7.09 -13.87 3.70
C ASN A 18 -6.11 -12.82 4.23
N ALA A 19 -6.46 -11.55 4.05
CA ALA A 19 -5.62 -10.46 4.51
C ALA A 19 -4.96 -10.79 5.85
N ASN A 20 -5.59 -11.69 6.61
CA ASN A 20 -5.04 -12.07 7.91
C ASN A 20 -3.60 -12.54 7.76
N GLU A 21 -3.40 -13.59 6.98
CA GLU A 21 -2.07 -14.12 6.75
C GLU A 21 -1.50 -13.60 5.44
N ALA A 22 -2.40 -13.24 4.52
CA ALA A 22 -1.99 -12.74 3.21
C ALA A 22 -1.13 -11.48 3.35
N LEU A 23 -1.51 -10.62 4.29
CA LEU A 23 -0.77 -9.37 4.50
C LEU A 23 0.61 -9.64 5.11
N LYS A 24 0.92 -10.92 5.31
CA LYS A 24 2.20 -11.30 5.89
C LYS A 24 2.81 -10.12 6.66
N ASP A 25 3.69 -9.38 6.01
CA ASP A 25 4.32 -8.23 6.66
C ASP A 25 5.10 -8.67 7.89
N LYS A 26 4.38 -9.11 8.92
CA LYS A 26 5.03 -9.54 10.13
C LYS A 26 6.12 -8.53 10.51
N ASP A 27 6.10 -7.39 9.82
CA ASP A 27 7.09 -6.36 10.07
C ASP A 27 6.49 -4.97 9.87
N ILE A 28 6.29 -4.57 8.61
CA ILE A 28 5.74 -3.25 8.31
C ILE A 28 4.71 -3.31 7.19
N ILE A 29 3.82 -2.32 7.17
CA ILE A 29 2.79 -2.25 6.15
C ILE A 29 2.78 -0.87 5.50
N GLY A 30 2.32 -0.79 4.25
CA GLY A 30 2.27 0.48 3.54
C GLY A 30 0.85 0.74 3.03
N PHE A 31 0.46 2.01 3.04
CA PHE A 31 -0.87 2.38 2.58
C PHE A 31 -0.80 3.48 1.53
N TYR A 32 -1.22 3.17 0.31
CA TYR A 32 -1.21 4.14 -0.76
C TYR A 32 -2.62 4.66 -1.04
N PHE A 33 -2.80 5.97 -0.90
CA PHE A 33 -4.12 6.56 -1.14
C PHE A 33 -4.04 7.56 -2.29
N SER A 34 -4.66 7.21 -3.42
CA SER A 34 -4.65 8.08 -4.59
C SER A 34 -5.19 7.34 -5.81
N ALA A 35 -6.49 7.43 -6.03
CA ALA A 35 -7.11 6.77 -7.17
C ALA A 35 -6.63 7.41 -8.46
N HIS A 36 -5.51 8.11 -8.40
CA HIS A 36 -4.95 8.76 -9.57
C HIS A 36 -4.68 7.75 -10.67
N TRP A 37 -5.35 6.60 -10.59
CA TRP A 37 -5.17 5.55 -11.59
C TRP A 37 -5.91 5.91 -12.87
N CYS A 38 -7.09 6.50 -12.73
CA CYS A 38 -7.88 6.89 -13.89
C CYS A 38 -7.18 8.03 -14.65
N PRO A 39 -6.88 9.09 -13.96
CA PRO A 39 -6.19 10.28 -14.57
C PRO A 39 -4.68 10.07 -14.70
N PRO A 40 -4.05 10.89 -15.49
CA PRO A 40 -2.57 10.80 -15.71
C PRO A 40 -1.77 11.29 -14.51
N CYS A 41 -0.49 10.97 -14.50
CA CYS A 41 0.39 11.38 -13.40
C CYS A 41 1.57 10.42 -13.27
N ARG A 42 2.15 10.05 -14.42
CA ARG A 42 3.28 9.14 -14.43
C ARG A 42 4.59 9.88 -14.14
N GLY A 43 5.53 9.17 -13.53
CA GLY A 43 6.82 9.76 -13.19
C GLY A 43 7.11 9.64 -11.70
N PHE A 44 6.07 9.79 -10.89
CA PHE A 44 6.22 9.69 -9.44
C PHE A 44 6.10 8.23 -9.00
N THR A 45 5.00 7.61 -9.37
CA THR A 45 4.76 6.21 -9.01
C THR A 45 5.93 5.33 -9.44
N PRO A 46 6.40 5.50 -10.66
CA PRO A 46 7.54 4.70 -11.18
C PRO A 46 8.70 4.65 -10.19
N ILE A 47 8.68 5.58 -9.23
CA ILE A 47 9.73 5.64 -8.22
C ILE A 47 9.44 4.62 -7.10
N LEU A 48 8.17 4.48 -6.77
CA LEU A 48 7.78 3.54 -5.73
C LEU A 48 8.00 2.11 -6.20
N ALA A 49 7.89 1.89 -7.50
CA ALA A 49 8.10 0.57 -8.06
C ALA A 49 9.57 0.16 -7.94
N ASP A 50 10.45 1.14 -8.00
CA ASP A 50 11.87 0.87 -7.86
C ASP A 50 12.20 0.67 -6.39
N MET A 51 11.41 1.32 -5.54
CA MET A 51 11.61 1.21 -4.10
C MET A 51 11.11 -0.13 -3.59
N TYR A 52 9.87 -0.45 -3.92
CA TYR A 52 9.29 -1.72 -3.48
C TYR A 52 9.97 -2.88 -4.19
N SER A 53 10.55 -2.60 -5.36
CA SER A 53 11.25 -3.64 -6.11
C SER A 53 12.57 -3.97 -5.43
N GLU A 54 13.26 -2.95 -4.94
CA GLU A 54 14.53 -3.16 -4.25
C GLU A 54 14.27 -3.85 -2.92
N LEU A 55 13.35 -3.29 -2.14
CA LEU A 55 13.01 -3.87 -0.85
C LEU A 55 12.53 -5.30 -1.03
N VAL A 56 11.72 -5.54 -2.07
CA VAL A 56 11.22 -6.88 -2.34
C VAL A 56 12.36 -7.83 -2.58
N ASP A 57 13.37 -7.34 -3.29
CA ASP A 57 14.55 -8.14 -3.55
C ASP A 57 15.21 -8.49 -2.23
N ASP A 58 15.04 -7.59 -1.27
CA ASP A 58 15.60 -7.78 0.06
C ASP A 58 14.57 -8.41 0.98
N SER A 59 13.58 -9.05 0.38
CA SER A 59 12.52 -9.67 1.16
C SER A 59 11.62 -8.60 1.73
N ALA A 60 11.65 -7.44 1.08
CA ALA A 60 10.86 -6.29 1.49
C ALA A 60 10.14 -6.54 2.82
N PRO A 61 10.75 -6.16 3.90
CA PRO A 61 10.17 -6.33 5.26
C PRO A 61 8.87 -5.53 5.43
N PHE A 62 8.07 -5.46 4.37
CA PHE A 62 6.81 -4.74 4.44
C PHE A 62 5.96 -4.94 3.18
N GLU A 63 4.65 -4.79 3.33
CA GLU A 63 3.71 -4.96 2.23
C GLU A 63 3.01 -3.65 1.89
N ILE A 64 2.67 -3.49 0.62
CA ILE A 64 1.98 -2.29 0.15
C ILE A 64 0.49 -2.55 0.02
N ILE A 65 -0.31 -1.63 0.55
CA ILE A 65 -1.76 -1.77 0.47
C ILE A 65 -2.31 -0.91 -0.67
N PHE A 66 -3.24 -1.46 -1.45
CA PHE A 66 -3.82 -0.72 -2.56
C PHE A 66 -5.25 -0.30 -2.24
N VAL A 67 -5.44 0.99 -2.00
CA VAL A 67 -6.76 1.52 -1.70
C VAL A 67 -7.08 2.71 -2.60
N SER A 68 -7.91 3.62 -2.10
CA SER A 68 -8.28 4.80 -2.88
C SER A 68 -9.21 4.40 -4.03
N SER A 69 -10.10 5.31 -4.41
CA SER A 69 -11.04 5.05 -5.49
C SER A 69 -10.37 4.29 -6.64
N ASP A 70 -9.99 3.04 -6.37
CA ASP A 70 -9.35 2.21 -7.39
C ASP A 70 -10.32 1.15 -7.86
N ARG A 71 -11.59 1.31 -7.46
CA ARG A 71 -12.63 0.38 -7.82
C ARG A 71 -12.41 -0.22 -9.20
N SER A 72 -11.43 0.30 -9.93
CA SER A 72 -11.14 -0.21 -11.26
C SER A 72 -10.30 -1.48 -11.14
N GLU A 73 -10.90 -2.62 -11.50
CA GLU A 73 -10.19 -3.88 -11.42
C GLU A 73 -9.04 -3.93 -12.40
N ASP A 74 -9.14 -3.12 -13.46
CA ASP A 74 -8.09 -3.07 -14.46
C ASP A 74 -6.93 -2.20 -13.98
N ASP A 75 -7.25 -1.00 -13.51
CA ASP A 75 -6.21 -0.11 -13.01
C ASP A 75 -5.53 -0.76 -11.82
N MET A 76 -6.24 -1.67 -11.17
CA MET A 76 -5.69 -2.37 -10.01
C MET A 76 -4.63 -3.36 -10.48
N PHE A 77 -5.05 -4.36 -11.25
CA PHE A 77 -4.13 -5.36 -11.74
C PHE A 77 -3.11 -4.75 -12.70
N GLN A 78 -3.47 -3.60 -13.29
CA GLN A 78 -2.58 -2.93 -14.22
C GLN A 78 -1.45 -2.25 -13.47
N TYR A 79 -1.82 -1.37 -12.54
CA TYR A 79 -0.82 -0.66 -11.75
C TYR A 79 -0.01 -1.63 -10.92
N MET A 80 -0.58 -2.80 -10.68
CA MET A 80 0.10 -3.84 -9.90
C MET A 80 1.08 -4.60 -10.77
N MET A 81 0.61 -5.09 -11.91
CA MET A 81 1.46 -5.84 -12.83
C MET A 81 2.62 -4.98 -13.32
N GLU A 82 2.40 -3.67 -13.37
CA GLU A 82 3.44 -2.75 -13.82
C GLU A 82 4.68 -2.86 -12.93
N SER A 83 4.49 -2.68 -11.63
CA SER A 83 5.60 -2.76 -10.70
C SER A 83 5.31 -2.01 -9.38
N HIS A 84 4.10 -1.48 -9.24
CA HIS A 84 3.75 -0.75 -8.02
C HIS A 84 3.08 -1.67 -7.02
N GLY A 85 3.80 -2.01 -5.96
CA GLY A 85 3.25 -2.89 -4.92
C GLY A 85 3.39 -4.35 -5.31
N ASP A 86 4.10 -5.12 -4.51
CA ASP A 86 4.30 -6.54 -4.80
C ASP A 86 3.67 -7.43 -3.72
N TRP A 87 2.36 -7.31 -3.55
CA TRP A 87 1.68 -8.12 -2.55
C TRP A 87 0.18 -8.24 -2.82
N LEU A 88 -0.63 -7.57 -2.01
CA LEU A 88 -2.08 -7.65 -2.17
C LEU A 88 -2.73 -6.27 -2.26
N ALA A 89 -4.03 -6.30 -2.48
CA ALA A 89 -4.83 -5.08 -2.59
C ALA A 89 -6.21 -5.32 -1.98
N ILE A 90 -6.60 -4.46 -1.03
CA ILE A 90 -7.90 -4.59 -0.37
C ILE A 90 -9.00 -4.19 -1.34
N PRO A 91 -9.83 -5.12 -1.73
CA PRO A 91 -10.95 -4.82 -2.65
C PRO A 91 -11.76 -3.62 -2.18
N TYR A 92 -11.65 -2.52 -2.90
CA TYR A 92 -12.36 -1.30 -2.55
C TYR A 92 -13.67 -1.63 -1.84
N ARG A 93 -14.20 -2.81 -2.13
CA ARG A 93 -15.44 -3.25 -1.51
C ARG A 93 -15.16 -3.89 -0.16
N SER A 94 -14.01 -3.55 0.41
CA SER A 94 -13.60 -4.09 1.70
C SER A 94 -13.76 -3.04 2.79
N GLY A 95 -15.00 -2.61 3.03
CA GLY A 95 -15.28 -1.62 4.05
C GLY A 95 -14.05 -1.31 4.90
N PRO A 96 -13.54 -2.28 5.61
CA PRO A 96 -12.35 -2.13 6.48
C PRO A 96 -11.29 -1.22 5.84
N ALA A 97 -11.31 -1.12 4.52
CA ALA A 97 -10.35 -0.28 3.81
C ALA A 97 -10.76 1.18 3.91
N SER A 98 -12.06 1.44 3.76
CA SER A 98 -12.56 2.80 3.86
C SER A 98 -12.46 3.27 5.30
N ASN A 99 -13.20 2.61 6.18
CA ASN A 99 -13.18 2.96 7.60
C ASN A 99 -11.73 3.15 8.04
N VAL A 100 -10.84 2.38 7.44
CA VAL A 100 -9.42 2.48 7.75
C VAL A 100 -8.91 3.88 7.43
N THR A 101 -9.17 4.33 6.21
CA THR A 101 -8.76 5.66 5.78
C THR A 101 -9.45 6.72 6.61
N ALA A 102 -10.75 6.53 6.76
CA ALA A 102 -11.57 7.47 7.51
C ALA A 102 -11.24 7.40 9.00
N LYS A 103 -10.67 6.28 9.42
CA LYS A 103 -10.31 6.11 10.83
C LYS A 103 -9.01 6.85 11.12
N TYR A 104 -8.10 6.86 10.15
CA TYR A 104 -6.81 7.53 10.32
C TYR A 104 -6.99 9.05 10.16
N GLY A 105 -8.12 9.46 9.62
CA GLY A 105 -8.39 10.87 9.41
C GLY A 105 -7.54 11.43 8.29
N ILE A 106 -7.31 10.63 7.26
CA ILE A 106 -6.50 11.06 6.13
C ILE A 106 -7.11 12.28 5.46
N THR A 107 -7.73 12.08 4.31
CA THR A 107 -8.35 13.20 3.59
C THR A 107 -7.28 14.10 2.99
N GLY A 108 -6.02 13.70 3.12
CA GLY A 108 -4.91 14.47 2.58
C GLY A 108 -4.45 13.91 1.25
N ILE A 109 -5.27 13.06 0.66
CA ILE A 109 -4.94 12.45 -0.62
C ILE A 109 -4.64 13.52 -1.66
N PRO A 110 -3.64 13.31 -2.49
CA PRO A 110 -2.80 12.07 -2.47
C PRO A 110 -1.86 12.04 -1.26
N ALA A 111 -1.70 10.84 -0.68
CA ALA A 111 -0.83 10.70 0.48
C ALA A 111 -0.50 9.23 0.73
N LEU A 112 0.65 8.99 1.36
CA LEU A 112 1.08 7.63 1.66
C LEU A 112 1.14 7.42 3.17
N VAL A 113 0.43 6.41 3.67
CA VAL A 113 0.43 6.13 5.10
C VAL A 113 1.23 4.86 5.40
N ILE A 114 2.21 5.00 6.30
CA ILE A 114 3.04 3.87 6.66
C ILE A 114 2.85 3.49 8.13
N VAL A 115 2.58 2.23 8.37
CA VAL A 115 2.37 1.74 9.73
C VAL A 115 3.05 0.39 9.93
N LYS A 116 3.48 0.12 11.16
CA LYS A 116 4.15 -1.14 11.46
C LYS A 116 3.15 -2.29 11.44
N LYS A 117 3.66 -3.50 11.16
CA LYS A 117 2.80 -4.68 11.11
C LYS A 117 1.89 -4.74 12.33
N ASP A 118 2.47 -4.58 13.51
CA ASP A 118 1.70 -4.61 14.75
C ASP A 118 0.67 -3.49 14.77
N GLY A 119 0.82 -2.54 13.84
CA GLY A 119 -0.09 -1.41 13.76
C GLY A 119 0.52 -0.18 14.43
N THR A 120 1.84 -0.11 14.45
CA THR A 120 2.52 1.02 15.06
C THR A 120 2.79 2.11 14.04
N LEU A 121 2.35 3.33 14.36
CA LEU A 121 2.55 4.46 13.46
C LEU A 121 4.02 4.82 13.38
N ILE A 122 4.45 5.26 12.21
CA ILE A 122 5.85 5.62 11.99
C ILE A 122 5.94 6.90 11.18
N SER A 123 5.49 6.82 9.94
CA SER A 123 5.51 7.98 9.05
C SER A 123 4.31 7.96 8.12
N MET A 124 3.52 9.04 8.14
CA MET A 124 2.34 9.12 7.31
C MET A 124 2.69 9.65 5.91
N ASN A 125 2.29 10.89 5.64
CA ASN A 125 2.56 11.49 4.34
C ASN A 125 4.06 11.54 4.06
N GLY A 126 4.75 10.45 4.38
CA GLY A 126 6.18 10.38 4.16
C GLY A 126 6.47 10.11 2.69
N ARG A 127 5.47 10.34 1.84
CA ARG A 127 5.62 10.11 0.41
C ARG A 127 6.96 10.62 -0.07
N GLY A 128 7.05 11.92 -0.38
CA GLY A 128 8.30 12.47 -0.85
C GLY A 128 9.47 11.96 -0.03
N GLU A 129 9.20 11.65 1.24
CA GLU A 129 10.22 11.13 2.13
C GLU A 129 10.81 9.85 1.56
N VAL A 130 9.93 8.89 1.25
CA VAL A 130 10.39 7.64 0.69
C VAL A 130 10.94 7.87 -0.71
N GLN A 131 10.16 8.57 -1.52
CA GLN A 131 10.57 8.88 -2.88
C GLN A 131 11.82 9.75 -2.87
N SER A 132 12.07 10.41 -1.74
CA SER A 132 13.25 11.26 -1.61
C SER A 132 14.48 10.42 -1.31
N LEU A 133 14.38 9.62 -0.25
CA LEU A 133 15.49 8.75 0.15
C LEU A 133 15.42 7.42 -0.57
N GLY A 134 14.48 7.27 -1.49
CA GLY A 134 14.35 6.03 -2.23
C GLY A 134 14.16 4.87 -1.26
N PRO A 135 14.68 3.71 -1.58
CA PRO A 135 14.55 2.50 -0.71
C PRO A 135 15.33 2.66 0.60
N ARG A 136 16.21 3.65 0.65
CA ARG A 136 16.99 3.90 1.85
C ARG A 136 16.09 4.49 2.93
N ALA A 137 14.89 4.86 2.53
CA ALA A 137 13.91 5.42 3.45
C ALA A 137 13.47 4.37 4.45
N PHE A 138 13.55 3.10 4.04
CA PHE A 138 13.15 2.01 4.91
C PHE A 138 13.55 2.32 6.35
N GLN A 139 14.51 3.23 6.50
CA GLN A 139 14.96 3.62 7.82
C GLN A 139 13.92 4.52 8.49
N ASN A 140 13.51 5.55 7.77
CA ASN A 140 12.49 6.46 8.28
C ASN A 140 11.14 5.77 8.30
N TRP A 141 10.89 4.98 7.25
CA TRP A 141 9.63 4.24 7.15
C TRP A 141 9.61 3.12 8.18
N ALA A 142 10.78 2.74 8.66
CA ALA A 142 10.89 1.66 9.64
C ALA A 142 11.63 2.14 10.88
N ARG A 143 11.90 3.44 10.91
CA ARG A 143 12.60 4.04 12.03
C ARG A 143 13.69 3.12 12.54
#